data_2XCT
#
_entry.id   2XCT
#
_cell.length_a   88.984
_cell.length_b   123.166
_cell.length_c   170.418
_cell.angle_alpha   90.00
_cell.angle_beta   90.25
_cell.angle_gamma   90.00
#
_symmetry.space_group_name_H-M   'P 1 21 1'
#
loop_
_entity.id
_entity.type
_entity.pdbx_description
1 polymer 'DNA GYRASE SUBUNIT B, DNA GYRASE SUBUNIT A'
2 polymer "5'-D(TP*GP*TP*GP*CP*GP*GP*T)-3'"
3 polymer "5'-D(AP*GP*CP*CP*GP*TP*AP*G)-3'"
4 polymer "5'-D(GP*TP*AP*CP*CP*CP*AP*CP*GP*GP*CP*T)-3'"
5 polymer "5'-D(GP*TP*AP*CP*AP*CP*CP*GP*CP*AP*CP*A)-3'"
6 non-polymer 'MANGANESE (II) ION'
7 non-polymer '1-CYCLOPROPYL-6-FLUORO-4-OXO-7-PIPERAZIN-1-YL-1,4-DIHYDROQUINOLINE-3-CARBOXYLIC ACID'
#
loop_
_entity_poly.entity_id
_entity_poly.type
_entity_poly.pdbx_seq_one_letter_code
_entity_poly.pdbx_strand_id
1 'polypeptide(L)'
;MDVASLPGKLADCSSKSPEECEIFLVEGDSAGGSTKSGRDSRTQAILPLRGKILNVEKARLDRILNNNEIRQMITAFGTG
IGGDFDLAKARYHKIVIMTDADVDGAHIRTLLLTFFYRFMRPLIEAGYVYIAQPPTGYKGLGEMNADQLWETTMNPEHRA
LLQVKLEDAIEADQTFEMLMGDVVENRRQFIEDNAVYANLDFAELPQSRINERNITSEMRESFLDYAMSVIVARALPDVR
DGLKPVHRRILYGLNEQGMTPDKSYKKSARIVGDVMGKYHPHGDSSIYEAMVRMAQDFSYRYPLVDGQGNFGSMDGDGAA
AMRFTEARMTKITLELLRDINKDTIDFIDNYDGNEREPSVLPARFPNLLANGASGIAVGMATNIPPHNLTELINGVLSLS
KNPDISIAELMEDIEGPDFPTAGLILGKSGIRRAYETGRGSIQMRSRAVIEERGGGRQRIVVTEIPFQVNKARMIEKIAE
LVRDKKIDGITDLRDETSLRTGVRVVIDVRKDANASVILNNLYKQTPLQTSFGVNMIALVNGRPKLINLKEALVHYLEHQ
KTVVRRRTQYNLRKAKDRAHILEGLRIALDHIDEIISTIRESDTDKVAMESLQQRFKLSEKQAQAILDMRLRRLTGLERD
KIEAEYNELLNYISELETILADEEVLLQLVRDELTEIRDRFGDDRRTEIQLG
;
B,D,S,U
2 'polydeoxyribonucleotide' (DT)(DG)(DT)(DG)(DC)(DG)(DG)(DT) E,V
3 'polydeoxyribonucleotide' (DA)(DG)(DC)(DC)(DG)(DT)(DA)(DG) F,W
4 'polydeoxyribonucleotide' (DG)(DT)(DA)(DC)(DC)(DC)(DA)(DC)(DG)(DG)(DC)(DT) G,X
5 'polydeoxyribonucleotide' (DG)(DT)(DA)(DC)(DA)(DC)(DC)(DG)(DC)(DA)(DC)(DA) H,Y
#
loop_
_chem_comp.id
_chem_comp.type
_chem_comp.name
_chem_comp.formula
CPF non-polymer '1-CYCLOPROPYL-6-FLUORO-4-OXO-7-PIPERAZIN-1-YL-1,4-DIHYDROQUINOLINE-3-CARBOXYLIC ACID' 'C17 H18 F N3 O3'
DA DNA linking 2'-DEOXYADENOSINE-5'-MONOPHOSPHATE 'C10 H14 N5 O6 P'
DC DNA linking 2'-DEOXYCYTIDINE-5'-MONOPHOSPHATE 'C9 H14 N3 O7 P'
DG DNA linking 2'-DEOXYGUANOSINE-5'-MONOPHOSPHATE 'C10 H14 N5 O7 P'
DT DNA linking THYMIDINE-5'-MONOPHOSPHATE 'C10 H15 N2 O8 P'
MN non-polymer 'MANGANESE (II) ION' 'Mn 2'
#
# COMPACT_ATOMS: atom_id res chain seq x y z
N LYS A 9 -0.06 5.51 -29.41
CA LYS A 9 0.30 5.11 -30.76
C LYS A 9 -0.90 4.74 -31.67
N LEU A 10 -2.11 5.21 -31.33
CA LEU A 10 -3.33 5.02 -32.14
C LEU A 10 -3.64 6.22 -33.05
N ALA A 11 -3.75 6.00 -34.36
CA ALA A 11 -3.96 7.11 -35.28
C ALA A 11 -5.45 7.37 -35.60
N ASP A 12 -6.13 8.08 -34.71
CA ASP A 12 -7.60 8.16 -34.73
C ASP A 12 -8.12 8.91 -35.96
N CYS A 13 -9.27 8.47 -36.46
CA CYS A 13 -10.02 9.13 -37.53
C CYS A 13 -10.47 10.53 -37.13
N SER A 14 -10.56 11.43 -38.12
CA SER A 14 -11.16 12.74 -37.92
C SER A 14 -12.61 12.57 -37.47
N SER A 15 -13.26 11.49 -37.95
CA SER A 15 -14.66 11.20 -37.62
C SER A 15 -14.87 10.97 -36.12
N LYS A 16 -15.98 11.50 -35.59
CA LYS A 16 -16.30 11.40 -34.17
C LYS A 16 -17.65 10.70 -33.95
N SER A 17 -18.09 9.96 -34.98
CA SER A 17 -19.40 9.30 -35.00
C SER A 17 -19.34 7.77 -35.12
N PRO A 18 -19.56 7.06 -34.01
CA PRO A 18 -19.51 5.60 -33.90
C PRO A 18 -20.16 4.79 -35.03
N GLU A 19 -21.41 5.07 -35.39
CA GLU A 19 -22.11 4.29 -36.43
C GLU A 19 -21.29 3.97 -37.70
N GLU A 20 -20.32 4.84 -38.00
CA GLU A 20 -19.46 4.68 -39.17
C GLU A 20 -18.00 4.32 -38.80
N CYS A 21 -17.66 4.55 -37.52
CA CYS A 21 -16.30 4.40 -36.96
C CYS A 21 -15.91 2.99 -36.53
N GLU A 22 -14.79 2.53 -37.07
CA GLU A 22 -14.27 1.18 -36.81
C GLU A 22 -12.76 1.12 -36.51
N ILE A 23 -12.40 0.71 -35.29
CA ILE A 23 -10.99 0.54 -34.88
C ILE A 23 -10.30 -0.68 -35.48
N PHE A 24 -8.98 -0.65 -35.57
CA PHE A 24 -8.23 -1.80 -36.06
C PHE A 24 -7.09 -2.22 -35.12
N LEU A 25 -7.09 -3.47 -34.66
CA LEU A 25 -5.97 -3.97 -33.90
C LEU A 25 -5.17 -4.80 -34.88
N VAL A 26 -3.91 -4.42 -35.12
CA VAL A 26 -3.04 -5.13 -36.09
C VAL A 26 -1.91 -5.92 -35.45
N GLU A 27 -1.41 -6.88 -36.20
CA GLU A 27 -0.42 -7.80 -35.66
C GLU A 27 0.89 -7.18 -35.18
N GLY A 28 1.53 -6.40 -36.03
CA GLY A 28 2.85 -5.95 -35.65
C GLY A 28 2.93 -4.47 -35.43
N ASP A 29 4.17 -4.00 -35.52
CA ASP A 29 4.48 -2.59 -35.71
C ASP A 29 4.23 -2.28 -37.19
N SER A 30 4.97 -3.02 -38.03
CA SER A 30 4.97 -2.93 -39.49
C SER A 30 3.60 -3.11 -40.17
N ALA A 31 3.02 -4.29 -40.02
CA ALA A 31 1.62 -4.51 -40.32
C ALA A 31 0.91 -3.20 -40.03
N GLY A 32 0.95 -2.78 -38.76
CA GLY A 32 0.31 -1.55 -38.30
C GLY A 32 0.55 -0.32 -39.15
N GLY A 33 1.81 -0.05 -39.46
CA GLY A 33 2.16 1.06 -40.33
C GLY A 33 1.62 1.03 -41.75
N SER A 34 1.60 -0.15 -42.36
CA SER A 34 0.97 -0.27 -43.66
C SER A 34 -0.53 -0.05 -43.52
N THR A 35 -1.12 -0.61 -42.47
CA THR A 35 -2.55 -0.45 -42.26
C THR A 35 -2.83 1.01 -42.17
N LYS A 36 -2.19 1.68 -41.21
CA LYS A 36 -2.31 3.13 -41.06
C LYS A 36 -2.17 3.95 -42.37
N SER A 37 -1.47 3.42 -43.39
CA SER A 37 -1.26 4.18 -44.63
C SER A 37 -2.28 3.84 -45.73
N GLY A 38 -2.67 2.56 -45.80
CA GLY A 38 -3.75 2.13 -46.66
C GLY A 38 -5.15 2.28 -46.05
N ARG A 39 -5.22 2.73 -44.79
CA ARG A 39 -6.49 2.93 -44.07
C ARG A 39 -7.21 4.19 -44.51
N ASP A 40 -8.50 4.26 -44.17
CA ASP A 40 -9.34 5.44 -44.41
C ASP A 40 -9.34 6.31 -43.16
N SER A 41 -8.74 7.50 -43.23
CA SER A 41 -8.64 8.37 -42.05
C SER A 41 -10.02 8.75 -41.57
N ARG A 42 -10.96 8.68 -42.50
CA ARG A 42 -12.30 9.14 -42.26
C ARG A 42 -13.01 8.27 -41.24
N THR A 43 -12.81 6.95 -41.36
CA THR A 43 -13.62 6.00 -40.64
C THR A 43 -12.82 4.84 -40.02
N GLN A 44 -11.60 4.58 -40.52
CA GLN A 44 -10.75 3.49 -40.02
C GLN A 44 -9.57 4.00 -39.14
N ALA A 45 -9.71 3.88 -37.81
CA ALA A 45 -8.68 4.26 -36.83
C ALA A 45 -8.00 3.02 -36.26
N ILE A 46 -6.66 3.04 -36.25
CA ILE A 46 -5.87 1.81 -36.08
C ILE A 46 -5.04 1.77 -34.81
N LEU A 47 -5.23 0.72 -34.03
CA LEU A 47 -4.41 0.51 -32.87
C LEU A 47 -3.64 -0.77 -33.13
N PRO A 48 -2.33 -0.65 -33.33
CA PRO A 48 -1.40 -1.79 -33.47
C PRO A 48 -0.99 -2.38 -32.12
N LEU A 49 -0.64 -3.65 -32.16
CA LEU A 49 -0.18 -4.33 -30.98
C LEU A 49 1.30 -4.64 -31.15
N ARG A 50 2.11 -4.23 -30.17
CA ARG A 50 3.52 -4.60 -30.15
C ARG A 50 3.51 -5.97 -29.55
N GLY A 51 4.03 -6.93 -30.29
CA GLY A 51 4.03 -8.30 -29.85
C GLY A 51 2.79 -8.72 -29.08
N LYS A 52 3.02 -9.61 -28.11
CA LYS A 52 1.98 -10.28 -27.34
C LYS A 52 1.27 -9.44 -26.29
N ILE A 53 0.11 -9.93 -25.86
CA ILE A 53 -0.78 -9.19 -24.97
C ILE A 53 -0.70 -9.79 -23.55
N LEU A 54 -1.78 -9.65 -22.77
CA LEU A 54 -1.88 -10.32 -21.47
C LEU A 54 -3.08 -11.27 -21.45
N ASN A 55 -2.94 -12.31 -20.65
CA ASN A 55 -4.01 -13.26 -20.46
C ASN A 55 -4.80 -12.78 -19.26
N VAL A 56 -5.99 -12.21 -19.48
CA VAL A 56 -6.76 -11.63 -18.37
C VAL A 56 -7.50 -12.73 -17.62
N GLU A 57 -7.10 -13.96 -17.92
CA GLU A 57 -7.69 -15.16 -17.38
C GLU A 57 -6.71 -15.76 -16.38
N LYS A 58 -5.44 -15.76 -16.78
CA LYS A 58 -4.35 -16.30 -15.99
C LYS A 58 -3.83 -15.23 -15.05
N ALA A 59 -3.96 -13.97 -15.45
CA ALA A 59 -3.44 -12.87 -14.63
C ALA A 59 -4.53 -12.10 -13.89
N ARG A 60 -4.16 -11.52 -12.76
CA ARG A 60 -5.13 -10.90 -11.84
C ARG A 60 -5.13 -9.36 -11.94
N LEU A 61 -6.12 -8.69 -11.36
CA LEU A 61 -6.44 -7.32 -11.82
C LEU A 61 -5.41 -6.22 -11.65
N ASP A 62 -4.78 -6.14 -10.47
CA ASP A 62 -3.77 -5.12 -10.24
C ASP A 62 -2.82 -5.15 -11.42
N ARG A 63 -2.65 -6.33 -12.00
CA ARG A 63 -1.69 -6.60 -13.08
C ARG A 63 -2.24 -6.28 -14.48
N ILE A 64 -3.51 -6.64 -14.72
CA ILE A 64 -4.18 -6.36 -15.99
C ILE A 64 -4.16 -4.87 -16.22
N LEU A 65 -4.67 -4.17 -15.20
CA LEU A 65 -4.86 -2.73 -15.21
C LEU A 65 -3.58 -1.97 -15.43
N ASN A 66 -2.51 -2.45 -14.80
CA ASN A 66 -1.25 -1.76 -14.89
C ASN A 66 -0.51 -2.10 -16.20
N ASN A 67 -1.22 -2.78 -17.10
CA ASN A 67 -0.69 -3.15 -18.41
C ASN A 67 -1.10 -2.21 -19.56
N ASN A 68 -0.31 -2.23 -20.63
CA ASN A 68 -0.42 -1.21 -21.66
C ASN A 68 -1.39 -1.56 -22.80
N GLU A 69 -1.12 -2.67 -23.50
CA GLU A 69 -1.92 -3.07 -24.65
C GLU A 69 -3.42 -3.14 -24.35
N ILE A 70 -3.74 -3.35 -23.07
CA ILE A 70 -5.12 -3.31 -22.57
C ILE A 70 -5.60 -1.88 -22.41
N ARG A 71 -5.04 -1.16 -21.45
CA ARG A 71 -5.32 0.27 -21.27
C ARG A 71 -5.38 1.01 -22.61
N GLN A 72 -4.42 0.76 -23.49
CA GLN A 72 -4.37 1.45 -24.79
C GLN A 72 -5.69 1.23 -25.51
N MET A 73 -6.16 -0.02 -25.45
CA MET A 73 -7.42 -0.45 -26.05
C MET A 73 -8.61 0.12 -25.30
N ILE A 74 -8.46 0.24 -23.99
CA ILE A 74 -9.54 0.70 -23.12
C ILE A 74 -9.90 2.15 -23.39
N THR A 75 -8.90 3.01 -23.48
CA THR A 75 -9.13 4.40 -23.82
C THR A 75 -9.70 4.49 -25.25
N ALA A 76 -9.07 3.74 -26.15
CA ALA A 76 -9.46 3.72 -27.56
C ALA A 76 -10.96 3.58 -27.73
N PHE A 77 -11.49 2.49 -27.17
CA PHE A 77 -12.93 2.23 -27.17
C PHE A 77 -13.68 3.28 -26.34
N GLY A 78 -13.13 3.63 -25.17
CA GLY A 78 -13.76 4.57 -24.25
C GLY A 78 -15.11 4.07 -23.73
N THR A 79 -15.14 2.85 -23.21
CA THR A 79 -16.38 2.26 -22.71
C THR A 79 -16.29 2.01 -21.20
N GLY A 80 -15.49 1.02 -20.82
CA GLY A 80 -15.31 0.69 -19.42
C GLY A 80 -15.10 -0.80 -19.19
N ILE A 81 -14.47 -1.12 -18.07
CA ILE A 81 -14.19 -2.51 -17.71
C ILE A 81 -15.23 -3.09 -16.76
N GLY A 82 -15.68 -4.31 -17.06
CA GLY A 82 -16.66 -4.99 -16.25
C GLY A 82 -17.97 -4.24 -16.06
N GLY A 83 -18.26 -3.87 -14.81
CA GLY A 83 -19.52 -3.23 -14.47
C GLY A 83 -19.68 -1.83 -15.03
N ASP A 84 -18.56 -1.12 -15.14
CA ASP A 84 -18.59 0.26 -15.62
C ASP A 84 -19.07 0.30 -17.05
N PHE A 85 -19.23 -0.89 -17.63
CA PHE A 85 -19.47 -0.96 -19.05
C PHE A 85 -20.76 -0.26 -19.47
N ASP A 86 -20.71 0.33 -20.66
CA ASP A 86 -21.81 1.13 -21.20
C ASP A 86 -21.69 1.11 -22.72
N LEU A 87 -22.67 0.48 -23.38
CA LEU A 87 -22.62 0.24 -24.82
C LEU A 87 -22.68 1.52 -25.64
N ALA A 88 -23.35 2.54 -25.10
CA ALA A 88 -23.52 3.81 -25.82
C ALA A 88 -22.22 4.62 -25.90
N LYS A 89 -21.45 4.61 -24.81
CA LYS A 89 -20.26 5.45 -24.70
C LYS A 89 -19.15 5.08 -25.67
N ALA A 90 -19.35 3.93 -26.32
CA ALA A 90 -18.35 3.32 -27.20
C ALA A 90 -18.03 4.15 -28.43
N ARG A 91 -16.78 4.53 -28.53
CA ARG A 91 -16.29 5.27 -29.68
C ARG A 91 -16.53 4.59 -31.06
N TYR A 92 -16.45 3.26 -31.10
CA TYR A 92 -16.53 2.53 -32.37
C TYR A 92 -17.64 1.49 -32.38
N HIS A 93 -17.99 1.04 -33.60
CA HIS A 93 -19.09 0.11 -33.81
C HIS A 93 -18.65 -1.01 -34.69
N LYS A 94 -17.34 -1.01 -34.90
CA LYS A 94 -16.63 -2.14 -35.45
C LYS A 94 -15.26 -2.13 -34.82
N ILE A 95 -14.98 -3.16 -34.05
CA ILE A 95 -13.66 -3.40 -33.52
C ILE A 95 -13.07 -4.56 -34.32
N VAL A 96 -12.15 -4.26 -35.24
CA VAL A 96 -11.56 -5.29 -36.11
C VAL A 96 -10.22 -5.84 -35.59
N ILE A 97 -10.13 -7.16 -35.47
CA ILE A 97 -8.91 -7.81 -35.00
C ILE A 97 -8.07 -8.34 -36.15
N MET A 98 -6.98 -7.63 -36.48
CA MET A 98 -6.17 -7.97 -37.64
C MET A 98 -4.83 -8.61 -37.29
N THR A 99 -4.81 -9.94 -37.27
CA THR A 99 -3.57 -10.68 -37.14
C THR A 99 -3.47 -11.61 -38.33
N ASP A 100 -2.25 -12.02 -38.67
CA ASP A 100 -2.01 -12.71 -39.93
C ASP A 100 -2.31 -14.20 -39.91
N ALA A 101 -2.27 -14.78 -41.09
CA ALA A 101 -2.55 -16.18 -41.23
C ALA A 101 -1.29 -17.00 -40.86
N ASP A 102 -0.86 -16.89 -39.60
CA ASP A 102 0.26 -17.64 -39.05
C ASP A 102 -0.20 -18.03 -37.66
N VAL A 103 0.14 -19.22 -37.19
CA VAL A 103 -0.43 -19.67 -35.92
C VAL A 103 -0.23 -18.63 -34.83
N ASP A 104 0.97 -18.07 -34.74
CA ASP A 104 1.28 -17.12 -33.70
C ASP A 104 0.28 -16.00 -33.67
N GLY A 105 -0.32 -15.72 -34.82
CA GLY A 105 -1.33 -14.67 -34.95
C GLY A 105 -2.69 -15.23 -34.58
N ALA A 106 -2.88 -16.50 -34.91
CA ALA A 106 -4.04 -17.27 -34.48
C ALA A 106 -4.19 -17.18 -32.97
N HIS A 107 -3.11 -17.43 -32.25
CA HIS A 107 -3.11 -17.35 -30.80
C HIS A 107 -3.26 -15.93 -30.24
N ILE A 108 -2.65 -14.93 -30.88
CA ILE A 108 -2.77 -13.56 -30.41
C ILE A 108 -4.22 -13.19 -30.51
N ARG A 109 -4.81 -13.54 -31.64
CA ARG A 109 -6.22 -13.36 -31.89
C ARG A 109 -7.08 -13.95 -30.77
N THR A 110 -6.53 -14.95 -30.08
CA THR A 110 -7.23 -15.63 -28.99
C THR A 110 -6.86 -15.02 -27.62
N LEU A 111 -5.82 -14.19 -27.64
CA LEU A 111 -5.40 -13.41 -26.47
C LEU A 111 -6.21 -12.12 -26.27
N LEU A 112 -6.51 -11.45 -27.38
CA LEU A 112 -7.36 -10.26 -27.37
C LEU A 112 -8.81 -10.68 -27.17
N LEU A 113 -9.19 -11.80 -27.75
CA LEU A 113 -10.53 -12.31 -27.58
C LEU A 113 -10.77 -12.38 -26.08
N THR A 114 -9.91 -13.12 -25.39
CA THR A 114 -9.87 -13.12 -23.93
C THR A 114 -10.32 -11.79 -23.34
N PHE A 115 -9.58 -10.72 -23.60
CA PHE A 115 -9.92 -9.41 -23.07
C PHE A 115 -11.39 -9.16 -23.35
N PHE A 116 -11.75 -9.00 -24.61
CA PHE A 116 -13.08 -8.51 -24.95
C PHE A 116 -14.18 -9.26 -24.24
N TYR A 117 -13.91 -10.51 -23.88
CA TYR A 117 -14.91 -11.33 -23.22
C TYR A 117 -14.95 -11.07 -21.71
N ARG A 118 -13.79 -10.97 -21.08
CA ARG A 118 -13.71 -10.76 -19.64
C ARG A 118 -14.05 -9.34 -19.21
N PHE A 119 -13.83 -8.36 -20.07
CA PHE A 119 -13.98 -6.98 -19.63
C PHE A 119 -15.02 -6.17 -20.38
N MET A 120 -15.24 -6.54 -21.62
CA MET A 120 -16.15 -5.81 -22.48
C MET A 120 -17.09 -6.79 -23.12
N ARG A 121 -17.40 -7.85 -22.37
CA ARG A 121 -18.31 -8.87 -22.86
C ARG A 121 -19.54 -8.30 -23.57
N PRO A 122 -20.21 -7.30 -22.96
CA PRO A 122 -21.44 -6.71 -23.52
C PRO A 122 -21.18 -6.12 -24.89
N LEU A 123 -19.97 -5.62 -25.06
CA LEU A 123 -19.50 -5.16 -26.35
C LEU A 123 -19.61 -6.26 -27.40
N ILE A 124 -19.26 -7.49 -27.05
CA ILE A 124 -19.30 -8.55 -28.04
C ILE A 124 -20.73 -8.77 -28.47
N GLU A 125 -21.67 -8.61 -27.54
CA GLU A 125 -23.07 -8.89 -27.79
C GLU A 125 -23.69 -8.02 -28.86
N ALA A 126 -23.19 -6.80 -29.01
CA ALA A 126 -23.72 -5.86 -29.99
C ALA A 126 -23.27 -6.22 -31.39
N GLY A 127 -22.15 -6.91 -31.47
CA GLY A 127 -21.61 -7.30 -32.75
C GLY A 127 -20.51 -6.40 -33.26
N TYR A 128 -19.99 -5.52 -32.39
CA TYR A 128 -18.87 -4.65 -32.71
C TYR A 128 -17.56 -5.44 -32.88
N VAL A 129 -17.41 -6.52 -32.13
CA VAL A 129 -16.17 -7.31 -32.21
C VAL A 129 -16.14 -8.14 -33.49
N TYR A 130 -15.21 -7.76 -34.36
CA TYR A 130 -15.04 -8.31 -35.69
C TYR A 130 -13.69 -8.99 -35.87
N ILE A 131 -13.58 -9.78 -36.92
CA ILE A 131 -12.34 -10.41 -37.27
C ILE A 131 -12.07 -10.14 -38.74
N ALA A 132 -10.82 -9.85 -39.07
CA ALA A 132 -10.43 -9.53 -40.44
C ALA A 132 -9.79 -10.75 -41.11
N GLN A 133 -10.08 -10.94 -42.39
CA GLN A 133 -9.52 -12.08 -43.09
C GLN A 133 -8.58 -11.70 -44.20
N PRO A 134 -7.31 -11.51 -43.84
CA PRO A 134 -6.27 -11.28 -44.86
C PRO A 134 -6.25 -12.52 -45.77
N PRO A 135 -5.61 -12.43 -46.95
CA PRO A 135 -5.39 -13.57 -47.84
C PRO A 135 -4.79 -14.72 -47.05
N THR A 136 -5.16 -15.94 -47.40
CA THR A 136 -4.85 -17.09 -46.56
C THR A 136 -3.50 -17.77 -46.80
N GLY A 137 -2.67 -17.82 -45.74
CA GLY A 137 -1.41 -18.54 -45.73
C GLY A 137 -0.50 -18.03 -46.82
N TYR A 138 -0.55 -16.73 -47.08
CA TYR A 138 0.31 -16.15 -48.12
C TYR A 138 1.61 -15.67 -47.49
N LYS A 139 1.52 -15.11 -46.30
CA LYS A 139 2.55 -14.19 -45.89
C LYS A 139 2.17 -13.41 -44.61
N GLY A 140 3.12 -12.65 -44.11
CA GLY A 140 2.87 -11.76 -43.00
C GLY A 140 2.19 -10.52 -43.51
N LEU A 141 1.19 -10.06 -42.78
CA LEU A 141 0.54 -8.78 -43.04
C LEU A 141 1.60 -7.80 -43.50
N GLY A 142 2.68 -7.74 -42.76
CA GLY A 142 3.72 -6.72 -42.94
C GLY A 142 4.41 -6.75 -44.29
N GLU A 143 4.53 -7.95 -44.86
CA GLU A 143 5.02 -8.06 -46.22
C GLU A 143 4.24 -7.14 -47.18
N MET A 144 2.93 -7.25 -47.23
CA MET A 144 2.15 -6.43 -48.16
C MET A 144 2.31 -4.90 -48.02
N ASN A 145 2.08 -4.19 -49.14
CA ASN A 145 2.02 -2.74 -49.16
C ASN A 145 0.84 -2.32 -48.32
N ALA A 146 0.79 -1.03 -48.00
CA ALA A 146 -0.41 -0.46 -47.40
C ALA A 146 -1.60 -0.54 -48.36
N ASP A 147 -1.32 -0.56 -49.66
CA ASP A 147 -2.38 -0.55 -50.67
C ASP A 147 -2.90 -1.96 -50.82
N GLN A 148 -2.03 -2.89 -50.47
CA GLN A 148 -2.22 -4.33 -50.62
C GLN A 148 -2.97 -4.80 -49.40
N LEU A 149 -2.91 -3.95 -48.37
CA LEU A 149 -3.50 -4.20 -47.06
C LEU A 149 -4.94 -3.63 -46.99
N TRP A 150 -5.17 -2.65 -47.85
CA TRP A 150 -6.47 -2.01 -48.01
C TRP A 150 -7.34 -2.79 -48.98
N GLU A 151 -6.75 -3.19 -50.10
CA GLU A 151 -7.52 -3.80 -51.16
C GLU A 151 -8.04 -5.19 -50.84
N THR A 152 -7.31 -5.93 -50.04
CA THR A 152 -7.77 -7.28 -49.68
C THR A 152 -8.49 -7.35 -48.32
N THR A 153 -8.06 -6.49 -47.41
CA THR A 153 -8.44 -6.65 -46.03
C THR A 153 -9.32 -5.53 -45.44
N MET A 154 -9.05 -4.27 -45.80
CA MET A 154 -9.75 -3.13 -45.18
C MET A 154 -10.85 -2.43 -46.00
N ASN A 155 -10.77 -2.47 -47.33
CA ASN A 155 -11.78 -1.86 -48.20
C ASN A 155 -13.15 -2.52 -48.07
N PRO A 156 -14.17 -1.76 -47.61
CA PRO A 156 -15.54 -2.30 -47.42
C PRO A 156 -16.11 -2.94 -48.68
N GLU A 157 -15.56 -2.61 -49.85
CA GLU A 157 -16.10 -3.11 -51.11
C GLU A 157 -15.88 -4.61 -51.21
N HIS A 158 -14.62 -5.04 -51.04
CA HIS A 158 -14.17 -6.42 -51.28
C HIS A 158 -13.64 -7.10 -50.01
N ARG A 159 -13.87 -6.46 -48.85
CA ARG A 159 -13.42 -7.00 -47.58
C ARG A 159 -14.42 -8.03 -47.06
N ALA A 160 -13.90 -9.10 -46.49
CA ALA A 160 -14.69 -10.12 -45.83
C ALA A 160 -14.36 -10.02 -44.36
N LEU A 161 -15.37 -9.87 -43.53
CA LEU A 161 -15.13 -9.90 -42.09
C LEU A 161 -15.97 -10.99 -41.45
N LEU A 162 -15.51 -11.43 -40.29
CA LEU A 162 -16.24 -12.41 -39.51
C LEU A 162 -16.79 -11.72 -38.29
N GLN A 163 -18.12 -11.61 -38.22
CA GLN A 163 -18.74 -11.03 -37.03
C GLN A 163 -18.87 -12.09 -35.97
N VAL A 164 -18.36 -11.77 -34.79
CA VAL A 164 -18.34 -12.71 -33.67
C VAL A 164 -19.68 -12.73 -32.97
N LYS A 165 -20.28 -13.92 -32.95
CA LYS A 165 -21.56 -14.14 -32.31
C LYS A 165 -21.38 -14.97 -31.04
N LEU A 166 -21.96 -14.47 -29.95
CA LEU A 166 -21.97 -15.18 -28.67
C LEU A 166 -23.19 -16.11 -28.60
N GLU A 167 -23.12 -17.21 -29.34
CA GLU A 167 -24.19 -18.23 -29.35
C GLU A 167 -24.66 -18.72 -27.97
N ASP A 168 -23.81 -19.44 -27.24
CA ASP A 168 -24.22 -20.02 -25.95
C ASP A 168 -23.56 -19.39 -24.71
N ALA A 169 -24.36 -18.76 -23.85
CA ALA A 169 -23.85 -18.21 -22.59
C ALA A 169 -22.99 -19.20 -21.79
N ILE A 170 -23.44 -20.46 -21.75
CA ILE A 170 -22.98 -21.47 -20.80
C ILE A 170 -21.63 -22.12 -21.12
N GLU A 171 -21.43 -22.48 -22.40
CA GLU A 171 -20.27 -23.24 -22.85
C GLU A 171 -19.04 -22.35 -23.08
N ALA A 172 -19.30 -21.12 -23.51
CA ALA A 172 -18.26 -20.14 -23.75
C ALA A 172 -17.36 -19.88 -22.54
N ASP A 173 -17.95 -19.63 -21.37
CA ASP A 173 -17.12 -19.39 -20.19
C ASP A 173 -16.16 -20.56 -19.95
N GLN A 174 -16.71 -21.77 -19.93
CA GLN A 174 -15.86 -22.91 -19.70
C GLN A 174 -14.79 -23.01 -20.77
N THR A 175 -15.17 -23.00 -22.04
CA THR A 175 -14.15 -23.09 -23.11
C THR A 175 -13.04 -22.07 -22.95
N PHE A 176 -13.41 -20.82 -22.71
CA PHE A 176 -12.38 -19.80 -22.55
C PHE A 176 -11.53 -20.29 -21.40
N GLU A 177 -12.17 -20.63 -20.30
CA GLU A 177 -11.40 -21.10 -19.18
C GLU A 177 -10.34 -22.14 -19.60
N MET A 178 -10.79 -23.24 -20.19
CA MET A 178 -9.93 -24.35 -20.62
C MET A 178 -8.72 -23.95 -21.47
N LEU A 179 -8.97 -23.28 -22.58
CA LEU A 179 -7.89 -22.88 -23.46
C LEU A 179 -6.93 -21.87 -22.84
N MET A 180 -7.47 -20.86 -22.16
CA MET A 180 -6.63 -19.82 -21.60
C MET A 180 -6.45 -19.99 -20.08
N GLY A 181 -7.02 -21.07 -19.55
CA GLY A 181 -7.03 -21.29 -18.12
C GLY A 181 -5.70 -21.51 -17.45
N ASP A 182 -5.75 -21.51 -16.12
CA ASP A 182 -4.56 -21.73 -15.32
C ASP A 182 -4.19 -23.20 -15.35
N VAL A 183 -5.20 -24.08 -15.37
CA VAL A 183 -4.92 -25.51 -15.24
C VAL A 183 -4.40 -26.16 -16.51
N VAL A 184 -3.15 -26.60 -16.42
CA VAL A 184 -2.44 -27.12 -17.57
C VAL A 184 -3.13 -28.37 -18.07
N GLU A 185 -3.46 -29.27 -17.15
CA GLU A 185 -3.96 -30.59 -17.54
C GLU A 185 -5.09 -30.59 -18.58
N ASN A 186 -6.07 -29.70 -18.40
CA ASN A 186 -7.28 -29.65 -19.25
C ASN A 186 -7.02 -29.10 -20.66
N ARG A 187 -5.93 -28.34 -20.78
CA ARG A 187 -5.47 -27.80 -22.04
C ARG A 187 -4.66 -28.88 -22.73
N ARG A 188 -3.89 -29.62 -21.94
CA ARG A 188 -3.08 -30.71 -22.48
C ARG A 188 -4.02 -31.74 -23.07
N GLN A 189 -5.09 -32.01 -22.34
CA GLN A 189 -6.15 -32.96 -22.70
C GLN A 189 -6.92 -32.55 -23.96
N PHE A 190 -7.53 -31.36 -23.91
CA PHE A 190 -8.27 -30.82 -25.05
C PHE A 190 -7.50 -30.93 -26.36
N ILE A 191 -6.29 -30.39 -26.34
CA ILE A 191 -5.34 -30.49 -27.44
C ILE A 191 -5.37 -31.90 -27.97
N GLU A 192 -4.84 -32.81 -27.16
CA GLU A 192 -4.71 -34.22 -27.50
C GLU A 192 -5.98 -34.83 -28.08
N ASP A 193 -7.14 -34.44 -27.56
CA ASP A 193 -8.41 -34.92 -28.09
C ASP A 193 -8.62 -34.45 -29.53
N ASN A 194 -8.10 -33.27 -29.87
CA ASN A 194 -8.30 -32.74 -31.19
C ASN A 194 -7.08 -32.80 -32.09
N ALA A 195 -5.94 -33.14 -31.50
CA ALA A 195 -4.74 -33.51 -32.24
C ALA A 195 -4.79 -33.08 -33.71
N ASN A 211 -21.37 -12.36 -43.12
CA ASN A 211 -20.88 -13.57 -42.49
C ASN A 211 -20.87 -13.55 -40.97
N GLU A 212 -20.90 -14.75 -40.38
CA GLU A 212 -20.87 -14.90 -38.94
C GLU A 212 -19.83 -15.96 -38.57
N ARG A 213 -19.24 -15.86 -37.39
CA ARG A 213 -18.28 -16.86 -36.92
C ARG A 213 -18.62 -17.27 -35.52
N ASN A 214 -18.82 -18.56 -35.27
CA ASN A 214 -19.06 -19.04 -33.91
C ASN A 214 -17.82 -18.92 -33.03
N ILE A 215 -17.89 -18.04 -32.03
CA ILE A 215 -16.71 -17.61 -31.31
C ILE A 215 -16.00 -18.74 -30.58
N THR A 216 -16.75 -19.74 -30.15
CA THR A 216 -16.17 -20.80 -29.34
C THR A 216 -15.57 -21.90 -30.20
N SER A 217 -16.16 -22.10 -31.39
CA SER A 217 -15.58 -22.98 -32.39
C SER A 217 -14.36 -22.30 -33.00
N GLU A 218 -14.22 -21.00 -32.74
CA GLU A 218 -13.12 -20.23 -33.28
C GLU A 218 -11.96 -20.16 -32.30
N MET A 219 -12.29 -20.01 -31.03
CA MET A 219 -11.28 -20.04 -29.97
C MET A 219 -10.65 -21.42 -29.93
N ARG A 220 -11.44 -22.43 -30.25
CA ARG A 220 -10.95 -23.79 -30.28
C ARG A 220 -9.95 -23.96 -31.43
N GLU A 221 -10.43 -23.88 -32.67
CA GLU A 221 -9.61 -24.15 -33.83
C GLU A 221 -8.33 -23.34 -33.89
N SER A 222 -8.45 -22.01 -33.77
CA SER A 222 -7.31 -21.11 -33.95
C SER A 222 -6.35 -21.23 -32.78
N PHE A 223 -6.86 -21.37 -31.57
CA PHE A 223 -5.98 -21.76 -30.49
C PHE A 223 -5.31 -23.10 -30.83
N LEU A 224 -6.10 -24.16 -30.98
CA LEU A 224 -5.56 -25.48 -31.34
C LEU A 224 -4.53 -25.45 -32.50
N ASP A 225 -4.97 -25.00 -33.67
N ASP A 225 -4.96 -24.98 -33.67
CA ASP A 225 -4.10 -24.78 -34.82
CA ASP A 225 -4.08 -24.81 -34.83
C ASP A 225 -2.75 -24.22 -34.40
C ASP A 225 -2.74 -24.26 -34.37
N TYR A 226 -2.78 -23.36 -33.40
CA TYR A 226 -1.58 -22.75 -32.86
C TYR A 226 -0.83 -23.69 -31.96
N ALA A 227 -1.53 -24.14 -30.92
CA ALA A 227 -0.92 -25.02 -29.91
C ALA A 227 -0.15 -26.17 -30.54
N MET A 228 -0.61 -26.63 -31.71
N MET A 228 -0.58 -26.62 -31.73
CA MET A 228 -0.03 -27.76 -32.43
CA MET A 228 0.02 -27.76 -32.40
C MET A 228 1.35 -27.41 -32.97
C MET A 228 1.38 -27.42 -33.00
N SER A 229 1.41 -26.35 -33.77
CA SER A 229 2.66 -25.91 -34.38
C SER A 229 3.78 -25.78 -33.31
N VAL A 230 3.46 -25.10 -32.21
CA VAL A 230 4.39 -24.88 -31.12
C VAL A 230 5.02 -26.13 -30.54
N ILE A 231 4.49 -27.28 -30.90
CA ILE A 231 5.05 -28.51 -30.39
C ILE A 231 6.01 -29.11 -31.42
N VAL A 232 5.46 -29.63 -32.50
CA VAL A 232 6.27 -30.22 -33.55
C VAL A 232 7.34 -29.25 -34.07
N ALA A 233 6.85 -28.09 -34.50
CA ALA A 233 7.67 -27.11 -35.16
C ALA A 233 7.82 -25.89 -34.29
N ARG A 234 8.27 -26.09 -33.04
CA ARG A 234 8.61 -24.94 -32.18
C ARG A 234 9.67 -25.16 -31.10
N ALA A 235 9.24 -25.63 -29.92
CA ALA A 235 10.13 -25.72 -28.77
C ALA A 235 10.16 -27.13 -28.23
N LEU A 236 10.30 -28.09 -29.14
CA LEU A 236 10.32 -29.48 -28.76
C LEU A 236 11.30 -30.29 -29.61
N PRO A 237 12.36 -30.79 -28.96
CA PRO A 237 13.44 -31.47 -29.67
C PRO A 237 12.90 -32.76 -30.24
N ASP A 238 13.42 -33.17 -31.39
CA ASP A 238 13.13 -34.48 -31.96
C ASP A 238 13.89 -35.53 -31.17
N VAL A 239 13.36 -36.73 -31.06
CA VAL A 239 14.06 -37.79 -30.32
C VAL A 239 15.36 -38.22 -31.01
N ARG A 240 15.42 -37.98 -32.31
CA ARG A 240 16.39 -38.65 -33.18
C ARG A 240 17.62 -37.81 -33.44
N ASP A 241 17.43 -36.50 -33.50
CA ASP A 241 18.54 -35.59 -33.74
C ASP A 241 18.78 -34.62 -32.58
N GLY A 242 17.91 -34.68 -31.57
CA GLY A 242 17.98 -33.82 -30.39
C GLY A 242 17.62 -32.38 -30.67
N LEU A 243 17.44 -32.05 -31.95
CA LEU A 243 17.35 -30.67 -32.40
C LEU A 243 15.95 -30.15 -32.50
N LYS A 244 15.79 -28.89 -32.14
CA LYS A 244 14.54 -28.18 -32.36
C LYS A 244 14.60 -27.67 -33.79
N PRO A 245 13.43 -27.35 -34.37
CA PRO A 245 13.37 -26.73 -35.69
C PRO A 245 14.39 -25.60 -35.81
N VAL A 246 14.34 -24.66 -34.88
CA VAL A 246 15.24 -23.51 -34.91
C VAL A 246 16.75 -23.85 -35.05
N HIS A 247 17.26 -24.81 -34.29
CA HIS A 247 18.67 -25.20 -34.38
C HIS A 247 18.91 -26.03 -35.57
N ARG A 248 18.14 -27.11 -35.70
CA ARG A 248 18.26 -27.93 -36.87
C ARG A 248 18.60 -27.01 -38.00
N ARG A 249 17.65 -26.09 -38.19
CA ARG A 249 17.67 -25.10 -39.24
C ARG A 249 18.96 -24.30 -39.34
N ILE A 250 19.53 -23.90 -38.20
CA ILE A 250 20.81 -23.20 -38.20
C ILE A 250 21.95 -24.12 -38.61
N LEU A 251 21.86 -25.37 -38.19
CA LEU A 251 22.96 -26.29 -38.40
C LEU A 251 22.86 -26.83 -39.82
N TYR A 252 21.66 -27.09 -40.28
CA TYR A 252 21.45 -27.41 -41.69
C TYR A 252 22.17 -26.45 -42.62
N GLY A 253 21.83 -25.17 -42.50
CA GLY A 253 22.37 -24.17 -43.38
C GLY A 253 23.84 -23.91 -43.18
N LEU A 254 24.33 -24.14 -41.97
CA LEU A 254 25.75 -23.94 -41.73
C LEU A 254 26.48 -24.85 -42.68
N ASN A 255 25.91 -26.03 -42.80
CA ASN A 255 26.44 -27.08 -43.62
C ASN A 255 26.19 -26.84 -45.08
N GLU A 256 25.24 -25.97 -45.42
CA GLU A 256 24.99 -25.65 -46.84
C GLU A 256 25.89 -24.55 -47.35
N GLN A 257 26.12 -23.54 -46.50
CA GLN A 257 27.05 -22.46 -46.77
C GLN A 257 28.44 -23.06 -46.95
N GLY A 258 28.61 -24.24 -46.36
CA GLY A 258 29.89 -24.90 -46.37
C GLY A 258 30.92 -24.12 -45.58
N MET A 259 30.68 -23.89 -44.29
CA MET A 259 31.72 -23.39 -43.38
C MET A 259 31.94 -24.41 -42.26
N THR A 260 32.52 -25.53 -42.65
CA THR A 260 32.96 -26.59 -41.76
C THR A 260 34.17 -26.09 -41.00
N PRO A 261 34.49 -26.71 -39.85
CA PRO A 261 35.56 -26.18 -39.00
C PRO A 261 36.81 -25.77 -39.75
N ASP A 262 37.14 -26.49 -40.81
CA ASP A 262 38.35 -26.22 -41.60
C ASP A 262 38.35 -24.84 -42.32
N LYS A 263 37.16 -24.28 -42.52
CA LYS A 263 37.00 -22.97 -43.16
C LYS A 263 36.92 -21.82 -42.13
N SER A 264 37.43 -20.66 -42.52
CA SER A 264 37.47 -19.48 -41.66
C SER A 264 36.07 -19.04 -41.29
N TYR A 265 35.98 -18.25 -40.21
CA TYR A 265 34.70 -17.78 -39.67
C TYR A 265 33.97 -16.89 -40.66
N LYS A 266 32.65 -16.79 -40.55
CA LYS A 266 31.88 -15.92 -41.44
C LYS A 266 30.70 -15.29 -40.71
N LYS A 267 30.62 -13.97 -40.78
CA LYS A 267 29.81 -13.17 -39.85
C LYS A 267 28.45 -13.75 -39.49
N SER A 268 28.03 -13.44 -38.25
CA SER A 268 26.79 -13.94 -37.70
C SER A 268 25.60 -13.44 -38.47
N ALA A 269 25.72 -12.24 -39.02
CA ALA A 269 24.61 -11.63 -39.73
C ALA A 269 24.27 -12.37 -41.02
N ARG A 270 25.31 -12.84 -41.69
CA ARG A 270 25.16 -13.55 -42.94
C ARG A 270 24.41 -14.83 -42.69
N ILE A 271 24.95 -15.63 -41.77
CA ILE A 271 24.30 -16.87 -41.32
C ILE A 271 22.79 -16.75 -41.06
N VAL A 272 22.38 -15.92 -40.10
CA VAL A 272 20.96 -15.77 -39.75
C VAL A 272 20.16 -15.29 -40.92
N GLY A 273 20.61 -14.18 -41.49
CA GLY A 273 19.91 -13.59 -42.62
C GLY A 273 19.51 -14.74 -43.53
N ASP A 274 20.34 -15.78 -43.48
CA ASP A 274 20.23 -16.82 -44.45
C ASP A 274 19.29 -17.91 -44.01
N VAL A 275 19.52 -18.43 -42.82
CA VAL A 275 18.63 -19.43 -42.25
C VAL A 275 17.22 -18.90 -42.27
N MET A 276 17.13 -17.58 -42.17
CA MET A 276 15.87 -16.87 -42.05
C MET A 276 15.25 -16.68 -43.44
N GLY A 277 16.11 -16.58 -44.44
CA GLY A 277 15.70 -16.30 -45.78
C GLY A 277 15.65 -17.57 -46.62
N LYS A 278 15.81 -18.71 -45.97
CA LYS A 278 15.66 -19.96 -46.70
C LYS A 278 14.75 -20.94 -45.98
N TYR A 279 14.66 -20.79 -44.65
CA TYR A 279 14.04 -21.81 -43.81
C TYR A 279 13.11 -21.25 -42.75
N HIS A 280 13.61 -20.30 -41.97
CA HIS A 280 13.00 -19.92 -40.70
C HIS A 280 12.43 -18.49 -40.65
N PRO A 281 11.10 -18.35 -40.69
CA PRO A 281 10.50 -17.02 -40.77
C PRO A 281 10.23 -16.49 -39.38
N HIS A 282 11.25 -15.96 -38.72
CA HIS A 282 11.07 -15.40 -37.39
C HIS A 282 12.16 -14.39 -37.05
N GLY A 283 12.26 -14.02 -35.78
CA GLY A 283 13.21 -13.01 -35.37
C GLY A 283 14.68 -13.39 -35.36
N ASP A 284 15.48 -12.63 -36.11
CA ASP A 284 16.91 -12.82 -36.10
C ASP A 284 17.43 -12.93 -34.67
N SER A 285 16.75 -12.23 -33.76
CA SER A 285 17.10 -12.21 -32.36
C SER A 285 16.98 -13.62 -31.81
N SER A 286 15.87 -14.26 -32.14
CA SER A 286 15.62 -15.63 -31.69
C SER A 286 16.58 -16.64 -32.32
N ILE A 287 16.79 -16.51 -33.63
CA ILE A 287 17.77 -17.33 -34.35
C ILE A 287 19.18 -17.20 -33.77
N TYR A 288 19.59 -15.97 -33.47
CA TYR A 288 20.94 -15.71 -32.99
C TYR A 288 21.19 -16.38 -31.66
N GLU A 289 20.56 -15.84 -30.61
CA GLU A 289 20.77 -16.32 -29.24
C GLU A 289 20.50 -17.80 -29.11
N ALA A 290 19.89 -18.36 -30.13
CA ALA A 290 19.72 -19.80 -30.17
C ALA A 290 21.00 -20.38 -30.71
N MET A 291 21.49 -19.79 -31.81
CA MET A 291 22.70 -20.29 -32.44
C MET A 291 23.82 -20.07 -31.48
N VAL A 292 23.73 -18.92 -30.82
CA VAL A 292 24.75 -18.49 -29.87
C VAL A 292 24.97 -19.49 -28.73
N ARG A 293 23.88 -19.99 -28.14
CA ARG A 293 23.93 -21.04 -27.12
C ARG A 293 24.77 -22.21 -27.57
N MET A 294 24.46 -22.69 -28.77
CA MET A 294 25.13 -23.85 -29.33
C MET A 294 26.66 -23.71 -29.27
N ALA A 295 27.14 -22.50 -28.98
CA ALA A 295 28.56 -22.12 -29.11
C ALA A 295 29.24 -21.82 -27.78
N GLN A 296 28.50 -21.99 -26.69
CA GLN A 296 28.99 -21.68 -25.34
C GLN A 296 29.43 -22.93 -24.63
N ASP A 297 30.73 -23.04 -24.43
CA ASP A 297 31.26 -24.28 -23.92
C ASP A 297 30.69 -24.66 -22.53
N PHE A 298 30.01 -23.70 -21.90
CA PHE A 298 29.39 -23.89 -20.58
C PHE A 298 27.89 -24.06 -20.69
N SER A 299 27.39 -23.91 -21.91
CA SER A 299 25.98 -24.08 -22.19
C SER A 299 25.76 -25.49 -22.71
N TYR A 300 26.50 -25.81 -23.77
CA TYR A 300 26.41 -27.12 -24.38
C TYR A 300 27.54 -28.01 -23.90
N ARG A 301 27.20 -29.24 -23.51
CA ARG A 301 28.19 -30.18 -23.06
C ARG A 301 29.27 -30.29 -24.11
N TYR A 302 28.84 -30.54 -25.35
CA TYR A 302 29.69 -30.48 -26.52
C TYR A 302 29.14 -29.43 -27.44
N PRO A 303 29.73 -28.24 -27.40
CA PRO A 303 29.33 -27.15 -28.27
C PRO A 303 29.13 -27.58 -29.73
N LEU A 304 27.98 -27.21 -30.29
CA LEU A 304 27.63 -27.52 -31.68
C LEU A 304 28.00 -26.39 -32.63
N VAL A 305 28.74 -25.42 -32.15
CA VAL A 305 29.18 -24.31 -32.97
C VAL A 305 30.59 -23.94 -32.55
N ASP A 306 31.17 -22.93 -33.16
CA ASP A 306 32.49 -22.49 -32.78
C ASP A 306 32.50 -21.03 -33.13
N GLY A 307 32.26 -20.18 -32.13
CA GLY A 307 32.06 -18.76 -32.35
C GLY A 307 33.35 -17.97 -32.55
N GLN A 308 33.19 -16.67 -32.81
CA GLN A 308 34.33 -15.78 -32.91
C GLN A 308 33.99 -14.40 -32.35
N GLY A 309 34.76 -13.97 -31.35
CA GLY A 309 34.47 -12.72 -30.66
C GLY A 309 33.67 -12.92 -29.39
N ASN A 310 32.83 -11.93 -29.05
CA ASN A 310 32.00 -12.02 -27.83
C ASN A 310 30.73 -12.86 -27.98
N PHE A 311 30.80 -14.10 -27.51
CA PHE A 311 29.60 -14.90 -27.36
C PHE A 311 29.19 -15.03 -25.90
N GLY A 312 28.87 -13.91 -25.25
CA GLY A 312 28.42 -13.88 -23.88
C GLY A 312 29.45 -14.47 -22.95
N SER A 313 29.02 -14.88 -21.77
CA SER A 313 29.87 -15.60 -20.81
C SER A 313 29.07 -15.93 -19.56
N MET A 314 29.66 -16.78 -18.73
CA MET A 314 29.02 -17.40 -17.57
C MET A 314 28.18 -16.50 -16.68
N ASP A 315 28.78 -15.38 -16.26
CA ASP A 315 28.13 -14.48 -15.30
C ASP A 315 26.81 -13.95 -15.84
N GLY A 316 26.52 -14.24 -17.10
CA GLY A 316 25.18 -14.02 -17.63
C GLY A 316 25.06 -12.90 -18.65
N ASP A 317 26.18 -12.29 -19.01
CA ASP A 317 26.18 -11.34 -20.11
C ASP A 317 25.74 -12.00 -21.39
N GLY A 318 24.78 -11.37 -22.05
CA GLY A 318 24.36 -11.84 -23.36
C GLY A 318 25.54 -11.82 -24.31
N ALA A 319 25.31 -12.31 -25.53
CA ALA A 319 26.33 -12.33 -26.54
C ALA A 319 26.49 -10.96 -27.16
N ALA A 320 27.41 -10.82 -28.10
CA ALA A 320 27.58 -9.59 -28.87
C ALA A 320 26.50 -9.42 -29.95
N ALA A 321 26.55 -8.31 -30.69
CA ALA A 321 25.58 -8.05 -31.74
C ALA A 321 25.90 -8.83 -33.01
N MET A 322 24.90 -9.51 -33.59
CA MET A 322 25.15 -10.41 -34.72
C MET A 322 25.88 -9.76 -35.87
N ARG A 323 26.05 -8.45 -35.78
CA ARG A 323 26.85 -7.73 -36.75
C ARG A 323 28.30 -8.04 -36.47
N PHE A 324 28.68 -7.89 -35.21
CA PHE A 324 30.09 -7.95 -34.82
C PHE A 324 30.71 -9.35 -34.75
N THR A 325 29.91 -10.41 -34.83
CA THR A 325 30.47 -11.77 -34.65
C THR A 325 30.53 -12.68 -35.88
N GLU A 326 31.27 -13.77 -35.73
CA GLU A 326 31.43 -14.76 -36.78
C GLU A 326 31.23 -16.14 -36.20
N ALA A 327 31.13 -17.15 -37.07
CA ALA A 327 30.73 -18.45 -36.59
C ALA A 327 30.82 -19.54 -37.66
N ARG A 328 31.07 -20.77 -37.19
CA ARG A 328 31.17 -21.95 -38.03
C ARG A 328 30.87 -23.18 -37.17
N MET A 329 30.81 -24.34 -37.80
CA MET A 329 30.60 -25.57 -37.04
C MET A 329 31.77 -25.95 -36.14
N THR A 330 31.50 -26.92 -35.27
CA THR A 330 32.50 -27.68 -34.54
C THR A 330 32.79 -28.93 -35.38
N LYS A 331 33.96 -29.52 -35.17
CA LYS A 331 34.29 -30.77 -35.83
C LYS A 331 33.27 -31.81 -35.40
N ILE A 332 32.78 -31.69 -34.17
CA ILE A 332 31.75 -32.59 -33.70
C ILE A 332 30.42 -32.39 -34.43
N THR A 333 30.18 -31.19 -34.95
CA THR A 333 28.93 -30.96 -35.67
C THR A 333 29.04 -31.65 -37.01
N LEU A 334 30.26 -31.95 -37.45
CA LEU A 334 30.44 -32.60 -38.73
C LEU A 334 29.67 -33.92 -38.74
N GLU A 335 29.59 -34.53 -37.56
CA GLU A 335 29.04 -35.89 -37.40
C GLU A 335 27.53 -35.90 -37.32
N LEU A 336 26.93 -34.73 -37.19
CA LEU A 336 25.49 -34.63 -37.19
C LEU A 336 25.00 -34.58 -38.63
N LEU A 337 25.88 -34.15 -39.52
CA LEU A 337 25.53 -33.98 -40.93
C LEU A 337 26.37 -34.85 -41.87
N ARG A 338 26.93 -35.92 -41.30
CA ARG A 338 27.66 -36.92 -42.07
C ARG A 338 26.64 -37.72 -42.89
N ASP A 339 26.97 -37.91 -44.18
CA ASP A 339 26.22 -38.75 -45.13
C ASP A 339 24.73 -38.39 -45.27
N ILE A 340 24.49 -37.10 -45.51
CA ILE A 340 23.15 -36.53 -45.49
C ILE A 340 22.63 -36.39 -46.93
N ASN A 341 23.54 -36.05 -47.83
CA ASN A 341 23.26 -35.99 -49.25
C ASN A 341 23.39 -37.34 -49.90
N LYS A 342 23.26 -38.38 -49.07
CA LYS A 342 23.33 -39.78 -49.52
C LYS A 342 21.98 -40.49 -49.44
N ASP A 343 20.89 -39.75 -49.62
CA ASP A 343 19.56 -40.30 -49.43
C ASP A 343 19.58 -41.12 -48.15
N THR A 344 19.66 -40.43 -47.01
CA THR A 344 19.69 -41.07 -45.71
C THR A 344 18.44 -40.79 -44.93
N ILE A 345 17.84 -39.64 -45.20
CA ILE A 345 16.62 -39.22 -44.50
C ILE A 345 15.69 -38.38 -45.41
N ASP A 346 14.39 -38.45 -45.17
CA ASP A 346 13.44 -37.80 -46.07
C ASP A 346 13.65 -36.29 -46.07
N PHE A 347 13.23 -35.64 -47.16
CA PHE A 347 13.28 -34.19 -47.31
C PHE A 347 11.91 -33.52 -47.38
N ILE A 348 11.80 -32.35 -46.74
CA ILE A 348 10.56 -31.60 -46.73
C ILE A 348 10.74 -30.31 -47.52
N ASP A 349 9.62 -29.71 -47.96
CA ASP A 349 9.66 -28.41 -48.63
C ASP A 349 9.58 -27.23 -47.64
N ASN A 350 10.35 -26.18 -47.93
CA ASN A 350 10.52 -25.08 -46.97
C ASN A 350 9.31 -24.17 -46.98
N TYR A 351 9.07 -23.48 -45.86
CA TYR A 351 7.88 -22.65 -45.68
C TYR A 351 7.29 -21.94 -46.89
N ASP A 352 8.09 -21.70 -47.94
CA ASP A 352 7.58 -21.00 -49.12
C ASP A 352 7.61 -21.83 -50.38
N GLY A 353 8.17 -23.02 -50.29
CA GLY A 353 8.41 -23.83 -51.47
C GLY A 353 9.33 -23.13 -52.46
N ASN A 354 10.51 -22.73 -52.00
CA ASN A 354 11.52 -22.08 -52.82
C ASN A 354 12.85 -22.65 -52.46
N GLU A 355 12.85 -23.64 -51.58
CA GLU A 355 14.06 -24.33 -51.16
C GLU A 355 13.64 -25.61 -50.42
N ARG A 356 14.59 -26.54 -50.27
CA ARG A 356 14.40 -27.80 -49.53
C ARG A 356 15.19 -27.82 -48.22
N GLU A 357 14.68 -28.55 -47.23
CA GLU A 357 15.39 -28.70 -45.98
C GLU A 357 15.22 -30.09 -45.37
N PRO A 358 16.17 -30.50 -44.55
CA PRO A 358 16.11 -31.82 -43.95
C PRO A 358 15.00 -31.81 -42.94
N SER A 359 14.25 -32.90 -42.87
CA SER A 359 13.27 -33.09 -41.83
C SER A 359 13.94 -33.50 -40.53
N VAL A 360 15.20 -33.97 -40.62
CA VAL A 360 15.97 -34.43 -39.45
C VAL A 360 17.44 -34.61 -39.79
N LEU A 361 18.34 -34.15 -38.94
CA LEU A 361 19.76 -34.33 -39.22
C LEU A 361 20.15 -35.75 -38.87
N PRO A 362 20.94 -36.39 -39.75
CA PRO A 362 21.37 -37.80 -39.64
C PRO A 362 21.89 -38.23 -38.26
N ALA A 363 22.51 -37.32 -37.52
CA ALA A 363 22.89 -37.57 -36.12
C ALA A 363 23.66 -38.87 -35.88
N ARG A 364 24.92 -38.87 -36.29
CA ARG A 364 25.75 -40.04 -36.16
C ARG A 364 26.23 -40.16 -34.73
N PHE A 365 25.59 -39.37 -33.86
CA PHE A 365 25.75 -39.47 -32.40
C PHE A 365 24.49 -39.06 -31.60
N PRO A 366 24.34 -39.63 -30.40
CA PRO A 366 23.09 -39.56 -29.64
C PRO A 366 22.87 -38.18 -29.05
N ASN A 367 22.48 -37.23 -29.88
CA ASN A 367 22.49 -35.84 -29.47
C ASN A 367 21.56 -35.47 -28.33
N LEU A 368 20.28 -35.79 -28.48
CA LEU A 368 19.31 -35.47 -27.42
C LEU A 368 19.92 -35.66 -26.01
N LEU A 369 20.05 -36.90 -25.56
CA LEU A 369 20.61 -37.18 -24.23
C LEU A 369 22.02 -36.67 -24.06
N ALA A 370 22.69 -36.40 -25.17
CA ALA A 370 24.00 -35.78 -25.06
C ALA A 370 23.90 -34.30 -24.66
N ASN A 371 23.43 -33.44 -25.56
CA ASN A 371 23.48 -32.01 -25.29
C ASN A 371 22.42 -31.56 -24.29
N GLY A 372 21.30 -32.29 -24.26
CA GLY A 372 20.18 -31.94 -23.41
C GLY A 372 19.17 -31.26 -24.30
N ALA A 373 18.28 -30.49 -23.69
CA ALA A 373 17.26 -29.71 -24.37
C ALA A 373 16.27 -29.31 -23.31
N SER A 374 15.64 -28.13 -23.45
CA SER A 374 14.67 -27.67 -22.46
C SER A 374 13.82 -26.46 -22.87
N GLY A 375 12.67 -26.72 -23.49
CA GLY A 375 11.70 -25.68 -23.79
C GLY A 375 10.36 -25.84 -23.09
N ILE A 376 9.56 -24.76 -23.12
CA ILE A 376 8.15 -24.73 -22.67
C ILE A 376 7.20 -24.68 -23.88
N ALA A 377 6.31 -25.65 -23.97
CA ALA A 377 5.42 -25.72 -25.12
C ALA A 377 4.06 -25.24 -24.73
N VAL A 378 3.05 -25.95 -25.21
CA VAL A 378 1.67 -25.65 -24.84
C VAL A 378 1.00 -26.85 -24.19
N GLY A 379 0.66 -26.72 -22.93
CA GLY A 379 0.04 -27.82 -22.23
C GLY A 379 1.15 -28.74 -21.75
N MET A 380 2.31 -28.64 -22.39
CA MET A 380 3.50 -29.34 -21.94
C MET A 380 4.76 -28.51 -21.77
N ALA A 381 5.86 -29.22 -21.46
CA ALA A 381 7.22 -28.68 -21.39
C ALA A 381 8.26 -29.81 -21.24
N THR A 382 9.32 -29.78 -22.05
CA THR A 382 10.43 -30.72 -21.88
C THR A 382 11.60 -30.16 -21.04
N ASN A 383 12.27 -31.04 -20.31
CA ASN A 383 13.51 -30.66 -19.64
C ASN A 383 14.40 -31.90 -19.57
N ILE A 384 15.58 -31.77 -20.14
CA ILE A 384 16.44 -32.89 -20.36
C ILE A 384 17.86 -32.45 -20.07
N PRO A 385 18.58 -33.27 -19.31
CA PRO A 385 19.93 -33.00 -18.83
C PRO A 385 20.92 -33.23 -19.95
N PRO A 386 22.22 -33.05 -19.65
CA PRO A 386 23.26 -33.53 -20.54
C PRO A 386 23.90 -34.79 -19.96
N HIS A 387 24.42 -35.67 -20.82
CA HIS A 387 25.20 -36.85 -20.44
C HIS A 387 26.55 -36.90 -21.13
N ASN A 388 27.38 -37.86 -20.77
CA ASN A 388 28.70 -37.92 -21.36
C ASN A 388 28.67 -38.77 -22.60
N LEU A 389 29.13 -38.26 -23.74
CA LEU A 389 29.05 -39.04 -24.97
C LEU A 389 29.62 -40.44 -24.84
N THR A 390 30.76 -40.56 -24.17
CA THR A 390 31.38 -41.88 -24.08
C THR A 390 30.40 -42.85 -23.44
N GLU A 391 29.95 -42.53 -22.23
CA GLU A 391 28.88 -43.25 -21.51
C GLU A 391 27.70 -43.55 -22.41
N LEU A 392 27.23 -42.51 -23.09
CA LEU A 392 26.07 -42.61 -23.95
C LEU A 392 26.25 -43.62 -25.06
N ILE A 393 27.37 -43.59 -25.75
CA ILE A 393 27.59 -44.59 -26.79
C ILE A 393 27.63 -45.98 -26.20
N ASN A 394 28.41 -46.18 -25.14
CA ASN A 394 28.53 -47.49 -24.56
C ASN A 394 27.20 -48.12 -24.23
N GLY A 395 26.25 -47.28 -23.81
CA GLY A 395 24.93 -47.77 -23.49
C GLY A 395 24.24 -48.23 -24.75
N VAL A 396 24.46 -47.50 -25.84
CA VAL A 396 23.88 -47.83 -27.14
C VAL A 396 24.42 -49.15 -27.65
N LEU A 397 25.74 -49.29 -27.71
CA LEU A 397 26.36 -50.55 -28.09
C LEU A 397 25.79 -51.68 -27.25
N SER A 398 25.88 -51.57 -25.93
CA SER A 398 25.36 -52.63 -25.07
C SER A 398 23.86 -52.94 -25.32
N LEU A 399 23.06 -51.90 -25.47
CA LEU A 399 21.66 -52.08 -25.74
C LEU A 399 21.44 -52.58 -27.15
N SER A 400 22.40 -52.30 -28.03
CA SER A 400 22.25 -52.70 -29.43
C SER A 400 22.46 -54.21 -29.46
N LYS A 401 23.45 -54.61 -28.67
CA LYS A 401 23.75 -55.99 -28.33
C LYS A 401 22.57 -56.70 -27.65
N ASN A 402 22.09 -56.17 -26.51
CA ASN A 402 21.03 -56.82 -25.71
C ASN A 402 19.68 -56.12 -25.75
N PRO A 403 18.92 -56.27 -26.84
CA PRO A 403 17.68 -55.48 -27.01
C PRO A 403 16.60 -55.85 -25.99
N ASP A 404 17.02 -56.56 -24.94
CA ASP A 404 16.17 -56.96 -23.83
C ASP A 404 16.83 -56.56 -22.53
N ILE A 405 17.73 -55.60 -22.66
CA ILE A 405 18.58 -55.12 -21.58
C ILE A 405 17.81 -54.29 -20.58
N SER A 406 17.95 -54.67 -19.33
CA SER A 406 17.34 -53.98 -18.21
C SER A 406 17.87 -52.57 -18.04
N ILE A 407 16.97 -51.62 -17.79
CA ILE A 407 17.32 -50.22 -17.51
C ILE A 407 18.55 -50.05 -16.65
N ALA A 408 18.61 -50.82 -15.56
CA ALA A 408 19.66 -50.71 -14.54
C ALA A 408 20.97 -51.36 -14.99
N GLU A 409 20.87 -52.09 -16.11
CA GLU A 409 22.00 -52.68 -16.83
C GLU A 409 22.63 -51.61 -17.74
N LEU A 410 21.79 -50.66 -18.19
CA LEU A 410 22.24 -49.54 -19.01
C LEU A 410 22.98 -48.56 -18.16
N MET A 411 22.88 -48.71 -16.85
CA MET A 411 23.47 -47.74 -15.94
C MET A 411 24.86 -48.15 -15.50
N GLU A 412 25.28 -49.36 -15.87
CA GLU A 412 26.64 -49.83 -15.69
C GLU A 412 27.50 -49.01 -16.65
N ASP A 413 26.83 -48.48 -17.67
CA ASP A 413 27.42 -47.63 -18.69
C ASP A 413 27.08 -46.17 -18.44
N ILE A 414 25.81 -45.91 -18.15
CA ILE A 414 25.31 -44.55 -18.07
C ILE A 414 24.93 -44.18 -16.63
N GLU A 415 25.88 -43.61 -15.88
CA GLU A 415 25.67 -43.33 -14.45
C GLU A 415 24.76 -42.14 -14.20
N GLY A 416 24.51 -41.36 -15.25
CA GLY A 416 23.69 -40.18 -15.12
C GLY A 416 24.19 -38.98 -15.90
N PRO A 417 23.61 -37.80 -15.62
CA PRO A 417 23.93 -36.62 -16.41
C PRO A 417 25.36 -36.17 -16.23
N ASP A 418 25.73 -35.15 -16.99
CA ASP A 418 27.06 -34.62 -16.96
C ASP A 418 27.02 -33.21 -17.55
N PHE A 419 26.97 -32.22 -16.66
CA PHE A 419 26.89 -30.83 -17.04
C PHE A 419 28.28 -30.24 -17.36
N PRO A 420 28.38 -29.52 -18.48
CA PRO A 420 29.59 -28.79 -18.93
C PRO A 420 30.19 -27.96 -17.80
N THR A 421 29.31 -27.44 -16.97
CA THR A 421 29.73 -26.68 -15.83
C THR A 421 30.42 -27.64 -14.86
N ALA A 422 30.12 -28.93 -15.01
CA ALA A 422 30.58 -29.97 -14.09
C ALA A 422 29.78 -29.99 -12.77
N GLY A 423 30.48 -29.95 -11.64
CA GLY A 423 29.83 -29.91 -10.33
C GLY A 423 29.74 -31.24 -9.62
N LEU A 424 28.65 -31.42 -8.87
CA LEU A 424 28.33 -32.68 -8.22
C LEU A 424 26.83 -32.88 -8.18
N ILE A 425 26.43 -34.13 -7.98
CA ILE A 425 25.03 -34.49 -7.79
C ILE A 425 24.86 -35.19 -6.43
N LEU A 426 23.67 -35.09 -5.84
CA LEU A 426 23.45 -35.64 -4.49
C LEU A 426 22.48 -36.82 -4.37
N GLY A 427 22.97 -38.02 -4.70
CA GLY A 427 22.24 -39.27 -4.51
C GLY A 427 21.80 -40.00 -5.77
N LYS A 428 21.74 -41.33 -5.70
CA LYS A 428 21.37 -42.14 -6.87
C LYS A 428 19.87 -42.28 -7.15
N SER A 429 19.03 -42.33 -6.11
CA SER A 429 17.61 -42.46 -6.43
C SER A 429 17.15 -41.21 -7.19
N GLY A 430 17.97 -40.15 -7.14
CA GLY A 430 17.69 -38.89 -7.84
C GLY A 430 17.72 -39.05 -9.36
N ILE A 431 18.91 -39.33 -9.88
CA ILE A 431 19.09 -39.88 -11.22
C ILE A 431 18.13 -41.04 -11.51
N ARG A 432 18.08 -41.99 -10.58
CA ARG A 432 17.47 -43.30 -10.83
C ARG A 432 16.03 -43.28 -11.34
N ARG A 433 15.09 -42.69 -10.61
CA ARG A 433 13.68 -42.69 -11.06
C ARG A 433 13.44 -41.74 -12.26
N ALA A 434 14.45 -40.94 -12.58
CA ALA A 434 14.39 -40.04 -13.73
C ALA A 434 14.34 -40.85 -14.99
N TYR A 435 15.27 -41.80 -15.09
CA TYR A 435 15.38 -42.76 -16.19
C TYR A 435 14.30 -43.87 -16.17
N GLU A 436 13.35 -43.79 -15.25
CA GLU A 436 12.35 -44.84 -15.21
C GLU A 436 10.96 -44.38 -15.65
N THR A 437 10.47 -43.25 -15.14
CA THR A 437 9.11 -42.74 -15.45
C THR A 437 9.12 -41.52 -16.41
N GLY A 438 10.34 -41.12 -16.76
CA GLY A 438 10.60 -39.98 -17.60
C GLY A 438 10.95 -38.77 -16.78
N ARG A 439 10.60 -38.80 -15.50
CA ARG A 439 10.69 -37.64 -14.61
C ARG A 439 11.24 -37.96 -13.20
N GLY A 440 12.09 -37.07 -12.69
CA GLY A 440 12.69 -37.23 -11.37
C GLY A 440 13.37 -35.94 -10.93
N SER A 441 13.80 -35.90 -9.68
CA SER A 441 14.42 -34.68 -9.18
C SER A 441 15.88 -34.92 -8.87
N ILE A 442 16.77 -34.25 -9.60
CA ILE A 442 18.22 -34.48 -9.43
C ILE A 442 19.02 -33.34 -8.77
N GLN A 443 19.70 -33.69 -7.67
CA GLN A 443 20.36 -32.71 -6.81
C GLN A 443 21.74 -32.22 -7.30
N MET A 444 21.74 -31.03 -7.87
CA MET A 444 22.97 -30.37 -8.30
C MET A 444 23.49 -29.49 -7.20
N ARG A 445 24.64 -29.85 -6.66
CA ARG A 445 25.33 -29.05 -5.66
C ARG A 445 26.49 -28.37 -6.37
N SER A 446 27.40 -27.80 -5.61
CA SER A 446 28.61 -27.27 -6.21
C SER A 446 29.81 -27.85 -5.51
N ARG A 447 30.99 -27.60 -6.06
CA ARG A 447 32.20 -28.01 -5.39
C ARG A 447 32.93 -26.83 -4.79
N ALA A 448 32.47 -26.45 -3.60
CA ALA A 448 33.23 -25.57 -2.73
C ALA A 448 34.12 -26.45 -1.85
N VAL A 449 35.33 -25.97 -1.59
CA VAL A 449 36.21 -26.57 -0.58
C VAL A 449 36.36 -25.61 0.57
N ILE A 450 36.48 -26.12 1.79
CA ILE A 450 36.83 -25.26 2.92
C ILE A 450 38.34 -25.30 3.09
N GLU A 451 38.95 -24.19 3.52
CA GLU A 451 40.39 -24.17 3.75
C GLU A 451 40.79 -22.98 4.60
N GLU A 452 42.08 -22.83 4.86
CA GLU A 452 42.58 -21.78 5.74
C GLU A 452 42.96 -20.54 4.95
N ARG A 453 42.62 -19.36 5.47
CA ARG A 453 43.10 -18.12 4.86
C ARG A 453 44.27 -17.54 5.64
N GLY A 454 44.29 -17.80 6.95
CA GLY A 454 45.41 -17.39 7.80
C GLY A 454 45.05 -16.51 8.99
N GLY A 455 45.61 -16.87 10.14
CA GLY A 455 45.38 -16.16 11.38
C GLY A 455 44.23 -16.76 12.18
N GLY A 456 44.04 -18.07 12.06
CA GLY A 456 42.89 -18.72 12.67
C GLY A 456 41.60 -18.32 11.96
N ARG A 457 41.73 -17.54 10.90
CA ARG A 457 40.59 -17.09 10.11
C ARG A 457 40.43 -17.96 8.85
N GLN A 458 39.17 -18.20 8.48
CA GLN A 458 38.83 -19.21 7.47
C GLN A 458 38.34 -18.64 6.16
N ARG A 459 37.91 -19.55 5.28
CA ARG A 459 37.37 -19.20 3.97
C ARG A 459 36.71 -20.40 3.26
N ILE A 460 35.54 -20.18 2.67
CA ILE A 460 34.95 -21.16 1.78
C ILE A 460 35.30 -20.77 0.34
N VAL A 461 35.49 -21.74 -0.53
CA VAL A 461 35.85 -21.48 -1.92
C VAL A 461 35.07 -22.38 -2.85
N VAL A 462 34.39 -21.78 -3.82
CA VAL A 462 33.51 -22.52 -4.73
C VAL A 462 34.08 -22.60 -6.15
N THR A 463 34.39 -23.80 -6.62
CA THR A 463 35.05 -23.90 -7.91
C THR A 463 34.20 -24.53 -9.01
N GLU A 464 32.92 -24.72 -8.74
CA GLU A 464 32.03 -25.36 -9.68
C GLU A 464 30.61 -25.10 -9.25
N ILE A 465 29.77 -24.70 -10.18
CA ILE A 465 28.39 -24.40 -9.85
C ILE A 465 27.40 -25.36 -10.51
N PRO A 466 26.16 -25.41 -9.98
CA PRO A 466 25.12 -26.23 -10.58
C PRO A 466 24.89 -25.78 -11.99
N PHE A 467 24.75 -26.72 -12.91
CA PHE A 467 24.48 -26.37 -14.29
C PHE A 467 23.27 -25.44 -14.43
N GLN A 468 23.37 -24.48 -15.32
CA GLN A 468 22.28 -23.54 -15.58
C GLN A 468 22.20 -22.45 -14.55
N VAL A 469 22.97 -22.60 -13.47
CA VAL A 469 23.07 -21.56 -12.45
C VAL A 469 23.96 -20.44 -12.96
N ASN A 470 23.51 -19.22 -12.72
CA ASN A 470 24.17 -18.01 -13.21
C ASN A 470 25.16 -17.51 -12.14
N LYS A 471 26.46 -17.57 -12.42
CA LYS A 471 27.46 -17.30 -11.37
C LYS A 471 27.27 -15.95 -10.69
N ALA A 472 26.91 -14.94 -11.47
CA ALA A 472 26.72 -13.59 -10.97
C ALA A 472 25.56 -13.52 -9.97
N ARG A 473 24.36 -13.89 -10.41
CA ARG A 473 23.15 -13.81 -9.58
C ARG A 473 23.25 -14.73 -8.35
N MET A 474 24.27 -15.59 -8.36
CA MET A 474 24.54 -16.45 -7.21
C MET A 474 25.27 -15.63 -6.19
N ILE A 475 26.23 -14.83 -6.65
CA ILE A 475 27.02 -13.98 -5.77
C ILE A 475 26.21 -12.80 -5.24
N GLU A 476 25.51 -12.09 -6.12
CA GLU A 476 24.66 -11.02 -5.62
C GLU A 476 23.69 -11.56 -4.57
N LYS A 477 22.95 -12.60 -4.93
CA LYS A 477 21.97 -13.16 -3.99
C LYS A 477 22.60 -13.83 -2.76
N ILE A 478 23.87 -13.56 -2.50
CA ILE A 478 24.45 -13.90 -1.21
C ILE A 478 24.61 -12.64 -0.33
N ALA A 479 25.09 -11.55 -0.93
CA ALA A 479 25.09 -10.28 -0.23
C ALA A 479 23.69 -10.00 0.29
N GLU A 480 22.68 -10.16 -0.57
CA GLU A 480 21.28 -9.90 -0.25
C GLU A 480 20.83 -10.63 1.02
N LEU A 481 21.69 -11.47 1.56
CA LEU A 481 21.37 -12.23 2.77
C LEU A 481 22.32 -11.88 3.90
N VAL A 482 23.45 -11.26 3.58
CA VAL A 482 24.31 -10.66 4.59
C VAL A 482 23.82 -9.26 4.94
N ARG A 483 23.66 -8.42 3.92
CA ARG A 483 23.09 -7.09 4.11
C ARG A 483 21.77 -7.20 4.84
N ASP A 484 20.95 -8.16 4.40
CA ASP A 484 19.64 -8.40 5.00
C ASP A 484 19.77 -9.30 6.23
N LYS A 485 20.99 -9.39 6.74
CA LYS A 485 21.28 -10.07 8.00
C LYS A 485 20.41 -11.31 8.18
N LYS A 486 20.42 -12.15 7.15
CA LYS A 486 19.77 -13.46 7.16
C LYS A 486 20.82 -14.57 7.09
N ILE A 487 22.09 -14.18 7.20
CA ILE A 487 23.21 -15.13 7.22
C ILE A 487 24.48 -14.51 7.84
N ASP A 488 24.92 -15.09 8.96
CA ASP A 488 25.92 -14.49 9.83
C ASP A 488 27.35 -14.98 9.61
N GLY A 489 28.33 -14.15 9.96
CA GLY A 489 29.72 -14.58 9.96
C GLY A 489 30.41 -14.50 8.61
N ILE A 490 29.78 -13.80 7.66
CA ILE A 490 30.38 -13.61 6.34
C ILE A 490 31.03 -12.25 6.18
N THR A 491 32.36 -12.25 6.14
CA THR A 491 33.17 -11.05 6.16
C THR A 491 34.04 -10.88 4.90
N ASP A 492 33.38 -10.77 3.75
CA ASP A 492 33.98 -10.53 2.41
C ASP A 492 33.67 -11.69 1.44
N LEU A 493 33.46 -11.36 0.17
CA LEU A 493 33.08 -12.32 -0.89
C LEU A 493 33.35 -11.77 -2.30
N ARG A 494 34.53 -12.03 -2.84
CA ARG A 494 34.81 -11.60 -4.20
C ARG A 494 34.64 -12.78 -5.11
N ASP A 495 34.33 -12.53 -6.39
CA ASP A 495 34.39 -13.56 -7.42
C ASP A 495 35.65 -13.40 -8.25
N GLU A 496 36.52 -14.41 -8.19
CA GLU A 496 37.87 -14.28 -8.76
C GLU A 496 38.10 -15.10 -10.03
N THR A 497 37.09 -15.14 -10.88
CA THR A 497 37.16 -15.92 -12.09
C THR A 497 37.96 -15.23 -13.19
N SER A 498 39.13 -15.79 -13.47
CA SER A 498 39.90 -15.37 -14.61
C SER A 498 39.94 -16.57 -15.54
N LEU A 499 40.73 -16.47 -16.59
CA LEU A 499 40.77 -17.60 -17.51
C LEU A 499 41.54 -18.78 -16.93
N ARG A 500 42.51 -18.50 -16.05
CA ARG A 500 43.32 -19.55 -15.43
C ARG A 500 42.52 -20.27 -14.34
N THR A 501 41.90 -19.47 -13.48
CA THR A 501 41.13 -19.99 -12.35
C THR A 501 39.90 -20.72 -12.81
N GLY A 502 39.48 -20.45 -14.03
CA GLY A 502 38.14 -20.85 -14.42
C GLY A 502 37.24 -20.29 -13.35
N VAL A 503 36.31 -21.10 -12.86
CA VAL A 503 35.40 -20.68 -11.79
C VAL A 503 36.01 -20.78 -10.40
N ARG A 504 35.91 -19.71 -9.64
CA ARG A 504 36.40 -19.74 -8.27
C ARG A 504 35.91 -18.49 -7.51
N VAL A 505 34.94 -18.69 -6.64
CA VAL A 505 34.39 -17.63 -5.80
C VAL A 505 34.84 -17.79 -4.33
N VAL A 506 35.26 -16.69 -3.73
CA VAL A 506 35.79 -16.70 -2.35
C VAL A 506 34.87 -16.08 -1.30
N ILE A 507 34.61 -16.84 -0.23
CA ILE A 507 33.77 -16.37 0.88
C ILE A 507 34.43 -16.49 2.26
N ASP A 508 34.86 -15.35 2.80
CA ASP A 508 35.57 -15.28 4.08
C ASP A 508 34.63 -15.56 5.25
N VAL A 509 35.10 -16.38 6.18
CA VAL A 509 34.37 -16.67 7.42
C VAL A 509 35.03 -15.99 8.61
N ARG A 510 34.29 -15.12 9.28
CA ARG A 510 34.78 -14.51 10.51
C ARG A 510 35.35 -15.61 11.41
N LYS A 511 36.68 -15.73 11.40
CA LYS A 511 37.44 -16.69 12.18
C LYS A 511 36.73 -17.24 13.41
N ASP A 512 37.16 -18.44 13.81
CA ASP A 512 36.66 -19.06 15.03
C ASP A 512 35.14 -19.23 14.95
N ALA A 513 34.63 -19.38 13.72
CA ALA A 513 33.21 -19.63 13.47
C ALA A 513 33.06 -20.76 12.44
N ASN A 514 32.13 -21.68 12.70
CA ASN A 514 31.96 -22.90 11.90
C ASN A 514 31.67 -22.62 10.42
N ALA A 515 32.68 -22.74 9.58
CA ALA A 515 32.57 -22.42 8.15
C ALA A 515 31.68 -23.41 7.46
N SER A 516 31.72 -24.64 7.98
CA SER A 516 30.97 -25.77 7.44
C SER A 516 29.49 -25.67 7.74
N VAL A 517 29.15 -24.98 8.83
CA VAL A 517 27.75 -24.74 9.17
C VAL A 517 27.11 -23.68 8.29
N ILE A 518 27.90 -22.68 7.90
CA ILE A 518 27.47 -21.74 6.88
C ILE A 518 27.33 -22.45 5.51
N LEU A 519 28.45 -23.03 5.05
CA LEU A 519 28.47 -23.75 3.80
C LEU A 519 27.31 -24.71 3.65
N ASN A 520 26.96 -25.38 4.75
CA ASN A 520 25.83 -26.29 4.70
C ASN A 520 24.51 -25.53 4.61
N ASN A 521 24.54 -24.26 4.99
CA ASN A 521 23.35 -23.43 4.89
C ASN A 521 23.27 -22.68 3.55
N LEU A 522 24.35 -22.03 3.16
CA LEU A 522 24.42 -21.44 1.85
C LEU A 522 23.92 -22.45 0.79
N TYR A 523 24.13 -23.74 1.06
CA TYR A 523 23.64 -24.79 0.16
C TYR A 523 22.12 -24.77 0.03
N LYS A 524 21.43 -24.80 1.17
CA LYS A 524 19.98 -24.86 1.16
C LYS A 524 19.33 -23.46 1.05
N GLN A 525 20.12 -22.40 1.16
CA GLN A 525 19.58 -21.05 1.07
C GLN A 525 19.53 -20.53 -0.36
N THR A 526 20.66 -20.64 -1.06
CA THR A 526 20.79 -20.09 -2.42
C THR A 526 20.98 -21.16 -3.53
N PRO A 527 21.27 -20.68 -4.77
CA PRO A 527 21.71 -21.41 -5.97
C PRO A 527 23.06 -22.14 -5.92
N LEU A 528 23.72 -22.21 -4.76
CA LEU A 528 24.92 -23.03 -4.65
C LEU A 528 24.53 -24.49 -4.84
N GLN A 529 23.28 -24.79 -4.51
CA GLN A 529 22.68 -26.10 -4.74
C GLN A 529 21.30 -25.91 -5.36
N THR A 530 21.03 -26.64 -6.44
CA THR A 530 19.82 -26.46 -7.26
C THR A 530 19.15 -27.77 -7.71
N SER A 531 17.84 -27.74 -7.85
CA SER A 531 17.06 -28.90 -8.26
C SER A 531 16.87 -29.01 -9.77
N PHE A 532 17.31 -30.10 -10.36
CA PHE A 532 16.98 -30.33 -11.77
C PHE A 532 15.70 -31.14 -11.95
N GLY A 533 14.64 -30.49 -12.42
CA GLY A 533 13.35 -31.15 -12.52
C GLY A 533 13.07 -31.77 -13.87
N VAL A 534 13.64 -32.96 -14.09
CA VAL A 534 13.61 -33.64 -15.39
C VAL A 534 12.25 -34.10 -15.88
N ASN A 535 11.96 -33.80 -17.14
CA ASN A 535 10.68 -34.11 -17.76
C ASN A 535 10.94 -34.54 -19.21
N MET A 536 11.67 -35.64 -19.37
CA MET A 536 12.17 -36.00 -20.70
C MET A 536 11.10 -36.24 -21.78
N ILE A 537 10.69 -35.15 -22.43
CA ILE A 537 9.76 -35.21 -23.53
C ILE A 537 10.47 -34.84 -24.84
N ALA A 538 10.14 -35.51 -25.94
CA ALA A 538 10.66 -35.15 -27.26
C ALA A 538 9.93 -35.86 -28.39
N LEU A 539 9.82 -35.18 -29.53
CA LEU A 539 9.03 -35.66 -30.65
C LEU A 539 9.42 -37.06 -31.13
N VAL A 540 8.56 -38.03 -30.78
CA VAL A 540 8.73 -39.44 -31.14
C VAL A 540 7.73 -39.85 -32.19
N ASN A 541 8.15 -40.65 -33.16
CA ASN A 541 7.31 -40.96 -34.33
C ASN A 541 6.42 -39.76 -34.73
N GLY A 542 6.96 -38.56 -34.54
CA GLY A 542 6.31 -37.33 -34.93
C GLY A 542 5.26 -36.72 -34.00
N ARG A 543 5.39 -36.96 -32.69
CA ARG A 543 4.43 -36.45 -31.69
C ARG A 543 5.12 -36.26 -30.33
N PRO A 544 4.49 -35.46 -29.43
CA PRO A 544 4.97 -35.21 -28.07
C PRO A 544 4.91 -36.47 -27.23
N LYS A 545 6.03 -37.13 -27.00
CA LYS A 545 6.02 -38.33 -26.17
C LYS A 545 6.85 -38.17 -24.90
N LEU A 546 6.61 -39.03 -23.92
CA LEU A 546 7.48 -39.09 -22.76
C LEU A 546 8.24 -40.40 -22.82
N ILE A 547 9.55 -40.31 -22.96
CA ILE A 547 10.30 -41.53 -23.03
C ILE A 547 11.29 -41.65 -21.89
N ASN A 548 11.42 -42.87 -21.38
CA ASN A 548 12.41 -43.23 -20.38
C ASN A 548 13.71 -43.61 -21.10
N LEU A 549 14.84 -43.61 -20.38
CA LEU A 549 16.17 -43.80 -20.98
C LEU A 549 16.23 -44.78 -22.17
N LYS A 550 15.61 -45.94 -22.00
CA LYS A 550 15.59 -46.92 -23.06
C LYS A 550 14.95 -46.35 -24.32
N GLU A 551 13.63 -46.25 -24.37
CA GLU A 551 12.93 -45.77 -25.57
C GLU A 551 13.78 -44.76 -26.34
N ALA A 552 14.13 -43.67 -25.67
CA ALA A 552 15.02 -42.65 -26.22
C ALA A 552 16.20 -43.28 -26.95
N LEU A 553 16.95 -44.13 -26.24
CA LEU A 553 18.10 -44.84 -26.83
C LEU A 553 17.70 -45.69 -28.04
N VAL A 554 16.57 -46.38 -27.90
CA VAL A 554 15.98 -47.20 -28.96
C VAL A 554 15.62 -46.35 -30.17
N HIS A 555 14.63 -45.48 -30.00
CA HIS A 555 14.30 -44.50 -31.01
C HIS A 555 15.55 -43.97 -31.70
N TYR A 556 16.53 -43.51 -30.93
CA TYR A 556 17.83 -43.15 -31.49
C TYR A 556 18.37 -44.31 -32.27
N LEU A 557 18.67 -45.37 -31.55
CA LEU A 557 19.30 -46.54 -32.13
C LEU A 557 18.64 -46.92 -33.43
N GLU A 558 17.31 -46.95 -33.47
CA GLU A 558 16.61 -47.34 -34.69
C GLU A 558 16.83 -46.35 -35.83
N HIS A 559 16.77 -45.06 -35.53
CA HIS A 559 17.18 -44.05 -36.49
C HIS A 559 18.50 -44.45 -37.18
N GLN A 560 19.55 -44.64 -36.41
CA GLN A 560 20.83 -45.02 -36.99
C GLN A 560 20.73 -46.28 -37.84
N LYS A 561 20.06 -47.31 -37.35
CA LYS A 561 19.92 -48.54 -38.15
C LYS A 561 19.27 -48.22 -39.47
N THR A 562 18.38 -47.23 -39.45
CA THR A 562 17.59 -46.90 -40.63
C THR A 562 18.32 -45.89 -41.48
N VAL A 563 19.46 -45.43 -41.00
CA VAL A 563 20.26 -44.49 -41.78
C VAL A 563 21.37 -45.20 -42.54
N VAL A 564 22.11 -46.07 -41.85
CA VAL A 564 23.24 -46.72 -42.46
C VAL A 564 22.80 -47.53 -43.66
N ARG A 565 21.61 -48.09 -43.52
CA ARG A 565 21.00 -48.90 -44.54
C ARG A 565 20.70 -48.11 -45.80
N ARG A 566 19.97 -47.01 -45.64
CA ARG A 566 19.65 -46.12 -46.73
C ARG A 566 20.90 -45.57 -47.42
N ARG A 567 21.96 -45.26 -46.65
CA ARG A 567 23.22 -44.80 -47.22
C ARG A 567 23.79 -45.88 -48.11
N THR A 568 23.81 -47.08 -47.55
CA THR A 568 24.21 -48.30 -48.20
C THR A 568 23.32 -48.63 -49.40
N GLN A 569 22.01 -48.46 -49.27
CA GLN A 569 21.16 -48.53 -50.46
C GLN A 569 21.70 -47.62 -51.58
N TYR A 570 22.10 -46.41 -51.23
CA TYR A 570 22.54 -45.35 -52.15
C TYR A 570 23.96 -45.53 -52.65
N ASN A 571 24.88 -45.86 -51.75
CA ASN A 571 26.25 -46.19 -52.14
C ASN A 571 26.33 -47.34 -53.17
N LEU A 572 25.20 -48.02 -53.38
CA LEU A 572 25.14 -49.24 -54.19
C LEU A 572 24.54 -49.02 -55.56
N ARG A 573 23.43 -48.31 -55.67
CA ARG A 573 22.85 -47.96 -56.96
C ARG A 573 23.80 -47.04 -57.67
N LYS A 574 24.65 -46.39 -56.88
CA LYS A 574 25.71 -45.52 -57.36
C LYS A 574 26.88 -46.33 -57.90
N ALA A 575 27.08 -47.53 -57.37
CA ALA A 575 28.15 -48.39 -57.84
C ALA A 575 27.64 -49.31 -58.95
N LYS A 576 26.51 -49.97 -58.69
CA LYS A 576 25.80 -50.68 -59.73
C LYS A 576 25.73 -49.83 -61.00
N ASP A 577 25.49 -48.53 -60.84
CA ASP A 577 25.37 -47.65 -62.01
C ASP A 577 26.71 -47.31 -62.68
N ARG A 578 27.80 -47.37 -61.92
CA ARG A 578 29.10 -46.94 -62.38
C ARG A 578 29.90 -48.11 -62.92
N ALA A 579 29.73 -49.28 -62.33
CA ALA A 579 30.27 -50.49 -62.93
C ALA A 579 29.78 -50.53 -64.38
N HIS A 580 28.47 -50.67 -64.53
CA HIS A 580 27.79 -50.56 -65.81
C HIS A 580 28.52 -49.67 -66.82
N ILE A 581 28.76 -48.42 -66.44
CA ILE A 581 29.46 -47.52 -67.35
C ILE A 581 30.92 -47.90 -67.47
N LEU A 582 31.59 -48.17 -66.36
CA LEU A 582 33.01 -48.58 -66.42
C LEU A 582 33.23 -49.61 -67.54
N GLU A 583 32.18 -50.39 -67.79
CA GLU A 583 32.13 -51.40 -68.83
C GLU A 583 32.02 -50.76 -70.18
N GLY A 584 30.89 -50.11 -70.42
CA GLY A 584 30.64 -49.44 -71.68
C GLY A 584 31.92 -48.89 -72.26
N LEU A 585 32.73 -48.26 -71.43
CA LEU A 585 34.00 -47.70 -71.85
C LEU A 585 34.98 -48.78 -72.27
N ARG A 586 35.34 -49.64 -71.31
CA ARG A 586 36.16 -50.82 -71.59
C ARG A 586 35.83 -51.30 -73.00
N ILE A 587 34.61 -51.80 -73.17
CA ILE A 587 34.10 -52.22 -74.47
C ILE A 587 34.68 -51.44 -75.64
N ALA A 588 34.39 -50.15 -75.69
CA ALA A 588 34.88 -49.29 -76.75
C ALA A 588 36.39 -49.22 -76.75
N LEU A 589 36.98 -49.14 -75.56
CA LEU A 589 38.43 -48.98 -75.43
C LEU A 589 39.17 -50.15 -76.05
N ASP A 590 38.49 -51.29 -76.08
CA ASP A 590 38.96 -52.49 -76.74
C ASP A 590 38.70 -52.36 -78.22
N HIS A 591 37.45 -52.57 -78.62
CA HIS A 591 37.05 -52.49 -80.02
C HIS A 591 37.11 -51.06 -80.55
N ILE A 592 38.20 -50.35 -80.29
CA ILE A 592 38.16 -48.89 -80.47
C ILE A 592 38.12 -48.27 -81.90
N ASP A 593 38.98 -48.73 -82.81
CA ASP A 593 39.06 -48.10 -84.14
C ASP A 593 37.68 -48.17 -84.79
N GLU A 594 36.98 -49.27 -84.57
CA GLU A 594 35.65 -49.45 -85.13
C GLU A 594 34.67 -48.52 -84.41
N ILE A 595 34.83 -48.37 -83.09
CA ILE A 595 34.10 -47.33 -82.35
C ILE A 595 34.30 -45.94 -82.96
N ILE A 596 35.57 -45.63 -83.21
CA ILE A 596 35.95 -44.41 -83.87
C ILE A 596 35.22 -44.26 -85.18
N SER A 597 35.16 -45.36 -85.94
CA SER A 597 34.47 -45.38 -87.22
C SER A 597 32.96 -45.18 -87.10
N THR A 598 32.30 -45.99 -86.29
CA THR A 598 30.86 -45.88 -86.17
C THR A 598 30.39 -44.46 -86.05
N ILE A 599 31.25 -43.63 -85.45
CA ILE A 599 30.87 -42.26 -85.16
C ILE A 599 31.20 -41.34 -86.32
N ARG A 600 32.45 -41.39 -86.79
CA ARG A 600 32.78 -40.65 -87.99
C ARG A 600 31.70 -40.90 -89.05
N GLU A 601 31.43 -42.18 -89.34
CA GLU A 601 30.45 -42.56 -90.37
C GLU A 601 29.00 -42.19 -90.03
N SER A 602 28.82 -41.47 -88.92
CA SER A 602 27.49 -41.04 -88.51
C SER A 602 27.36 -39.51 -88.48
N ASP A 603 26.13 -39.04 -88.70
CA ASP A 603 25.81 -37.61 -88.88
C ASP A 603 25.33 -36.91 -87.60
N THR A 604 24.59 -37.63 -86.78
CA THR A 604 24.14 -37.09 -85.49
C THR A 604 24.49 -38.05 -84.36
N ASP A 605 24.44 -37.54 -83.13
CA ASP A 605 24.59 -38.39 -81.96
C ASP A 605 23.44 -39.37 -81.93
N LYS A 606 22.31 -38.98 -82.52
CA LYS A 606 21.14 -39.82 -82.54
C LYS A 606 21.44 -41.14 -83.24
N VAL A 607 21.88 -41.03 -84.49
CA VAL A 607 22.31 -42.20 -85.24
C VAL A 607 23.51 -42.79 -84.54
N ALA A 608 24.52 -41.96 -84.30
CA ALA A 608 25.74 -42.43 -83.67
C ALA A 608 25.44 -43.30 -82.46
N MET A 609 24.54 -42.83 -81.60
CA MET A 609 24.04 -43.64 -80.50
C MET A 609 23.41 -44.89 -81.08
N GLU A 610 22.16 -44.78 -81.51
CA GLU A 610 21.44 -45.87 -82.12
C GLU A 610 22.30 -46.79 -82.97
N SER A 611 23.46 -46.31 -83.40
CA SER A 611 24.40 -47.16 -84.10
C SER A 611 25.26 -47.90 -83.08
N LEU A 612 25.98 -47.16 -82.25
CA LEU A 612 26.72 -47.77 -81.16
C LEU A 612 25.83 -48.75 -80.40
N GLN A 613 24.58 -48.36 -80.11
CA GLN A 613 23.67 -49.12 -79.24
C GLN A 613 23.41 -50.54 -79.69
N GLN A 614 23.26 -50.72 -80.99
CA GLN A 614 22.92 -51.99 -81.56
C GLN A 614 24.17 -52.71 -82.05
N ARG A 615 24.93 -52.03 -82.91
CA ARG A 615 26.15 -52.59 -83.49
C ARG A 615 27.29 -52.64 -82.47
N PHE A 616 26.93 -52.60 -81.19
CA PHE A 616 27.87 -52.80 -80.10
C PHE A 616 27.16 -53.36 -78.87
N LYS A 617 25.83 -53.43 -78.96
CA LYS A 617 25.02 -53.93 -77.85
C LYS A 617 25.05 -52.92 -76.69
N LEU A 618 25.39 -51.68 -77.01
CA LEU A 618 25.60 -50.65 -76.02
C LEU A 618 24.26 -50.12 -75.58
N SER A 619 24.14 -49.86 -74.28
CA SER A 619 22.90 -49.34 -73.69
C SER A 619 22.79 -47.90 -74.08
N GLU A 620 21.59 -47.34 -73.98
CA GLU A 620 21.43 -45.94 -74.28
C GLU A 620 22.48 -45.28 -73.43
N LYS A 621 22.49 -45.67 -72.16
CA LYS A 621 23.40 -45.10 -71.19
C LYS A 621 24.88 -45.18 -71.57
N GLN A 622 25.40 -46.39 -71.75
CA GLN A 622 26.83 -46.58 -72.06
C GLN A 622 27.21 -45.88 -73.35
N ALA A 623 26.26 -45.78 -74.27
CA ALA A 623 26.49 -45.14 -75.56
C ALA A 623 26.90 -43.67 -75.44
N GLN A 624 26.19 -42.95 -74.56
CA GLN A 624 26.49 -41.56 -74.27
C GLN A 624 27.88 -41.51 -73.69
N ALA A 625 28.08 -42.31 -72.66
CA ALA A 625 29.34 -42.36 -71.91
C ALA A 625 30.57 -42.43 -72.79
N ILE A 626 30.39 -42.87 -74.03
CA ILE A 626 31.46 -43.01 -74.99
C ILE A 626 31.41 -41.84 -75.95
N LEU A 627 30.19 -41.53 -76.38
CA LEU A 627 29.96 -40.34 -77.20
C LEU A 627 30.56 -39.15 -76.50
N ASP A 628 30.63 -39.23 -75.19
CA ASP A 628 31.06 -38.12 -74.37
C ASP A 628 32.40 -38.45 -73.69
N MET A 629 33.33 -39.06 -74.42
CA MET A 629 34.60 -39.47 -73.85
C MET A 629 35.72 -38.74 -74.53
N ARG A 630 36.51 -38.01 -73.74
CA ARG A 630 37.64 -37.26 -74.26
C ARG A 630 38.68 -38.22 -74.84
N LEU A 631 39.54 -37.71 -75.72
CA LEU A 631 40.56 -38.54 -76.34
C LEU A 631 41.57 -39.03 -75.31
N ARG A 632 41.94 -38.16 -74.37
CA ARG A 632 42.82 -38.50 -73.25
C ARG A 632 42.89 -39.98 -72.87
N ARG A 633 41.75 -40.65 -72.92
CA ARG A 633 41.66 -42.04 -72.52
C ARG A 633 41.91 -43.06 -73.63
N LEU A 634 42.82 -42.73 -74.55
CA LEU A 634 43.22 -43.64 -75.63
C LEU A 634 44.60 -44.20 -75.32
N THR A 635 45.30 -43.46 -74.47
CA THR A 635 46.61 -43.85 -73.98
C THR A 635 46.68 -45.20 -73.26
N GLY A 636 47.86 -45.49 -72.73
CA GLY A 636 48.09 -46.68 -71.94
C GLY A 636 47.43 -46.55 -70.60
N LEU A 637 48.04 -45.76 -69.71
CA LEU A 637 47.51 -45.56 -68.37
C LEU A 637 45.99 -45.38 -68.27
N GLU A 638 45.46 -44.37 -68.95
CA GLU A 638 44.04 -44.03 -68.83
C GLU A 638 43.13 -45.19 -69.13
N ARG A 639 43.68 -46.20 -69.81
CA ARG A 639 42.96 -47.42 -70.17
C ARG A 639 43.04 -48.44 -69.05
N ASP A 640 43.96 -48.22 -68.12
CA ASP A 640 44.16 -49.12 -67.01
C ASP A 640 43.72 -48.49 -65.70
N LYS A 641 43.47 -47.18 -65.74
CA LYS A 641 42.85 -46.47 -64.63
C LYS A 641 41.37 -46.81 -64.60
N ILE A 642 40.84 -47.10 -65.77
CA ILE A 642 39.50 -47.63 -65.92
C ILE A 642 39.46 -49.01 -65.35
N GLU A 643 40.32 -49.84 -65.91
CA GLU A 643 40.46 -51.20 -65.45
C GLU A 643 40.55 -51.25 -63.94
N ALA A 644 41.51 -50.53 -63.38
CA ALA A 644 41.75 -50.56 -61.95
C ALA A 644 40.52 -50.11 -61.18
N GLU A 645 39.73 -49.26 -61.79
CA GLU A 645 38.58 -48.73 -61.10
C GLU A 645 37.40 -49.70 -61.16
N TYR A 646 37.31 -50.42 -62.27
CA TYR A 646 36.22 -51.37 -62.49
C TYR A 646 36.27 -52.53 -61.53
N ASN A 647 37.44 -53.12 -61.37
CA ASN A 647 37.58 -54.26 -60.49
C ASN A 647 37.14 -53.92 -59.07
N GLU A 648 37.61 -52.79 -58.56
CA GLU A 648 37.39 -52.45 -57.15
C GLU A 648 35.93 -52.15 -56.86
N LEU A 649 35.22 -51.65 -57.86
CA LEU A 649 33.79 -51.41 -57.73
C LEU A 649 33.06 -52.72 -57.55
N LEU A 650 33.72 -53.81 -57.93
CA LEU A 650 33.13 -55.12 -57.74
C LEU A 650 33.30 -55.53 -56.28
N ASN A 651 34.44 -55.19 -55.69
CA ASN A 651 34.72 -55.53 -54.30
C ASN A 651 33.89 -54.69 -53.33
N TYR A 652 33.51 -53.50 -53.78
CA TYR A 652 32.60 -52.66 -53.03
C TYR A 652 31.19 -53.27 -53.06
N ILE A 653 30.63 -53.43 -54.25
CA ILE A 653 29.28 -54.00 -54.39
C ILE A 653 29.20 -55.35 -53.69
N SER A 654 30.31 -56.08 -53.74
CA SER A 654 30.50 -57.23 -52.88
C SER A 654 30.05 -56.88 -51.46
N GLU A 655 30.74 -55.90 -50.85
CA GLU A 655 30.49 -55.46 -49.47
C GLU A 655 29.05 -55.04 -49.22
N LEU A 656 28.58 -54.07 -50.00
CA LEU A 656 27.23 -53.52 -49.84
C LEU A 656 26.16 -54.62 -49.95
N GLU A 657 26.16 -55.35 -51.07
CA GLU A 657 25.25 -56.48 -51.27
C GLU A 657 25.34 -57.44 -50.11
N THR A 658 26.41 -57.30 -49.33
CA THR A 658 26.63 -58.14 -48.18
C THR A 658 25.99 -57.47 -46.98
N ILE A 659 26.22 -56.17 -46.84
CA ILE A 659 25.71 -55.40 -45.72
C ILE A 659 24.18 -55.27 -45.80
N LEU A 660 23.67 -55.08 -47.02
CA LEU A 660 22.22 -55.07 -47.22
C LEU A 660 21.63 -56.42 -46.82
N ALA A 661 22.02 -57.46 -47.55
CA ALA A 661 21.51 -58.80 -47.37
C ALA A 661 21.73 -59.41 -45.96
N ASP A 662 21.68 -58.61 -44.89
CA ASP A 662 21.83 -59.13 -43.53
C ASP A 662 21.49 -58.07 -42.47
N GLU A 663 20.52 -58.41 -41.61
CA GLU A 663 20.04 -57.52 -40.52
C GLU A 663 21.15 -57.25 -39.49
N GLU A 664 22.18 -58.09 -39.54
CA GLU A 664 23.24 -58.14 -38.54
C GLU A 664 24.55 -57.43 -38.94
N VAL A 665 24.94 -57.49 -40.21
CA VAL A 665 26.13 -56.74 -40.63
C VAL A 665 25.80 -55.26 -40.63
N LEU A 666 24.61 -54.95 -41.14
CA LEU A 666 24.08 -53.59 -41.09
C LEU A 666 24.11 -53.14 -39.65
N LEU A 667 23.95 -54.10 -38.76
CA LEU A 667 23.98 -53.82 -37.33
C LEU A 667 25.39 -53.67 -36.75
N GLN A 668 26.38 -54.36 -37.31
CA GLN A 668 27.73 -54.19 -36.76
C GLN A 668 28.49 -53.04 -37.43
N LEU A 669 28.08 -52.67 -38.63
CA LEU A 669 28.65 -51.50 -39.31
C LEU A 669 28.42 -50.24 -38.49
N VAL A 670 27.18 -50.13 -38.00
CA VAL A 670 26.73 -49.17 -37.00
C VAL A 670 27.58 -49.23 -35.74
N ARG A 671 27.62 -50.41 -35.13
CA ARG A 671 28.38 -50.52 -33.90
C ARG A 671 29.78 -49.98 -34.07
N ASP A 672 30.47 -50.46 -35.11
CA ASP A 672 31.81 -50.01 -35.37
C ASP A 672 31.76 -48.49 -35.54
N GLU A 673 30.94 -48.02 -36.46
CA GLU A 673 30.89 -46.60 -36.83
C GLU A 673 30.67 -45.68 -35.64
N LEU A 674 29.94 -46.16 -34.63
CA LEU A 674 29.72 -45.41 -33.39
C LEU A 674 30.86 -45.63 -32.44
N THR A 675 31.46 -46.82 -32.55
CA THR A 675 32.53 -47.23 -31.65
C THR A 675 33.76 -46.41 -31.98
N GLU A 676 33.76 -45.83 -33.17
CA GLU A 676 34.80 -44.91 -33.61
C GLU A 676 34.53 -43.45 -33.25
N ILE A 677 33.26 -43.07 -33.15
CA ILE A 677 32.93 -41.72 -32.65
C ILE A 677 33.43 -41.56 -31.22
N ARG A 678 32.77 -42.26 -30.31
CA ARG A 678 33.22 -42.41 -28.93
C ARG A 678 34.72 -42.46 -28.86
N ASP A 679 35.33 -43.28 -29.73
CA ASP A 679 36.78 -43.39 -29.80
C ASP A 679 37.46 -42.05 -30.07
N ARG A 680 36.74 -41.14 -30.70
CA ARG A 680 37.38 -39.99 -31.28
C ARG A 680 36.97 -38.68 -30.65
N PHE A 681 35.71 -38.61 -30.25
CA PHE A 681 35.15 -37.40 -29.67
C PHE A 681 34.79 -37.60 -28.21
N GLY A 682 35.22 -38.69 -27.61
CA GLY A 682 34.71 -39.04 -26.30
C GLY A 682 35.63 -38.59 -25.17
N ASP A 683 35.05 -38.15 -24.07
CA ASP A 683 35.83 -37.53 -23.00
C ASP A 683 35.46 -37.95 -21.56
N ASP A 684 36.27 -37.56 -20.59
CA ASP A 684 36.04 -37.88 -19.19
C ASP A 684 34.68 -37.39 -18.68
N ARG A 685 34.35 -37.68 -17.42
CA ARG A 685 33.21 -37.10 -16.74
C ARG A 685 33.59 -35.87 -15.92
N ARG A 686 32.77 -34.82 -15.97
CA ARG A 686 32.99 -33.58 -15.21
C ARG A 686 32.11 -33.45 -13.95
N THR A 687 30.91 -34.01 -13.98
CA THR A 687 30.03 -33.95 -12.83
C THR A 687 30.28 -35.14 -11.93
N GLU A 688 30.52 -34.88 -10.64
CA GLU A 688 30.82 -35.95 -9.69
C GLU A 688 29.60 -36.47 -8.94
N ILE A 689 29.39 -37.78 -9.04
CA ILE A 689 28.20 -38.40 -8.48
C ILE A 689 28.41 -39.02 -7.09
N GLN A 690 27.96 -38.29 -6.07
CA GLN A 690 28.14 -38.67 -4.67
C GLN A 690 26.86 -39.23 -4.04
N LEU A 691 27.04 -40.05 -3.01
CA LEU A 691 25.92 -40.61 -2.26
C LEU A 691 26.22 -40.68 -0.77
N GLY A 692 25.41 -41.47 -0.05
CA GLY A 692 25.51 -41.57 1.39
C GLY A 692 24.31 -40.90 2.05
N LYS B 9 24.78 2.89 -16.41
CA LYS B 9 25.75 3.01 -17.50
C LYS B 9 27.21 2.63 -17.06
N LEU B 10 27.94 3.58 -16.49
CA LEU B 10 29.27 3.36 -15.89
C LEU B 10 29.42 2.05 -15.10
N ALA B 11 30.60 1.44 -15.15
CA ALA B 11 30.94 0.43 -14.16
C ALA B 11 32.23 0.88 -13.43
N ASP B 12 32.11 1.09 -12.11
CA ASP B 12 33.15 1.68 -11.25
C ASP B 12 34.07 0.66 -10.55
N CYS B 13 35.10 1.17 -9.84
CA CYS B 13 36.13 0.33 -9.22
C CYS B 13 36.17 0.41 -7.69
N SER B 14 36.62 -0.66 -7.05
CA SER B 14 36.70 -0.73 -5.59
C SER B 14 37.64 0.31 -4.96
N SER B 15 38.86 0.39 -5.49
CA SER B 15 39.87 1.36 -5.04
C SER B 15 39.37 2.82 -5.17
N LYS B 16 38.90 3.38 -4.05
CA LYS B 16 38.33 4.75 -4.03
C LYS B 16 39.39 5.83 -3.78
N SER B 17 40.65 5.42 -3.79
CA SER B 17 41.77 6.35 -3.84
C SER B 17 42.27 6.40 -5.29
N PRO B 18 41.93 7.49 -6.00
CA PRO B 18 42.19 7.77 -7.42
C PRO B 18 43.50 7.18 -7.95
N GLU B 19 44.62 7.50 -7.32
CA GLU B 19 45.96 7.00 -7.68
C GLU B 19 45.97 5.72 -8.54
N GLU B 20 45.80 4.56 -7.89
CA GLU B 20 45.71 3.25 -8.58
C GLU B 20 44.41 3.05 -9.37
N CYS B 21 43.91 4.11 -9.99
CA CYS B 21 42.68 4.02 -10.79
C CYS B 21 42.75 4.68 -12.17
N GLU B 22 41.61 4.67 -12.85
CA GLU B 22 41.57 5.11 -14.23
C GLU B 22 40.28 4.69 -14.89
N ILE B 23 39.76 5.51 -15.78
CA ILE B 23 38.53 5.18 -16.47
C ILE B 23 38.80 4.98 -17.94
N PHE B 24 38.09 4.04 -18.54
CA PHE B 24 38.19 3.82 -19.97
C PHE B 24 36.93 4.33 -20.65
N LEU B 25 37.10 5.25 -21.60
CA LEU B 25 35.99 5.68 -22.43
C LEU B 25 36.01 4.85 -23.71
N VAL B 26 35.21 3.78 -23.76
CA VAL B 26 35.28 2.83 -24.89
C VAL B 26 34.12 2.97 -25.92
N GLU B 27 34.47 2.98 -27.21
CA GLU B 27 33.56 3.41 -28.27
C GLU B 27 32.08 2.95 -28.21
N GLY B 28 31.74 1.77 -28.73
CA GLY B 28 30.37 1.24 -28.69
C GLY B 28 29.90 0.55 -27.41
N ASP B 29 28.79 -0.17 -27.53
CA ASP B 29 28.29 -1.04 -26.47
C ASP B 29 28.79 -2.47 -26.77
N SER B 30 28.80 -2.86 -28.06
CA SER B 30 29.30 -4.17 -28.46
C SER B 30 30.71 -4.40 -27.92
N ALA B 31 31.53 -3.36 -28.01
CA ALA B 31 32.86 -3.40 -27.43
C ALA B 31 32.85 -3.00 -25.95
N GLY B 32 31.75 -2.43 -25.44
CA GLY B 32 31.66 -2.00 -24.05
C GLY B 32 31.49 -3.09 -22.99
N GLY B 33 30.66 -4.08 -23.27
CA GLY B 33 30.46 -5.22 -22.37
C GLY B 33 31.39 -6.38 -22.67
N SER B 34 32.15 -6.28 -23.75
CA SER B 34 33.31 -7.13 -23.96
C SER B 34 34.27 -6.71 -22.87
N THR B 35 34.66 -5.44 -22.94
CA THR B 35 35.56 -4.81 -21.98
C THR B 35 35.11 -5.03 -20.51
N LYS B 36 33.85 -5.41 -20.30
CA LYS B 36 33.31 -5.65 -18.95
C LYS B 36 33.59 -7.06 -18.45
N SER B 37 34.56 -7.73 -19.07
CA SER B 37 35.09 -8.93 -18.43
C SER B 37 36.62 -9.04 -18.54
N GLY B 38 37.20 -8.34 -19.52
CA GLY B 38 38.64 -8.26 -19.60
C GLY B 38 39.24 -7.48 -18.46
N ARG B 39 38.56 -6.39 -18.09
CA ARG B 39 39.03 -5.39 -17.11
C ARG B 39 39.29 -5.83 -15.64
N ASP B 40 40.36 -5.34 -15.03
CA ASP B 40 40.58 -5.59 -13.61
C ASP B 40 39.37 -5.07 -12.86
N SER B 41 39.05 -5.73 -11.76
CA SER B 41 37.80 -5.51 -11.06
C SER B 41 37.97 -4.57 -9.86
N ARG B 42 39.13 -3.94 -9.77
CA ARG B 42 39.39 -3.09 -8.62
C ARG B 42 40.32 -1.92 -8.93
N THR B 43 40.59 -1.66 -10.20
CA THR B 43 41.48 -0.55 -10.60
C THR B 43 41.17 0.04 -11.98
N GLN B 44 40.07 -0.42 -12.58
CA GLN B 44 39.70 -0.11 -13.98
C GLN B 44 38.18 0.12 -14.16
N ALA B 45 37.78 1.38 -14.34
CA ALA B 45 36.37 1.76 -14.57
C ALA B 45 36.03 2.05 -16.05
N ILE B 46 34.93 1.47 -16.54
CA ILE B 46 34.53 1.58 -17.95
C ILE B 46 33.35 2.49 -18.15
N LEU B 47 33.50 3.44 -19.06
CA LEU B 47 32.36 4.24 -19.48
C LEU B 47 32.12 4.12 -20.98
N PRO B 48 31.20 3.22 -21.35
CA PRO B 48 30.70 3.06 -22.71
C PRO B 48 29.98 4.32 -23.19
N LEU B 49 30.55 4.94 -24.21
CA LEU B 49 29.86 6.01 -24.93
C LEU B 49 28.94 5.32 -25.94
N ARG B 50 27.76 5.87 -26.15
CA ARG B 50 26.72 5.14 -26.87
C ARG B 50 26.68 5.48 -28.36
N GLY B 51 27.67 6.26 -28.80
CA GLY B 51 27.73 6.71 -30.18
C GLY B 51 28.32 8.09 -30.29
N LYS B 52 28.69 8.49 -31.52
CA LYS B 52 29.41 9.75 -31.77
C LYS B 52 28.84 10.92 -30.95
N ILE B 53 29.69 11.51 -30.10
CA ILE B 53 29.25 12.51 -29.10
C ILE B 53 29.04 13.95 -29.61
N LEU B 54 28.63 14.83 -28.70
CA LEU B 54 28.37 16.22 -29.06
C LEU B 54 29.67 16.93 -29.38
N ASN B 55 29.59 17.89 -30.29
CA ASN B 55 30.71 18.77 -30.56
C ASN B 55 30.57 19.94 -29.60
N VAL B 56 31.61 20.20 -28.82
CA VAL B 56 31.53 21.24 -27.82
C VAL B 56 31.99 22.60 -28.35
N GLU B 57 32.44 22.66 -29.59
CA GLU B 57 32.86 23.95 -30.16
C GLU B 57 31.87 24.47 -31.21
N LYS B 58 30.71 23.83 -31.29
CA LYS B 58 29.69 24.15 -32.30
C LYS B 58 28.40 24.58 -31.63
N ALA B 59 28.14 23.96 -30.48
CA ALA B 59 26.93 24.16 -29.71
C ALA B 59 27.25 24.88 -28.41
N ARG B 60 26.38 25.80 -28.03
CA ARG B 60 26.65 26.68 -26.90
C ARG B 60 26.43 25.95 -25.56
N LEU B 61 26.86 26.58 -24.47
CA LEU B 61 27.02 25.94 -23.16
C LEU B 61 25.78 25.35 -22.49
N ASP B 62 24.58 25.78 -22.85
CA ASP B 62 23.39 25.09 -22.31
C ASP B 62 23.16 23.72 -22.96
N ARG B 63 23.40 23.62 -24.28
CA ARG B 63 23.41 22.35 -25.00
C ARG B 63 24.45 21.37 -24.41
N ILE B 64 25.73 21.72 -24.51
CA ILE B 64 26.80 20.92 -23.95
C ILE B 64 26.34 20.40 -22.60
N LEU B 65 25.90 21.32 -21.75
CA LEU B 65 25.49 20.97 -20.40
C LEU B 65 24.34 19.96 -20.37
N ASN B 66 23.96 19.42 -21.52
CA ASN B 66 22.83 18.49 -21.57
C ASN B 66 23.01 17.14 -22.22
N ASN B 67 23.57 17.09 -23.43
CA ASN B 67 23.76 15.79 -24.08
C ASN B 67 24.30 14.80 -23.06
N ASN B 68 23.55 13.72 -22.85
CA ASN B 68 23.81 12.82 -21.73
C ASN B 68 25.24 12.33 -21.61
N GLU B 69 25.87 12.00 -22.73
CA GLU B 69 27.25 11.54 -22.66
C GLU B 69 28.07 12.61 -21.93
N ILE B 70 27.81 13.87 -22.30
CA ILE B 70 28.50 15.04 -21.77
C ILE B 70 28.33 15.25 -20.25
N ARG B 71 27.10 15.18 -19.76
CA ARG B 71 26.84 15.15 -18.33
C ARG B 71 27.50 13.93 -17.72
N GLN B 72 27.17 12.74 -18.25
CA GLN B 72 27.61 11.45 -17.71
C GLN B 72 29.09 11.40 -17.41
N MET B 73 29.87 12.08 -18.23
CA MET B 73 31.30 12.05 -18.05
C MET B 73 31.73 12.93 -16.89
N ILE B 74 31.06 14.09 -16.75
CA ILE B 74 31.38 15.09 -15.70
C ILE B 74 31.36 14.53 -14.27
N THR B 75 30.19 14.03 -13.85
CA THR B 75 30.07 13.33 -12.57
C THR B 75 31.09 12.20 -12.48
N ALA B 76 31.03 11.28 -13.43
CA ALA B 76 32.01 10.18 -13.48
C ALA B 76 33.46 10.67 -13.51
N PHE B 77 33.67 11.96 -13.73
CA PHE B 77 35.01 12.52 -13.64
C PHE B 77 35.30 13.06 -12.25
N GLY B 78 34.25 13.66 -11.65
CA GLY B 78 34.31 14.18 -10.31
C GLY B 78 34.94 15.55 -10.24
N THR B 79 35.93 15.78 -11.10
CA THR B 79 36.69 17.02 -11.08
C THR B 79 35.80 18.25 -11.17
N GLY B 80 34.66 18.15 -11.84
CA GLY B 80 33.84 19.33 -12.10
C GLY B 80 34.48 20.18 -13.19
N ILE B 81 33.64 20.83 -13.99
CA ILE B 81 34.11 21.50 -15.21
C ILE B 81 34.40 22.99 -15.04
N GLY B 82 34.58 23.66 -16.18
CA GLY B 82 34.79 25.09 -16.24
C GLY B 82 35.72 25.59 -15.16
N GLY B 83 35.30 26.66 -14.50
CA GLY B 83 36.04 27.22 -13.37
C GLY B 83 35.55 26.74 -12.00
N ASP B 84 35.37 25.42 -11.86
CA ASP B 84 35.05 24.83 -10.56
C ASP B 84 35.87 23.54 -10.44
N PHE B 85 36.64 23.28 -11.49
CA PHE B 85 37.55 22.16 -11.64
C PHE B 85 38.58 22.03 -10.52
N ASP B 86 38.21 21.27 -9.49
CA ASP B 86 39.12 20.87 -8.42
C ASP B 86 39.74 19.53 -8.81
N LEU B 87 40.85 19.59 -9.53
CA LEU B 87 41.50 18.38 -10.03
C LEU B 87 41.89 17.43 -8.88
N ALA B 88 41.56 17.86 -7.66
CA ALA B 88 41.79 17.07 -6.46
C ALA B 88 40.80 15.90 -6.34
N LYS B 89 39.49 16.20 -6.41
CA LYS B 89 38.45 15.17 -6.37
C LYS B 89 38.50 14.27 -7.61
N ALA B 90 39.50 14.50 -8.47
CA ALA B 90 39.70 13.76 -9.71
C ALA B 90 39.69 12.25 -9.48
N ARG B 91 38.58 11.62 -9.85
CA ARG B 91 38.38 10.19 -9.61
C ARG B 91 39.44 9.29 -10.26
N TYR B 92 40.16 9.81 -11.26
CA TYR B 92 41.07 8.96 -12.04
C TYR B 92 42.35 9.70 -12.49
N HIS B 93 43.51 9.11 -12.21
CA HIS B 93 44.79 9.66 -12.66
C HIS B 93 45.18 9.19 -14.06
N LYS B 94 44.38 8.28 -14.61
CA LYS B 94 44.59 7.74 -15.93
C LYS B 94 43.24 7.50 -16.61
N ILE B 95 42.75 8.48 -17.35
CA ILE B 95 41.57 8.28 -18.19
C ILE B 95 41.95 7.86 -19.61
N VAL B 96 41.70 6.60 -19.92
CA VAL B 96 42.00 6.09 -21.25
C VAL B 96 40.85 6.39 -22.26
N ILE B 97 41.21 6.88 -23.45
CA ILE B 97 40.24 7.05 -24.54
C ILE B 97 40.40 5.92 -25.56
N MET B 98 39.58 4.89 -25.42
CA MET B 98 39.76 3.66 -26.19
C MET B 98 38.77 3.56 -27.35
N THR B 99 38.97 4.39 -28.37
CA THR B 99 38.13 4.44 -29.57
C THR B 99 38.54 3.39 -30.59
N ASP B 100 37.59 2.87 -31.36
CA ASP B 100 37.94 1.90 -32.37
C ASP B 100 39.04 2.46 -33.27
N ALA B 101 39.80 1.56 -33.88
CA ALA B 101 40.80 1.93 -34.86
C ALA B 101 40.24 1.89 -36.29
N ASP B 102 39.16 2.66 -36.49
CA ASP B 102 38.59 2.94 -37.82
C ASP B 102 38.67 4.45 -38.08
N VAL B 103 37.96 4.99 -39.07
CA VAL B 103 37.95 6.46 -39.22
C VAL B 103 36.98 7.08 -38.22
N ASP B 104 35.82 6.49 -38.06
CA ASP B 104 34.86 6.98 -37.08
C ASP B 104 35.35 6.70 -35.66
N GLY B 105 36.62 6.34 -35.55
CA GLY B 105 37.21 5.99 -34.27
C GLY B 105 38.21 7.05 -33.90
N ALA B 106 38.95 7.52 -34.89
CA ALA B 106 39.82 8.67 -34.72
C ALA B 106 38.91 9.88 -34.67
N HIS B 107 37.75 9.75 -35.30
CA HIS B 107 36.76 10.81 -35.34
C HIS B 107 36.06 11.00 -34.00
N ILE B 108 35.80 9.90 -33.32
CA ILE B 108 35.24 9.94 -32.00
C ILE B 108 36.28 10.51 -31.06
N ARG B 109 37.56 10.27 -31.40
CA ARG B 109 38.70 10.76 -30.63
C ARG B 109 38.74 12.28 -30.57
N THR B 110 38.90 12.89 -31.74
CA THR B 110 38.85 14.33 -31.85
C THR B 110 37.69 14.92 -31.04
N LEU B 111 36.54 14.25 -31.03
CA LEU B 111 35.34 14.77 -30.33
C LEU B 111 35.43 14.72 -28.80
N LEU B 112 36.17 13.74 -28.29
CA LEU B 112 36.39 13.64 -26.85
C LEU B 112 37.47 14.63 -26.45
N LEU B 113 38.51 14.73 -27.27
CA LEU B 113 39.58 15.71 -27.07
C LEU B 113 39.03 17.13 -27.01
N THR B 114 38.24 17.50 -28.02
CA THR B 114 37.60 18.81 -28.05
C THR B 114 36.84 19.11 -26.75
N PHE B 115 36.54 18.06 -25.99
CA PHE B 115 35.79 18.17 -24.76
C PHE B 115 36.75 18.23 -23.59
N PHE B 116 37.94 17.67 -23.81
CA PHE B 116 38.97 17.57 -22.77
C PHE B 116 40.03 18.66 -22.84
N TYR B 117 39.85 19.61 -23.75
CA TYR B 117 40.74 20.76 -23.79
C TYR B 117 40.04 22.04 -23.33
N ARG B 118 38.74 22.11 -23.60
CA ARG B 118 37.99 23.31 -23.23
C ARG B 118 37.25 23.15 -21.90
N PHE B 119 37.28 21.95 -21.32
CA PHE B 119 36.48 21.69 -20.13
C PHE B 119 37.19 20.86 -19.07
N MET B 120 38.42 20.50 -19.36
CA MET B 120 39.25 19.83 -18.37
C MET B 120 40.70 20.06 -18.76
N ARG B 121 40.96 21.25 -19.30
CA ARG B 121 42.27 21.64 -19.82
C ARG B 121 43.40 21.36 -18.84
N PRO B 122 43.17 21.67 -17.55
CA PRO B 122 44.10 21.26 -16.48
C PRO B 122 44.29 19.74 -16.41
N LEU B 123 43.29 18.97 -16.84
CA LEU B 123 43.38 17.52 -16.81
C LEU B 123 44.46 17.00 -17.74
N ILE B 124 44.53 17.58 -18.93
CA ILE B 124 45.51 17.17 -19.92
C ILE B 124 46.90 17.43 -19.42
N GLU B 125 47.09 18.64 -18.90
CA GLU B 125 48.32 19.01 -18.21
C GLU B 125 48.56 18.07 -17.03
N ALA B 126 47.53 17.87 -16.20
CA ALA B 126 47.63 17.02 -15.00
C ALA B 126 48.39 15.71 -15.19
N GLY B 127 48.07 14.98 -16.26
CA GLY B 127 48.73 13.71 -16.52
C GLY B 127 47.84 12.49 -16.35
N TYR B 128 46.63 12.59 -16.90
CA TYR B 128 45.62 11.56 -16.73
C TYR B 128 45.06 11.20 -18.09
N VAL B 129 45.29 12.07 -19.07
CA VAL B 129 44.74 11.88 -20.41
C VAL B 129 45.47 10.80 -21.21
N TYR B 130 44.74 9.78 -21.63
CA TYR B 130 45.41 8.67 -22.25
C TYR B 130 44.77 8.19 -23.55
N ILE B 131 45.48 7.32 -24.28
CA ILE B 131 45.04 6.81 -25.57
C ILE B 131 45.52 5.38 -25.81
N ALA B 132 44.85 4.42 -25.17
CA ALA B 132 45.15 3.00 -25.38
C ALA B 132 45.60 2.73 -26.81
N GLN B 133 46.30 1.63 -27.04
CA GLN B 133 46.83 1.29 -28.38
C GLN B 133 46.22 0.03 -28.95
N PRO B 134 44.95 0.09 -29.37
CA PRO B 134 44.20 -1.07 -29.85
C PRO B 134 44.91 -1.76 -31.01
N PRO B 135 44.96 -3.10 -30.97
CA PRO B 135 45.69 -3.90 -31.96
C PRO B 135 44.97 -3.99 -33.30
N THR B 136 45.65 -3.71 -34.41
CA THR B 136 45.00 -3.87 -35.71
C THR B 136 45.31 -5.23 -36.35
N LYS B 139 39.92 -6.05 -38.56
CA LYS B 139 39.89 -4.85 -37.74
C LYS B 139 38.60 -4.76 -36.92
N GLY B 140 38.30 -3.59 -36.40
CA GLY B 140 37.16 -3.42 -35.51
C GLY B 140 37.41 -3.60 -34.01
N LEU B 141 36.55 -2.97 -33.21
CA LEU B 141 36.64 -3.02 -31.75
C LEU B 141 35.81 -4.15 -31.14
N GLY B 142 34.50 -4.05 -31.30
CA GLY B 142 33.58 -4.99 -30.71
C GLY B 142 34.02 -6.42 -30.84
N GLU B 143 34.29 -6.85 -32.08
CA GLU B 143 34.55 -8.27 -32.39
C GLU B 143 35.79 -8.90 -31.74
N MET B 144 36.09 -8.49 -30.51
CA MET B 144 37.15 -9.10 -29.73
C MET B 144 36.54 -9.83 -28.54
N ASN B 145 37.32 -10.71 -27.94
CA ASN B 145 36.89 -11.44 -26.77
C ASN B 145 36.92 -10.52 -25.57
N ALA B 146 36.41 -11.01 -24.44
CA ALA B 146 36.43 -10.26 -23.20
C ALA B 146 37.87 -10.01 -22.76
N ASP B 147 38.67 -11.07 -22.67
CA ASP B 147 40.07 -10.92 -22.27
C ASP B 147 41.01 -10.66 -23.44
N GLN B 148 40.55 -10.98 -24.65
CA GLN B 148 41.24 -10.51 -25.84
C GLN B 148 41.26 -8.96 -25.79
N LEU B 149 40.39 -8.40 -24.94
CA LEU B 149 40.33 -6.96 -24.71
C LEU B 149 41.19 -6.50 -23.54
N TRP B 150 41.28 -7.35 -22.53
CA TRP B 150 42.20 -7.13 -21.42
C TRP B 150 43.66 -7.15 -21.91
N GLU B 151 44.05 -8.20 -22.65
CA GLU B 151 45.47 -8.47 -22.90
C GLU B 151 46.23 -7.50 -23.80
N THR B 152 45.54 -6.94 -24.80
CA THR B 152 46.21 -6.01 -25.70
C THR B 152 46.07 -4.52 -25.30
N THR B 153 45.13 -4.22 -24.40
CA THR B 153 44.70 -2.84 -24.20
C THR B 153 44.43 -2.40 -22.74
N MET B 154 43.82 -3.28 -21.94
CA MET B 154 43.55 -2.97 -20.53
C MET B 154 44.51 -3.65 -19.54
N ASN B 155 45.37 -4.53 -20.07
CA ASN B 155 46.35 -5.23 -19.25
C ASN B 155 47.63 -4.45 -19.06
N PRO B 156 47.80 -3.89 -17.87
CA PRO B 156 48.99 -3.11 -17.53
C PRO B 156 50.26 -3.85 -17.95
N GLU B 157 50.26 -5.16 -17.77
CA GLU B 157 51.42 -5.98 -18.08
C GLU B 157 51.87 -5.83 -19.54
N HIS B 158 50.92 -5.70 -20.45
CA HIS B 158 51.21 -5.72 -21.90
C HIS B 158 50.64 -4.56 -22.70
N ARG B 159 49.88 -3.68 -22.05
CA ARG B 159 49.07 -2.70 -22.77
C ARG B 159 49.90 -1.52 -23.20
N ALA B 160 49.67 -1.09 -24.43
CA ALA B 160 50.35 0.07 -25.01
C ALA B 160 49.40 1.27 -24.93
N LEU B 161 49.83 2.33 -24.24
CA LEU B 161 49.01 3.52 -24.03
C LEU B 161 49.56 4.79 -24.69
N LEU B 162 49.07 5.94 -24.26
CA LEU B 162 49.51 7.21 -24.79
C LEU B 162 49.02 8.31 -23.89
N GLN B 163 49.93 9.05 -23.27
CA GLN B 163 49.52 10.23 -22.53
C GLN B 163 49.59 11.46 -23.45
N VAL B 164 48.56 12.30 -23.35
CA VAL B 164 48.45 13.45 -24.24
C VAL B 164 49.13 14.69 -23.68
N LYS B 165 50.26 15.01 -24.29
CA LYS B 165 51.02 16.18 -23.90
C LYS B 165 50.39 17.35 -24.59
N LEU B 166 49.80 18.24 -23.81
CA LEU B 166 49.45 19.55 -24.33
C LEU B 166 50.71 20.40 -24.27
N GLU B 167 51.34 20.62 -25.42
CA GLU B 167 52.65 21.28 -25.43
C GLU B 167 52.55 22.80 -25.55
N ASP B 168 52.10 23.27 -26.70
CA ASP B 168 52.03 24.70 -26.98
C ASP B 168 50.57 25.17 -27.03
N ALA B 169 50.04 25.57 -25.89
CA ALA B 169 48.63 25.95 -25.75
C ALA B 169 48.27 27.04 -26.73
N ILE B 170 49.29 27.76 -27.16
CA ILE B 170 49.12 28.82 -28.13
C ILE B 170 48.74 28.20 -29.49
N GLU B 171 49.40 27.11 -29.86
CA GLU B 171 49.09 26.40 -31.10
C GLU B 171 47.74 25.67 -31.02
N ALA B 172 47.62 24.76 -30.07
CA ALA B 172 46.37 24.02 -29.85
C ALA B 172 45.15 24.96 -29.85
N ASP B 173 45.21 26.00 -29.01
CA ASP B 173 44.14 27.00 -28.96
C ASP B 173 43.67 27.41 -30.35
N GLN B 174 44.56 27.31 -31.33
CA GLN B 174 44.24 27.76 -32.68
C GLN B 174 43.77 26.64 -33.56
N THR B 175 44.29 25.44 -33.30
CA THR B 175 43.84 24.28 -34.05
C THR B 175 42.40 23.97 -33.66
N PHE B 176 42.18 23.73 -32.37
CA PHE B 176 40.86 23.32 -31.89
C PHE B 176 39.72 24.19 -32.44
N GLU B 177 40.03 25.44 -32.78
CA GLU B 177 39.00 26.30 -33.35
C GLU B 177 38.84 26.08 -34.85
N MET B 178 39.93 25.90 -35.56
CA MET B 178 39.82 25.63 -36.99
C MET B 178 39.03 24.36 -37.22
N LEU B 179 39.39 23.30 -36.49
CA LEU B 179 38.90 21.93 -36.75
C LEU B 179 37.45 21.67 -36.35
N MET B 180 37.11 21.90 -35.08
CA MET B 180 35.73 21.69 -34.65
C MET B 180 34.92 22.99 -34.60
N GLY B 181 35.43 24.04 -35.21
CA GLY B 181 34.77 25.35 -35.22
C GLY B 181 33.60 25.48 -36.19
N ASP B 182 32.96 26.64 -36.20
CA ASP B 182 31.74 26.83 -37.00
C ASP B 182 32.02 27.24 -38.43
N VAL B 183 33.29 27.54 -38.70
CA VAL B 183 33.77 27.93 -40.02
C VAL B 183 34.08 26.74 -40.94
N VAL B 184 33.07 26.06 -41.45
CA VAL B 184 33.30 24.92 -42.35
C VAL B 184 34.48 25.18 -43.29
N GLU B 185 34.57 26.40 -43.82
CA GLU B 185 35.51 26.76 -44.89
C GLU B 185 36.98 26.74 -44.47
N ASN B 186 37.25 27.02 -43.21
CA ASN B 186 38.58 26.87 -42.66
C ASN B 186 38.96 25.40 -42.67
N ARG B 187 38.02 24.58 -42.22
CA ARG B 187 38.21 23.15 -42.06
C ARG B 187 38.50 22.49 -43.40
N ARG B 188 37.99 23.10 -44.47
CA ARG B 188 38.26 22.58 -45.80
C ARG B 188 39.64 22.97 -46.30
N GLN B 189 39.95 24.27 -46.29
CA GLN B 189 41.24 24.73 -46.80
C GLN B 189 42.38 23.84 -46.28
N PHE B 190 42.30 23.45 -45.02
CA PHE B 190 43.32 22.59 -44.46
C PHE B 190 43.29 21.24 -45.15
N ILE B 191 42.13 20.58 -45.03
CA ILE B 191 41.81 19.37 -45.77
C ILE B 191 42.44 19.42 -47.17
N GLU B 192 41.88 20.22 -48.06
CA GLU B 192 42.33 20.26 -49.45
C GLU B 192 43.85 20.28 -49.58
N ASP B 193 44.52 21.12 -48.79
CA ASP B 193 45.98 21.23 -48.83
C ASP B 193 46.70 19.92 -48.53
N ASN B 194 46.29 19.25 -47.45
CA ASN B 194 46.87 17.97 -47.05
C ASN B 194 46.12 16.76 -47.63
N ALA B 195 45.87 16.81 -48.94
CA ALA B 195 45.15 15.76 -49.62
C ALA B 195 46.09 14.83 -50.41
N VAL B 196 46.70 13.89 -49.71
CA VAL B 196 47.58 12.94 -50.36
C VAL B 196 46.90 11.59 -50.48
N TYR B 197 46.80 11.09 -51.70
CA TYR B 197 46.13 9.82 -52.00
C TYR B 197 47.01 8.94 -52.90
N ASN B 211 56.38 7.13 -26.17
CA ASN B 211 55.30 6.77 -25.26
C ASN B 211 54.43 7.97 -24.92
N GLU B 212 54.61 9.06 -25.65
CA GLU B 212 53.83 10.28 -25.46
C GLU B 212 53.28 10.77 -26.80
N ARG B 213 52.17 11.51 -26.74
CA ARG B 213 51.50 12.00 -27.94
C ARG B 213 50.98 13.41 -27.73
N ASN B 214 51.52 14.35 -28.50
CA ASN B 214 51.11 15.74 -28.49
C ASN B 214 49.66 15.85 -28.93
N ILE B 215 48.85 16.52 -28.13
CA ILE B 215 47.44 16.73 -28.48
C ILE B 215 47.23 17.26 -29.91
N THR B 216 48.09 18.16 -30.36
CA THR B 216 47.93 18.68 -31.71
C THR B 216 48.47 17.69 -32.73
N SER B 217 49.57 17.03 -32.38
CA SER B 217 50.11 16.00 -33.26
C SER B 217 49.03 14.95 -33.53
N GLU B 218 47.98 14.96 -32.71
CA GLU B 218 46.90 13.98 -32.83
C GLU B 218 45.83 14.46 -33.81
N MET B 219 45.20 15.57 -33.46
CA MET B 219 44.12 16.15 -34.26
C MET B 219 44.43 16.22 -35.75
N ARG B 220 45.52 16.90 -36.09
CA ARG B 220 45.83 17.15 -37.49
C ARG B 220 45.85 15.85 -38.31
N GLU B 221 46.03 14.72 -37.65
CA GLU B 221 46.00 13.44 -38.35
C GLU B 221 44.67 12.74 -38.11
N SER B 222 44.31 12.56 -36.85
CA SER B 222 43.08 11.87 -36.46
C SER B 222 41.83 12.46 -37.07
N PHE B 223 41.93 13.66 -37.61
CA PHE B 223 40.77 14.22 -38.25
C PHE B 223 40.98 14.27 -39.73
N LEU B 224 42.23 14.38 -40.14
CA LEU B 224 42.55 14.45 -41.57
C LEU B 224 42.11 13.17 -42.27
N ASP B 225 42.44 12.03 -41.65
N ASP B 225 42.41 12.03 -41.65
CA ASP B 225 42.08 10.72 -42.18
CA ASP B 225 42.08 10.72 -42.20
C ASP B 225 40.57 10.57 -42.32
C ASP B 225 40.57 10.52 -42.30
N TYR B 226 39.84 11.14 -41.39
CA TYR B 226 38.38 11.05 -41.36
C TYR B 226 37.75 11.97 -42.38
N ALA B 227 38.10 13.25 -42.27
CA ALA B 227 37.66 14.26 -43.21
C ALA B 227 37.69 13.69 -44.61
N MET B 228 38.78 13.00 -44.93
CA MET B 228 39.03 12.45 -46.25
C MET B 228 38.13 11.27 -46.58
N SER B 229 38.18 10.26 -45.73
CA SER B 229 37.52 9.00 -45.99
C SER B 229 36.01 9.16 -46.07
N VAL B 230 35.51 10.23 -45.45
CA VAL B 230 34.12 10.60 -45.47
C VAL B 230 33.78 11.24 -46.80
N ILE B 231 34.64 12.17 -47.18
CA ILE B 231 34.56 12.81 -48.46
C ILE B 231 34.67 11.80 -49.61
N VAL B 232 35.61 10.86 -49.51
CA VAL B 232 35.98 9.99 -50.65
C VAL B 232 35.56 8.52 -50.59
N ALA B 233 34.82 8.15 -49.56
CA ALA B 233 34.41 6.76 -49.37
C ALA B 233 33.21 6.73 -48.47
N ARG B 234 32.37 7.75 -48.57
CA ARG B 234 31.13 7.81 -47.81
C ARG B 234 30.09 8.75 -48.40
N ALA B 235 30.26 10.04 -48.20
CA ALA B 235 29.22 11.03 -48.51
C ALA B 235 29.32 11.70 -49.89
N LEU B 236 30.05 11.10 -50.81
CA LEU B 236 30.17 11.70 -52.14
C LEU B 236 30.05 10.68 -53.27
N PRO B 237 29.17 10.97 -54.23
CA PRO B 237 28.83 10.07 -55.31
C PRO B 237 29.82 10.28 -56.42
N ASP B 238 30.42 9.18 -56.90
CA ASP B 238 31.38 9.25 -57.97
C ASP B 238 30.73 9.93 -59.17
N VAL B 239 31.54 10.37 -60.13
CA VAL B 239 31.04 11.16 -61.26
C VAL B 239 30.73 10.26 -62.44
N ARG B 240 31.21 9.02 -62.35
CA ARG B 240 31.08 8.06 -63.43
C ARG B 240 29.80 7.26 -63.26
N ASP B 241 29.65 6.57 -62.13
CA ASP B 241 28.44 5.82 -61.90
C ASP B 241 27.38 6.63 -61.16
N GLY B 242 27.74 7.81 -60.69
CA GLY B 242 26.82 8.63 -59.93
C GLY B 242 26.51 7.96 -58.61
N LEU B 243 27.34 7.01 -58.20
CA LEU B 243 27.04 6.22 -57.00
C LEU B 243 27.99 6.46 -55.82
N LYS B 244 27.44 6.46 -54.61
CA LYS B 244 28.25 6.42 -53.39
C LYS B 244 28.66 4.96 -53.18
N PRO B 245 29.61 4.68 -52.26
CA PRO B 245 29.97 3.28 -52.03
C PRO B 245 28.82 2.40 -51.53
N VAL B 246 28.24 2.69 -50.39
CA VAL B 246 27.10 1.93 -49.92
C VAL B 246 26.07 1.61 -51.02
N HIS B 247 26.10 2.30 -52.15
CA HIS B 247 25.18 1.95 -53.24
C HIS B 247 25.78 0.97 -54.23
N ARG B 248 27.00 1.25 -54.66
CA ARG B 248 27.68 0.36 -55.54
C ARG B 248 27.57 -1.02 -54.91
N ARG B 249 27.82 -1.09 -53.61
CA ARG B 249 27.89 -2.37 -52.92
C ARG B 249 26.53 -3.09 -52.79
N ILE B 250 25.42 -2.33 -52.83
CA ILE B 250 24.06 -2.91 -52.84
C ILE B 250 23.62 -3.34 -54.23
N LEU B 251 24.19 -2.70 -55.25
CA LEU B 251 23.80 -2.98 -56.63
C LEU B 251 24.75 -3.97 -57.30
N TYR B 252 25.89 -4.23 -56.65
CA TYR B 252 26.85 -5.21 -57.13
C TYR B 252 26.44 -6.53 -56.51
N GLY B 253 25.84 -6.43 -55.33
CA GLY B 253 25.37 -7.57 -54.57
C GLY B 253 24.06 -8.13 -55.10
N LEU B 254 23.19 -7.25 -55.57
CA LEU B 254 22.03 -7.71 -56.30
C LEU B 254 22.62 -8.37 -57.53
N ASN B 255 23.64 -7.73 -58.09
CA ASN B 255 24.27 -8.29 -59.25
C ASN B 255 24.74 -9.69 -58.96
N GLU B 256 25.70 -9.81 -58.04
CA GLU B 256 26.38 -11.08 -57.77
C GLU B 256 25.41 -12.15 -57.27
N GLN B 257 24.63 -11.83 -56.26
CA GLN B 257 23.65 -12.77 -55.73
C GLN B 257 22.62 -13.08 -56.80
N GLY B 258 22.87 -12.54 -57.97
CA GLY B 258 22.06 -12.84 -59.13
C GLY B 258 20.56 -12.70 -58.96
N MET B 259 20.11 -11.86 -58.02
CA MET B 259 18.68 -11.52 -57.92
C MET B 259 18.25 -10.57 -59.04
N THR B 260 18.36 -11.04 -60.29
CA THR B 260 18.04 -10.26 -61.48
C THR B 260 16.52 -10.17 -61.68
N PRO B 261 16.02 -9.11 -62.36
CA PRO B 261 14.58 -8.84 -62.51
C PRO B 261 13.69 -9.99 -63.00
N ASP B 262 14.22 -10.89 -63.84
CA ASP B 262 13.44 -12.04 -64.28
C ASP B 262 13.31 -13.09 -63.19
N LYS B 263 14.19 -13.05 -62.20
CA LYS B 263 14.12 -13.99 -61.09
C LYS B 263 13.17 -13.55 -59.98
N SER B 264 13.46 -13.97 -58.76
CA SER B 264 12.51 -13.83 -57.67
C SER B 264 13.06 -13.00 -56.51
N TYR B 265 12.18 -12.19 -55.91
CA TYR B 265 12.55 -11.27 -54.85
C TYR B 265 13.31 -12.03 -53.77
N LYS B 266 14.40 -11.47 -53.26
CA LYS B 266 15.02 -12.04 -52.07
C LYS B 266 14.57 -11.20 -50.90
N LYS B 267 14.53 -11.80 -49.72
CA LYS B 267 14.18 -11.01 -48.54
C LYS B 267 15.30 -10.00 -48.39
N SER B 268 15.01 -8.86 -47.76
CA SER B 268 16.00 -7.80 -47.68
C SER B 268 17.21 -8.17 -46.81
N ALA B 269 16.95 -8.59 -45.57
CA ALA B 269 17.99 -8.94 -44.58
C ALA B 269 18.97 -9.98 -45.07
N ARG B 270 18.73 -10.48 -46.28
CA ARG B 270 19.52 -11.56 -46.86
C ARG B 270 20.53 -10.90 -47.76
N ILE B 271 20.11 -9.83 -48.44
CA ILE B 271 21.03 -9.03 -49.25
C ILE B 271 21.90 -8.14 -48.36
N VAL B 272 21.28 -7.54 -47.35
CA VAL B 272 22.02 -6.83 -46.33
C VAL B 272 22.96 -7.80 -45.64
N GLY B 273 22.50 -9.03 -45.44
CA GLY B 273 23.33 -10.06 -44.84
C GLY B 273 24.59 -10.22 -45.67
N ASP B 274 24.38 -10.22 -46.98
CA ASP B 274 25.39 -10.51 -47.99
C ASP B 274 26.38 -9.37 -48.16
N VAL B 275 25.82 -8.17 -48.12
CA VAL B 275 26.50 -6.93 -48.45
C VAL B 275 27.31 -6.41 -47.29
N MET B 276 26.73 -6.53 -46.10
CA MET B 276 27.39 -6.19 -44.85
C MET B 276 28.58 -7.10 -44.66
N GLY B 277 28.34 -8.38 -44.83
CA GLY B 277 29.46 -9.29 -44.79
C GLY B 277 30.59 -8.83 -45.68
N LYS B 278 30.32 -8.88 -46.97
CA LYS B 278 31.41 -8.88 -47.94
C LYS B 278 32.15 -7.58 -48.23
N TYR B 279 31.50 -6.44 -48.06
CA TYR B 279 32.01 -5.21 -48.68
C TYR B 279 31.95 -3.98 -47.75
N HIS B 280 30.93 -3.98 -46.87
CA HIS B 280 30.54 -2.82 -46.09
C HIS B 280 30.28 -3.09 -44.58
N PRO B 281 31.34 -3.05 -43.77
CA PRO B 281 31.37 -3.46 -42.35
C PRO B 281 30.55 -2.57 -41.38
N HIS B 282 29.43 -2.03 -41.85
CA HIS B 282 28.78 -0.98 -41.08
C HIS B 282 27.42 -1.43 -40.59
N GLY B 283 26.69 -0.51 -39.94
CA GLY B 283 25.42 -0.85 -39.32
C GLY B 283 24.46 -1.47 -40.31
N ASP B 284 23.59 -2.37 -39.84
CA ASP B 284 22.57 -2.91 -40.72
C ASP B 284 21.73 -1.78 -41.29
N SER B 285 21.18 -0.98 -40.38
CA SER B 285 20.33 0.18 -40.69
C SER B 285 20.79 1.02 -41.87
N SER B 286 22.09 1.31 -41.88
CA SER B 286 22.71 2.13 -42.91
C SER B 286 22.58 1.54 -44.31
N ILE B 287 22.51 0.22 -44.40
CA ILE B 287 22.49 -0.47 -45.70
C ILE B 287 21.08 -0.75 -46.21
N TYR B 288 20.19 -1.12 -45.31
CA TYR B 288 18.81 -1.40 -45.68
C TYR B 288 18.07 -0.13 -46.08
N GLU B 289 17.99 0.80 -45.13
CA GLU B 289 17.35 2.06 -45.40
C GLU B 289 17.96 2.71 -46.64
N ALA B 290 19.19 2.35 -46.95
CA ALA B 290 19.84 2.87 -48.15
C ALA B 290 19.31 2.24 -49.45
N MET B 291 19.11 0.92 -49.45
CA MET B 291 18.59 0.20 -50.62
C MET B 291 17.11 0.43 -50.71
N VAL B 292 16.53 0.85 -49.59
CA VAL B 292 15.13 1.21 -49.49
C VAL B 292 14.78 2.45 -50.29
N ARG B 293 15.65 3.47 -50.20
CA ARG B 293 15.56 4.68 -51.01
C ARG B 293 15.59 4.33 -52.48
N MET B 294 16.59 3.56 -52.87
CA MET B 294 16.77 3.15 -54.26
C MET B 294 15.49 2.54 -54.79
N ALA B 295 14.54 2.33 -53.88
CA ALA B 295 13.32 1.57 -54.12
C ALA B 295 12.05 2.39 -54.14
N GLN B 296 12.14 3.71 -54.01
CA GLN B 296 10.94 4.52 -53.98
C GLN B 296 10.67 5.33 -55.25
N ASP B 297 9.53 5.05 -55.89
CA ASP B 297 9.14 5.75 -57.09
C ASP B 297 9.13 7.26 -56.93
N PHE B 298 9.14 7.73 -55.68
CA PHE B 298 9.12 9.16 -55.41
C PHE B 298 10.49 9.71 -55.01
N SER B 299 11.27 8.94 -54.25
CA SER B 299 12.66 9.33 -53.98
C SER B 299 13.49 9.36 -55.27
N TYR B 300 13.72 8.18 -55.86
CA TYR B 300 14.53 8.05 -57.08
C TYR B 300 13.78 8.29 -58.41
N ARG B 301 14.44 8.97 -59.36
CA ARG B 301 13.81 9.28 -60.65
C ARG B 301 13.70 8.02 -61.49
N TYR B 302 14.73 7.18 -61.39
CA TYR B 302 14.77 5.92 -62.11
C TYR B 302 15.24 4.84 -61.15
N PRO B 303 14.29 4.27 -60.40
CA PRO B 303 14.48 3.37 -59.26
C PRO B 303 15.33 2.12 -59.64
N LEU B 304 16.45 1.96 -58.94
CA LEU B 304 17.40 0.87 -59.26
C LEU B 304 17.09 -0.42 -58.48
N VAL B 305 15.89 -0.48 -57.89
CA VAL B 305 15.44 -1.61 -57.05
C VAL B 305 13.93 -1.92 -57.23
N ASP B 306 13.57 -3.20 -57.21
CA ASP B 306 12.18 -3.65 -57.31
C ASP B 306 11.71 -3.93 -55.89
N GLY B 307 10.92 -3.02 -55.33
CA GLY B 307 10.48 -3.18 -53.97
C GLY B 307 9.27 -4.08 -53.91
N GLN B 308 9.32 -5.08 -53.05
CA GLN B 308 8.14 -5.86 -52.75
C GLN B 308 7.91 -5.82 -51.26
N GLY B 309 6.73 -5.36 -50.86
CA GLY B 309 6.46 -5.19 -49.45
C GLY B 309 6.31 -3.73 -49.08
N ASN B 310 5.93 -3.41 -47.84
CA ASN B 310 5.83 -2.00 -47.48
C ASN B 310 7.18 -1.32 -47.56
N PHE B 311 7.23 -0.28 -48.38
CA PHE B 311 8.41 0.51 -48.62
C PHE B 311 8.15 1.99 -48.43
N GLY B 312 7.49 2.35 -47.33
CA GLY B 312 7.32 3.74 -46.95
C GLY B 312 6.07 4.44 -47.47
N SER B 313 6.26 5.72 -47.81
CA SER B 313 5.24 6.57 -48.44
C SER B 313 5.71 8.02 -48.34
N MET B 314 4.97 8.94 -48.96
CA MET B 314 5.40 10.34 -49.00
C MET B 314 5.32 11.06 -47.66
N ASP B 315 4.60 10.50 -46.70
CA ASP B 315 4.41 11.15 -45.40
C ASP B 315 5.62 11.01 -44.49
N GLY B 316 6.71 10.48 -45.01
CA GLY B 316 7.92 10.29 -44.24
C GLY B 316 7.99 8.93 -43.58
N ASP B 317 6.92 8.15 -43.73
CA ASP B 317 6.89 6.80 -43.22
C ASP B 317 8.05 5.99 -43.80
N GLY B 318 8.55 5.01 -43.02
CA GLY B 318 9.65 4.16 -43.44
C GLY B 318 9.30 2.74 -43.82
N ALA B 319 10.10 2.16 -44.70
CA ALA B 319 9.88 0.79 -45.15
C ALA B 319 9.82 -0.10 -43.92
N ALA B 320 8.92 -1.08 -43.92
CA ALA B 320 8.89 -2.07 -42.85
C ALA B 320 10.31 -2.60 -42.65
N ALA B 321 10.61 -3.21 -41.50
CA ALA B 321 11.97 -3.67 -41.23
C ALA B 321 12.51 -4.67 -42.25
N MET B 322 13.84 -4.71 -42.40
CA MET B 322 14.50 -5.43 -43.49
C MET B 322 14.13 -6.90 -43.55
N ARG B 323 13.67 -7.42 -42.42
CA ARG B 323 13.24 -8.80 -42.35
C ARG B 323 11.88 -9.03 -43.05
N PHE B 324 11.12 -7.94 -43.23
CA PHE B 324 9.75 -7.99 -43.80
C PHE B 324 9.56 -7.49 -45.24
N THR B 325 10.63 -7.31 -46.00
CA THR B 325 10.46 -6.84 -47.35
C THR B 325 11.39 -7.55 -48.29
N GLU B 326 11.13 -7.37 -49.58
CA GLU B 326 11.97 -7.97 -50.58
C GLU B 326 12.32 -6.94 -51.62
N ALA B 327 13.48 -7.12 -52.22
CA ALA B 327 13.89 -6.29 -53.33
C ALA B 327 14.50 -7.19 -54.39
N ARG B 328 14.88 -6.61 -55.52
CA ARG B 328 15.66 -7.28 -56.57
C ARG B 328 15.90 -6.28 -57.72
N MET B 329 16.99 -6.42 -58.45
CA MET B 329 17.28 -5.50 -59.54
C MET B 329 16.06 -4.91 -60.27
N THR B 330 16.32 -3.86 -61.03
CA THR B 330 15.34 -3.38 -61.99
C THR B 330 15.97 -3.41 -63.36
N LYS B 331 15.13 -3.49 -64.37
CA LYS B 331 15.58 -3.65 -65.74
C LYS B 331 16.62 -2.59 -66.09
N ILE B 332 16.41 -1.39 -65.57
CA ILE B 332 17.33 -0.29 -65.81
C ILE B 332 18.60 -0.42 -65.00
N THR B 333 18.60 -1.32 -64.02
CA THR B 333 19.77 -1.43 -63.18
C THR B 333 20.82 -2.23 -63.88
N LEU B 334 20.37 -3.16 -64.73
CA LEU B 334 21.26 -3.96 -65.56
C LEU B 334 22.21 -3.08 -66.38
N GLU B 335 21.65 -2.01 -66.93
CA GLU B 335 22.39 -1.05 -67.72
C GLU B 335 23.46 -0.37 -66.89
N LEU B 336 23.29 -0.45 -65.57
CA LEU B 336 24.28 0.09 -64.64
C LEU B 336 25.47 -0.85 -64.55
N LEU B 337 25.15 -2.13 -64.70
CA LEU B 337 26.16 -3.21 -64.61
C LEU B 337 26.29 -4.06 -65.87
N ARG B 338 25.67 -3.66 -66.96
CA ARG B 338 25.85 -4.40 -68.19
C ARG B 338 27.29 -4.27 -68.65
N ASP B 339 27.83 -5.37 -69.19
CA ASP B 339 29.22 -5.42 -69.70
C ASP B 339 30.28 -5.34 -68.61
N ILE B 340 29.90 -5.67 -67.38
CA ILE B 340 30.79 -5.51 -66.24
C ILE B 340 31.84 -6.60 -66.21
N ASN B 341 31.42 -7.79 -66.67
CA ASN B 341 32.23 -9.00 -66.59
C ASN B 341 33.19 -9.12 -67.75
N LYS B 342 33.05 -8.20 -68.71
CA LYS B 342 33.92 -8.16 -69.86
C LYS B 342 35.16 -7.31 -69.57
N ASP B 343 35.49 -7.16 -68.29
CA ASP B 343 36.61 -6.30 -67.85
C ASP B 343 36.54 -4.83 -68.27
N THR B 344 35.43 -4.15 -68.00
CA THR B 344 35.30 -2.74 -68.34
C THR B 344 35.63 -1.78 -67.20
N ILE B 345 35.97 -2.35 -66.03
CA ILE B 345 36.22 -1.55 -64.83
C ILE B 345 37.13 -2.31 -63.86
N ASP B 346 37.89 -1.59 -63.04
CA ASP B 346 38.85 -2.24 -62.16
C ASP B 346 38.26 -2.71 -60.83
N PHE B 347 38.49 -3.99 -60.50
CA PHE B 347 38.11 -4.56 -59.20
C PHE B 347 39.22 -4.46 -58.17
N ILE B 348 38.85 -4.38 -56.91
CA ILE B 348 39.86 -4.25 -55.87
C ILE B 348 39.51 -5.24 -54.78
N ASP B 349 40.46 -5.60 -53.93
CA ASP B 349 40.07 -6.34 -52.74
C ASP B 349 39.11 -5.48 -51.92
N ASN B 350 38.24 -6.15 -51.18
CA ASN B 350 37.37 -5.46 -50.24
C ASN B 350 38.16 -5.01 -49.03
N TYR B 351 37.45 -4.88 -47.92
CA TYR B 351 37.93 -4.20 -46.71
C TYR B 351 38.99 -4.99 -45.93
N ASP B 352 38.83 -6.33 -45.91
CA ASP B 352 39.75 -7.23 -45.21
C ASP B 352 40.58 -8.09 -46.18
N GLY B 353 40.17 -8.10 -47.43
CA GLY B 353 40.95 -8.80 -48.44
C GLY B 353 40.60 -10.26 -48.56
N ASN B 354 39.31 -10.55 -48.58
CA ASN B 354 38.83 -11.89 -48.75
C ASN B 354 37.84 -11.91 -49.88
N GLU B 355 37.55 -10.73 -50.41
CA GLU B 355 36.64 -10.62 -51.55
C GLU B 355 37.05 -9.46 -52.45
N ARG B 356 36.41 -9.37 -53.62
CA ARG B 356 36.66 -8.30 -54.56
C ARG B 356 35.36 -7.52 -54.71
N GLU B 357 35.43 -6.34 -55.31
CA GLU B 357 34.26 -5.48 -55.56
C GLU B 357 34.64 -4.49 -56.65
N PRO B 358 33.64 -3.90 -57.35
CA PRO B 358 33.91 -2.96 -58.45
C PRO B 358 34.41 -1.65 -57.90
N SER B 359 35.39 -1.04 -58.55
CA SER B 359 35.79 0.29 -58.14
C SER B 359 34.73 1.26 -58.63
N VAL B 360 34.20 0.97 -59.82
CA VAL B 360 33.08 1.71 -60.40
C VAL B 360 32.32 0.83 -61.39
N LEU B 361 31.00 0.86 -61.37
CA LEU B 361 30.21 0.11 -62.33
C LEU B 361 30.19 0.82 -63.66
N PRO B 362 29.94 0.08 -64.74
CA PRO B 362 29.86 0.49 -66.14
C PRO B 362 29.01 1.75 -66.40
N ALA B 363 27.97 1.95 -65.61
CA ALA B 363 27.08 3.09 -65.81
C ALA B 363 26.93 3.42 -67.29
N ARG B 364 26.26 2.52 -67.99
CA ARG B 364 26.09 2.67 -69.42
C ARG B 364 25.05 3.75 -69.72
N PHE B 365 24.53 4.36 -68.67
CA PHE B 365 23.46 5.35 -68.78
C PHE B 365 23.56 6.48 -67.76
N PRO B 366 23.47 7.73 -68.23
CA PRO B 366 23.77 8.95 -67.46
C PRO B 366 23.19 8.95 -66.05
N ASN B 367 23.78 8.16 -65.15
CA ASN B 367 23.20 7.90 -63.84
C ASN B 367 23.30 9.04 -62.84
N LEU B 368 24.48 9.68 -62.78
CA LEU B 368 24.66 10.82 -61.89
C LEU B 368 23.51 11.82 -61.98
N LEU B 369 23.54 12.68 -62.99
CA LEU B 369 22.51 13.70 -63.18
C LEU B 369 21.08 13.12 -63.22
N ALA B 370 20.91 11.93 -63.78
CA ALA B 370 19.58 11.38 -63.97
C ALA B 370 18.87 11.37 -62.64
N ASN B 371 19.42 10.59 -61.72
CA ASN B 371 18.71 10.27 -60.44
C ASN B 371 19.02 11.37 -59.39
N GLY B 372 20.17 12.03 -59.55
CA GLY B 372 20.57 13.13 -58.67
C GLY B 372 21.38 12.56 -57.50
N ALA B 373 21.55 13.41 -56.49
CA ALA B 373 22.30 13.05 -55.29
C ALA B 373 22.28 14.10 -54.20
N SER B 374 22.52 13.61 -52.98
CA SER B 374 22.61 14.43 -51.78
C SER B 374 23.44 13.70 -50.70
N GLY B 375 24.39 14.42 -50.10
CA GLY B 375 25.24 13.90 -49.05
C GLY B 375 25.92 15.01 -48.29
N ILE B 376 26.16 14.84 -47.00
CA ILE B 376 26.82 15.84 -46.19
C ILE B 376 28.16 15.35 -45.64
N ALA B 377 29.22 16.00 -46.09
CA ALA B 377 30.57 15.47 -46.03
C ALA B 377 31.34 15.81 -44.77
N VAL B 378 32.52 16.36 -45.00
CA VAL B 378 33.36 16.97 -43.99
C VAL B 378 34.20 18.00 -44.71
N GLY B 379 33.69 19.22 -44.78
CA GLY B 379 34.36 20.29 -45.49
C GLY B 379 33.43 20.79 -46.60
N MET B 380 32.57 19.87 -47.00
CA MET B 380 31.73 20.08 -48.12
C MET B 380 30.44 19.30 -47.91
N ALA B 381 29.53 19.43 -48.87
CA ALA B 381 28.30 18.65 -49.01
C ALA B 381 27.93 18.77 -50.49
N THR B 382 27.19 17.80 -51.02
CA THR B 382 26.76 17.84 -52.42
C THR B 382 25.20 17.81 -52.53
N ASN B 383 24.66 18.43 -53.58
CA ASN B 383 23.22 18.39 -53.85
C ASN B 383 22.95 18.57 -55.36
N ILE B 384 22.64 17.47 -56.05
CA ILE B 384 22.36 17.41 -57.49
C ILE B 384 20.90 16.96 -57.77
N PRO B 385 20.20 17.64 -58.68
CA PRO B 385 18.79 17.33 -58.94
C PRO B 385 18.63 16.18 -59.93
N PRO B 386 17.45 15.58 -59.96
CA PRO B 386 17.17 14.50 -60.87
C PRO B 386 16.65 15.07 -62.18
N HIS B 387 17.25 14.67 -63.29
CA HIS B 387 16.93 15.24 -64.58
C HIS B 387 16.32 14.17 -65.46
N ASN B 388 15.63 14.57 -66.52
CA ASN B 388 14.96 13.61 -67.40
C ASN B 388 15.90 12.90 -68.37
N LEU B 389 16.11 11.60 -68.12
CA LEU B 389 17.03 10.75 -68.87
C LEU B 389 17.08 11.07 -70.35
N THR B 390 15.92 11.12 -70.97
CA THR B 390 15.86 11.38 -72.40
C THR B 390 16.60 12.68 -72.70
N GLU B 391 16.22 13.71 -71.95
CA GLU B 391 16.87 15.02 -72.05
C GLU B 391 18.37 14.86 -71.88
N LEU B 392 18.76 14.25 -70.78
CA LEU B 392 20.16 13.97 -70.50
C LEU B 392 20.87 13.20 -71.61
N ILE B 393 20.13 12.48 -72.43
CA ILE B 393 20.77 11.67 -73.46
C ILE B 393 21.16 12.50 -74.68
N ASN B 394 20.16 13.10 -75.32
CA ASN B 394 20.40 14.06 -76.38
C ASN B 394 21.57 14.93 -75.99
N GLY B 395 21.50 15.45 -74.77
CA GLY B 395 22.60 16.23 -74.21
C GLY B 395 23.94 15.60 -74.59
N VAL B 396 24.15 14.37 -74.13
CA VAL B 396 25.38 13.69 -74.44
C VAL B 396 25.49 13.47 -75.95
N LEU B 397 24.37 13.14 -76.58
CA LEU B 397 24.36 12.81 -78.01
C LEU B 397 25.00 13.99 -78.71
N SER B 398 24.39 15.15 -78.55
CA SER B 398 24.95 16.39 -79.05
C SER B 398 26.37 16.61 -78.54
N LEU B 399 26.62 16.26 -77.29
CA LEU B 399 27.93 16.47 -76.65
C LEU B 399 29.06 15.66 -77.24
N SER B 400 28.72 14.71 -78.10
CA SER B 400 29.73 13.86 -78.71
C SER B 400 30.26 14.56 -79.94
N LYS B 401 29.32 15.14 -80.67
CA LYS B 401 29.57 15.73 -81.96
C LYS B 401 30.24 17.09 -81.83
N ASN B 402 30.55 17.51 -80.61
CA ASN B 402 31.17 18.81 -80.41
C ASN B 402 31.83 18.96 -79.05
N PRO B 403 33.14 18.66 -78.97
CA PRO B 403 33.88 18.82 -77.70
C PRO B 403 33.89 20.28 -77.18
N ASP B 404 33.58 21.22 -78.07
CA ASP B 404 33.54 22.63 -77.71
C ASP B 404 32.11 23.16 -77.85
N ILE B 405 31.30 22.82 -76.86
CA ILE B 405 29.87 23.10 -76.84
C ILE B 405 29.57 24.01 -75.65
N SER B 406 28.54 24.85 -75.77
CA SER B 406 28.20 25.79 -74.69
C SER B 406 27.00 25.33 -73.85
N ILE B 407 27.05 25.57 -72.54
CA ILE B 407 25.97 25.13 -71.66
C ILE B 407 24.65 25.63 -72.20
N ALA B 408 24.58 26.92 -72.55
CA ALA B 408 23.35 27.50 -73.05
C ALA B 408 22.78 26.69 -74.22
N GLU B 409 23.63 25.85 -74.82
CA GLU B 409 23.23 24.93 -75.89
C GLU B 409 22.89 23.53 -75.37
N LEU B 410 23.73 23.01 -74.47
CA LEU B 410 23.45 21.75 -73.81
C LEU B 410 22.09 21.86 -73.16
N MET B 411 21.80 23.03 -72.61
CA MET B 411 20.52 23.27 -71.96
C MET B 411 19.41 23.39 -73.02
N GLU B 412 19.79 23.42 -74.29
CA GLU B 412 18.81 23.47 -75.37
C GLU B 412 18.21 22.09 -75.57
N ASP B 413 18.90 21.09 -75.04
CA ASP B 413 18.43 19.72 -75.07
C ASP B 413 17.94 19.30 -73.68
N ILE B 414 18.34 20.06 -72.67
CA ILE B 414 18.09 19.72 -71.27
C ILE B 414 17.34 20.80 -70.49
N GLU B 415 16.04 20.94 -70.70
CA GLU B 415 15.28 22.03 -70.06
C GLU B 415 15.65 22.34 -68.59
N GLY B 416 15.87 21.30 -67.78
CA GLY B 416 16.23 21.47 -66.39
C GLY B 416 16.11 20.14 -65.65
N PRO B 417 16.30 20.13 -64.31
CA PRO B 417 16.04 18.87 -63.62
C PRO B 417 14.61 18.45 -63.83
N ASP B 418 14.33 17.20 -63.52
CA ASP B 418 12.99 16.72 -63.55
C ASP B 418 12.88 15.93 -62.28
N PHE B 419 12.02 16.38 -61.40
CA PHE B 419 11.84 15.72 -60.13
C PHE B 419 10.82 14.63 -60.32
N PRO B 420 11.01 13.51 -59.61
CA PRO B 420 10.10 12.38 -59.52
C PRO B 420 8.76 12.83 -58.99
N THR B 421 8.77 13.88 -58.17
CA THR B 421 7.55 14.45 -57.61
C THR B 421 6.90 15.40 -58.59
N ALA B 422 7.37 15.41 -59.83
CA ALA B 422 6.95 16.41 -60.80
C ALA B 422 7.03 17.73 -60.10
N GLY B 423 5.87 18.35 -59.90
CA GLY B 423 5.77 19.64 -59.26
C GLY B 423 6.13 20.66 -60.30
N LEU B 424 6.49 21.88 -59.85
CA LEU B 424 6.89 22.97 -60.77
C LEU B 424 8.20 23.66 -60.40
N ILE B 425 8.80 24.23 -61.45
CA ILE B 425 10.06 24.93 -61.36
C ILE B 425 9.82 26.30 -61.96
N LEU B 426 10.54 27.30 -61.46
CA LEU B 426 10.29 28.72 -61.80
C LEU B 426 11.52 29.37 -62.45
N GLY B 427 11.33 29.94 -63.64
CA GLY B 427 12.40 30.61 -64.37
C GLY B 427 13.50 29.68 -64.86
N LYS B 428 13.99 29.96 -66.09
CA LYS B 428 15.13 29.25 -66.68
C LYS B 428 16.38 29.73 -65.98
N SER B 429 16.16 30.68 -65.06
CA SER B 429 17.21 31.50 -64.46
C SER B 429 17.89 30.89 -63.23
N GLY B 430 17.10 30.32 -62.33
CA GLY B 430 17.65 29.70 -61.15
C GLY B 430 18.37 28.46 -61.63
N ILE B 431 17.67 27.76 -62.52
CA ILE B 431 18.19 26.59 -63.23
C ILE B 431 19.55 26.82 -63.90
N ARG B 432 19.64 27.90 -64.66
CA ARG B 432 20.74 28.11 -65.59
C ARG B 432 22.06 28.49 -64.96
N ARG B 433 22.02 29.05 -63.76
CA ARG B 433 23.26 29.40 -63.10
C ARG B 433 23.91 28.13 -62.55
N ALA B 434 23.08 27.21 -62.07
CA ALA B 434 23.59 26.01 -61.41
C ALA B 434 24.52 25.33 -62.35
N TYR B 435 23.93 24.83 -63.44
CA TYR B 435 24.68 24.27 -64.56
C TYR B 435 25.92 25.13 -64.88
N GLU B 436 25.75 26.44 -65.02
CA GLU B 436 26.88 27.32 -65.33
C GLU B 436 28.11 27.12 -64.45
N THR B 437 27.99 27.54 -63.20
CA THR B 437 29.08 27.76 -62.27
C THR B 437 29.27 26.61 -61.30
N GLY B 438 28.23 25.80 -61.17
CA GLY B 438 28.26 24.62 -60.32
C GLY B 438 27.30 24.70 -59.15
N ARG B 439 27.17 25.91 -58.57
CA ARG B 439 26.22 26.16 -57.48
C ARG B 439 25.08 27.10 -57.95
N GLY B 440 23.92 26.96 -57.36
CA GLY B 440 22.76 27.66 -57.86
C GLY B 440 21.55 27.32 -57.01
N SER B 441 20.46 28.06 -57.25
CA SER B 441 19.24 27.89 -56.47
C SER B 441 18.00 27.79 -57.37
N ILE B 442 17.18 26.80 -57.08
CA ILE B 442 16.03 26.49 -57.89
C ILE B 442 14.80 26.57 -57.03
N GLN B 443 13.84 27.40 -57.39
CA GLN B 443 12.62 27.42 -56.61
C GLN B 443 11.58 26.42 -57.10
N MET B 444 11.26 25.46 -56.25
CA MET B 444 10.27 24.44 -56.55
C MET B 444 8.94 24.87 -55.94
N ARG B 445 7.84 24.54 -56.62
CA ARG B 445 6.50 24.95 -56.22
C ARG B 445 5.46 23.88 -56.57
N SER B 446 4.48 23.65 -55.69
CA SER B 446 3.45 22.62 -55.87
C SER B 446 2.45 22.86 -56.99
N ARG B 447 1.85 21.80 -57.52
CA ARG B 447 0.79 22.04 -58.48
C ARG B 447 -0.44 22.29 -57.69
N ALA B 448 -0.93 23.52 -57.77
CA ALA B 448 -2.14 23.94 -57.11
C ALA B 448 -3.14 24.48 -58.12
N VAL B 449 -4.41 24.30 -57.83
CA VAL B 449 -5.47 24.84 -58.65
C VAL B 449 -6.51 25.49 -57.76
N ILE B 450 -7.07 26.61 -58.24
CA ILE B 450 -8.27 27.17 -57.64
C ILE B 450 -9.48 26.79 -58.51
N GLU B 451 -10.54 26.36 -57.85
CA GLU B 451 -11.77 25.97 -58.52
C GLU B 451 -12.94 26.42 -57.66
N GLU B 452 -13.97 26.99 -58.31
CA GLU B 452 -15.13 27.53 -57.62
C GLU B 452 -16.18 26.46 -57.30
N ARG B 453 -16.54 26.33 -56.02
CA ARG B 453 -17.56 25.38 -55.58
C ARG B 453 -18.95 26.04 -55.58
N GLY B 454 -19.03 27.19 -56.25
CA GLY B 454 -20.28 27.88 -56.44
C GLY B 454 -20.75 28.51 -55.16
N GLY B 455 -22.00 28.99 -55.15
CA GLY B 455 -22.51 29.74 -54.03
C GLY B 455 -21.48 30.74 -53.53
N GLY B 456 -20.78 31.36 -54.49
CA GLY B 456 -19.71 32.28 -54.16
C GLY B 456 -18.64 31.67 -53.28
N ARG B 457 -18.34 30.38 -53.46
CA ARG B 457 -17.32 29.69 -52.66
C ARG B 457 -16.11 29.19 -53.50
N GLN B 458 -15.02 28.88 -52.79
CA GLN B 458 -13.74 28.48 -53.40
C GLN B 458 -13.11 27.28 -52.67
N ARG B 459 -12.16 26.59 -53.31
CA ARG B 459 -11.26 25.64 -52.61
C ARG B 459 -9.93 25.39 -53.31
N ILE B 460 -8.89 25.12 -52.51
CA ILE B 460 -7.49 25.05 -52.98
C ILE B 460 -6.93 23.63 -53.03
N VAL B 461 -6.68 23.14 -54.24
CA VAL B 461 -6.36 21.73 -54.43
C VAL B 461 -4.96 21.48 -55.02
N VAL B 462 -4.01 21.22 -54.13
CA VAL B 462 -2.69 20.84 -54.55
C VAL B 462 -2.81 19.43 -55.03
N THR B 463 -2.09 19.13 -56.13
CA THR B 463 -1.95 17.77 -56.66
C THR B 463 -0.50 17.36 -56.89
N GLU B 464 0.46 18.27 -56.75
CA GLU B 464 1.86 17.91 -56.88
C GLU B 464 2.75 18.77 -56.02
N ILE B 465 3.18 18.25 -54.89
CA ILE B 465 4.06 18.99 -54.01
C ILE B 465 5.48 18.96 -54.58
N PRO B 466 6.41 19.70 -53.96
CA PRO B 466 7.79 19.70 -54.47
C PRO B 466 8.62 18.52 -53.98
N PHE B 467 9.81 18.41 -54.54
CA PHE B 467 10.69 17.29 -54.24
C PHE B 467 11.43 17.34 -52.89
N GLN B 468 11.33 16.23 -52.15
CA GLN B 468 11.86 16.08 -50.79
C GLN B 468 11.00 16.77 -49.75
N VAL B 469 9.72 16.90 -50.06
CA VAL B 469 8.79 17.63 -49.21
C VAL B 469 7.80 16.68 -48.53
N ASN B 470 8.03 16.38 -47.26
CA ASN B 470 7.17 15.50 -46.48
C ASN B 470 5.70 15.93 -46.47
N LYS B 471 4.86 15.18 -47.18
CA LYS B 471 3.45 15.54 -47.40
C LYS B 471 2.70 16.01 -46.17
N ALA B 472 2.51 15.12 -45.20
CA ALA B 472 1.68 15.47 -44.04
C ALA B 472 2.32 16.49 -43.09
N ARG B 473 3.62 16.69 -43.19
CA ARG B 473 4.29 17.65 -42.32
C ARG B 473 4.20 19.04 -42.94
N MET B 474 3.77 19.10 -44.19
CA MET B 474 3.41 20.36 -44.80
C MET B 474 2.00 20.69 -44.37
N ILE B 475 1.22 19.63 -44.13
CA ILE B 475 -0.16 19.73 -43.64
C ILE B 475 -0.30 19.91 -42.12
N GLU B 476 0.56 19.25 -41.34
CA GLU B 476 0.65 19.60 -39.91
C GLU B 476 1.30 21.00 -39.83
N LYS B 477 1.83 21.45 -40.96
CA LYS B 477 2.46 22.76 -41.05
C LYS B 477 1.41 23.84 -41.35
N ILE B 478 0.35 23.46 -42.06
CA ILE B 478 -0.74 24.38 -42.36
C ILE B 478 -1.76 24.27 -41.23
N ALA B 479 -1.82 23.08 -40.62
CA ALA B 479 -2.64 22.81 -39.45
C ALA B 479 -2.17 23.71 -38.32
N GLU B 480 -0.85 23.76 -38.16
CA GLU B 480 -0.18 24.62 -37.19
C GLU B 480 -0.56 26.08 -37.38
N LEU B 481 -0.65 26.54 -38.63
CA LEU B 481 -0.95 27.93 -38.91
C LEU B 481 -2.39 28.29 -38.60
N VAL B 482 -3.31 27.45 -39.05
CA VAL B 482 -4.75 27.72 -38.93
C VAL B 482 -5.23 27.76 -37.47
N ARG B 483 -4.83 26.77 -36.69
CA ARG B 483 -5.14 26.76 -35.26
C ARG B 483 -4.37 27.86 -34.55
N ASP B 484 -3.25 28.28 -35.16
CA ASP B 484 -2.40 29.34 -34.59
C ASP B 484 -2.76 30.76 -35.08
N LYS B 485 -3.88 30.88 -35.81
CA LYS B 485 -4.34 32.17 -36.37
C LYS B 485 -3.22 33.03 -36.97
N LYS B 486 -2.32 32.39 -37.72
CA LYS B 486 -1.21 33.11 -38.37
C LYS B 486 -1.56 33.36 -39.83
N ILE B 487 -2.50 32.54 -40.31
CA ILE B 487 -3.10 32.72 -41.62
C ILE B 487 -4.57 32.37 -41.47
N ASP B 488 -5.40 32.85 -42.38
CA ASP B 488 -6.83 32.89 -42.14
C ASP B 488 -7.67 32.55 -43.36
N GLY B 489 -8.97 32.37 -43.14
CA GLY B 489 -9.92 32.15 -44.21
C GLY B 489 -9.94 30.74 -44.78
N ILE B 490 -9.37 29.79 -44.04
CA ILE B 490 -9.41 28.40 -44.45
C ILE B 490 -10.34 27.67 -43.51
N THR B 491 -11.36 27.03 -44.06
CA THR B 491 -12.31 26.29 -43.24
C THR B 491 -11.82 24.88 -42.90
N ASP B 492 -11.30 24.16 -43.88
CA ASP B 492 -10.84 22.80 -43.62
C ASP B 492 -9.71 22.34 -44.55
N LEU B 493 -8.98 21.34 -44.09
CA LEU B 493 -7.77 20.88 -44.75
C LEU B 493 -7.80 19.37 -44.72
N ARG B 494 -8.07 18.79 -45.89
CA ARG B 494 -8.15 17.35 -46.07
C ARG B 494 -7.03 16.86 -46.97
N ASP B 495 -6.41 15.74 -46.58
CA ASP B 495 -5.67 14.91 -47.53
C ASP B 495 -6.64 13.87 -48.05
N GLU B 496 -6.78 13.82 -49.37
CA GLU B 496 -7.66 12.87 -50.05
C GLU B 496 -6.85 12.07 -51.05
N THR B 497 -5.52 12.11 -50.92
CA THR B 497 -4.61 11.46 -51.87
C THR B 497 -4.84 9.94 -52.04
N SER B 498 -5.07 9.52 -53.28
CA SER B 498 -5.32 8.10 -53.57
C SER B 498 -4.37 7.58 -54.67
N LEU B 499 -3.93 6.33 -54.55
CA LEU B 499 -3.08 5.72 -55.57
C LEU B 499 -3.99 5.40 -56.75
N ARG B 500 -4.87 6.37 -57.02
CA ARG B 500 -5.82 6.35 -58.14
C ARG B 500 -5.95 7.76 -58.74
N THR B 501 -5.48 8.74 -57.98
CA THR B 501 -5.64 10.13 -58.37
C THR B 501 -4.29 10.79 -58.47
N GLY B 502 -3.33 10.24 -57.74
CA GLY B 502 -2.06 10.91 -57.54
C GLY B 502 -2.25 11.83 -56.35
N VAL B 503 -1.18 12.53 -55.97
CA VAL B 503 -1.23 13.41 -54.81
C VAL B 503 -2.37 14.40 -54.92
N ARG B 504 -2.89 14.85 -53.80
CA ARG B 504 -4.06 15.73 -53.81
C ARG B 504 -4.45 16.27 -52.44
N VAL B 505 -4.07 17.50 -52.14
CA VAL B 505 -4.45 18.16 -50.88
C VAL B 505 -5.55 19.21 -51.03
N VAL B 506 -6.76 18.87 -50.61
CA VAL B 506 -7.92 19.74 -50.77
C VAL B 506 -7.98 20.72 -49.62
N ILE B 507 -8.02 22.01 -49.93
CA ILE B 507 -8.12 23.03 -48.92
C ILE B 507 -9.42 23.79 -49.06
N ASP B 508 -10.27 23.71 -48.05
CA ASP B 508 -11.54 24.43 -48.05
C ASP B 508 -11.31 25.90 -47.69
N VAL B 509 -11.92 26.79 -48.48
CA VAL B 509 -11.82 28.24 -48.32
C VAL B 509 -13.16 28.85 -47.87
N ARG B 510 -13.11 29.86 -47.00
CA ARG B 510 -14.32 30.56 -46.54
C ARG B 510 -14.89 31.51 -47.60
N LYS B 511 -16.18 31.82 -47.50
CA LYS B 511 -16.80 32.73 -48.47
C LYS B 511 -16.20 34.11 -48.36
N ASP B 512 -16.38 34.89 -49.43
CA ASP B 512 -15.92 36.28 -49.45
C ASP B 512 -14.37 36.39 -49.33
N ALA B 513 -13.78 35.88 -48.24
CA ALA B 513 -12.33 35.88 -48.11
C ALA B 513 -11.63 35.39 -49.38
N ASN B 514 -10.57 36.09 -49.78
CA ASN B 514 -9.88 35.76 -51.03
C ASN B 514 -8.95 34.57 -50.86
N ALA B 515 -9.00 33.64 -51.81
CA ALA B 515 -8.29 32.36 -51.67
C ALA B 515 -6.87 32.46 -52.19
N SER B 516 -6.75 33.09 -53.35
CA SER B 516 -5.49 33.35 -54.03
C SER B 516 -4.56 34.04 -53.06
N VAL B 517 -5.11 34.99 -52.30
CA VAL B 517 -4.45 35.50 -51.13
C VAL B 517 -3.89 34.27 -50.39
N ILE B 518 -4.78 33.54 -49.74
CA ILE B 518 -4.40 32.41 -48.90
C ILE B 518 -3.49 31.43 -49.62
N LEU B 519 -3.55 31.43 -50.95
CA LEU B 519 -2.64 30.62 -51.75
C LEU B 519 -1.22 31.17 -51.67
N ASN B 520 -1.03 32.37 -52.21
CA ASN B 520 0.32 32.94 -52.29
C ASN B 520 0.95 33.27 -50.94
N ASN B 521 0.19 33.10 -49.87
CA ASN B 521 0.74 33.20 -48.53
C ASN B 521 1.13 31.82 -48.00
N LEU B 522 0.61 30.78 -48.64
CA LEU B 522 0.92 29.41 -48.27
C LEU B 522 2.20 29.00 -48.96
N TYR B 523 2.56 29.73 -50.01
CA TYR B 523 3.84 29.54 -50.66
C TYR B 523 4.91 30.14 -49.78
N LYS B 524 4.63 31.35 -49.28
CA LYS B 524 5.51 32.03 -48.36
C LYS B 524 5.69 31.22 -47.08
N GLN B 525 4.60 31.06 -46.34
CA GLN B 525 4.67 30.54 -44.98
C GLN B 525 4.88 29.03 -44.87
N THR B 526 4.53 28.28 -45.92
CA THR B 526 4.67 26.83 -45.88
C THR B 526 5.51 26.29 -47.05
N PRO B 527 5.95 25.01 -46.95
CA PRO B 527 6.74 24.24 -47.92
C PRO B 527 5.99 23.94 -49.19
N LEU B 528 4.74 24.34 -49.25
CA LEU B 528 4.03 24.34 -50.50
C LEU B 528 4.95 24.94 -51.57
N GLN B 529 5.96 25.68 -51.12
CA GLN B 529 7.00 26.16 -52.03
C GLN B 529 8.35 26.05 -51.35
N THR B 530 9.24 25.26 -51.95
CA THR B 530 10.56 24.99 -51.39
C THR B 530 11.60 25.06 -52.50
N SER B 531 12.87 25.01 -52.12
CA SER B 531 13.95 25.38 -53.02
C SER B 531 15.06 24.37 -52.99
N PHE B 532 15.45 23.93 -54.19
CA PHE B 532 16.54 22.99 -54.31
C PHE B 532 17.88 23.71 -54.41
N GLY B 533 18.74 23.47 -53.45
CA GLY B 533 20.01 24.19 -53.36
C GLY B 533 21.11 23.53 -54.14
N VAL B 534 21.03 23.60 -55.47
CA VAL B 534 22.00 22.92 -56.33
C VAL B 534 23.47 23.24 -55.99
N ASN B 535 24.25 22.19 -55.78
CA ASN B 535 25.64 22.29 -55.33
C ASN B 535 26.40 20.99 -55.61
N MET B 536 26.99 20.95 -56.81
CA MET B 536 27.50 19.72 -57.44
C MET B 536 28.97 19.35 -57.17
N ILE B 537 29.20 18.85 -55.95
CA ILE B 537 30.45 18.21 -55.53
C ILE B 537 30.43 16.67 -55.68
N ALA B 538 30.96 16.17 -56.81
CA ALA B 538 31.09 14.72 -57.14
C ALA B 538 32.54 14.29 -57.11
N LEU B 539 32.82 13.01 -56.86
CA LEU B 539 34.22 12.53 -56.81
C LEU B 539 34.87 12.29 -58.19
N VAL B 540 35.70 13.24 -58.61
CA VAL B 540 36.30 13.19 -59.94
C VAL B 540 37.81 13.00 -59.90
N ASN B 541 38.26 11.95 -60.58
CA ASN B 541 39.66 11.58 -60.61
C ASN B 541 40.14 11.25 -59.20
N GLY B 542 39.19 10.89 -58.34
CA GLY B 542 39.49 10.45 -56.99
C GLY B 542 39.21 11.48 -55.90
N ARG B 543 39.01 12.74 -56.28
CA ARG B 543 38.93 13.83 -55.30
C ARG B 543 37.57 14.50 -55.32
N PRO B 544 37.27 15.34 -54.30
CA PRO B 544 36.03 16.14 -54.29
C PRO B 544 36.13 17.30 -55.28
N LYS B 545 35.04 17.60 -55.99
CA LYS B 545 35.07 18.57 -57.11
C LYS B 545 33.74 19.24 -57.42
N LEU B 546 33.72 20.56 -57.48
CA LEU B 546 32.54 21.26 -57.97
C LEU B 546 32.59 21.36 -59.50
N ILE B 547 31.51 20.99 -60.15
CA ILE B 547 31.50 20.89 -61.61
C ILE B 547 30.25 21.49 -62.22
N ASN B 548 30.17 21.41 -63.53
CA ASN B 548 29.07 22.01 -64.25
C ASN B 548 28.37 20.99 -65.14
N LEU B 549 27.30 21.41 -65.80
CA LEU B 549 26.64 20.54 -66.75
C LEU B 549 27.65 20.03 -67.77
N LYS B 550 28.38 20.92 -68.43
CA LYS B 550 29.34 20.44 -69.39
C LYS B 550 30.22 19.43 -68.69
N GLU B 551 31.10 19.88 -67.80
CA GLU B 551 31.96 18.94 -67.07
C GLU B 551 31.25 17.61 -66.73
N ALA B 552 30.12 17.69 -66.03
CA ALA B 552 29.40 16.49 -65.62
C ALA B 552 29.24 15.43 -66.74
N LEU B 553 28.74 15.80 -67.92
CA LEU B 553 28.54 14.80 -68.94
C LEU B 553 29.90 14.36 -69.54
N VAL B 554 30.76 15.34 -69.79
CA VAL B 554 32.11 15.16 -70.33
C VAL B 554 32.87 14.01 -69.63
N HIS B 555 32.94 14.06 -68.31
CA HIS B 555 33.61 13.01 -67.55
C HIS B 555 32.82 11.71 -67.55
N TYR B 556 31.54 11.77 -67.92
CA TYR B 556 30.74 10.55 -67.99
C TYR B 556 30.88 9.98 -69.36
N LEU B 557 30.82 10.86 -70.34
CA LEU B 557 30.97 10.46 -71.73
C LEU B 557 32.34 9.85 -71.85
N GLU B 558 33.26 10.37 -71.05
CA GLU B 558 34.61 9.83 -70.98
C GLU B 558 34.58 8.40 -70.47
N HIS B 559 33.85 8.18 -69.38
CA HIS B 559 33.64 6.84 -68.84
C HIS B 559 32.72 6.02 -69.71
N GLN B 560 32.09 6.63 -70.69
CA GLN B 560 31.39 5.82 -71.65
C GLN B 560 32.31 5.37 -72.77
N LYS B 561 33.29 6.20 -73.09
CA LYS B 561 34.34 5.82 -74.02
C LYS B 561 35.25 4.78 -73.37
N THR B 562 35.53 4.97 -72.09
CA THR B 562 36.51 4.12 -71.41
C THR B 562 35.92 2.77 -70.96
N VAL B 563 34.59 2.63 -70.95
CA VAL B 563 34.02 1.28 -70.81
C VAL B 563 33.98 0.57 -72.14
N VAL B 564 33.08 1.02 -73.02
CA VAL B 564 32.78 0.37 -74.29
C VAL B 564 34.00 0.01 -75.13
N ARG B 565 35.12 0.67 -74.86
CA ARG B 565 36.38 0.35 -75.49
C ARG B 565 36.97 -0.90 -74.85
N ARG B 566 37.22 -0.82 -73.54
CA ARG B 566 37.86 -1.91 -72.80
C ARG B 566 37.13 -3.24 -72.98
N ARG B 567 35.84 -3.15 -73.25
CA ARG B 567 35.04 -4.32 -73.53
C ARG B 567 35.45 -4.87 -74.89
N THR B 568 35.13 -4.14 -75.95
CA THR B 568 35.53 -4.50 -77.32
C THR B 568 36.91 -5.18 -77.42
N GLN B 569 37.88 -4.76 -76.59
CA GLN B 569 39.19 -5.43 -76.53
C GLN B 569 39.19 -6.75 -75.78
N TYR B 570 38.40 -6.85 -74.72
CA TYR B 570 38.20 -8.12 -74.05
C TYR B 570 37.53 -9.12 -74.99
N ASN B 571 36.58 -8.63 -75.78
CA ASN B 571 35.95 -9.47 -76.78
C ASN B 571 36.99 -9.89 -77.83
N LEU B 572 37.86 -8.96 -78.20
CA LEU B 572 38.99 -9.28 -79.07
C LEU B 572 39.70 -10.45 -78.43
N ARG B 573 40.41 -10.18 -77.34
CA ARG B 573 41.12 -11.24 -76.62
C ARG B 573 40.30 -12.54 -76.58
N LYS B 574 39.07 -12.43 -76.09
CA LYS B 574 38.21 -13.61 -75.93
C LYS B 574 37.90 -14.24 -77.29
N ALA B 575 38.04 -13.44 -78.33
CA ALA B 575 37.74 -13.90 -79.67
C ALA B 575 38.91 -14.69 -80.27
N LYS B 576 40.08 -14.07 -80.37
CA LYS B 576 41.25 -14.75 -80.92
C LYS B 576 41.53 -16.03 -80.14
N ASP B 577 41.61 -15.91 -78.81
CA ASP B 577 41.79 -17.07 -77.93
C ASP B 577 41.02 -18.33 -78.35
N ARG B 578 39.79 -18.13 -78.84
CA ARG B 578 38.95 -19.23 -79.24
C ARG B 578 39.30 -19.70 -80.64
N ALA B 579 39.66 -18.77 -81.50
CA ALA B 579 39.98 -19.10 -82.88
C ALA B 579 41.34 -19.79 -83.00
N HIS B 580 42.15 -19.73 -81.96
CA HIS B 580 43.42 -20.45 -81.93
C HIS B 580 43.13 -21.88 -81.57
N ILE B 581 42.25 -22.06 -80.58
CA ILE B 581 41.88 -23.42 -80.13
C ILE B 581 41.15 -24.15 -81.27
N LEU B 582 40.34 -23.42 -82.01
CA LEU B 582 39.65 -23.91 -83.20
C LEU B 582 40.61 -24.30 -84.33
N GLU B 583 41.54 -23.40 -84.65
CA GLU B 583 42.60 -23.69 -85.61
C GLU B 583 43.16 -25.10 -85.40
N GLY B 584 43.84 -25.29 -84.28
CA GLY B 584 44.34 -26.61 -83.93
C GLY B 584 43.25 -27.66 -83.90
N LEU B 585 41.99 -27.24 -83.75
CA LEU B 585 40.92 -28.20 -83.70
C LEU B 585 40.63 -28.75 -85.10
N ARG B 586 40.43 -27.86 -86.09
CA ARG B 586 40.22 -28.28 -87.50
C ARG B 586 41.39 -29.13 -88.08
N ILE B 587 42.63 -28.73 -87.79
CA ILE B 587 43.82 -29.49 -88.15
C ILE B 587 43.67 -30.90 -87.63
N ALA B 588 43.08 -31.00 -86.45
CA ALA B 588 42.86 -32.26 -85.78
C ALA B 588 41.78 -33.11 -86.48
N LEU B 589 40.75 -32.46 -86.99
CA LEU B 589 39.68 -33.17 -87.63
C LEU B 589 40.11 -33.59 -89.04
N ASP B 590 41.06 -32.83 -89.60
CA ASP B 590 41.56 -33.03 -90.98
C ASP B 590 42.66 -34.10 -91.12
N HIS B 591 43.51 -34.23 -90.11
CA HIS B 591 44.43 -35.35 -90.04
C HIS B 591 43.97 -36.26 -88.90
N ILE B 592 42.67 -36.56 -88.85
CA ILE B 592 42.10 -37.38 -87.77
C ILE B 592 42.86 -38.69 -87.51
N ASP B 593 42.95 -39.54 -88.53
CA ASP B 593 43.44 -40.90 -88.36
C ASP B 593 44.81 -41.04 -87.69
N GLU B 594 45.80 -40.22 -88.05
CA GLU B 594 47.08 -40.26 -87.31
C GLU B 594 46.93 -39.77 -85.86
N ILE B 595 46.07 -38.78 -85.61
CA ILE B 595 45.99 -38.22 -84.25
C ILE B 595 45.57 -39.27 -83.23
N ILE B 596 44.66 -40.14 -83.66
CA ILE B 596 44.03 -41.11 -82.79
C ILE B 596 44.97 -42.26 -82.42
N SER B 597 46.02 -42.42 -83.20
CA SER B 597 47.01 -43.44 -82.85
C SER B 597 48.24 -42.84 -82.14
N THR B 598 48.60 -41.61 -82.50
CA THR B 598 49.69 -40.94 -81.82
C THR B 598 49.30 -40.74 -80.37
N ILE B 599 48.02 -40.90 -80.09
CA ILE B 599 47.60 -40.95 -78.71
C ILE B 599 47.71 -42.39 -78.22
N ARG B 600 47.01 -43.31 -78.87
CA ARG B 600 46.97 -44.69 -78.40
C ARG B 600 48.37 -45.22 -78.16
N GLU B 601 49.31 -44.78 -78.99
CA GLU B 601 50.69 -45.21 -78.87
C GLU B 601 51.48 -44.24 -78.01
N SER B 602 50.91 -43.90 -76.87
CA SER B 602 51.55 -43.00 -75.92
C SER B 602 50.92 -43.20 -74.54
N ASP B 603 51.76 -43.54 -73.58
CA ASP B 603 51.36 -44.01 -72.25
C ASP B 603 50.87 -42.91 -71.32
N THR B 604 51.79 -42.04 -70.94
CA THR B 604 51.51 -40.88 -70.12
C THR B 604 51.12 -39.72 -71.03
N ASP B 605 49.92 -39.19 -70.82
CA ASP B 605 49.41 -38.06 -71.60
C ASP B 605 50.42 -36.89 -71.69
N LYS B 606 51.48 -36.92 -70.88
CA LYS B 606 52.56 -35.93 -70.91
C LYS B 606 53.37 -36.11 -72.20
N VAL B 607 53.36 -37.35 -72.67
CA VAL B 607 54.06 -37.73 -73.87
C VAL B 607 53.24 -37.35 -75.08
N ALA B 608 51.96 -37.67 -75.03
CA ALA B 608 51.05 -37.33 -76.12
C ALA B 608 51.06 -35.81 -76.39
N MET B 609 50.94 -35.00 -75.34
CA MET B 609 51.05 -33.55 -75.51
C MET B 609 52.33 -33.15 -76.20
N GLU B 610 53.33 -34.04 -76.10
CA GLU B 610 54.68 -33.84 -76.64
C GLU B 610 54.75 -34.32 -78.09
N SER B 611 53.85 -35.21 -78.47
CA SER B 611 53.71 -35.62 -79.86
C SER B 611 52.93 -34.57 -80.66
N LEU B 612 51.60 -34.58 -80.55
CA LEU B 612 50.77 -33.57 -81.24
C LEU B 612 51.47 -32.24 -81.52
N GLN B 613 52.35 -31.78 -80.64
CA GLN B 613 53.10 -30.54 -80.87
C GLN B 613 54.18 -30.63 -81.97
N GLN B 614 55.25 -31.38 -81.73
CA GLN B 614 56.27 -31.59 -82.75
C GLN B 614 55.67 -31.90 -84.12
N ARG B 615 54.87 -32.97 -84.21
CA ARG B 615 54.35 -33.48 -85.48
C ARG B 615 53.46 -32.53 -86.29
N PHE B 616 52.80 -31.58 -85.61
CA PHE B 616 51.81 -30.75 -86.30
C PHE B 616 52.08 -29.25 -86.23
N LYS B 617 53.26 -28.90 -85.74
CA LYS B 617 53.69 -27.52 -85.58
C LYS B 617 52.75 -26.74 -84.64
N LEU B 618 52.21 -27.46 -83.64
CA LEU B 618 51.19 -26.95 -82.72
C LEU B 618 51.75 -26.32 -81.45
N SER B 619 50.82 -25.85 -80.63
CA SER B 619 51.15 -25.10 -79.42
C SER B 619 50.44 -25.70 -78.20
N GLU B 620 51.11 -25.70 -77.06
CA GLU B 620 50.60 -26.36 -75.86
C GLU B 620 49.10 -26.17 -75.66
N LYS B 621 48.67 -24.93 -75.56
CA LYS B 621 47.25 -24.65 -75.35
C LYS B 621 46.36 -25.35 -76.38
N GLN B 622 46.94 -25.69 -77.53
CA GLN B 622 46.18 -26.29 -78.64
C GLN B 622 46.10 -27.81 -78.52
N ALA B 623 47.23 -28.44 -78.25
CA ALA B 623 47.33 -29.89 -78.13
C ALA B 623 46.66 -30.44 -76.90
N GLN B 624 46.60 -29.60 -75.86
CA GLN B 624 45.83 -29.87 -74.64
C GLN B 624 44.32 -29.88 -74.97
N ALA B 625 43.88 -28.81 -75.61
CA ALA B 625 42.52 -28.66 -76.13
C ALA B 625 42.01 -29.88 -76.92
N ILE B 626 42.86 -30.39 -77.82
CA ILE B 626 42.49 -31.52 -78.64
C ILE B 626 42.29 -32.70 -77.73
N LEU B 627 43.33 -33.01 -76.97
CA LEU B 627 43.24 -34.00 -75.90
C LEU B 627 42.05 -33.80 -74.95
N ASP B 628 41.19 -32.82 -75.21
CA ASP B 628 39.98 -32.61 -74.40
C ASP B 628 38.72 -32.86 -75.22
N MET B 629 38.93 -33.17 -76.49
CA MET B 629 37.85 -33.29 -77.47
C MET B 629 36.99 -34.55 -77.26
N ARG B 630 35.67 -34.37 -77.18
CA ARG B 630 34.73 -35.48 -76.96
C ARG B 630 34.32 -36.19 -78.26
N LEU B 631 34.18 -37.52 -78.20
CA LEU B 631 33.89 -38.30 -79.41
C LEU B 631 32.77 -37.74 -80.29
N ARG B 632 31.72 -37.20 -79.68
CA ARG B 632 30.61 -36.69 -80.46
C ARG B 632 30.97 -35.45 -81.26
N ARG B 633 32.22 -35.00 -81.12
CA ARG B 633 32.67 -33.80 -81.83
C ARG B 633 33.16 -34.22 -83.20
N LEU B 634 32.95 -35.50 -83.50
CA LEU B 634 33.41 -36.12 -84.74
C LEU B 634 32.27 -36.54 -85.63
N THR B 635 31.05 -36.55 -85.10
CA THR B 635 29.88 -36.80 -85.94
C THR B 635 29.91 -35.79 -87.10
N GLY B 636 28.84 -35.73 -87.87
CA GLY B 636 28.78 -34.85 -89.02
C GLY B 636 28.62 -33.38 -88.65
N LEU B 637 27.45 -33.03 -88.12
CA LEU B 637 27.21 -31.66 -87.73
C LEU B 637 28.33 -31.15 -86.86
N GLU B 638 28.59 -31.86 -85.76
CA GLU B 638 29.55 -31.39 -84.76
C GLU B 638 30.91 -31.04 -85.37
N ARG B 639 31.40 -31.89 -86.29
CA ARG B 639 32.60 -31.60 -87.07
C ARG B 639 32.39 -30.31 -87.84
N ASP B 640 31.34 -30.31 -88.65
CA ASP B 640 31.05 -29.20 -89.53
C ASP B 640 30.73 -27.94 -88.74
N LYS B 641 29.80 -28.06 -87.79
CA LYS B 641 29.46 -26.96 -86.89
C LYS B 641 30.78 -26.25 -86.53
N ILE B 642 31.73 -26.98 -85.94
CA ILE B 642 33.05 -26.45 -85.58
C ILE B 642 33.70 -25.43 -86.51
N GLU B 643 34.02 -25.81 -87.76
CA GLU B 643 34.52 -24.85 -88.75
C GLU B 643 33.45 -23.79 -89.09
N ALA B 644 32.19 -24.10 -88.86
CA ALA B 644 31.14 -23.11 -89.02
C ALA B 644 31.28 -21.97 -87.98
N GLU B 645 31.93 -22.28 -86.87
CA GLU B 645 32.14 -21.33 -85.80
C GLU B 645 33.37 -20.47 -86.11
N TYR B 646 34.37 -21.08 -86.72
CA TYR B 646 35.61 -20.38 -87.12
C TYR B 646 35.34 -19.20 -88.06
N ASN B 647 34.82 -19.50 -89.25
CA ASN B 647 34.61 -18.46 -90.25
C ASN B 647 33.68 -17.34 -89.79
N GLU B 648 32.92 -17.59 -88.72
CA GLU B 648 32.04 -16.58 -88.11
C GLU B 648 32.80 -15.69 -87.11
N LEU B 649 33.80 -16.26 -86.45
CA LEU B 649 34.68 -15.52 -85.54
C LEU B 649 35.54 -14.42 -86.19
N LEU B 650 35.93 -14.64 -87.45
CA LEU B 650 36.92 -13.79 -88.13
C LEU B 650 36.27 -12.52 -88.68
N ASN B 651 34.94 -12.54 -88.70
CA ASN B 651 34.12 -11.36 -88.96
C ASN B 651 34.05 -10.53 -87.67
N TYR B 652 33.93 -11.23 -86.55
CA TYR B 652 33.90 -10.57 -85.26
C TYR B 652 35.29 -9.99 -85.04
N ILE B 653 36.35 -10.73 -85.34
CA ILE B 653 37.68 -10.23 -85.06
C ILE B 653 38.06 -8.98 -85.87
N SER B 654 37.96 -9.05 -87.20
CA SER B 654 38.29 -7.89 -88.03
C SER B 654 37.45 -6.70 -87.57
N GLU B 655 36.15 -6.92 -87.38
CA GLU B 655 35.25 -5.87 -86.86
C GLU B 655 35.81 -5.25 -85.60
N LEU B 656 35.92 -6.06 -84.55
CA LEU B 656 36.41 -5.54 -83.28
C LEU B 656 37.61 -4.66 -83.56
N GLU B 657 38.49 -5.09 -84.46
CA GLU B 657 39.63 -4.27 -84.86
C GLU B 657 39.27 -3.02 -85.70
N THR B 658 38.22 -3.11 -86.51
CA THR B 658 37.65 -1.97 -87.25
C THR B 658 37.22 -0.93 -86.25
N ILE B 659 36.57 -1.45 -85.21
CA ILE B 659 36.02 -0.66 -84.14
C ILE B 659 37.16 0.05 -83.47
N LEU B 660 38.25 -0.67 -83.26
CA LEU B 660 39.39 -0.09 -82.57
C LEU B 660 40.16 0.91 -83.45
N ALA B 661 40.38 0.58 -84.71
CA ALA B 661 41.23 1.43 -85.56
C ALA B 661 40.53 2.64 -86.18
N ASP B 662 39.42 3.07 -85.58
CA ASP B 662 38.73 4.27 -86.04
C ASP B 662 37.87 4.84 -84.94
N GLU B 663 38.38 5.86 -84.28
CA GLU B 663 37.64 6.46 -83.17
C GLU B 663 36.18 6.59 -83.53
N GLU B 664 35.93 7.28 -84.65
CA GLU B 664 34.60 7.72 -85.01
C GLU B 664 33.63 6.55 -85.12
N VAL B 665 34.15 5.33 -84.96
CA VAL B 665 33.31 4.16 -85.02
C VAL B 665 32.95 3.76 -83.60
N LEU B 666 33.98 3.48 -82.79
CA LEU B 666 33.75 3.19 -81.38
C LEU B 666 32.78 4.22 -80.85
N LEU B 667 33.05 5.47 -81.22
CA LEU B 667 32.26 6.61 -80.83
C LEU B 667 30.79 6.43 -81.22
N GLN B 668 30.55 5.85 -82.39
CA GLN B 668 29.19 5.57 -82.84
C GLN B 668 28.54 4.51 -81.94
N LEU B 669 29.20 3.37 -81.81
CA LEU B 669 28.73 2.34 -80.88
C LEU B 669 28.19 3.01 -79.63
N VAL B 670 29.01 3.84 -79.01
CA VAL B 670 28.58 4.63 -77.87
C VAL B 670 27.23 5.30 -78.18
N ARG B 671 27.14 6.07 -79.26
CA ARG B 671 25.90 6.76 -79.57
C ARG B 671 24.77 5.80 -79.89
N ASP B 672 25.09 4.75 -80.65
CA ASP B 672 24.15 3.66 -80.90
C ASP B 672 23.50 3.19 -79.60
N GLU B 673 24.37 2.84 -78.67
CA GLU B 673 23.99 2.21 -77.41
C GLU B 673 23.28 3.18 -76.49
N LEU B 674 23.83 4.39 -76.38
CA LEU B 674 23.22 5.41 -75.56
C LEU B 674 21.85 5.79 -76.11
N THR B 675 21.65 5.53 -77.40
CA THR B 675 20.36 5.75 -78.02
C THR B 675 19.42 4.55 -77.88
N GLU B 676 19.95 3.33 -77.91
CA GLU B 676 19.08 2.17 -77.70
C GLU B 676 18.45 2.28 -76.30
N ILE B 677 19.25 2.76 -75.36
CA ILE B 677 18.79 2.93 -73.99
C ILE B 677 17.63 3.91 -73.95
N ARG B 678 17.88 5.09 -74.50
CA ARG B 678 16.91 6.17 -74.59
C ARG B 678 15.62 5.76 -75.31
N ASP B 679 15.67 4.67 -76.07
CA ASP B 679 14.50 4.21 -76.79
C ASP B 679 13.80 3.11 -76.01
N ARG B 680 14.53 2.52 -75.06
CA ARG B 680 13.94 1.43 -74.27
C ARG B 680 13.40 1.89 -72.90
N PHE B 681 14.02 2.91 -72.32
CA PHE B 681 13.65 3.32 -70.99
C PHE B 681 13.19 4.77 -70.90
N GLY B 682 13.36 5.52 -71.98
CA GLY B 682 13.05 6.94 -71.97
C GLY B 682 11.65 7.18 -71.44
N ASP B 683 11.45 8.33 -70.80
CA ASP B 683 10.13 8.72 -70.32
C ASP B 683 10.02 10.25 -70.29
N ASP B 684 8.89 10.77 -70.76
CA ASP B 684 8.69 12.22 -70.85
C ASP B 684 8.93 12.96 -69.53
N ARG B 685 8.57 14.23 -69.50
CA ARG B 685 8.85 15.05 -68.33
C ARG B 685 7.65 15.20 -67.39
N ARG B 686 7.92 15.26 -66.09
CA ARG B 686 6.86 15.40 -65.10
C ARG B 686 6.86 16.82 -64.58
N THR B 687 8.06 17.34 -64.39
CA THR B 687 8.19 18.67 -63.87
C THR B 687 7.84 19.65 -64.99
N GLU B 688 7.22 20.78 -64.64
CA GLU B 688 6.99 21.87 -65.58
C GLU B 688 7.93 22.99 -65.23
N ILE B 689 8.70 23.45 -66.22
CA ILE B 689 9.50 24.66 -66.10
C ILE B 689 8.73 25.88 -66.61
N GLN B 690 8.28 26.72 -65.69
CA GLN B 690 7.54 27.92 -66.06
C GLN B 690 8.44 29.13 -66.27
N LEU B 691 8.42 29.68 -67.48
CA LEU B 691 9.26 30.84 -67.80
C LEU B 691 8.63 32.17 -67.35
N GLY B 692 9.51 33.09 -66.98
CA GLY B 692 9.11 34.38 -66.43
C GLY B 692 10.27 35.03 -65.68
N LYS G 9 -16.47 25.53 66.01
CA LYS G 9 -15.83 24.65 65.03
C LYS G 9 -14.29 24.68 65.08
N LEU G 10 -13.71 25.03 66.23
CA LEU G 10 -12.25 25.02 66.45
C LEU G 10 -11.81 24.05 67.55
N ALA G 11 -11.47 22.83 67.16
CA ALA G 11 -11.05 21.81 68.12
C ALA G 11 -9.75 22.19 68.87
N ASP G 12 -9.81 23.29 69.63
CA ASP G 12 -8.67 23.82 70.38
C ASP G 12 -7.86 22.71 71.06
N CYS G 13 -6.65 23.06 71.52
CA CYS G 13 -5.78 22.10 72.20
C CYS G 13 -6.16 21.93 73.68
N SER G 14 -5.30 21.20 74.40
CA SER G 14 -5.53 20.91 75.81
C SER G 14 -4.55 21.68 76.68
N SER G 15 -3.28 21.68 76.27
CA SER G 15 -2.24 22.43 76.99
C SER G 15 -2.23 23.92 76.64
N LYS G 16 -2.42 24.76 77.65
CA LYS G 16 -2.54 26.21 77.44
C LYS G 16 -1.27 26.99 77.78
N SER G 17 -0.12 26.40 77.46
CA SER G 17 1.16 27.12 77.49
C SER G 17 1.44 27.75 76.12
N PRO G 18 1.11 29.05 75.99
CA PRO G 18 1.06 29.70 74.66
C PRO G 18 2.38 29.73 73.89
N GLU G 19 3.47 29.43 74.57
CA GLU G 19 4.81 29.56 73.99
C GLU G 19 5.20 28.34 73.16
N GLU G 20 4.59 27.21 73.49
CA GLU G 20 4.89 25.93 72.87
C GLU G 20 3.72 25.47 72.00
N CYS G 21 2.58 26.12 72.15
CA CYS G 21 1.40 25.70 71.40
C CYS G 21 1.43 26.16 69.95
N GLU G 22 0.74 25.41 69.09
CA GLU G 22 0.78 25.62 67.66
C GLU G 22 -0.59 25.37 67.01
N ILE G 23 -1.08 26.37 66.29
CA ILE G 23 -2.39 26.25 65.62
C ILE G 23 -2.20 26.15 64.09
N PHE G 24 -2.70 25.07 63.51
CA PHE G 24 -2.60 24.86 62.07
C PHE G 24 -3.91 25.24 61.38
N LEU G 25 -4.03 26.49 60.93
CA LEU G 25 -5.21 26.91 60.16
C LEU G 25 -5.32 26.05 58.93
N VAL G 26 -6.36 25.22 58.85
CA VAL G 26 -6.45 24.30 57.74
C VAL G 26 -7.60 24.65 56.79
N GLU G 27 -7.42 24.22 55.54
CA GLU G 27 -8.37 24.47 54.49
C GLU G 27 -9.45 23.36 54.48
N GLY G 28 -10.69 23.74 54.77
CA GLY G 28 -11.86 22.87 54.58
C GLY G 28 -12.23 21.78 55.59
N ASP G 29 -13.53 21.42 55.61
CA ASP G 29 -14.04 20.40 56.53
C ASP G 29 -13.33 19.08 56.24
N SER G 30 -13.03 18.85 54.95
CA SER G 30 -12.38 17.60 54.51
C SER G 30 -11.12 17.23 55.29
N ALA G 31 -10.13 18.10 55.27
CA ALA G 31 -8.92 17.85 56.02
C ALA G 31 -9.04 18.34 57.45
N GLY G 32 -10.28 18.48 57.95
CA GLY G 32 -10.51 18.78 59.35
C GLY G 32 -10.49 17.51 60.17
N GLY G 33 -10.83 16.40 59.51
CA GLY G 33 -10.92 15.11 60.17
C GLY G 33 -9.57 14.44 60.33
N SER G 34 -8.91 14.20 59.19
CA SER G 34 -7.56 13.60 59.11
C SER G 34 -6.55 14.34 59.98
N THR G 35 -6.85 15.63 60.20
CA THR G 35 -6.04 16.54 61.01
C THR G 35 -6.40 16.38 62.50
N LYS G 36 -7.69 16.43 62.84
CA LYS G 36 -8.10 16.26 64.23
C LYS G 36 -7.56 14.92 64.80
N SER G 37 -7.62 13.86 64.00
CA SER G 37 -7.18 12.54 64.44
C SER G 37 -5.81 12.11 63.84
N GLY G 38 -4.87 13.06 63.82
CA GLY G 38 -3.50 12.77 63.43
C GLY G 38 -2.58 13.53 64.37
N ARG G 39 -3.19 14.40 65.17
CA ARG G 39 -2.50 15.44 65.95
C ARG G 39 -2.21 15.04 67.40
N ASP G 40 -0.98 15.26 67.83
CA ASP G 40 -0.69 15.17 69.26
C ASP G 40 -1.59 16.16 69.98
N SER G 41 -2.69 15.64 70.53
CA SER G 41 -3.81 16.45 71.06
C SER G 41 -3.44 17.31 72.26
N ARG G 42 -2.14 17.49 72.43
CA ARG G 42 -1.58 18.05 73.65
C ARG G 42 -1.10 19.48 73.40
N THR G 43 -0.62 19.75 72.19
CA THR G 43 -0.01 21.04 71.90
C THR G 43 -0.47 21.58 70.55
N GLN G 44 -1.39 20.83 69.91
CA GLN G 44 -1.84 21.16 68.55
C GLN G 44 -3.36 21.40 68.43
N ALA G 45 -3.76 22.66 68.19
CA ALA G 45 -5.16 23.08 68.06
C ALA G 45 -5.51 23.48 66.62
N ILE G 46 -6.67 23.01 66.14
CA ILE G 46 -7.07 23.12 64.73
C ILE G 46 -8.10 24.22 64.43
N LEU G 47 -8.05 24.76 63.23
CA LEU G 47 -9.10 25.68 62.79
C LEU G 47 -9.20 25.62 61.28
N PRO G 48 -10.30 25.03 60.79
CA PRO G 48 -10.59 24.81 59.37
C PRO G 48 -10.97 26.13 58.70
N LEU G 49 -11.07 26.09 57.38
CA LEU G 49 -11.37 27.29 56.65
C LEU G 49 -12.24 26.95 55.45
N ARG G 50 -13.49 27.37 55.53
CA ARG G 50 -14.49 27.04 54.53
C ARG G 50 -14.01 27.52 53.18
N GLY G 51 -13.26 26.66 52.49
CA GLY G 51 -12.65 26.95 51.20
C GLY G 51 -11.88 28.26 51.11
N LYS G 52 -12.31 29.15 50.22
CA LYS G 52 -11.68 30.47 50.09
C LYS G 52 -12.09 31.47 51.21
N ILE G 53 -11.09 32.20 51.70
CA ILE G 53 -11.32 33.29 52.65
C ILE G 53 -11.38 34.64 51.93
N LEU G 54 -11.96 35.65 52.60
CA LEU G 54 -12.17 36.94 51.96
C LEU G 54 -10.85 37.63 51.62
N ASN G 55 -10.83 38.33 50.50
CA ASN G 55 -9.66 39.10 50.11
C ASN G 55 -9.68 40.45 50.79
N VAL G 56 -9.13 40.53 52.01
CA VAL G 56 -9.12 41.76 52.80
C VAL G 56 -8.60 42.96 52.03
N GLU G 57 -7.59 42.73 51.18
CA GLU G 57 -7.00 43.78 50.33
C GLU G 57 -7.95 44.43 49.30
N LYS G 58 -9.19 43.95 49.22
CA LYS G 58 -10.15 44.49 48.26
C LYS G 58 -11.55 44.58 48.83
N ALA G 59 -11.64 44.80 50.13
CA ALA G 59 -12.94 44.90 50.80
C ALA G 59 -12.83 45.74 52.05
N ARG G 60 -13.67 46.77 52.14
CA ARG G 60 -13.74 47.61 53.33
C ARG G 60 -13.80 46.78 54.62
N LEU G 61 -13.56 47.44 55.75
CA LEU G 61 -13.48 46.79 57.06
C LEU G 61 -14.78 46.13 57.52
N ASP G 62 -15.89 46.87 57.45
CA ASP G 62 -17.16 46.33 57.91
C ASP G 62 -17.38 44.95 57.33
N ARG G 63 -16.98 44.80 56.07
CA ARG G 63 -17.18 43.57 55.29
C ARG G 63 -16.20 42.49 55.75
N ILE G 64 -15.01 42.96 56.12
CA ILE G 64 -13.94 42.12 56.65
C ILE G 64 -14.27 41.68 58.04
N LEU G 65 -14.55 42.67 58.89
CA LEU G 65 -14.78 42.45 60.31
C LEU G 65 -16.10 41.73 60.52
N ASN G 66 -16.77 41.40 59.43
CA ASN G 66 -17.99 40.62 59.51
C ASN G 66 -17.81 39.25 58.89
N ASN G 67 -16.84 39.15 58.00
CA ASN G 67 -16.50 37.86 57.44
C ASN G 67 -16.23 36.87 58.58
N ASN G 68 -17.22 36.04 58.89
CA ASN G 68 -17.12 35.10 60.00
C ASN G 68 -15.71 34.52 60.17
N GLU G 69 -15.14 33.98 59.09
CA GLU G 69 -13.79 33.42 59.13
C GLU G 69 -12.83 34.40 59.75
N ILE G 70 -12.89 35.63 59.26
CA ILE G 70 -12.03 36.69 59.74
C ILE G 70 -12.15 36.89 61.26
N ARG G 71 -13.37 36.74 61.76
CA ARG G 71 -13.63 36.95 63.18
C ARG G 71 -13.22 35.78 64.05
N GLN G 72 -13.06 34.59 63.45
CA GLN G 72 -12.77 33.39 64.24
C GLN G 72 -11.29 33.13 64.37
N MET G 73 -10.47 33.78 63.55
CA MET G 73 -9.02 33.64 63.65
C MET G 73 -8.45 34.59 64.70
N ILE G 74 -9.07 35.76 64.81
CA ILE G 74 -8.75 36.72 65.85
C ILE G 74 -9.29 36.21 67.17
N THR G 75 -10.25 35.31 67.11
CA THR G 75 -10.75 34.64 68.31
C THR G 75 -9.68 33.65 68.76
N ALA G 76 -9.14 32.92 67.79
CA ALA G 76 -8.08 31.97 68.03
C ALA G 76 -6.74 32.70 68.14
N PHE G 77 -6.79 34.04 68.08
CA PHE G 77 -5.60 34.86 68.30
C PHE G 77 -5.69 35.72 69.58
N GLY G 78 -6.90 36.15 69.92
CA GLY G 78 -7.11 36.93 71.12
C GLY G 78 -6.16 38.09 71.21
N THR G 79 -5.56 38.45 70.08
CA THR G 79 -4.65 39.58 70.06
C THR G 79 -5.43 40.86 69.81
N GLY G 80 -6.47 40.76 68.99
CA GLY G 80 -7.14 41.93 68.47
C GLY G 80 -6.63 42.16 67.05
N ILE G 81 -6.91 43.34 66.50
CA ILE G 81 -6.45 43.63 65.15
C ILE G 81 -5.78 45.00 65.08
N GLY G 82 -5.02 45.20 64.02
CA GLY G 82 -4.34 46.47 63.79
C GLY G 82 -3.43 46.86 64.94
N GLY G 83 -3.60 48.08 65.44
CA GLY G 83 -2.79 48.59 66.53
C GLY G 83 -3.18 47.97 67.87
N ASP G 84 -4.46 47.59 67.97
CA ASP G 84 -5.00 46.98 69.17
C ASP G 84 -4.42 45.58 69.33
N PHE G 85 -3.61 45.20 68.36
CA PHE G 85 -2.99 43.89 68.37
C PHE G 85 -2.17 43.75 69.65
N ASP G 86 -1.81 42.51 69.96
CA ASP G 86 -1.05 42.28 71.16
C ASP G 86 -0.21 41.02 71.06
N LEU G 87 0.96 41.15 70.42
CA LEU G 87 1.88 40.04 70.20
C LEU G 87 2.18 39.23 71.48
N ALA G 88 1.91 39.81 72.63
CA ALA G 88 2.10 39.11 73.89
C ALA G 88 0.86 38.28 74.19
N LYS G 89 -0.29 38.83 73.83
CA LYS G 89 -1.59 38.18 74.05
C LYS G 89 -1.83 36.97 73.16
N ALA G 90 -1.06 36.86 72.08
CA ALA G 90 -1.14 35.72 71.18
C ALA G 90 -1.19 34.43 71.98
N ARG G 91 -2.03 33.51 71.54
CA ARG G 91 -2.19 32.26 72.27
C ARG G 91 -1.27 31.19 71.71
N TYR G 92 -0.84 31.38 70.48
CA TYR G 92 0.03 30.41 69.82
C TYR G 92 1.28 31.12 69.33
N HIS G 93 2.42 30.48 69.50
CA HIS G 93 3.63 31.04 68.95
C HIS G 93 3.87 30.49 67.54
N LYS G 94 2.89 29.73 67.04
CA LYS G 94 3.01 28.98 65.78
C LYS G 94 1.74 28.89 64.93
N ILE G 95 1.43 29.93 64.18
CA ILE G 95 0.35 29.86 63.19
C ILE G 95 0.88 29.29 61.87
N VAL G 96 0.42 28.07 61.55
CA VAL G 96 0.84 27.34 60.35
C VAL G 96 -0.26 27.21 59.31
N ILE G 97 0.00 27.70 58.10
CA ILE G 97 -0.95 27.50 57.02
C ILE G 97 -0.64 26.19 56.31
N MET G 98 -1.42 25.16 56.61
CA MET G 98 -1.32 23.87 55.94
C MET G 98 -2.50 23.74 55.00
N THR G 99 -2.24 23.96 53.73
CA THR G 99 -3.27 23.90 52.71
C THR G 99 -2.84 22.85 51.70
N ASP G 100 -3.79 22.22 51.01
CA ASP G 100 -3.47 21.09 50.14
C ASP G 100 -2.53 21.44 48.97
N ALA G 101 -1.80 20.43 48.50
CA ALA G 101 -0.71 20.62 47.53
C ALA G 101 -1.20 20.65 46.08
N ASP G 102 -2.08 21.62 45.80
CA ASP G 102 -2.52 21.90 44.46
C ASP G 102 -2.73 23.40 44.29
N VAL G 103 -2.91 23.83 43.05
CA VAL G 103 -2.92 25.24 42.68
C VAL G 103 -3.94 26.09 43.41
N ASP G 104 -5.05 25.49 43.86
CA ASP G 104 -6.04 26.29 44.54
C ASP G 104 -5.65 26.49 46.00
N GLY G 105 -5.00 25.46 46.55
CA GLY G 105 -4.53 25.49 47.93
C GLY G 105 -3.53 26.61 48.10
N ALA G 106 -2.70 26.79 47.07
CA ALA G 106 -1.67 27.81 47.06
C ALA G 106 -2.22 29.22 46.82
N HIS G 107 -3.47 29.30 46.38
CA HIS G 107 -4.13 30.58 46.24
C HIS G 107 -4.53 31.02 47.64
N ILE G 108 -5.50 30.31 48.21
CA ILE G 108 -5.91 30.46 49.60
C ILE G 108 -4.78 30.96 50.47
N ARG G 109 -3.58 30.44 50.23
CA ARG G 109 -2.41 30.78 51.04
C ARG G 109 -2.08 32.25 50.86
N THR G 110 -1.90 32.69 49.61
CA THR G 110 -1.72 34.12 49.36
C THR G 110 -2.73 34.91 50.21
N LEU G 111 -4.02 34.73 49.93
CA LEU G 111 -5.09 35.38 50.69
C LEU G 111 -4.74 35.49 52.15
N LEU G 112 -4.48 34.36 52.79
CA LEU G 112 -4.25 34.36 54.22
C LEU G 112 -3.15 35.35 54.54
N LEU G 113 -1.96 35.09 53.99
CA LEU G 113 -0.80 35.95 54.22
C LEU G 113 -1.20 37.41 54.15
N THR G 114 -2.08 37.73 53.21
CA THR G 114 -2.53 39.10 52.94
C THR G 114 -3.30 39.70 54.10
N PHE G 115 -4.14 38.90 54.74
CA PHE G 115 -4.82 39.34 55.97
C PHE G 115 -3.81 39.37 57.15
N PHE G 116 -2.72 38.62 57.02
CA PHE G 116 -1.68 38.58 58.04
C PHE G 116 -0.66 39.73 57.97
N TYR G 117 -0.45 40.28 56.78
CA TYR G 117 0.54 41.34 56.62
C TYR G 117 -0.09 42.71 56.91
N ARG G 118 -1.40 42.79 56.69
CA ARG G 118 -2.15 44.00 57.02
C ARG G 118 -2.53 44.06 58.51
N PHE G 119 -3.43 43.18 58.93
CA PHE G 119 -4.02 43.25 60.27
C PHE G 119 -3.16 42.70 61.38
N MET G 120 -2.00 42.13 61.04
CA MET G 120 -1.22 41.40 62.04
C MET G 120 0.27 41.22 61.73
N ARG G 121 0.88 42.19 61.05
CA ARG G 121 2.29 42.08 60.66
C ARG G 121 3.27 41.74 61.81
N PRO G 122 3.07 42.32 63.01
CA PRO G 122 3.92 41.94 64.15
C PRO G 122 4.05 40.42 64.24
N LEU G 123 2.91 39.75 64.10
CA LEU G 123 2.82 38.29 64.17
C LEU G 123 3.80 37.58 63.22
N ILE G 124 3.93 38.07 61.99
CA ILE G 124 4.83 37.47 61.03
C ILE G 124 6.24 37.76 61.46
N GLU G 125 6.39 38.94 62.08
CA GLU G 125 7.70 39.47 62.48
C GLU G 125 8.19 38.78 63.74
N ALA G 126 7.32 37.99 64.35
CA ALA G 126 7.62 37.41 65.66
C ALA G 126 7.92 35.92 65.60
N GLY G 127 8.22 35.41 64.41
CA GLY G 127 8.49 34.01 64.28
C GLY G 127 7.29 33.27 64.82
N TYR G 128 6.12 33.72 64.36
CA TYR G 128 4.84 33.14 64.76
C TYR G 128 4.22 32.45 63.54
N VAL G 129 4.64 32.85 62.34
CA VAL G 129 3.92 32.49 61.13
C VAL G 129 4.72 31.71 60.10
N TYR G 130 4.34 30.44 59.94
CA TYR G 130 5.05 29.51 59.06
C TYR G 130 4.07 28.88 58.08
N ILE G 131 4.58 27.96 57.26
CA ILE G 131 3.76 27.22 56.29
C ILE G 131 4.13 25.74 56.30
N ALA G 132 3.20 24.88 56.72
CA ALA G 132 3.44 23.44 56.63
C ALA G 132 3.89 23.06 55.22
N GLN G 133 4.13 21.77 54.99
CA GLN G 133 4.61 21.29 53.68
C GLN G 133 4.28 19.82 53.34
N PRO G 134 2.98 19.51 53.19
CA PRO G 134 2.47 18.18 52.85
C PRO G 134 3.08 17.64 51.54
N PRO G 135 3.19 16.30 51.39
CA PRO G 135 3.67 15.75 50.11
C PRO G 135 2.69 16.05 48.98
N THR G 136 3.10 15.92 47.72
CA THR G 136 2.19 16.22 46.60
C THR G 136 1.18 15.10 46.27
N GLY G 140 -4.07 15.99 47.39
CA GLY G 140 -3.57 16.77 48.51
C GLY G 140 -4.17 16.37 49.84
N LEU G 141 -4.26 17.33 50.75
CA LEU G 141 -4.85 17.11 52.07
C LEU G 141 -6.18 16.42 51.93
N GLY G 142 -6.83 16.17 53.08
CA GLY G 142 -8.12 15.52 53.11
C GLY G 142 -8.09 14.15 52.47
N GLU G 143 -7.56 14.08 51.25
CA GLU G 143 -7.38 12.80 50.62
C GLU G 143 -6.40 11.98 51.43
N MET G 144 -5.46 12.65 52.10
CA MET G 144 -4.58 11.97 53.05
C MET G 144 -5.34 11.23 54.14
N ASN G 145 -4.67 10.22 54.68
CA ASN G 145 -5.10 9.55 55.89
C ASN G 145 -4.93 10.40 57.16
N ALA G 146 -5.41 9.88 58.27
CA ALA G 146 -5.09 10.46 59.56
C ALA G 146 -3.63 10.16 59.83
N ASP G 147 -3.30 8.87 59.93
CA ASP G 147 -1.90 8.43 60.03
C ASP G 147 -1.03 9.21 59.04
N GLN G 148 -1.35 9.05 57.76
CA GLN G 148 -0.59 9.59 56.63
C GLN G 148 -0.36 11.10 56.75
N LEU G 149 -1.15 11.77 57.59
CA LEU G 149 -1.01 13.21 57.75
C LEU G 149 0.14 13.55 58.69
N TRP G 150 0.01 13.04 59.91
CA TRP G 150 0.89 13.47 60.98
C TRP G 150 2.39 13.40 60.63
N GLU G 151 2.84 12.28 60.07
CA GLU G 151 4.26 12.10 59.85
C GLU G 151 4.84 13.13 58.88
N THR G 152 4.27 13.22 57.69
CA THR G 152 4.77 14.16 56.68
C THR G 152 4.69 15.66 57.06
N THR G 153 3.83 15.99 58.01
CA THR G 153 3.43 17.38 58.16
C THR G 153 3.06 17.89 59.57
N MET G 154 2.50 17.05 60.43
CA MET G 154 2.16 17.59 61.74
C MET G 154 3.07 17.20 62.90
N ASN G 155 4.07 16.36 62.59
CA ASN G 155 5.06 15.89 63.54
C ASN G 155 6.35 16.71 63.59
N PRO G 156 6.54 17.44 64.69
CA PRO G 156 7.72 18.24 65.03
C PRO G 156 9.04 17.47 64.91
N GLU G 157 8.98 16.18 64.58
CA GLU G 157 10.19 15.40 64.36
C GLU G 157 10.53 15.35 62.87
N HIS G 158 9.54 14.99 62.06
CA HIS G 158 9.79 14.69 60.65
C HIS G 158 9.29 15.80 59.73
N ARG G 159 8.69 16.83 60.32
CA ARG G 159 8.03 17.86 59.51
C ARG G 159 9.00 18.87 58.89
N ALA G 160 8.43 19.86 58.22
CA ALA G 160 9.18 20.93 57.58
C ALA G 160 8.23 22.11 57.44
N LEU G 161 8.58 23.24 58.05
CA LEU G 161 7.72 24.42 58.04
C LEU G 161 8.49 25.66 57.61
N LEU G 162 8.16 26.24 56.45
CA LEU G 162 8.76 27.52 56.02
C LEU G 162 8.46 28.52 57.10
N GLN G 163 9.44 29.32 57.48
CA GLN G 163 9.09 30.46 58.29
C GLN G 163 8.77 31.56 57.30
N VAL G 164 7.69 32.29 57.56
CA VAL G 164 7.28 33.35 56.68
C VAL G 164 7.95 34.57 57.20
N LYS G 165 8.92 35.06 56.45
CA LYS G 165 9.79 36.10 56.95
C LYS G 165 9.57 37.40 56.21
N LEU G 166 9.77 38.51 56.89
CA LEU G 166 9.64 39.81 56.24
C LEU G 166 10.96 40.56 56.31
N GLU G 167 11.75 40.46 55.25
CA GLU G 167 13.05 41.13 55.20
C GLU G 167 12.96 42.59 54.77
N ASP G 168 12.30 42.83 53.63
CA ASP G 168 12.12 44.19 53.13
C ASP G 168 10.67 44.59 53.24
N ALA G 169 10.35 45.37 54.26
CA ALA G 169 8.98 45.81 54.46
C ALA G 169 8.57 46.78 53.36
N ILE G 170 9.55 47.18 52.55
CA ILE G 170 9.30 48.16 51.50
C ILE G 170 8.92 47.52 50.17
N GLU G 171 9.80 46.68 49.62
CA GLU G 171 9.50 46.00 48.36
C GLU G 171 8.32 45.04 48.53
N ALA G 172 7.97 44.76 49.78
CA ALA G 172 6.87 43.85 50.08
C ALA G 172 5.50 44.53 50.10
N ASP G 173 5.45 45.78 50.57
CA ASP G 173 4.22 46.56 50.49
C ASP G 173 3.81 46.62 49.03
N GLN G 174 4.79 46.78 48.15
CA GLN G 174 4.57 46.75 46.70
C GLN G 174 3.85 45.48 46.28
N THR G 175 4.37 44.34 46.72
CA THR G 175 3.87 43.03 46.27
C THR G 175 2.36 42.86 46.49
N PHE G 176 1.91 43.08 47.73
CA PHE G 176 0.51 42.84 48.07
C PHE G 176 -0.44 43.74 47.28
N GLU G 177 0.01 44.96 46.99
CA GLU G 177 -0.82 45.90 46.26
C GLU G 177 -0.89 45.57 44.77
N MET G 178 -0.02 44.68 44.30
CA MET G 178 0.01 44.33 42.89
C MET G 178 -0.74 43.05 42.60
N LEU G 179 -0.53 42.05 43.44
CA LEU G 179 -1.15 40.76 43.21
C LEU G 179 -2.64 40.77 43.62
N MET G 180 -2.94 41.27 44.82
CA MET G 180 -4.29 41.15 45.35
C MET G 180 -5.15 42.42 45.28
N GLY G 181 -4.52 43.56 44.98
CA GLY G 181 -5.23 44.83 44.90
C GLY G 181 -6.44 44.84 43.98
N ASP G 182 -7.05 46.02 43.85
CA ASP G 182 -8.27 46.21 43.07
C ASP G 182 -7.99 46.82 41.69
N VAL G 183 -6.71 46.87 41.32
CA VAL G 183 -6.29 47.27 39.98
C VAL G 183 -5.97 46.04 39.10
N VAL G 184 -6.65 45.94 37.96
CA VAL G 184 -6.53 44.75 37.12
C VAL G 184 -5.26 44.73 36.29
N GLU G 185 -4.93 45.86 35.68
CA GLU G 185 -3.75 45.93 34.82
C GLU G 185 -2.58 45.20 35.40
N ASN G 186 -1.79 45.92 36.21
CA ASN G 186 -0.52 45.43 36.74
C ASN G 186 -0.47 43.94 37.08
N ARG G 187 -1.61 43.37 37.47
CA ARG G 187 -1.68 41.94 37.70
C ARG G 187 -1.45 41.21 36.37
N ARG G 188 -2.32 41.44 35.41
CA ARG G 188 -2.13 40.89 34.08
C ARG G 188 -0.67 40.98 33.65
N GLN G 189 -0.07 42.14 33.84
CA GLN G 189 1.34 42.32 33.52
C GLN G 189 2.24 41.32 34.26
N PHE G 190 2.29 41.41 35.58
CA PHE G 190 3.13 40.50 36.37
C PHE G 190 3.05 39.06 35.87
N ILE G 191 1.87 38.66 35.44
CA ILE G 191 1.65 37.32 34.90
C ILE G 191 2.35 37.12 33.55
N GLU G 192 2.41 38.18 32.73
CA GLU G 192 3.11 38.13 31.45
C GLU G 192 4.61 38.20 31.65
N ASP G 193 5.03 39.02 32.61
CA ASP G 193 6.43 39.10 33.00
C ASP G 193 7.00 37.72 33.24
N ASN G 194 6.75 37.21 34.44
CA ASN G 194 7.40 36.00 34.93
C ASN G 194 6.67 34.72 34.55
N ALA G 195 5.89 34.75 33.48
CA ALA G 195 5.12 33.58 33.07
C ALA G 195 6.03 32.36 32.85
N VAL G 196 5.41 31.16 32.84
CA VAL G 196 6.16 29.91 32.72
C VAL G 196 5.46 28.91 31.80
N TYR G 197 5.77 28.97 30.50
CA TYR G 197 5.10 28.13 29.50
C TYR G 197 5.89 26.89 29.12
N ALA G 198 5.35 25.82 28.87
N ARG G 213 -61.14 6.97 47.33
CA ARG G 213 -60.60 5.68 47.80
C ARG G 213 -60.92 5.41 49.26
N ASN G 214 -60.91 4.13 49.61
CA ASN G 214 -61.15 3.66 50.98
C ASN G 214 -59.96 4.03 51.89
N ILE G 215 -60.19 4.84 52.93
CA ILE G 215 -59.06 5.30 53.75
C ILE G 215 -58.36 4.17 54.53
N THR G 216 -59.12 3.32 55.21
CA THR G 216 -58.51 2.16 55.86
C THR G 216 -57.82 1.23 54.85
N SER G 217 -58.52 0.95 53.75
CA SER G 217 -57.98 0.09 52.70
C SER G 217 -56.59 0.54 52.34
N GLU G 218 -56.45 1.79 51.89
CA GLU G 218 -55.15 2.35 51.54
C GLU G 218 -54.12 2.22 52.66
N MET G 219 -54.50 2.66 53.86
CA MET G 219 -53.59 2.59 55.00
C MET G 219 -53.16 1.16 55.28
N ARG G 220 -54.00 0.19 54.93
CA ARG G 220 -53.65 -1.20 55.16
C ARG G 220 -52.92 -1.88 53.98
N GLU G 221 -52.95 -1.23 52.81
CA GLU G 221 -52.24 -1.68 51.60
C GLU G 221 -50.89 -0.98 51.49
N SER G 222 -50.93 0.35 51.61
CA SER G 222 -49.79 1.26 51.44
C SER G 222 -48.78 1.25 52.57
N PHE G 223 -49.24 1.01 53.78
CA PHE G 223 -48.31 0.91 54.86
C PHE G 223 -47.66 -0.43 54.69
N LEU G 224 -48.48 -1.41 54.30
CA LEU G 224 -48.07 -2.80 54.27
C LEU G 224 -47.01 -3.06 53.21
N ASP G 225 -47.23 -2.51 52.00
CA ASP G 225 -46.30 -2.53 50.86
C ASP G 225 -44.95 -1.94 51.19
N TYR G 226 -44.99 -0.88 51.98
CA TYR G 226 -43.81 -0.25 52.57
C TYR G 226 -43.02 -1.18 53.47
N ALA G 227 -43.69 -1.65 54.52
CA ALA G 227 -43.10 -2.51 55.53
C ALA G 227 -42.54 -3.77 54.93
N MET G 228 -43.34 -4.47 54.12
CA MET G 228 -42.83 -5.56 53.28
C MET G 228 -41.45 -5.18 52.74
N SER G 229 -41.46 -4.44 51.65
CA SER G 229 -40.24 -4.03 50.97
C SER G 229 -39.03 -3.86 51.91
N VAL G 230 -39.00 -2.83 52.74
CA VAL G 230 -37.96 -2.71 53.75
C VAL G 230 -37.58 -3.97 54.50
N ILE G 231 -38.50 -4.91 54.72
CA ILE G 231 -38.11 -6.01 55.57
C ILE G 231 -37.29 -6.93 54.72
N VAL G 232 -37.68 -7.02 53.46
CA VAL G 232 -37.07 -7.98 52.54
C VAL G 232 -36.01 -7.37 51.62
N ALA G 233 -35.91 -6.04 51.65
CA ALA G 233 -35.10 -5.31 50.70
C ALA G 233 -34.77 -3.95 51.27
N ARG G 234 -34.31 -3.97 52.51
CA ARG G 234 -33.69 -2.77 53.04
C ARG G 234 -32.86 -2.95 54.29
N ALA G 235 -33.50 -3.29 55.41
CA ALA G 235 -32.84 -3.17 56.71
C ALA G 235 -32.49 -4.48 57.41
N LEU G 236 -32.70 -5.60 56.74
CA LEU G 236 -32.39 -6.92 57.29
C LEU G 236 -31.48 -7.71 56.36
N PRO G 237 -30.58 -8.52 56.95
CA PRO G 237 -29.56 -9.36 56.31
C PRO G 237 -29.99 -10.79 56.05
N ASP G 238 -29.85 -11.25 54.80
CA ASP G 238 -30.06 -12.64 54.45
C ASP G 238 -29.10 -13.53 55.23
N VAL G 239 -29.60 -14.66 55.72
CA VAL G 239 -28.77 -15.59 56.48
C VAL G 239 -27.50 -16.01 55.72
N ARG G 240 -27.64 -16.19 54.41
CA ARG G 240 -26.61 -16.81 53.54
C ARG G 240 -25.31 -15.99 53.40
N ASP G 241 -25.38 -14.86 52.68
CA ASP G 241 -24.26 -13.93 52.57
C ASP G 241 -24.36 -12.88 53.68
N GLY G 242 -25.19 -13.17 54.67
CA GLY G 242 -25.33 -12.33 55.84
C GLY G 242 -25.37 -10.86 55.49
N LEU G 243 -25.93 -10.53 54.33
CA LEU G 243 -25.88 -9.16 53.84
C LEU G 243 -27.23 -8.47 53.74
N LYS G 244 -27.18 -7.17 53.51
CA LYS G 244 -28.38 -6.44 53.19
C LYS G 244 -28.26 -6.10 51.73
N PRO G 245 -29.28 -5.48 51.14
CA PRO G 245 -29.09 -5.04 49.76
C PRO G 245 -27.88 -4.14 49.57
N VAL G 246 -27.96 -2.87 49.92
CA VAL G 246 -26.88 -1.94 49.63
C VAL G 246 -25.49 -2.50 49.91
N HIS G 247 -25.40 -3.40 50.87
CA HIS G 247 -24.11 -4.00 51.19
C HIS G 247 -23.74 -4.99 50.10
N ARG G 248 -24.65 -5.90 49.82
CA ARG G 248 -24.48 -6.82 48.74
C ARG G 248 -24.13 -6.05 47.49
N ARG G 249 -24.75 -4.90 47.27
CA ARG G 249 -24.58 -4.18 46.01
C ARG G 249 -23.42 -3.20 46.02
N ILE G 250 -22.73 -3.05 47.14
CA ILE G 250 -21.49 -2.27 47.17
C ILE G 250 -20.35 -3.19 46.81
N LEU G 251 -20.49 -4.42 47.24
CA LEU G 251 -19.51 -5.43 46.92
C LEU G 251 -19.63 -5.90 45.47
N TYR G 252 -20.81 -6.33 45.05
CA TYR G 252 -20.95 -6.79 43.66
C TYR G 252 -20.67 -5.62 42.75
N GLY G 253 -20.96 -4.41 43.22
CA GLY G 253 -20.61 -3.22 42.48
C GLY G 253 -19.10 -3.03 42.36
N LEU G 254 -18.37 -3.54 43.33
CA LEU G 254 -16.92 -3.47 43.29
C LEU G 254 -16.42 -4.46 42.28
N ASN G 255 -16.59 -5.74 42.62
CA ASN G 255 -16.23 -6.87 41.81
C ASN G 255 -16.42 -6.63 40.30
N GLU G 256 -17.35 -5.76 39.93
CA GLU G 256 -17.74 -5.63 38.53
C GLU G 256 -17.24 -4.35 37.91
N GLN G 257 -16.10 -3.87 38.41
CA GLN G 257 -15.45 -2.69 37.86
C GLN G 257 -13.95 -2.80 38.06
N GLY G 258 -13.50 -4.01 38.42
CA GLY G 258 -12.09 -4.30 38.58
C GLY G 258 -11.45 -3.48 39.68
N MET G 259 -12.25 -3.09 40.67
CA MET G 259 -11.75 -2.37 41.84
C MET G 259 -11.23 -3.42 42.82
N THR G 260 -10.34 -4.28 42.35
CA THR G 260 -9.88 -5.45 43.09
C THR G 260 -8.64 -5.14 43.93
N PRO G 261 -8.09 -6.15 44.65
CA PRO G 261 -6.88 -5.85 45.43
C PRO G 261 -5.64 -5.61 44.58
N ASP G 262 -5.29 -6.58 43.74
CA ASP G 262 -4.04 -6.55 42.97
C ASP G 262 -3.75 -5.21 42.34
N LYS G 263 -4.81 -4.49 41.98
CA LYS G 263 -4.66 -3.22 41.27
C LYS G 263 -4.65 -2.06 42.24
N SER G 264 -4.98 -0.89 41.71
CA SER G 264 -4.93 0.32 42.51
C SER G 264 -6.30 0.67 43.07
N TYR G 265 -6.30 1.74 43.85
CA TYR G 265 -7.49 2.32 44.43
C TYR G 265 -8.18 3.20 43.38
N LYS G 266 -9.52 3.13 43.31
CA LYS G 266 -10.26 4.03 42.44
C LYS G 266 -11.13 4.96 43.29
N LYS G 267 -11.24 6.21 42.87
CA LYS G 267 -11.92 7.24 43.67
C LYS G 267 -13.36 6.87 44.01
N SER G 268 -13.93 7.60 44.97
CA SER G 268 -15.19 7.26 45.61
C SER G 268 -16.43 7.34 44.73
N ALA G 269 -16.81 8.56 44.34
CA ALA G 269 -17.99 8.80 43.51
C ALA G 269 -18.17 7.74 42.39
N ARG G 270 -17.07 7.45 41.70
CA ARG G 270 -17.01 6.45 40.63
C ARG G 270 -17.66 5.18 41.09
N ILE G 271 -17.49 4.87 42.37
CA ILE G 271 -17.95 3.62 42.93
C ILE G 271 -19.43 3.69 43.29
N VAL G 272 -19.83 4.82 43.82
CA VAL G 272 -21.22 4.94 44.23
C VAL G 272 -22.12 5.11 43.01
N GLY G 273 -21.91 6.20 42.27
CA GLY G 273 -22.61 6.44 41.02
C GLY G 273 -22.78 5.17 40.18
N ASP G 274 -21.84 4.25 40.36
CA ASP G 274 -21.91 2.95 39.70
C ASP G 274 -22.95 2.08 40.37
N VAL G 275 -22.96 2.05 41.68
CA VAL G 275 -23.93 1.21 42.35
C VAL G 275 -25.26 1.95 42.47
N MET G 276 -25.24 3.27 42.27
CA MET G 276 -26.44 4.06 42.44
C MET G 276 -27.25 4.20 41.16
N GLY G 277 -26.64 3.89 40.03
CA GLY G 277 -27.37 3.88 38.77
C GLY G 277 -27.53 2.48 38.22
N LYS G 278 -26.61 1.59 38.59
CA LYS G 278 -26.62 0.20 38.12
C LYS G 278 -27.14 -0.80 39.15
N TYR G 279 -27.66 -0.33 40.30
CA TYR G 279 -28.10 -1.25 41.35
C TYR G 279 -29.03 -0.64 42.42
N HIS G 280 -28.70 0.56 42.86
CA HIS G 280 -29.27 1.06 44.11
C HIS G 280 -29.84 2.47 43.99
N PRO G 281 -31.14 2.57 43.73
CA PRO G 281 -31.76 3.87 43.48
C PRO G 281 -32.16 4.56 44.80
N HIS G 282 -31.14 5.03 45.52
CA HIS G 282 -31.27 5.82 46.74
C HIS G 282 -30.23 6.93 46.72
N GLY G 283 -29.93 7.54 47.86
CA GLY G 283 -29.05 8.71 47.84
C GLY G 283 -27.60 8.38 48.18
N ASP G 284 -26.66 9.07 47.56
CA ASP G 284 -25.23 8.73 47.69
C ASP G 284 -24.70 8.51 49.12
N SER G 285 -25.27 9.25 50.07
CA SER G 285 -24.82 9.20 51.46
C SER G 285 -25.22 7.88 52.11
N SER G 286 -26.39 7.37 51.78
CA SER G 286 -26.79 6.07 52.29
C SER G 286 -26.04 4.97 51.58
N ILE G 287 -25.32 5.32 50.53
CA ILE G 287 -24.42 4.33 49.96
C ILE G 287 -23.03 4.55 50.51
N TYR G 288 -22.48 5.74 50.28
CA TYR G 288 -21.16 6.10 50.80
C TYR G 288 -20.96 5.59 52.23
N GLU G 289 -21.97 5.78 53.07
CA GLU G 289 -21.85 5.52 54.50
C GLU G 289 -21.86 4.02 54.88
N ALA G 290 -22.67 3.23 54.17
CA ALA G 290 -22.64 1.78 54.37
C ALA G 290 -21.27 1.29 54.00
N MET G 291 -20.55 2.09 53.23
CA MET G 291 -19.25 1.69 52.74
C MET G 291 -18.15 1.95 53.73
N VAL G 292 -18.13 3.17 54.23
CA VAL G 292 -17.26 3.53 55.32
C VAL G 292 -17.37 2.48 56.42
N ARG G 293 -18.59 2.17 56.81
CA ARG G 293 -18.82 1.18 57.86
C ARG G 293 -18.07 -0.14 57.56
N MET G 294 -17.90 -0.44 56.28
CA MET G 294 -17.33 -1.73 55.86
C MET G 294 -15.81 -1.76 55.81
N ALA G 295 -15.22 -0.59 56.03
CA ALA G 295 -13.79 -0.41 55.91
C ALA G 295 -13.13 -0.36 57.28
N GLN G 296 -13.94 -0.09 58.30
CA GLN G 296 -13.40 0.14 59.62
C GLN G 296 -13.16 -1.16 60.38
N ASP G 297 -11.92 -1.31 60.82
CA ASP G 297 -11.43 -2.54 61.40
C ASP G 297 -11.95 -2.77 62.82
N PHE G 298 -12.56 -1.73 63.38
CA PHE G 298 -13.16 -1.80 64.71
C PHE G 298 -14.65 -2.04 64.61
N SER G 299 -15.21 -1.63 63.47
CA SER G 299 -16.61 -1.88 63.14
C SER G 299 -16.81 -3.24 62.47
N TYR G 300 -15.83 -3.69 61.69
CA TYR G 300 -15.90 -5.01 61.07
C TYR G 300 -14.85 -5.98 61.61
N ARG G 301 -15.30 -7.16 62.02
CA ARG G 301 -14.42 -8.18 62.53
C ARG G 301 -13.37 -8.54 61.50
N TYR G 302 -13.81 -8.62 60.26
CA TYR G 302 -12.91 -8.81 59.15
C TYR G 302 -13.42 -7.90 58.07
N PRO G 303 -12.95 -6.65 58.08
CA PRO G 303 -13.35 -5.59 57.16
C PRO G 303 -13.49 -6.16 55.76
N LEU G 304 -14.44 -5.65 54.96
CA LEU G 304 -14.62 -6.12 53.56
C LEU G 304 -14.29 -5.03 52.55
N VAL G 305 -13.78 -3.92 53.05
CA VAL G 305 -13.47 -2.76 52.23
C VAL G 305 -12.14 -2.09 52.63
N ASP G 306 -11.08 -2.47 51.92
CA ASP G 306 -9.80 -1.79 52.00
C ASP G 306 -9.98 -0.31 51.60
N GLY G 307 -10.00 0.58 52.57
CA GLY G 307 -10.21 1.99 52.28
C GLY G 307 -8.94 2.77 52.47
N GLN G 308 -8.94 4.05 52.08
CA GLN G 308 -7.68 4.82 52.15
C GLN G 308 -7.80 6.33 52.32
N GLY G 309 -7.92 6.76 53.57
CA GLY G 309 -8.10 8.16 53.90
C GLY G 309 -8.99 8.34 55.11
N ASN G 310 -9.54 9.55 55.27
CA ASN G 310 -10.49 9.83 56.34
C ASN G 310 -11.77 9.04 56.22
N PHE G 311 -11.81 7.95 56.98
CA PHE G 311 -12.99 7.14 57.15
C PHE G 311 -13.46 7.30 58.60
N GLY G 312 -13.00 8.36 59.24
CA GLY G 312 -13.24 8.56 60.66
C GLY G 312 -12.50 7.57 61.54
N SER G 313 -12.80 7.62 62.84
CA SER G 313 -12.29 6.68 63.83
C SER G 313 -13.41 6.34 64.83
N MET G 314 -13.04 5.72 65.96
CA MET G 314 -13.99 5.36 67.04
C MET G 314 -14.77 6.58 67.54
N ASP G 315 -14.07 7.69 67.67
CA ASP G 315 -14.66 8.95 68.13
C ASP G 315 -15.79 9.39 67.22
N GLY G 316 -16.04 8.58 66.18
CA GLY G 316 -17.13 8.80 65.25
C GLY G 316 -16.92 10.03 64.39
N ASP G 317 -15.77 10.08 63.71
CA ASP G 317 -15.41 11.22 62.86
C ASP G 317 -16.16 11.16 61.51
N GLY G 318 -17.36 11.75 61.44
CA GLY G 318 -18.17 11.70 60.24
C GLY G 318 -17.35 11.80 58.96
N ALA G 319 -16.89 10.65 58.46
CA ALA G 319 -15.97 10.56 57.31
C ALA G 319 -15.99 11.76 56.34
N ALA G 320 -14.83 12.09 55.81
CA ALA G 320 -14.74 13.12 54.79
C ALA G 320 -15.85 12.88 53.76
N ALA G 321 -16.07 13.86 52.90
CA ALA G 321 -16.93 13.68 51.74
C ALA G 321 -16.24 12.67 50.83
N MET G 322 -16.89 12.28 49.74
CA MET G 322 -16.34 11.22 48.92
C MET G 322 -15.47 11.68 47.73
N ARG G 323 -15.51 12.96 47.37
CA ARG G 323 -14.65 13.42 46.29
C ARG G 323 -13.22 12.91 46.46
N PHE G 324 -12.78 12.88 47.73
CA PHE G 324 -11.39 12.61 48.10
C PHE G 324 -11.01 11.14 48.24
N THR G 325 -11.89 10.39 48.91
CA THR G 325 -11.60 9.00 49.32
C THR G 325 -11.49 8.01 48.17
N GLU G 326 -10.77 6.92 48.38
CA GLU G 326 -10.57 5.96 47.29
C GLU G 326 -10.65 4.52 47.77
N ALA G 327 -11.34 3.67 47.01
CA ALA G 327 -11.80 2.40 47.58
C ALA G 327 -11.67 1.13 46.70
N ARG G 328 -11.63 -0.04 47.36
CA ARG G 328 -11.50 -1.33 46.70
C ARG G 328 -11.72 -2.50 47.64
N MET G 329 -11.50 -3.72 47.15
CA MET G 329 -11.65 -4.91 47.96
C MET G 329 -10.51 -5.18 48.96
N THR G 330 -10.79 -6.10 49.86
CA THR G 330 -9.77 -6.69 50.70
C THR G 330 -9.58 -8.08 50.15
N LYS G 331 -8.54 -8.75 50.59
CA LYS G 331 -8.30 -10.09 50.11
C LYS G 331 -9.39 -11.00 50.67
N ILE G 332 -9.80 -10.75 51.91
CA ILE G 332 -10.77 -11.61 52.55
C ILE G 332 -12.09 -11.66 51.78
N THR G 333 -12.49 -10.48 51.30
CA THR G 333 -13.73 -10.27 50.57
C THR G 333 -13.84 -11.15 49.34
N LEU G 334 -12.73 -11.23 48.62
CA LEU G 334 -12.63 -12.02 47.41
C LEU G 334 -13.24 -13.39 47.58
N GLU G 335 -13.38 -13.81 48.84
CA GLU G 335 -13.81 -15.17 49.13
C GLU G 335 -15.31 -15.20 49.41
N LEU G 336 -15.92 -14.04 49.22
CA LEU G 336 -17.36 -13.87 49.30
C LEU G 336 -17.97 -14.12 47.93
N LEU G 337 -17.22 -13.71 46.91
CA LEU G 337 -17.64 -13.71 45.50
C LEU G 337 -17.03 -14.85 44.67
N ARG G 338 -16.03 -15.52 45.24
CA ARG G 338 -15.38 -16.65 44.59
C ARG G 338 -16.42 -17.63 44.07
N ASP G 339 -16.66 -17.59 42.77
CA ASP G 339 -17.45 -18.61 42.06
C ASP G 339 -18.83 -18.14 41.65
N ILE G 340 -19.04 -16.84 41.61
CA ILE G 340 -20.38 -16.33 41.42
C ILE G 340 -20.89 -16.41 39.98
N ASN G 341 -19.95 -16.50 39.05
CA ASN G 341 -20.19 -16.50 37.61
C ASN G 341 -20.41 -17.89 37.02
N LYS G 342 -20.07 -18.91 37.80
CA LYS G 342 -20.18 -20.30 37.37
C LYS G 342 -21.57 -20.89 37.62
N ASP G 343 -22.60 -20.12 37.29
CA ASP G 343 -23.97 -20.45 37.67
C ASP G 343 -24.02 -21.17 39.02
N THR G 344 -23.78 -20.44 40.10
CA THR G 344 -23.77 -21.01 41.44
C THR G 344 -24.98 -20.48 42.18
N ILE G 345 -25.27 -19.21 41.90
CA ILE G 345 -26.35 -18.51 42.54
C ILE G 345 -27.13 -17.74 41.48
N ASP G 346 -28.39 -17.42 41.80
CA ASP G 346 -29.29 -16.77 40.86
C ASP G 346 -28.94 -15.30 40.69
N PHE G 347 -28.93 -14.84 39.43
CA PHE G 347 -28.91 -13.41 39.17
C PHE G 347 -30.35 -12.98 38.92
N ILE G 348 -30.60 -11.68 38.88
CA ILE G 348 -31.96 -11.23 38.75
C ILE G 348 -31.94 -9.84 38.17
N ASP G 349 -32.99 -9.47 37.44
CA ASP G 349 -33.11 -8.11 36.95
C ASP G 349 -32.78 -7.16 38.07
N ASN G 350 -32.31 -5.98 37.74
CA ASN G 350 -32.29 -4.91 38.72
C ASN G 350 -33.56 -4.09 38.59
N TYR G 351 -33.65 -3.04 39.42
CA TYR G 351 -34.88 -2.26 39.53
C TYR G 351 -35.37 -1.68 38.21
N ASP G 352 -34.49 -1.68 37.19
CA ASP G 352 -34.85 -1.21 35.84
C ASP G 352 -34.51 -2.20 34.75
N GLY G 353 -34.25 -3.45 35.14
CA GLY G 353 -34.07 -4.55 34.20
C GLY G 353 -32.97 -4.37 33.16
N ASN G 354 -32.53 -3.14 32.97
CA ASN G 354 -31.40 -2.85 32.10
C ASN G 354 -30.16 -3.59 32.52
N GLU G 355 -30.13 -4.00 33.79
CA GLU G 355 -29.01 -4.74 34.33
C GLU G 355 -29.42 -5.97 35.13
N ARG G 356 -28.42 -6.80 35.42
CA ARG G 356 -28.58 -7.98 36.28
C ARG G 356 -27.66 -7.88 37.49
N GLU G 357 -28.15 -8.37 38.64
CA GLU G 357 -27.40 -8.37 39.89
C GLU G 357 -27.72 -9.66 40.60
N PRO G 358 -26.88 -10.06 41.56
CA PRO G 358 -27.06 -11.21 42.46
C PRO G 358 -28.30 -11.11 43.37
N SER G 359 -28.97 -12.23 43.58
CA SER G 359 -30.00 -12.36 44.60
C SER G 359 -29.34 -12.50 45.98
N VAL G 360 -28.15 -13.12 45.98
CA VAL G 360 -27.32 -13.30 47.16
C VAL G 360 -25.90 -13.53 46.65
N LEU G 361 -24.90 -13.45 47.53
CA LEU G 361 -23.53 -13.78 47.16
C LEU G 361 -23.21 -15.19 47.63
N PRO G 362 -22.05 -15.73 47.21
CA PRO G 362 -21.57 -17.05 47.64
C PRO G 362 -21.05 -17.15 49.09
N ALA G 363 -20.25 -16.19 49.55
CA ALA G 363 -19.85 -16.21 50.95
C ALA G 363 -19.36 -17.59 51.35
N ARG G 364 -18.18 -17.94 50.85
CA ARG G 364 -17.56 -19.21 51.18
C ARG G 364 -17.24 -19.26 52.66
N PHE G 365 -17.76 -18.26 53.39
CA PHE G 365 -17.53 -18.11 54.82
C PHE G 365 -18.66 -17.31 55.50
N PRO G 366 -19.25 -17.88 56.57
CA PRO G 366 -20.39 -17.40 57.36
C PRO G 366 -20.30 -15.94 57.82
N ASN G 367 -20.65 -15.01 56.93
CA ASN G 367 -20.44 -13.58 57.19
C ASN G 367 -21.54 -12.89 57.99
N LEU G 368 -22.69 -13.52 58.10
CA LEU G 368 -23.75 -13.00 58.95
C LEU G 368 -23.23 -12.86 60.38
N LEU G 369 -22.74 -13.98 60.91
CA LEU G 369 -22.27 -14.06 62.28
C LEU G 369 -20.82 -13.62 62.43
N ALA G 370 -20.03 -13.78 61.37
CA ALA G 370 -18.63 -13.37 61.44
C ALA G 370 -18.55 -11.86 61.69
N ASN G 371 -19.32 -11.10 60.93
CA ASN G 371 -19.26 -9.65 61.00
C ASN G 371 -20.44 -9.02 61.71
N GLY G 372 -21.59 -9.70 61.67
CA GLY G 372 -22.76 -9.31 62.43
C GLY G 372 -23.44 -8.01 62.02
N ALA G 373 -24.75 -8.10 61.80
CA ALA G 373 -25.54 -6.95 61.39
C ALA G 373 -26.61 -6.64 62.41
N SER G 374 -26.86 -5.35 62.61
CA SER G 374 -27.86 -4.89 63.58
C SER G 374 -28.83 -3.89 62.93
N GLY G 375 -30.01 -4.41 62.56
CA GLY G 375 -30.96 -3.70 61.74
C GLY G 375 -32.27 -3.34 62.42
N ILE G 376 -32.86 -2.23 61.95
CA ILE G 376 -34.11 -1.70 62.45
C ILE G 376 -35.12 -1.62 61.31
N ALA G 377 -36.11 -2.51 61.37
CA ALA G 377 -37.06 -2.64 60.29
C ALA G 377 -38.46 -2.43 60.84
N VAL G 378 -39.51 -2.57 60.04
CA VAL G 378 -40.85 -2.44 60.62
C VAL G 378 -41.23 -3.74 61.30
N GLY G 379 -42.26 -3.64 62.14
CA GLY G 379 -42.67 -4.72 63.00
C GLY G 379 -41.56 -5.26 63.87
N MET G 380 -40.33 -5.20 63.38
CA MET G 380 -39.25 -5.91 64.04
C MET G 380 -37.95 -5.17 64.03
N ALA G 381 -36.88 -5.94 64.12
CA ALA G 381 -35.55 -5.38 64.18
C ALA G 381 -34.59 -6.39 64.77
N THR G 382 -33.41 -6.45 64.17
CA THR G 382 -32.42 -7.44 64.48
C THR G 382 -31.18 -6.82 65.11
N ASN G 383 -30.40 -7.67 65.73
CA ASN G 383 -29.17 -7.25 66.34
C ASN G 383 -28.33 -8.49 66.53
N ILE G 384 -27.30 -8.64 65.70
CA ILE G 384 -26.34 -9.74 65.78
C ILE G 384 -24.88 -9.25 65.94
N PRO G 385 -24.17 -9.82 66.93
CA PRO G 385 -22.84 -9.36 67.31
C PRO G 385 -21.83 -10.13 66.50
N PRO G 386 -20.58 -9.65 66.43
CA PRO G 386 -19.52 -10.30 65.66
C PRO G 386 -19.22 -11.66 66.28
N HIS G 387 -18.23 -12.36 65.76
CA HIS G 387 -17.85 -13.63 66.33
C HIS G 387 -16.44 -13.92 65.90
N ASN G 388 -16.06 -15.20 66.00
CA ASN G 388 -14.78 -15.67 65.48
C ASN G 388 -14.95 -16.63 64.28
N LEU G 389 -14.09 -16.50 63.28
CA LEU G 389 -14.21 -17.31 62.05
C LEU G 389 -13.75 -18.77 62.22
N THR G 390 -12.73 -18.98 63.04
CA THR G 390 -12.25 -20.33 63.30
C THR G 390 -13.40 -21.13 63.85
N GLU G 391 -13.71 -20.86 65.12
CA GLU G 391 -14.77 -21.52 65.87
C GLU G 391 -15.95 -21.89 64.97
N LEU G 392 -16.44 -20.91 64.23
CA LEU G 392 -17.54 -21.12 63.28
C LEU G 392 -17.27 -22.27 62.31
N ILE G 393 -16.30 -22.08 61.42
CA ILE G 393 -16.03 -23.13 60.44
C ILE G 393 -15.91 -24.50 61.14
N ASN G 394 -15.31 -24.52 62.33
CA ASN G 394 -15.26 -25.74 63.16
C ASN G 394 -16.66 -26.17 63.50
N GLY G 395 -17.51 -25.16 63.68
CA GLY G 395 -18.92 -25.37 63.91
C GLY G 395 -19.52 -26.16 62.78
N VAL G 396 -19.50 -25.60 61.57
CA VAL G 396 -19.94 -26.32 60.38
C VAL G 396 -19.19 -27.66 60.28
N LEU G 397 -17.86 -27.58 60.36
CA LEU G 397 -17.00 -28.76 60.32
C LEU G 397 -17.62 -29.90 61.12
N SER G 398 -18.13 -29.55 62.30
CA SER G 398 -18.61 -30.54 63.25
C SER G 398 -20.11 -30.82 63.08
N LEU G 399 -20.81 -29.85 62.51
CA LEU G 399 -22.20 -30.01 62.16
C LEU G 399 -22.28 -30.81 60.86
N SER G 400 -21.36 -30.51 59.94
CA SER G 400 -21.21 -31.23 58.68
C SER G 400 -20.93 -32.72 58.90
N LYS G 401 -20.29 -33.03 60.04
CA LYS G 401 -20.00 -34.41 60.46
C LYS G 401 -21.19 -35.06 61.22
N ASN G 402 -21.96 -34.24 61.95
CA ASN G 402 -23.09 -34.74 62.75
C ASN G 402 -24.36 -33.97 62.47
N PRO G 403 -25.47 -34.69 62.24
CA PRO G 403 -26.80 -34.11 62.00
C PRO G 403 -27.52 -33.73 63.29
N ASP G 404 -27.52 -34.64 64.27
CA ASP G 404 -28.36 -34.48 65.48
C ASP G 404 -27.61 -33.80 66.61
N ILE G 405 -26.57 -33.08 66.25
CA ILE G 405 -25.74 -32.34 67.18
C ILE G 405 -26.59 -31.34 67.98
N SER G 406 -25.97 -30.67 68.95
CA SER G 406 -26.68 -29.73 69.85
C SER G 406 -25.95 -28.38 69.90
N ILE G 407 -26.47 -27.47 70.71
CA ILE G 407 -25.87 -26.14 70.91
C ILE G 407 -24.85 -26.16 72.06
N ALA G 408 -24.98 -27.14 72.95
CA ALA G 408 -23.96 -27.40 73.94
C ALA G 408 -22.74 -27.90 73.18
N GLU G 409 -22.97 -28.94 72.37
CA GLU G 409 -21.94 -29.55 71.54
C GLU G 409 -21.29 -28.52 70.61
N LEU G 410 -22.08 -27.59 70.11
CA LEU G 410 -21.57 -26.50 69.28
C LEU G 410 -20.75 -25.53 70.10
N MET G 411 -21.20 -25.31 71.33
CA MET G 411 -20.63 -24.29 72.20
C MET G 411 -19.29 -24.73 72.70
N GLU G 412 -18.95 -25.98 72.39
CA GLU G 412 -17.59 -26.46 72.57
C GLU G 412 -16.74 -26.06 71.33
N ASP G 413 -17.37 -26.07 70.16
CA ASP G 413 -16.77 -25.53 68.93
C ASP G 413 -16.66 -24.00 68.96
N ILE G 414 -17.77 -23.31 69.20
CA ILE G 414 -17.75 -21.84 69.27
C ILE G 414 -17.93 -21.35 70.71
N GLU G 415 -17.51 -20.11 70.99
CA GLU G 415 -17.67 -19.51 72.32
C GLU G 415 -18.65 -18.32 72.35
N GLY G 416 -18.16 -17.13 72.02
CA GLY G 416 -18.99 -15.93 72.08
C GLY G 416 -18.66 -14.83 71.08
N PRO G 417 -19.54 -13.83 70.97
CA PRO G 417 -19.28 -12.71 70.07
C PRO G 417 -17.93 -12.09 70.32
N ASP G 418 -16.90 -12.75 69.81
CA ASP G 418 -15.59 -12.14 69.71
C ASP G 418 -15.79 -10.81 68.99
N PHE G 419 -15.45 -9.71 69.64
CA PHE G 419 -15.64 -8.44 68.99
C PHE G 419 -14.37 -8.02 68.28
N PRO G 420 -14.52 -7.15 67.27
CA PRO G 420 -13.44 -6.45 66.57
C PRO G 420 -12.91 -5.31 67.44
N THR G 421 -13.33 -5.33 68.71
CA THR G 421 -12.85 -4.40 69.73
C THR G 421 -12.11 -5.18 70.82
N ALA G 422 -12.27 -6.50 70.78
CA ALA G 422 -11.79 -7.40 71.82
C ALA G 422 -12.62 -7.19 73.06
N GLY G 423 -11.90 -6.94 74.17
CA GLY G 423 -12.47 -6.49 75.42
C GLY G 423 -12.64 -7.61 76.42
N LEU G 424 -13.71 -7.50 77.20
CA LEU G 424 -14.13 -8.59 78.08
C LEU G 424 -15.63 -8.74 78.06
N ILE G 425 -16.08 -9.96 78.25
CA ILE G 425 -17.46 -10.21 78.55
C ILE G 425 -17.54 -10.72 79.98
N LEU G 426 -18.70 -10.57 80.60
CA LEU G 426 -18.95 -11.10 81.92
C LEU G 426 -19.71 -12.40 81.77
N GLY G 427 -19.35 -13.36 82.61
CA GLY G 427 -19.95 -14.70 82.61
C GLY G 427 -19.97 -15.34 81.25
N LYS G 428 -21.08 -16.02 80.99
CA LYS G 428 -21.31 -16.74 79.75
C LYS G 428 -22.79 -17.07 79.75
N SER G 429 -23.45 -16.75 80.86
CA SER G 429 -24.85 -17.08 81.09
C SER G 429 -25.74 -16.63 79.94
N GLY G 430 -25.83 -15.31 79.75
CA GLY G 430 -26.65 -14.75 78.69
C GLY G 430 -26.25 -15.31 77.35
N ILE G 431 -24.94 -15.42 77.12
CA ILE G 431 -24.42 -15.93 75.84
C ILE G 431 -25.25 -17.11 75.37
N ARG G 432 -25.44 -18.04 76.28
CA ARG G 432 -26.14 -19.28 76.00
C ARG G 432 -27.61 -19.05 75.70
N ARG G 433 -28.17 -17.97 76.23
CA ARG G 433 -29.58 -17.61 76.01
C ARG G 433 -29.75 -16.89 74.69
N ALA G 434 -28.70 -16.18 74.28
CA ALA G 434 -28.69 -15.49 72.99
C ALA G 434 -28.45 -16.50 71.88
N TYR G 435 -27.72 -17.56 72.22
CA TYR G 435 -27.45 -18.65 71.28
C TYR G 435 -28.60 -19.63 71.23
N GLU G 436 -29.22 -19.88 72.37
CA GLU G 436 -30.22 -20.95 72.45
C GLU G 436 -31.57 -20.59 71.85
N THR G 437 -31.97 -19.32 71.96
CA THR G 437 -33.30 -18.91 71.53
C THR G 437 -33.21 -17.83 70.47
N GLY G 438 -32.06 -17.16 70.45
CA GLY G 438 -31.80 -16.07 69.54
C GLY G 438 -31.77 -14.73 70.23
N ARG G 439 -32.22 -14.71 71.49
CA ARG G 439 -32.31 -13.47 72.25
C ARG G 439 -31.95 -13.66 73.72
N GLY G 440 -31.39 -12.61 74.28
CA GLY G 440 -30.86 -12.60 75.63
C GLY G 440 -29.92 -11.41 75.62
N SER G 441 -29.47 -10.97 76.79
CA SER G 441 -28.56 -9.86 76.81
C SER G 441 -27.19 -10.26 77.35
N ILE G 442 -26.19 -9.53 76.91
CA ILE G 442 -24.79 -9.89 77.13
C ILE G 442 -24.00 -8.67 77.58
N GLN G 443 -23.22 -8.83 78.66
CA GLN G 443 -22.48 -7.71 79.23
C GLN G 443 -21.10 -7.55 78.62
N MET G 444 -20.74 -6.33 78.27
CA MET G 444 -19.41 -6.00 77.77
C MET G 444 -18.74 -4.99 78.72
N ARG G 445 -17.42 -5.11 78.88
CA ARG G 445 -16.64 -4.17 79.69
C ARG G 445 -15.22 -4.03 79.14
N SER G 446 -14.65 -2.86 79.38
CA SER G 446 -13.35 -2.44 78.84
C SER G 446 -12.17 -3.07 79.59
N ARG G 447 -11.25 -3.74 78.89
CA ARG G 447 -10.10 -4.26 79.64
C ARG G 447 -9.29 -3.14 80.27
N ALA G 448 -9.54 -2.95 81.56
CA ALA G 448 -8.82 -1.97 82.35
C ALA G 448 -8.16 -2.67 83.53
N VAL G 449 -6.83 -2.56 83.60
CA VAL G 449 -6.06 -3.03 84.76
C VAL G 449 -5.61 -1.85 85.67
N ILE G 450 -5.92 -1.93 86.96
CA ILE G 450 -5.65 -0.82 87.87
C ILE G 450 -4.18 -0.68 88.35
N GLU G 451 -3.46 0.32 87.83
CA GLU G 451 -2.03 0.53 88.14
C GLU G 451 -1.69 1.89 88.79
N GLU G 452 -0.41 2.28 88.78
CA GLU G 452 0.06 3.46 89.51
C GLU G 452 0.76 4.54 88.65
N ARG G 453 0.83 5.77 89.18
CA ARG G 453 1.24 6.94 88.39
C ARG G 453 2.46 7.74 88.91
N GLY G 454 2.84 7.52 90.17
CA GLY G 454 3.93 8.28 90.79
C GLY G 454 3.44 9.21 91.89
N GLY G 455 4.25 9.41 92.91
CA GLY G 455 3.82 10.14 94.09
C GLY G 455 3.11 9.18 95.03
N GLY G 456 3.30 7.89 94.75
CA GLY G 456 2.63 6.83 95.47
C GLY G 456 1.23 6.68 94.93
N ARG G 457 0.82 7.66 94.13
CA ARG G 457 -0.57 7.77 93.63
C ARG G 457 -0.95 6.76 92.55
N GLN G 458 -2.25 6.55 92.40
CA GLN G 458 -2.75 5.45 91.60
C GLN G 458 -3.66 5.88 90.47
N ARG G 459 -4.13 4.88 89.73
CA ARG G 459 -4.97 5.09 88.56
C ARG G 459 -5.51 3.79 87.95
N ILE G 460 -6.49 3.93 87.06
CA ILE G 460 -6.97 2.84 86.20
C ILE G 460 -6.59 3.13 84.74
N VAL G 461 -6.55 2.10 83.92
CA VAL G 461 -6.22 2.31 82.52
C VAL G 461 -7.08 1.42 81.64
N VAL G 462 -7.23 1.75 80.36
CA VAL G 462 -8.00 0.85 79.51
C VAL G 462 -7.35 0.46 78.17
N THR G 463 -7.21 -0.85 77.96
CA THR G 463 -6.57 -1.44 76.78
C THR G 463 -7.60 -1.79 75.70
N GLU G 464 -8.82 -2.04 76.14
CA GLU G 464 -9.92 -2.54 75.31
C GLU G 464 -11.20 -1.85 75.76
N ILE G 465 -12.19 -1.76 74.86
CA ILE G 465 -13.51 -1.19 75.22
C ILE G 465 -14.71 -1.94 74.55
N PRO G 466 -15.95 -1.69 75.04
CA PRO G 466 -17.13 -2.48 74.60
C PRO G 466 -17.42 -2.33 73.12
N PHE G 467 -17.58 -3.43 72.42
CA PHE G 467 -18.00 -3.37 71.01
C PHE G 467 -19.06 -2.26 70.82
N GLN G 468 -18.97 -1.54 69.69
CA GLN G 468 -19.88 -0.43 69.38
C GLN G 468 -19.92 0.73 70.42
N VAL G 469 -18.76 1.21 70.88
CA VAL G 469 -18.69 2.31 71.89
C VAL G 469 -17.89 3.59 71.49
N ASN G 470 -18.45 4.76 71.79
CA ASN G 470 -18.01 6.09 71.25
C ASN G 470 -17.06 6.91 72.15
N LYS G 471 -15.78 6.55 72.18
CA LYS G 471 -14.81 7.18 73.06
C LYS G 471 -15.15 8.64 73.37
N ALA G 472 -14.99 9.50 72.38
CA ALA G 472 -15.27 10.93 72.53
C ALA G 472 -16.49 11.25 73.40
N ARG G 473 -17.51 10.39 73.29
CA ARG G 473 -18.74 10.54 74.06
C ARG G 473 -18.51 10.07 75.49
N MET G 474 -18.15 8.79 75.63
CA MET G 474 -17.81 8.18 76.91
C MET G 474 -17.14 9.17 77.88
N ILE G 475 -16.09 9.83 77.38
CA ILE G 475 -15.26 10.75 78.16
C ILE G 475 -15.95 12.06 78.50
N GLU G 476 -16.98 12.42 77.73
CA GLU G 476 -17.78 13.61 78.07
C GLU G 476 -18.92 13.24 79.04
N LYS G 477 -19.26 11.96 79.13
CA LYS G 477 -20.17 11.51 80.17
C LYS G 477 -19.40 11.25 81.47
N ILE G 478 -18.27 10.57 81.38
CA ILE G 478 -17.41 10.40 82.54
C ILE G 478 -17.01 11.77 83.11
N ALA G 479 -16.87 12.74 82.20
CA ALA G 479 -16.62 14.12 82.57
C ALA G 479 -17.93 14.88 82.80
N GLU G 480 -19.06 14.28 82.46
CA GLU G 480 -20.36 14.87 82.80
C GLU G 480 -20.80 14.49 84.21
N LEU G 481 -20.34 13.34 84.67
CA LEU G 481 -20.62 12.90 86.03
C LEU G 481 -19.70 13.65 86.98
N VAL G 482 -18.40 13.53 86.76
CA VAL G 482 -17.43 14.15 87.65
C VAL G 482 -17.77 15.62 87.84
N ARG G 483 -17.77 16.35 86.72
CA ARG G 483 -18.13 17.76 86.70
C ARG G 483 -19.42 18.06 87.48
N ASP G 484 -20.53 17.45 87.05
CA ASP G 484 -21.81 17.66 87.69
C ASP G 484 -21.72 17.38 89.20
N LYS G 485 -20.73 16.55 89.57
CA LYS G 485 -20.52 16.08 90.94
C LYS G 485 -21.39 14.86 91.23
N LYS G 486 -21.11 13.79 90.50
CA LYS G 486 -21.89 12.57 90.61
C LYS G 486 -20.97 11.41 90.98
N ILE G 487 -19.69 11.73 91.20
CA ILE G 487 -18.70 10.80 91.73
C ILE G 487 -17.43 11.53 92.18
N ASP G 488 -16.61 10.87 92.97
CA ASP G 488 -15.37 11.45 93.52
C ASP G 488 -14.22 10.44 93.61
N GLY G 489 -13.01 10.94 93.91
CA GLY G 489 -11.84 10.09 94.06
C GLY G 489 -11.02 9.88 92.77
N ILE G 490 -11.16 10.79 91.82
CA ILE G 490 -10.45 10.73 90.53
C ILE G 490 -9.72 12.06 90.31
N THR G 491 -8.47 12.00 89.85
CA THR G 491 -7.68 13.23 89.72
C THR G 491 -7.41 13.68 88.29
N ASP G 492 -7.47 12.76 87.35
CA ASP G 492 -7.19 13.14 85.96
C ASP G 492 -7.99 12.32 84.94
N LEU G 493 -8.14 12.89 83.75
CA LEU G 493 -8.82 12.25 82.65
C LEU G 493 -7.99 12.47 81.39
N ARG G 494 -7.23 11.46 80.99
CA ARG G 494 -6.47 11.60 79.76
C ARG G 494 -6.78 10.47 78.81
N ASP G 495 -6.62 10.79 77.53
CA ASP G 495 -6.95 9.88 76.45
C ASP G 495 -5.69 9.58 75.66
N GLU G 496 -4.89 8.68 76.20
CA GLU G 496 -3.58 8.39 75.63
C GLU G 496 -3.62 7.48 74.38
N THR G 497 -4.72 7.55 73.64
CA THR G 497 -4.85 6.71 72.45
C THR G 497 -4.22 7.35 71.21
N SER G 498 -3.05 6.85 70.84
CA SER G 498 -2.48 7.18 69.54
C SER G 498 -2.61 5.95 68.63
N LEU G 499 -1.80 5.86 67.60
CA LEU G 499 -1.78 4.63 66.80
C LEU G 499 -0.90 3.57 67.47
N ARG G 500 0.32 3.99 67.73
CA ARG G 500 1.36 3.15 68.30
C ARG G 500 0.97 2.72 69.72
N THR G 501 0.56 3.70 70.51
CA THR G 501 0.08 3.44 71.86
C THR G 501 -1.01 2.37 71.87
N GLY G 502 -1.89 2.41 70.86
CA GLY G 502 -3.13 1.65 70.86
C GLY G 502 -4.18 2.38 71.67
N VAL G 503 -5.36 1.80 71.79
CA VAL G 503 -6.44 2.36 72.61
C VAL G 503 -5.95 2.52 74.06
N ARG G 504 -6.29 3.65 74.67
CA ARG G 504 -5.75 3.96 76.00
C ARG G 504 -6.36 5.19 76.67
N VAL G 505 -7.13 4.97 77.73
CA VAL G 505 -7.60 6.05 78.60
C VAL G 505 -7.20 5.76 80.04
N VAL G 506 -6.87 6.81 80.79
CA VAL G 506 -6.36 6.69 82.16
C VAL G 506 -7.21 7.44 83.18
N ILE G 507 -7.51 6.78 84.29
CA ILE G 507 -8.19 7.40 85.42
C ILE G 507 -7.23 7.59 86.60
N ASP G 508 -6.35 8.60 86.53
CA ASP G 508 -5.53 8.96 87.69
C ASP G 508 -6.46 9.17 88.88
N VAL G 509 -6.04 8.76 90.08
CA VAL G 509 -6.92 8.90 91.26
C VAL G 509 -6.26 9.61 92.44
N ARG G 510 -7.09 10.28 93.23
CA ARG G 510 -6.65 11.02 94.43
C ARG G 510 -6.19 10.07 95.54
N LYS G 511 -4.89 10.13 95.85
CA LYS G 511 -4.23 9.07 96.60
C LYS G 511 -5.00 8.63 97.84
N ASP G 512 -4.94 7.33 98.10
CA ASP G 512 -5.64 6.65 99.17
C ASP G 512 -7.11 6.40 98.83
N ALA G 513 -7.70 7.26 98.02
CA ALA G 513 -9.07 7.06 97.55
C ALA G 513 -9.14 5.69 96.85
N ASN G 514 -10.17 4.93 97.22
CA ASN G 514 -10.30 3.54 96.77
C ASN G 514 -10.59 3.42 95.27
N ALA G 515 -9.58 2.96 94.53
CA ALA G 515 -9.69 2.84 93.08
C ALA G 515 -10.80 1.88 92.67
N SER G 516 -10.78 0.67 93.22
CA SER G 516 -11.79 -0.33 92.88
C SER G 516 -13.16 0.30 92.96
N VAL G 517 -13.40 1.07 94.02
CA VAL G 517 -14.69 1.72 94.20
C VAL G 517 -15.01 2.62 93.00
N ILE G 518 -14.32 3.75 92.91
CA ILE G 518 -14.44 4.64 91.77
C ILE G 518 -14.68 3.88 90.47
N LEU G 519 -13.81 2.91 90.18
CA LEU G 519 -13.94 2.08 88.98
C LEU G 519 -15.19 1.17 88.96
N ASN G 520 -15.40 0.37 90.00
CA ASN G 520 -16.54 -0.55 90.03
C ASN G 520 -17.81 0.24 89.75
N ASN G 521 -17.77 1.52 90.13
CA ASN G 521 -18.90 2.42 89.98
C ASN G 521 -18.82 3.22 88.68
N LEU G 522 -17.88 2.87 87.81
CA LEU G 522 -17.79 3.46 86.47
C LEU G 522 -18.43 2.55 85.43
N TYR G 523 -18.22 1.24 85.54
CA TYR G 523 -18.91 0.31 84.67
C TYR G 523 -20.40 0.60 84.83
N LYS G 524 -20.74 1.35 85.88
CA LYS G 524 -22.13 1.53 86.32
C LYS G 524 -22.74 2.89 86.01
N GLN G 525 -21.92 3.87 85.67
CA GLN G 525 -22.45 5.21 85.48
C GLN G 525 -22.14 5.78 84.11
N THR G 526 -21.43 4.99 83.31
CA THR G 526 -21.06 5.44 81.99
C THR G 526 -21.26 4.30 81.02
N PRO G 527 -20.98 4.56 79.74
CA PRO G 527 -20.85 3.58 78.63
C PRO G 527 -19.86 2.48 78.96
N LEU G 528 -18.96 2.76 79.89
CA LEU G 528 -17.87 1.85 80.24
C LEU G 528 -18.32 0.38 80.32
N GLN G 529 -19.57 0.17 80.68
CA GLN G 529 -20.19 -1.14 80.60
C GLN G 529 -21.58 -0.99 79.97
N THR G 530 -21.77 -1.62 78.81
CA THR G 530 -23.06 -1.66 78.11
C THR G 530 -23.52 -3.12 77.94
N SER G 531 -24.53 -3.35 77.08
CA SER G 531 -24.94 -4.73 76.75
C SER G 531 -25.18 -4.94 75.24
N PHE G 532 -25.13 -6.20 74.82
CA PHE G 532 -25.56 -6.49 73.47
C PHE G 532 -26.94 -7.14 73.49
N GLY G 533 -27.92 -6.37 73.04
CA GLY G 533 -29.25 -6.90 72.86
C GLY G 533 -29.11 -7.88 71.72
N VAL G 534 -28.87 -9.15 72.03
CA VAL G 534 -28.81 -10.17 71.00
C VAL G 534 -30.23 -10.59 70.65
N ASN G 535 -30.53 -10.69 69.35
CA ASN G 535 -31.90 -10.82 68.90
C ASN G 535 -31.82 -11.20 67.44
N MET G 536 -31.04 -12.25 67.20
CA MET G 536 -30.71 -12.68 65.85
C MET G 536 -31.89 -12.92 64.91
N ILE G 537 -32.53 -11.84 64.52
CA ILE G 537 -33.46 -11.89 63.42
C ILE G 537 -32.66 -11.71 62.14
N ALA G 538 -33.10 -12.35 61.06
CA ALA G 538 -32.40 -12.32 59.78
C ALA G 538 -33.22 -13.02 58.71
N LEU G 539 -33.06 -12.62 57.44
CA LEU G 539 -33.86 -13.18 56.35
C LEU G 539 -33.55 -14.66 56.05
N VAL G 540 -34.51 -15.54 56.38
CA VAL G 540 -34.48 -16.92 55.96
C VAL G 540 -35.40 -17.11 54.77
N ASN G 541 -34.81 -17.55 53.65
CA ASN G 541 -35.51 -17.64 52.36
C ASN G 541 -36.51 -16.49 52.22
N GLY G 542 -36.10 -15.33 52.73
CA GLY G 542 -36.89 -14.12 52.63
C GLY G 542 -37.80 -13.83 53.81
N ARG G 543 -38.11 -14.84 54.61
CA ARG G 543 -39.00 -14.63 55.74
C ARG G 543 -38.18 -14.19 56.95
N PRO G 544 -38.56 -13.06 57.58
CA PRO G 544 -37.76 -12.60 58.71
C PRO G 544 -37.90 -13.69 59.73
N LYS G 545 -36.80 -14.32 60.14
CA LYS G 545 -36.89 -15.44 61.07
C LYS G 545 -35.99 -15.30 62.31
N LEU G 546 -36.59 -15.09 63.48
CA LEU G 546 -35.83 -15.15 64.72
C LEU G 546 -35.26 -16.56 64.92
N ILE G 547 -33.98 -16.73 64.59
CA ILE G 547 -33.30 -18.03 64.71
C ILE G 547 -32.25 -18.02 65.80
N ASN G 548 -31.95 -19.21 66.30
CA ASN G 548 -30.91 -19.45 67.28
C ASN G 548 -29.54 -19.59 66.60
N LEU G 549 -28.58 -20.23 67.27
CA LEU G 549 -27.27 -20.41 66.65
C LEU G 549 -27.33 -21.41 65.50
N LYS G 550 -27.38 -22.69 65.84
CA LYS G 550 -27.30 -23.79 64.87
C LYS G 550 -28.14 -23.65 63.60
N GLU G 551 -29.43 -23.40 63.75
CA GLU G 551 -30.32 -23.29 62.60
C GLU G 551 -29.78 -22.26 61.59
N ALA G 552 -29.12 -21.22 62.09
CA ALA G 552 -28.39 -20.33 61.20
C ALA G 552 -27.49 -21.20 60.32
N LEU G 553 -26.45 -21.76 60.96
CA LEU G 553 -25.47 -22.60 60.29
C LEU G 553 -26.07 -23.61 59.34
N VAL G 554 -27.20 -24.19 59.74
CA VAL G 554 -27.97 -25.07 58.88
C VAL G 554 -28.22 -24.39 57.54
N HIS G 555 -28.83 -23.22 57.61
CA HIS G 555 -29.10 -22.46 56.43
C HIS G 555 -27.80 -22.09 55.69
N TYR G 556 -26.67 -22.02 56.40
CA TYR G 556 -25.38 -21.78 55.73
C TYR G 556 -24.67 -23.04 55.17
N LEU G 557 -24.55 -24.08 56.00
CA LEU G 557 -24.04 -25.34 55.51
C LEU G 557 -24.80 -25.71 54.26
N GLU G 558 -26.12 -25.81 54.37
CA GLU G 558 -26.96 -26.12 53.22
C GLU G 558 -26.61 -25.27 51.98
N HIS G 559 -26.33 -23.99 52.20
CA HIS G 559 -25.98 -23.02 51.16
C HIS G 559 -24.77 -23.49 50.41
N GLN G 560 -23.69 -23.71 51.14
CA GLN G 560 -22.46 -24.24 50.55
C GLN G 560 -22.73 -25.53 49.76
N LYS G 561 -23.41 -26.47 50.40
CA LYS G 561 -23.83 -27.71 49.73
C LYS G 561 -24.45 -27.43 48.36
N THR G 562 -25.13 -26.30 48.24
CA THR G 562 -25.78 -25.97 47.00
C THR G 562 -24.90 -25.03 46.19
N VAL G 563 -24.02 -24.29 46.84
CA VAL G 563 -23.02 -23.54 46.06
C VAL G 563 -22.01 -24.49 45.39
N VAL G 564 -21.56 -25.52 46.12
CA VAL G 564 -20.60 -26.47 45.57
C VAL G 564 -21.16 -27.28 44.41
N ARG G 565 -22.14 -28.13 44.73
CA ARG G 565 -22.82 -28.94 43.72
C ARG G 565 -23.27 -28.19 42.45
N ARG G 566 -23.72 -26.95 42.61
CA ARG G 566 -24.15 -26.16 41.46
C ARG G 566 -22.95 -25.72 40.60
N ARG G 567 -21.82 -25.44 41.25
CA ARG G 567 -20.61 -25.07 40.53
C ARG G 567 -20.22 -26.25 39.64
N THR G 568 -20.16 -27.41 40.28
CA THR G 568 -19.88 -28.67 39.62
C THR G 568 -20.83 -28.98 38.45
N GLN G 569 -22.14 -28.77 38.60
CA GLN G 569 -23.11 -29.08 37.54
C GLN G 569 -22.90 -28.19 36.32
N TYR G 570 -22.28 -27.05 36.55
CA TYR G 570 -21.90 -26.10 35.50
C TYR G 570 -20.56 -26.50 34.87
N ASN G 571 -19.53 -26.59 35.72
CA ASN G 571 -18.19 -27.06 35.34
C ASN G 571 -18.17 -28.27 34.40
N LEU G 572 -19.10 -29.19 34.61
CA LEU G 572 -19.14 -30.40 33.84
C LEU G 572 -19.51 -30.09 32.41
N ARG G 573 -20.68 -29.50 32.19
CA ARG G 573 -21.12 -29.28 30.80
C ARG G 573 -20.12 -28.41 30.08
N LYS G 574 -19.58 -27.43 30.80
CA LYS G 574 -18.48 -26.63 30.30
C LYS G 574 -17.31 -27.50 29.83
N ALA G 575 -16.90 -28.45 30.66
CA ALA G 575 -15.83 -29.39 30.30
C ALA G 575 -16.29 -30.46 29.30
N LYS G 576 -17.54 -30.91 29.41
CA LYS G 576 -18.15 -31.78 28.39
C LYS G 576 -18.04 -31.10 27.02
N ASP G 577 -18.62 -29.91 26.95
CA ASP G 577 -18.52 -29.01 25.79
C ASP G 577 -17.11 -28.80 25.24
N ARG G 578 -16.09 -29.02 26.06
CA ARG G 578 -14.71 -28.91 25.62
C ARG G 578 -14.25 -30.26 25.07
N ALA G 579 -14.49 -31.30 25.86
CA ALA G 579 -14.27 -32.66 25.37
C ALA G 579 -14.67 -32.73 23.90
N HIS G 580 -15.98 -32.87 23.66
CA HIS G 580 -16.59 -32.84 22.32
C HIS G 580 -15.85 -31.93 21.33
N ILE G 581 -15.24 -30.86 21.84
CA ILE G 581 -14.52 -29.99 20.92
C ILE G 581 -13.09 -30.46 20.67
N LEU G 582 -12.42 -30.96 21.71
CA LEU G 582 -11.10 -31.56 21.55
C LEU G 582 -11.12 -32.86 20.77
N GLU G 583 -12.32 -33.45 20.66
CA GLU G 583 -12.54 -34.65 19.86
C GLU G 583 -12.80 -34.32 18.39
N GLY G 584 -13.40 -33.16 18.14
CA GLY G 584 -13.52 -32.68 16.77
C GLY G 584 -12.16 -32.38 16.15
N LEU G 585 -11.41 -31.47 16.80
CA LEU G 585 -10.11 -31.03 16.31
C LEU G 585 -9.12 -32.19 16.15
N ARG G 586 -9.33 -33.25 16.92
CA ARG G 586 -8.51 -34.48 16.82
C ARG G 586 -8.55 -35.09 15.41
N ILE G 587 -9.70 -35.67 15.06
CA ILE G 587 -9.97 -36.18 13.71
C ILE G 587 -9.40 -35.28 12.63
N ALA G 588 -9.80 -34.02 12.62
CA ALA G 588 -9.28 -33.09 11.62
C ALA G 588 -7.78 -33.30 11.55
N LEU G 589 -7.11 -33.23 12.70
CA LEU G 589 -5.67 -33.42 12.79
C LEU G 589 -5.25 -34.77 12.21
N ASP G 590 -6.13 -35.75 12.38
CA ASP G 590 -5.87 -37.15 12.05
C ASP G 590 -6.29 -37.51 10.64
N HIS G 591 -6.92 -36.56 9.96
CA HIS G 591 -7.14 -36.66 8.54
C HIS G 591 -6.92 -35.26 8.05
N ILE G 592 -5.83 -34.66 8.52
CA ILE G 592 -5.59 -33.24 8.34
C ILE G 592 -5.76 -32.85 6.87
N ASP G 593 -5.04 -33.56 6.00
CA ASP G 593 -5.12 -33.35 4.56
C ASP G 593 -6.54 -33.59 4.09
N GLU G 594 -7.15 -34.61 4.68
CA GLU G 594 -8.52 -35.02 4.36
C GLU G 594 -9.59 -33.99 4.76
N ILE G 595 -9.25 -33.10 5.69
CA ILE G 595 -10.13 -32.00 6.09
C ILE G 595 -9.90 -30.86 5.12
N ILE G 596 -8.62 -30.63 4.82
CA ILE G 596 -8.19 -29.67 3.81
C ILE G 596 -8.89 -29.94 2.48
N SER G 597 -9.15 -31.20 2.23
CA SER G 597 -9.92 -31.57 1.05
C SER G 597 -11.28 -30.99 1.26
N THR G 598 -11.93 -31.47 2.32
CA THR G 598 -13.33 -31.22 2.53
C THR G 598 -13.58 -29.72 2.51
N ILE G 599 -12.58 -28.97 2.92
CA ILE G 599 -12.75 -27.54 3.00
C ILE G 599 -12.53 -26.91 1.63
N ARG G 600 -11.32 -26.99 1.10
CA ARG G 600 -11.00 -26.49 -0.23
C ARG G 600 -12.18 -26.57 -1.18
N GLU G 601 -12.75 -27.77 -1.25
CA GLU G 601 -13.79 -28.14 -2.21
C GLU G 601 -15.15 -27.45 -2.02
N SER G 602 -15.28 -26.65 -0.96
CA SER G 602 -16.59 -26.10 -0.63
C SER G 602 -16.72 -24.61 -0.94
N ASP G 603 -17.57 -24.30 -1.90
CA ASP G 603 -17.76 -22.92 -2.30
C ASP G 603 -17.92 -21.99 -1.09
N THR G 604 -18.95 -22.27 -0.30
CA THR G 604 -19.33 -21.48 0.86
C THR G 604 -19.23 -22.32 2.12
N ASP G 605 -19.13 -21.65 3.25
CA ASP G 605 -18.99 -22.37 4.50
C ASP G 605 -20.16 -23.26 4.83
N LYS G 606 -21.32 -23.03 4.20
CA LYS G 606 -22.47 -23.87 4.52
C LYS G 606 -22.21 -25.27 3.98
N VAL G 607 -21.71 -25.34 2.74
CA VAL G 607 -21.18 -26.61 2.31
C VAL G 607 -20.16 -27.00 3.37
N ALA G 608 -18.94 -26.50 3.23
CA ALA G 608 -17.86 -26.75 4.17
C ALA G 608 -18.39 -27.28 5.49
N MET G 609 -19.32 -26.53 6.08
CA MET G 609 -19.98 -26.92 7.31
C MET G 609 -20.58 -28.32 7.19
N GLU G 610 -21.64 -28.43 6.39
CA GLU G 610 -22.35 -29.68 6.24
C GLU G 610 -21.40 -30.80 5.88
N SER G 611 -20.66 -30.59 4.79
CA SER G 611 -19.72 -31.58 4.29
C SER G 611 -18.80 -32.10 5.36
N LEU G 612 -18.19 -31.18 6.10
CA LEU G 612 -17.28 -31.57 7.18
C LEU G 612 -17.95 -32.59 8.10
N GLN G 613 -19.28 -32.62 8.09
CA GLN G 613 -20.06 -33.36 9.08
C GLN G 613 -20.57 -34.71 8.59
N GLN G 614 -21.05 -34.75 7.36
CA GLN G 614 -21.54 -36.01 6.78
C GLN G 614 -20.44 -36.74 6.00
N ARG G 615 -19.21 -36.27 6.18
CA ARG G 615 -18.02 -36.88 5.60
C ARG G 615 -17.00 -37.18 6.69
N PHE G 616 -17.33 -36.83 7.93
CA PHE G 616 -16.45 -37.03 9.08
C PHE G 616 -17.26 -37.31 10.33
N LYS G 617 -18.58 -37.44 10.18
CA LYS G 617 -19.48 -37.66 11.32
C LYS G 617 -19.24 -36.70 12.49
N LEU G 618 -19.46 -35.41 12.23
CA LEU G 618 -19.22 -34.33 13.19
C LEU G 618 -20.41 -33.41 13.43
N SER G 619 -20.62 -33.00 14.68
CA SER G 619 -21.72 -32.09 15.01
C SER G 619 -21.44 -30.66 14.55
N GLU G 620 -22.48 -29.83 14.53
CA GLU G 620 -22.36 -28.47 14.01
C GLU G 620 -21.14 -27.80 14.60
N LYS G 621 -21.04 -27.85 15.92
CA LYS G 621 -19.94 -27.18 16.62
C LYS G 621 -18.57 -27.70 16.19
N GLN G 622 -18.43 -29.01 16.01
CA GLN G 622 -17.14 -29.61 15.69
C GLN G 622 -16.59 -29.08 14.38
N ALA G 623 -17.44 -29.11 13.35
CA ALA G 623 -17.11 -28.51 12.07
C ALA G 623 -16.78 -27.03 12.28
N GLN G 624 -17.63 -26.33 13.01
CA GLN G 624 -17.42 -24.92 13.33
C GLN G 624 -16.08 -24.67 14.01
N ALA G 625 -15.67 -25.63 14.84
CA ALA G 625 -14.37 -25.64 15.50
C ALA G 625 -13.21 -25.78 14.53
N ILE G 626 -13.38 -26.66 13.54
CA ILE G 626 -12.36 -26.89 12.52
C ILE G 626 -12.19 -25.67 11.64
N LEU G 627 -13.23 -25.32 10.89
CA LEU G 627 -13.23 -24.10 10.09
C LEU G 627 -12.46 -23.00 10.85
N ASP G 628 -12.65 -22.94 12.17
CA ASP G 628 -12.10 -21.86 13.00
C ASP G 628 -10.63 -22.01 13.41
N MET G 629 -10.21 -23.25 13.65
CA MET G 629 -8.80 -23.58 13.93
C MET G 629 -7.83 -22.93 12.95
N ARG G 630 -6.91 -22.13 13.49
CA ARG G 630 -5.84 -21.52 12.68
C ARG G 630 -4.74 -22.52 12.29
N LEU G 631 -3.93 -22.14 11.31
CA LEU G 631 -2.83 -22.99 10.86
C LEU G 631 -1.71 -23.22 11.88
N ARG G 632 -1.46 -22.22 12.75
CA ARG G 632 -0.49 -22.36 13.84
C ARG G 632 -0.67 -23.75 14.48
N ARG G 633 -1.92 -24.21 14.59
CA ARG G 633 -2.25 -25.49 15.27
C ARG G 633 -1.74 -26.72 14.54
N LEU G 634 -1.19 -26.49 13.35
CA LEU G 634 -0.71 -27.57 12.49
C LEU G 634 0.74 -27.88 12.80
N THR G 635 1.45 -26.90 13.34
CA THR G 635 2.78 -27.18 13.87
C THR G 635 2.62 -28.24 14.93
N GLY G 636 3.48 -29.25 14.87
CA GLY G 636 3.44 -30.35 15.81
C GLY G 636 3.17 -29.97 17.25
N LEU G 637 4.00 -29.11 17.82
CA LEU G 637 3.85 -28.84 19.24
C LEU G 637 2.43 -28.43 19.63
N GLU G 638 1.70 -27.81 18.70
CA GLU G 638 0.36 -27.30 18.99
C GLU G 638 -0.69 -28.40 18.91
N ARG G 639 -0.23 -29.57 18.49
CA ARG G 639 -1.06 -30.74 18.32
C ARG G 639 -0.70 -31.69 19.45
N ASP G 640 0.04 -31.16 20.41
CA ASP G 640 0.34 -31.86 21.67
C ASP G 640 -0.26 -31.07 22.80
N LYS G 641 -0.62 -29.83 22.50
CA LYS G 641 -1.46 -29.07 23.39
C LYS G 641 -2.86 -29.56 23.13
N ILE G 642 -3.16 -29.87 21.88
CA ILE G 642 -4.51 -30.29 21.57
C ILE G 642 -4.74 -31.64 22.21
N GLU G 643 -3.92 -32.61 21.87
CA GLU G 643 -4.08 -33.92 22.50
C GLU G 643 -3.87 -33.87 24.01
N ALA G 644 -2.75 -33.35 24.47
CA ALA G 644 -2.45 -33.35 25.92
C ALA G 644 -3.59 -32.81 26.78
N GLU G 645 -4.30 -31.79 26.27
CA GLU G 645 -5.40 -31.17 26.99
C GLU G 645 -6.62 -32.10 27.06
N TYR G 646 -6.92 -32.78 25.96
CA TYR G 646 -8.00 -33.77 25.96
C TYR G 646 -7.83 -34.83 27.07
N ASN G 647 -6.69 -35.51 27.06
CA ASN G 647 -6.30 -36.47 28.08
C ASN G 647 -6.44 -36.01 29.54
N GLU G 648 -6.09 -34.75 29.81
CA GLU G 648 -6.02 -34.27 31.20
C GLU G 648 -7.40 -33.91 31.71
N LEU G 649 -8.31 -33.59 30.80
CA LEU G 649 -9.69 -33.36 31.18
C LEU G 649 -10.34 -34.63 31.66
N LEU G 650 -10.03 -35.71 30.96
CA LEU G 650 -10.69 -36.96 31.24
C LEU G 650 -10.64 -37.19 32.74
N ASN G 651 -9.49 -36.87 33.33
CA ASN G 651 -9.23 -37.11 34.74
C ASN G 651 -9.62 -35.91 35.61
N TYR G 652 -10.32 -34.95 35.00
CA TYR G 652 -10.99 -33.87 35.72
C TYR G 652 -12.48 -34.13 35.69
N ILE G 653 -12.98 -34.55 34.53
CA ILE G 653 -14.39 -34.91 34.40
C ILE G 653 -14.64 -36.22 35.18
N SER G 654 -13.55 -36.93 35.46
CA SER G 654 -13.60 -38.08 36.33
C SER G 654 -14.15 -37.57 37.67
N GLU G 655 -13.43 -36.65 38.30
CA GLU G 655 -13.80 -36.08 39.61
C GLU G 655 -15.18 -35.44 39.68
N LEU G 656 -15.41 -34.45 38.83
CA LEU G 656 -16.71 -33.78 38.73
C LEU G 656 -17.88 -34.75 38.91
N GLU G 657 -17.83 -35.89 38.25
CA GLU G 657 -18.91 -36.87 38.38
C GLU G 657 -18.81 -37.57 39.74
N THR G 658 -17.62 -38.04 40.10
CA THR G 658 -17.35 -38.56 41.44
C THR G 658 -18.10 -37.73 42.45
N ILE G 659 -18.05 -36.42 42.22
CA ILE G 659 -18.51 -35.44 43.18
C ILE G 659 -20.00 -35.14 43.06
N LEU G 660 -20.63 -35.71 42.04
CA LEU G 660 -22.07 -35.62 41.91
C LEU G 660 -22.73 -36.91 42.34
N ALA G 661 -22.21 -38.01 41.80
CA ALA G 661 -22.84 -39.32 41.97
C ALA G 661 -22.73 -39.95 43.36
N ASP G 662 -22.46 -39.14 44.38
CA ASP G 662 -22.42 -39.63 45.77
C ASP G 662 -22.63 -38.48 46.78
N GLU G 663 -23.51 -38.69 47.75
CA GLU G 663 -23.88 -37.62 48.67
C GLU G 663 -22.79 -37.24 49.66
N GLU G 664 -22.41 -38.16 50.55
CA GLU G 664 -21.33 -37.87 51.49
C GLU G 664 -20.14 -37.25 50.73
N VAL G 665 -19.92 -37.71 49.50
CA VAL G 665 -18.85 -37.22 48.65
C VAL G 665 -18.98 -35.76 48.19
N LEU G 666 -20.22 -35.29 48.08
CA LEU G 666 -20.45 -33.87 47.81
C LEU G 666 -20.18 -33.06 49.09
N LEU G 667 -20.53 -33.65 50.24
CA LEU G 667 -20.38 -32.99 51.55
C LEU G 667 -18.94 -32.99 52.07
N GLN G 668 -18.18 -33.99 51.67
CA GLN G 668 -16.79 -34.03 52.10
C GLN G 668 -16.09 -32.81 51.54
N LEU G 669 -16.35 -32.56 50.27
CA LEU G 669 -15.78 -31.43 49.57
C LEU G 669 -15.90 -30.11 50.34
N VAL G 670 -17.09 -29.82 50.84
CA VAL G 670 -17.36 -28.57 51.56
C VAL G 670 -16.43 -28.34 52.77
N ARG G 671 -16.46 -29.23 53.75
CA ARG G 671 -15.58 -29.10 54.90
C ARG G 671 -14.19 -28.95 54.35
N ASP G 672 -13.86 -29.85 53.43
CA ASP G 672 -12.58 -29.85 52.75
C ASP G 672 -12.14 -28.45 52.45
N GLU G 673 -12.97 -27.76 51.67
CA GLU G 673 -12.66 -26.41 51.24
C GLU G 673 -12.91 -25.38 52.34
N LEU G 674 -13.95 -25.57 53.13
CA LEU G 674 -14.18 -24.64 54.22
C LEU G 674 -12.94 -24.62 55.08
N THR G 675 -12.28 -25.78 55.16
CA THR G 675 -11.05 -25.90 55.89
C THR G 675 -10.02 -24.95 55.30
N GLU G 676 -9.92 -24.98 53.97
CA GLU G 676 -8.96 -24.17 53.25
C GLU G 676 -9.01 -22.68 53.67
N ILE G 677 -10.20 -22.10 53.72
CA ILE G 677 -10.34 -20.69 54.14
C ILE G 677 -9.95 -20.45 55.60
N ARG G 678 -10.48 -21.30 56.49
CA ARG G 678 -10.18 -21.26 57.92
C ARG G 678 -8.72 -20.88 58.18
N ASP G 679 -7.81 -21.60 57.54
CA ASP G 679 -6.39 -21.42 57.81
C ASP G 679 -5.85 -20.21 57.05
N ARG G 680 -6.46 -19.93 55.91
CA ARG G 680 -5.96 -18.87 55.04
C ARG G 680 -6.38 -17.47 55.54
N PHE G 681 -7.32 -17.43 56.46
CA PHE G 681 -7.82 -16.13 56.93
C PHE G 681 -8.05 -16.00 58.44
N GLY G 682 -7.94 -17.13 59.16
CA GLY G 682 -8.32 -17.17 60.57
C GLY G 682 -7.42 -16.43 61.54
N ASP G 683 -8.01 -15.95 62.63
CA ASP G 683 -7.27 -15.39 63.76
C ASP G 683 -7.91 -15.81 65.10
N ASP G 684 -7.32 -15.40 66.22
CA ASP G 684 -7.78 -15.79 67.55
C ASP G 684 -8.93 -14.92 68.03
N ARG G 685 -9.28 -15.10 69.31
CA ARG G 685 -10.34 -14.31 69.92
C ARG G 685 -9.83 -13.01 70.57
N ARG G 686 -10.31 -11.88 70.06
CA ARG G 686 -9.89 -10.57 70.54
C ARG G 686 -10.55 -10.23 71.87
N THR G 687 -11.82 -10.60 71.95
CA THR G 687 -12.65 -10.50 73.13
C THR G 687 -12.28 -11.58 74.15
N GLU G 688 -12.14 -11.25 75.44
CA GLU G 688 -12.01 -12.31 76.46
C GLU G 688 -13.33 -12.51 77.22
N ILE G 689 -14.06 -13.57 76.87
CA ILE G 689 -15.23 -13.95 77.64
C ILE G 689 -14.80 -14.48 78.99
N GLN G 690 -15.42 -13.98 80.06
CA GLN G 690 -14.99 -14.32 81.42
C GLN G 690 -15.86 -15.33 82.18
N LEU G 691 -15.41 -15.65 83.40
CA LEU G 691 -16.20 -16.42 84.35
C LEU G 691 -15.78 -16.04 85.77
N GLY G 692 -16.67 -15.33 86.45
CA GLY G 692 -16.40 -14.83 87.78
C GLY G 692 -17.52 -13.93 88.26
N LEU H 10 -42.81 27.02 51.45
CA LEU H 10 -44.05 27.42 50.76
C LEU H 10 -43.84 28.50 49.70
N ALA H 11 -44.13 28.16 48.45
CA ALA H 11 -44.36 29.16 47.42
C ALA H 11 -45.86 29.27 47.29
N ASP H 12 -46.37 30.49 47.41
CA ASP H 12 -47.81 30.73 47.51
C ASP H 12 -48.43 31.28 46.22
N CYS H 13 -49.72 30.96 46.06
CA CYS H 13 -50.61 31.48 45.02
C CYS H 13 -50.92 32.98 45.14
N SER H 14 -51.12 33.64 43.99
CA SER H 14 -51.45 35.07 43.95
C SER H 14 -52.92 35.38 44.33
N SER H 15 -53.81 34.42 44.12
CA SER H 15 -55.23 34.58 44.44
C SER H 15 -55.53 34.40 45.95
N LYS H 16 -56.63 34.98 46.41
CA LYS H 16 -57.04 34.85 47.81
C LYS H 16 -58.42 34.17 47.93
N SER H 17 -58.63 33.15 47.11
CA SER H 17 -59.91 32.42 47.05
C SER H 17 -59.75 30.94 47.41
N PRO H 18 -60.14 30.56 48.64
CA PRO H 18 -60.05 29.19 49.19
C PRO H 18 -60.94 28.14 48.51
N GLU H 19 -62.18 28.50 48.20
CA GLU H 19 -63.14 27.59 47.57
C GLU H 19 -62.70 27.10 46.16
N GLU H 20 -61.56 27.61 45.71
CA GLU H 20 -61.01 27.26 44.40
C GLU H 20 -59.53 26.88 44.53
N CYS H 21 -58.82 27.60 45.41
CA CYS H 21 -57.39 27.35 45.68
C CYS H 21 -57.14 25.91 46.14
N GLU H 22 -55.89 25.45 46.01
CA GLU H 22 -55.52 24.07 46.34
C GLU H 22 -54.04 23.89 46.70
N ILE H 23 -53.78 23.42 47.93
CA ILE H 23 -52.43 23.26 48.43
C ILE H 23 -51.88 21.87 48.12
N PHE H 24 -50.61 21.82 47.70
CA PHE H 24 -49.94 20.55 47.42
C PHE H 24 -48.85 20.21 48.47
N LEU H 25 -48.87 18.97 48.96
CA LEU H 25 -47.83 18.47 49.87
C LEU H 25 -46.91 17.53 49.09
N VAL H 26 -45.77 18.05 48.65
CA VAL H 26 -44.88 17.29 47.77
C VAL H 26 -43.79 16.46 48.44
N GLU H 27 -43.11 15.66 47.64
CA GLU H 27 -42.18 14.67 48.14
C GLU H 27 -40.77 15.19 48.38
N GLY H 28 -40.54 16.46 48.10
CA GLY H 28 -39.22 17.00 48.38
C GLY H 28 -38.94 18.36 47.80
N ASP H 29 -37.70 18.79 48.00
CA ASP H 29 -37.23 20.05 47.47
C ASP H 29 -37.01 19.89 45.96
N SER H 30 -36.48 18.72 45.59
CA SER H 30 -36.17 18.35 44.20
C SER H 30 -37.38 18.16 43.32
N ALA H 31 -38.39 17.53 43.89
CA ALA H 31 -39.68 17.38 43.25
C ALA H 31 -40.47 18.64 43.54
N GLY H 32 -39.93 19.47 44.42
CA GLY H 32 -40.58 20.72 44.74
C GLY H 32 -40.60 21.66 43.54
N GLY H 33 -39.45 21.80 42.90
CA GLY H 33 -39.32 22.69 41.77
C GLY H 33 -40.09 22.18 40.57
N SER H 34 -39.87 20.91 40.23
CA SER H 34 -40.61 20.25 39.15
C SER H 34 -42.04 20.74 39.12
N THR H 35 -42.57 20.97 40.32
CA THR H 35 -43.97 21.31 40.54
C THR H 35 -44.18 22.81 40.55
N LYS H 36 -43.15 23.54 40.97
CA LYS H 36 -43.21 25.01 41.06
C LYS H 36 -43.14 25.71 39.68
N SER H 37 -42.51 25.06 38.71
CA SER H 37 -42.63 25.50 37.33
C SER H 37 -43.96 24.98 36.77
N GLY H 38 -44.17 23.68 36.88
CA GLY H 38 -45.41 23.05 36.41
C GLY H 38 -46.68 23.49 37.13
N ARG H 39 -46.61 24.47 38.02
CA ARG H 39 -47.77 25.01 38.76
C ARG H 39 -48.40 26.29 38.18
N ASP H 40 -49.66 26.54 38.60
CA ASP H 40 -50.49 27.67 38.17
C ASP H 40 -50.56 28.69 39.32
N SER H 41 -49.92 29.85 39.17
CA SER H 41 -49.80 30.80 40.30
C SER H 41 -51.13 31.34 40.85
N ARG H 42 -52.17 31.28 40.03
CA ARG H 42 -53.47 31.82 40.42
C ARG H 42 -54.13 30.96 41.49
N THR H 43 -54.24 29.65 41.19
CA THR H 43 -54.92 28.69 42.07
C THR H 43 -54.04 27.61 42.74
N GLN H 44 -52.72 27.83 42.76
CA GLN H 44 -51.80 26.81 43.24
C GLN H 44 -50.57 27.33 44.03
N ALA H 45 -50.46 26.86 45.26
CA ALA H 45 -49.33 27.17 46.12
C ALA H 45 -48.90 25.81 46.60
N ILE H 46 -47.61 25.58 46.72
CA ILE H 46 -47.13 24.25 47.06
C ILE H 46 -46.56 24.21 48.46
N LEU H 47 -46.54 23.02 49.03
CA LEU H 47 -45.86 22.79 50.28
C LEU H 47 -45.04 21.53 50.12
N PRO H 48 -43.74 21.70 49.98
CA PRO H 48 -42.70 20.67 49.92
C PRO H 48 -42.36 20.13 51.31
N LEU H 49 -42.42 18.82 51.49
CA LEU H 49 -42.03 18.25 52.77
C LEU H 49 -40.50 18.05 52.80
N ARG H 50 -39.86 18.38 53.91
CA ARG H 50 -38.43 18.11 54.05
C ARG H 50 -38.27 16.59 54.18
N GLY H 51 -38.65 15.90 53.12
CA GLY H 51 -38.57 14.45 53.06
C GLY H 51 -39.57 13.75 53.97
N LYS H 52 -39.07 13.16 55.05
CA LYS H 52 -39.93 12.44 55.97
C LYS H 52 -40.62 13.38 56.93
N ILE H 53 -41.86 13.00 57.27
CA ILE H 53 -42.69 13.76 58.17
C ILE H 53 -42.83 13.03 59.52
N LEU H 54 -42.79 13.79 60.62
CA LEU H 54 -42.96 13.22 61.97
C LEU H 54 -44.23 12.42 61.97
N ASN H 55 -44.23 11.36 62.77
CA ASN H 55 -45.44 10.60 63.02
C ASN H 55 -46.09 11.06 64.32
N VAL H 56 -47.18 11.81 64.18
CA VAL H 56 -47.93 12.36 65.30
C VAL H 56 -48.42 11.31 66.30
N GLU H 57 -48.90 10.17 65.82
CA GLU H 57 -49.40 9.06 66.65
C GLU H 57 -48.50 8.62 67.82
N LYS H 58 -47.30 8.16 67.49
CA LYS H 58 -46.29 7.81 68.49
C LYS H 58 -45.91 9.05 69.30
N ALA H 59 -45.39 10.06 68.60
CA ALA H 59 -44.91 11.28 69.23
C ALA H 59 -45.93 11.98 70.11
N ARG H 60 -45.44 12.63 71.16
CA ARG H 60 -46.35 13.27 72.09
C ARG H 60 -46.80 14.62 71.56
N LEU H 61 -47.85 15.18 72.15
CA LEU H 61 -48.46 16.43 71.67
C LEU H 61 -47.55 17.65 71.86
N ASP H 62 -46.70 17.63 72.88
CA ASP H 62 -45.76 18.74 73.00
C ASP H 62 -44.76 18.69 71.84
N ARG H 63 -44.51 17.47 71.34
CA ARG H 63 -43.59 17.26 70.22
C ARG H 63 -44.27 17.49 68.86
N ILE H 64 -45.42 16.86 68.63
CA ILE H 64 -46.26 17.16 67.46
C ILE H 64 -46.43 18.67 67.28
N LEU H 65 -46.58 19.39 68.40
CA LEU H 65 -46.77 20.84 68.38
C LEU H 65 -45.42 21.55 68.34
N ASN H 66 -44.41 20.80 67.91
CA ASN H 66 -43.07 21.33 67.71
C ASN H 66 -42.62 21.15 66.25
N ASN H 67 -43.07 20.07 65.60
CA ASN H 67 -42.70 19.76 64.21
C ASN H 67 -43.17 20.81 63.19
N ASN H 68 -42.20 21.37 62.47
CA ASN H 68 -42.42 22.47 61.52
C ASN H 68 -43.21 22.13 60.26
N GLU H 69 -42.87 21.01 59.62
CA GLU H 69 -43.56 20.60 58.39
C GLU H 69 -45.01 20.29 58.74
N ILE H 70 -45.20 19.86 59.99
CA ILE H 70 -46.52 19.75 60.60
C ILE H 70 -47.11 21.15 60.79
N ARG H 71 -46.33 22.05 61.38
CA ARG H 71 -46.76 23.43 61.61
C ARG H 71 -46.93 24.28 60.34
N GLN H 72 -46.14 24.01 59.29
CA GLN H 72 -46.32 24.71 58.02
C GLN H 72 -47.53 24.18 57.26
N MET H 73 -47.86 22.92 57.51
CA MET H 73 -49.05 22.27 56.98
C MET H 73 -50.27 22.85 57.73
N ILE H 74 -50.19 22.88 59.07
CA ILE H 74 -51.22 23.45 59.96
C ILE H 74 -51.44 24.97 59.80
N THR H 75 -50.35 25.68 59.52
CA THR H 75 -50.36 27.12 59.27
C THR H 75 -50.90 27.43 57.90
N ALA H 76 -50.47 26.65 56.93
CA ALA H 76 -50.87 26.86 55.54
C ALA H 76 -52.38 26.74 55.40
N PHE H 77 -52.93 25.61 55.81
CA PHE H 77 -54.37 25.47 55.78
C PHE H 77 -55.00 26.67 56.49
N GLY H 78 -54.71 26.80 57.79
CA GLY H 78 -55.29 27.85 58.61
C GLY H 78 -56.52 27.35 59.32
N THR H 79 -56.97 26.15 58.96
CA THR H 79 -58.19 25.62 59.53
C THR H 79 -58.14 25.56 61.07
N GLY H 80 -57.01 25.12 61.62
CA GLY H 80 -56.89 24.89 63.06
C GLY H 80 -57.01 23.40 63.33
N ILE H 81 -56.93 23.02 64.61
CA ILE H 81 -56.84 21.60 64.96
C ILE H 81 -57.67 21.20 66.17
N GLY H 82 -58.28 20.02 66.07
CA GLY H 82 -58.98 19.40 67.19
C GLY H 82 -60.39 19.93 67.34
N GLY H 83 -60.66 20.55 68.48
CA GLY H 83 -61.94 21.19 68.73
C GLY H 83 -62.06 22.50 67.95
N ASP H 84 -60.98 23.26 67.88
CA ASP H 84 -60.97 24.49 67.10
C ASP H 84 -60.85 24.23 65.60
N PHE H 85 -60.97 22.96 65.20
CA PHE H 85 -60.90 22.61 63.77
C PHE H 85 -62.09 23.27 63.07
N ASP H 86 -61.88 24.53 62.69
CA ASP H 86 -62.82 25.34 61.93
C ASP H 86 -62.63 25.09 60.45
N LEU H 87 -63.56 24.32 59.88
CA LEU H 87 -63.54 23.93 58.47
C LEU H 87 -63.64 25.14 57.52
N ALA H 88 -64.18 26.26 58.03
CA ALA H 88 -64.41 27.44 57.22
C ALA H 88 -63.30 28.48 57.33
N LYS H 89 -62.24 28.15 58.08
CA LYS H 89 -61.06 29.01 58.12
C LYS H 89 -59.99 28.54 57.13
N ALA H 90 -60.29 27.46 56.40
CA ALA H 90 -59.40 26.85 55.39
C ALA H 90 -59.08 27.76 54.19
N ARG H 91 -57.79 27.89 53.89
CA ARG H 91 -57.33 28.77 52.81
C ARG H 91 -57.28 28.05 51.45
N TYR H 92 -57.68 26.77 51.44
CA TYR H 92 -57.63 25.91 50.24
C TYR H 92 -58.68 24.80 50.33
N HIS H 93 -59.53 24.67 49.33
CA HIS H 93 -60.55 23.60 49.35
C HIS H 93 -59.96 22.23 49.05
N LYS H 94 -58.87 22.22 48.30
CA LYS H 94 -58.22 20.99 47.90
C LYS H 94 -56.83 20.84 48.55
N ILE H 95 -56.64 19.73 49.25
CA ILE H 95 -55.36 19.43 49.89
C ILE H 95 -54.79 18.15 49.30
N VAL H 96 -53.92 18.29 48.31
CA VAL H 96 -53.45 17.14 47.57
C VAL H 96 -52.00 16.76 47.88
N ILE H 97 -51.81 15.57 48.48
CA ILE H 97 -50.50 15.02 48.81
C ILE H 97 -49.75 14.37 47.60
N MET H 98 -48.78 15.09 47.04
CA MET H 98 -47.91 14.53 46.02
C MET H 98 -46.69 13.84 46.65
N THR H 99 -46.84 12.54 46.92
CA THR H 99 -45.69 11.65 47.20
C THR H 99 -45.41 10.78 45.94
N ASP H 100 -44.23 10.18 45.85
CA ASP H 100 -43.92 9.34 44.68
C ASP H 100 -44.25 7.87 44.87
N ALA H 101 -44.76 7.26 43.81
CA ALA H 101 -45.19 5.88 43.88
C ALA H 101 -44.04 4.91 44.01
N ASP H 102 -43.43 4.91 45.19
CA ASP H 102 -42.63 3.77 45.63
C ASP H 102 -43.09 3.51 47.06
N VAL H 103 -42.43 2.57 47.75
CA VAL H 103 -42.81 2.27 49.11
C VAL H 103 -42.61 3.46 50.05
N ASP H 104 -41.56 4.25 49.84
CA ASP H 104 -41.33 5.42 50.66
C ASP H 104 -42.36 6.52 50.46
N GLY H 105 -42.67 6.83 49.21
CA GLY H 105 -43.70 7.81 48.94
C GLY H 105 -44.92 7.38 49.70
N ALA H 106 -45.19 6.07 49.59
CA ALA H 106 -46.25 5.39 50.32
C ALA H 106 -46.18 5.60 51.84
N HIS H 107 -44.97 5.53 52.40
CA HIS H 107 -44.83 5.69 53.83
C HIS H 107 -45.16 7.11 54.32
N ILE H 108 -44.81 8.14 53.54
CA ILE H 108 -45.14 9.53 53.92
C ILE H 108 -46.59 9.86 53.54
N ARG H 109 -47.25 8.91 52.89
CA ARG H 109 -48.67 8.99 52.61
C ARG H 109 -49.41 8.53 53.87
N THR H 110 -49.11 7.33 54.35
CA THR H 110 -49.72 6.81 55.58
C THR H 110 -49.57 7.83 56.70
N LEU H 111 -48.37 8.39 56.80
CA LEU H 111 -48.04 9.44 57.75
C LEU H 111 -48.99 10.63 57.66
N LEU H 112 -48.80 11.46 56.63
CA LEU H 112 -49.55 12.70 56.50
C LEU H 112 -51.02 12.48 56.80
N LEU H 113 -51.57 11.41 56.23
CA LEU H 113 -52.94 11.00 56.49
C LEU H 113 -53.24 10.91 58.00
N THR H 114 -52.41 10.15 58.72
CA THR H 114 -52.44 9.98 60.18
C THR H 114 -52.46 11.25 61.02
N PHE H 115 -51.77 12.28 60.53
CA PHE H 115 -51.86 13.59 61.14
C PHE H 115 -53.22 14.16 60.85
N PHE H 116 -53.63 14.06 59.60
CA PHE H 116 -54.91 14.60 59.19
C PHE H 116 -56.05 13.94 59.96
N TYR H 117 -55.95 12.63 60.13
CA TYR H 117 -57.02 11.85 60.73
C TYR H 117 -57.16 12.06 62.24
N ARG H 118 -56.05 12.38 62.91
CA ARG H 118 -56.04 12.59 64.36
C ARG H 118 -56.33 14.04 64.75
N PHE H 119 -56.04 14.97 63.84
CA PHE H 119 -56.12 16.40 64.13
C PHE H 119 -57.09 17.12 63.21
N MET H 120 -57.44 16.48 62.10
CA MET H 120 -58.37 17.04 61.12
C MET H 120 -59.27 15.98 60.41
N ARG H 121 -60.02 15.15 61.16
CA ARG H 121 -60.89 14.11 60.59
C ARG H 121 -62.29 14.57 60.17
N PRO H 122 -62.70 15.77 60.62
CA PRO H 122 -63.85 16.31 59.90
C PRO H 122 -63.46 16.81 58.49
N LEU H 123 -62.24 17.31 58.30
CA LEU H 123 -61.74 17.66 56.95
C LEU H 123 -61.96 16.51 55.97
N ILE H 124 -61.65 15.29 56.41
CA ILE H 124 -61.69 14.13 55.52
C ILE H 124 -63.11 13.79 55.14
N GLU H 125 -64.05 14.23 55.99
CA GLU H 125 -65.48 14.04 55.81
C GLU H 125 -65.98 14.85 54.61
N ALA H 126 -65.59 16.12 54.56
CA ALA H 126 -65.81 16.99 53.40
C ALA H 126 -65.00 16.52 52.18
N GLY H 127 -64.07 15.58 52.44
CA GLY H 127 -63.23 14.99 51.43
C GLY H 127 -62.48 16.05 50.65
N TYR H 128 -61.86 17.00 51.34
CA TYR H 128 -61.03 18.01 50.65
C TYR H 128 -59.64 17.49 50.46
N VAL H 129 -59.38 16.34 51.07
CA VAL H 129 -58.09 15.71 50.91
C VAL H 129 -58.16 14.64 49.84
N TYR H 130 -57.33 14.83 48.82
CA TYR H 130 -57.19 13.89 47.71
C TYR H 130 -55.70 13.54 47.59
N ILE H 131 -55.41 12.27 47.31
CA ILE H 131 -54.04 11.86 47.00
C ILE H 131 -53.87 11.75 45.50
N ALA H 132 -52.92 12.48 44.93
CA ALA H 132 -52.65 12.42 43.50
C ALA H 132 -52.22 11.00 43.06
N GLN H 133 -51.95 10.82 41.77
CA GLN H 133 -51.41 9.57 41.25
C GLN H 133 -50.47 9.80 40.08
N PRO H 134 -49.19 10.10 40.37
CA PRO H 134 -48.10 10.16 39.38
C PRO H 134 -47.77 8.76 38.90
N PRO H 135 -47.46 8.62 37.61
CA PRO H 135 -47.24 7.32 36.97
C PRO H 135 -46.14 6.50 37.66
N THR H 136 -46.30 5.18 37.68
CA THR H 136 -45.36 4.28 38.38
C THR H 136 -43.94 4.14 37.76
N LYS H 139 -41.66 6.74 37.55
CA LYS H 139 -40.51 6.58 38.42
C LYS H 139 -40.70 7.30 39.77
N GLY H 140 -39.96 8.40 39.96
CA GLY H 140 -40.16 9.28 41.10
C GLY H 140 -40.30 10.75 40.67
N LEU H 141 -41.01 11.54 41.47
CA LEU H 141 -41.37 12.92 41.12
C LEU H 141 -40.23 13.87 40.71
N GLY H 142 -39.00 13.53 41.07
CA GLY H 142 -37.86 14.38 40.77
C GLY H 142 -37.21 14.04 39.45
N GLU H 143 -37.41 12.81 39.00
CA GLU H 143 -36.86 12.32 37.72
C GLU H 143 -37.71 12.80 36.52
N MET H 144 -39.00 12.94 36.78
CA MET H 144 -39.91 13.46 35.78
C MET H 144 -39.67 14.94 35.54
N ASN H 145 -39.43 15.26 34.28
CA ASN H 145 -39.52 16.61 33.79
C ASN H 145 -40.67 17.35 34.49
N ALA H 146 -40.45 18.62 34.86
CA ALA H 146 -41.53 19.45 35.42
C ALA H 146 -42.80 19.32 34.58
N ASP H 147 -42.59 19.22 33.27
CA ASP H 147 -43.66 18.97 32.30
C ASP H 147 -44.23 17.56 32.48
N GLN H 148 -43.47 16.55 32.07
CA GLN H 148 -43.83 15.14 32.24
C GLN H 148 -44.64 14.93 33.52
N LEU H 149 -44.17 15.57 34.58
CA LEU H 149 -44.78 15.50 35.89
C LEU H 149 -46.16 16.17 35.86
N TRP H 150 -46.15 17.49 35.78
CA TRP H 150 -47.35 18.27 35.65
C TRP H 150 -48.48 17.45 35.01
N GLU H 151 -48.41 17.26 33.70
CA GLU H 151 -49.46 16.54 32.96
C GLU H 151 -50.10 15.44 33.80
N THR H 152 -49.44 14.27 33.79
CA THR H 152 -49.92 13.09 34.50
C THR H 152 -50.30 13.38 35.96
N THR H 153 -49.85 14.53 36.46
CA THR H 153 -49.97 14.81 37.89
C THR H 153 -50.84 16.00 38.31
N MET H 154 -50.43 17.22 37.98
CA MET H 154 -51.16 18.43 38.38
C MET H 154 -52.00 19.06 37.25
N ASN H 155 -52.16 18.35 36.13
CA ASN H 155 -53.09 18.79 35.10
C ASN H 155 -54.50 18.24 35.36
N PRO H 156 -55.40 19.08 35.92
CA PRO H 156 -56.74 18.72 36.37
C PRO H 156 -57.60 18.05 35.31
N GLU H 157 -57.12 18.01 34.09
CA GLU H 157 -57.94 17.54 33.00
C GLU H 157 -57.91 16.01 32.83
N HIS H 158 -56.72 15.42 32.86
CA HIS H 158 -56.56 13.96 32.74
C HIS H 158 -55.96 13.33 34.01
N ARG H 159 -55.79 14.13 35.06
CA ARG H 159 -55.08 13.72 36.28
C ARG H 159 -55.90 12.75 37.14
N ALA H 160 -55.21 11.87 37.88
CA ALA H 160 -55.87 10.86 38.71
C ALA H 160 -55.85 11.20 40.22
N LEU H 161 -56.87 11.92 40.70
CA LEU H 161 -56.93 12.43 42.09
C LEU H 161 -57.99 11.76 42.96
N LEU H 162 -57.55 10.88 43.86
CA LEU H 162 -58.50 10.12 44.68
C LEU H 162 -58.98 10.89 45.90
N GLN H 163 -60.28 11.25 45.93
CA GLN H 163 -60.85 11.90 47.10
C GLN H 163 -60.97 10.85 48.23
N VAL H 164 -60.34 11.12 49.37
CA VAL H 164 -60.24 10.15 50.46
C VAL H 164 -61.54 9.96 51.26
N LYS H 165 -62.05 8.72 51.22
CA LYS H 165 -63.41 8.43 51.63
C LYS H 165 -63.51 7.77 53.02
N LEU H 166 -64.70 7.85 53.60
CA LEU H 166 -64.94 7.68 55.03
C LEU H 166 -66.06 6.65 55.24
N GLU H 167 -65.77 5.59 55.99
CA GLU H 167 -66.70 4.49 56.12
C GLU H 167 -67.18 4.21 57.53
N ASP H 168 -66.31 3.63 58.33
CA ASP H 168 -66.63 3.27 59.70
C ASP H 168 -65.73 4.08 60.59
N ALA H 169 -66.23 4.54 61.73
CA ALA H 169 -65.44 5.47 62.54
C ALA H 169 -64.53 4.74 63.51
N ILE H 170 -65.04 3.60 64.01
CA ILE H 170 -64.41 2.79 65.06
C ILE H 170 -63.26 1.93 64.51
N GLU H 171 -63.58 1.10 63.52
CA GLU H 171 -62.56 0.35 62.81
C GLU H 171 -61.61 1.34 62.16
N ALA H 172 -61.94 2.63 62.21
CA ALA H 172 -61.04 3.62 61.64
C ALA H 172 -60.13 4.25 62.68
N ASP H 173 -60.55 4.22 63.95
CA ASP H 173 -59.65 4.60 65.04
C ASP H 173 -58.68 3.46 65.33
N GLN H 174 -59.09 2.24 65.01
CA GLN H 174 -58.23 1.09 65.25
C GLN H 174 -57.13 1.05 64.22
N THR H 175 -57.52 1.00 62.95
CA THR H 175 -56.56 0.87 61.87
C THR H 175 -55.41 1.86 62.07
N PHE H 176 -55.76 3.14 62.17
CA PHE H 176 -54.77 4.19 62.38
C PHE H 176 -54.04 4.07 63.71
N GLU H 177 -54.35 3.04 64.49
CA GLU H 177 -53.72 2.86 65.79
C GLU H 177 -52.73 1.71 65.83
N MET H 178 -53.06 0.58 65.18
CA MET H 178 -52.15 -0.57 65.10
C MET H 178 -51.00 -0.44 64.10
N LEU H 179 -51.20 0.44 63.12
CA LEU H 179 -50.16 0.77 62.14
C LEU H 179 -49.13 1.77 62.69
N MET H 180 -49.62 2.83 63.33
CA MET H 180 -48.74 3.88 63.87
C MET H 180 -48.72 3.95 65.40
N GLY H 181 -49.32 2.96 66.06
CA GLY H 181 -49.38 2.94 67.51
C GLY H 181 -48.18 2.25 68.13
N ASP H 182 -47.78 2.68 69.32
CA ASP H 182 -46.46 2.29 69.87
C ASP H 182 -46.36 0.86 70.39
N VAL H 183 -47.36 0.04 70.09
CA VAL H 183 -47.30 -1.40 70.33
C VAL H 183 -46.83 -2.11 69.09
N VAL H 184 -45.53 -2.31 68.99
CA VAL H 184 -44.93 -3.03 67.88
C VAL H 184 -45.72 -4.30 67.59
N GLU H 185 -45.98 -5.11 68.62
CA GLU H 185 -46.55 -6.43 68.41
C GLU H 185 -47.93 -6.45 67.76
N ASN H 186 -48.74 -5.45 68.06
CA ASN H 186 -49.97 -5.25 67.29
C ASN H 186 -49.63 -5.15 65.79
N ARG H 187 -48.44 -4.64 65.51
CA ARG H 187 -47.99 -4.40 64.14
C ARG H 187 -47.45 -5.68 63.49
N ARG H 188 -46.35 -6.20 64.03
CA ARG H 188 -45.76 -7.45 63.59
C ARG H 188 -46.80 -8.50 63.14
N GLN H 189 -47.77 -8.77 64.01
CA GLN H 189 -48.85 -9.70 63.68
C GLN H 189 -49.54 -9.26 62.40
N PHE H 190 -50.03 -8.01 62.35
CA PHE H 190 -50.72 -7.51 61.17
C PHE H 190 -49.94 -7.91 59.91
N ILE H 191 -48.67 -7.53 59.93
CA ILE H 191 -47.75 -7.73 58.82
C ILE H 191 -47.56 -9.20 58.48
N GLU H 192 -47.59 -10.05 59.49
CA GLU H 192 -47.38 -11.47 59.27
C GLU H 192 -48.67 -12.22 58.83
N ASP H 193 -49.78 -12.05 59.55
CA ASP H 193 -51.08 -12.56 59.08
C ASP H 193 -51.28 -12.09 57.66
N ASN H 194 -50.96 -10.82 57.41
CA ASN H 194 -51.25 -10.12 56.16
C ASN H 194 -50.09 -10.11 55.16
N ALA H 195 -48.99 -10.76 55.51
CA ALA H 195 -47.79 -10.81 54.68
C ALA H 195 -48.22 -11.37 53.36
N VAL H 196 -47.59 -10.95 52.27
CA VAL H 196 -47.91 -11.52 50.97
C VAL H 196 -46.68 -11.79 50.09
N TYR H 197 -46.00 -12.90 50.38
CA TYR H 197 -44.85 -13.35 49.59
C TYR H 197 -44.77 -14.88 49.48
N ASN H 214 10.11 33.06 53.20
CA ASN H 214 10.22 34.49 52.90
C ASN H 214 8.95 35.10 52.30
N ILE H 215 8.40 36.11 52.95
CA ILE H 215 7.04 36.57 52.62
C ILE H 215 6.91 37.45 51.39
N THR H 216 7.92 37.44 50.52
CA THR H 216 7.82 38.14 49.26
C THR H 216 7.97 37.11 48.19
N SER H 217 8.95 36.24 48.36
CA SER H 217 9.19 35.18 47.41
C SER H 217 7.88 34.38 47.28
N GLU H 218 7.35 34.01 48.43
CA GLU H 218 6.10 33.26 48.53
C GLU H 218 4.95 33.93 47.77
N MET H 219 4.77 35.22 47.98
CA MET H 219 3.63 35.92 47.38
C MET H 219 3.63 35.91 45.86
N ARG H 220 4.80 36.00 45.25
CA ARG H 220 4.91 35.83 43.79
C ARG H 220 4.79 34.35 43.42
N GLU H 221 5.65 33.51 44.01
CA GLU H 221 5.64 32.08 43.75
C GLU H 221 4.24 31.48 43.80
N SER H 222 3.52 31.79 44.87
CA SER H 222 2.16 31.31 45.13
C SER H 222 1.10 31.85 44.19
N PHE H 223 1.16 33.14 43.86
CA PHE H 223 0.08 33.74 43.10
C PHE H 223 0.26 33.68 41.58
N LEU H 224 1.49 33.62 41.08
CA LEU H 224 1.69 33.37 39.66
C LEU H 224 1.12 31.99 39.38
N ASP H 225 1.57 31.06 40.21
CA ASP H 225 1.13 29.68 40.26
C ASP H 225 -0.35 29.50 40.03
N TYR H 226 -1.16 30.40 40.58
CA TYR H 226 -2.61 30.24 40.55
C TYR H 226 -3.30 31.09 39.50
N ALA H 227 -2.69 32.25 39.19
CA ALA H 227 -3.16 33.10 38.11
C ALA H 227 -3.16 32.29 36.84
N MET H 228 -1.97 31.79 36.47
CA MET H 228 -1.76 31.00 35.25
C MET H 228 -2.76 29.87 35.08
N SER H 229 -2.92 29.06 36.13
CA SER H 229 -3.87 27.94 36.10
C SER H 229 -5.36 28.32 35.87
N VAL H 230 -5.96 29.11 36.75
CA VAL H 230 -7.33 29.61 36.55
C VAL H 230 -7.51 29.89 35.06
N ILE H 231 -6.43 30.34 34.43
CA ILE H 231 -6.48 30.62 33.00
C ILE H 231 -6.39 29.34 32.15
N VAL H 232 -5.19 29.01 31.70
CA VAL H 232 -4.98 27.93 30.73
C VAL H 232 -5.55 26.60 31.19
N ALA H 233 -6.06 26.57 32.41
CA ALA H 233 -6.33 25.31 33.09
C ALA H 233 -7.68 25.30 33.76
N ARG H 234 -8.62 26.06 33.23
CA ARG H 234 -9.94 26.16 33.85
C ARG H 234 -10.89 27.12 33.15
N ALA H 235 -10.64 28.42 33.33
CA ALA H 235 -11.60 29.49 33.03
C ALA H 235 -11.67 29.88 31.55
N LEU H 236 -10.53 29.80 30.87
CA LEU H 236 -10.43 30.24 29.49
C LEU H 236 -10.52 29.06 28.50
N PRO H 237 -11.20 29.30 27.34
CA PRO H 237 -11.57 28.28 26.35
C PRO H 237 -10.56 28.13 25.22
N ASP H 238 -10.48 26.95 24.63
CA ASP H 238 -9.52 26.73 23.56
C ASP H 238 -10.05 27.25 22.25
N VAL H 239 -9.40 28.28 21.75
CA VAL H 239 -9.66 28.85 20.44
C VAL H 239 -10.09 27.83 19.37
N ARG H 240 -9.82 26.55 19.62
CA ARG H 240 -10.03 25.50 18.63
C ARG H 240 -11.36 24.76 18.83
N ASP H 241 -11.50 24.07 19.95
CA ASP H 241 -12.74 23.35 20.18
C ASP H 241 -13.78 24.19 20.93
N GLY H 242 -13.32 25.31 21.47
CA GLY H 242 -14.20 26.28 22.11
C GLY H 242 -14.70 25.84 23.47
N LEU H 243 -14.05 24.82 24.02
CA LEU H 243 -14.42 24.23 25.29
C LEU H 243 -13.58 24.79 26.42
N LYS H 244 -13.94 24.42 27.63
CA LYS H 244 -13.03 24.58 28.75
C LYS H 244 -12.50 23.19 29.12
N PRO H 245 -11.56 23.13 30.08
CA PRO H 245 -11.06 21.89 30.67
C PRO H 245 -12.12 20.92 31.21
N VAL H 246 -13.11 21.45 31.92
CA VAL H 246 -14.12 20.59 32.50
C VAL H 246 -15.11 20.15 31.42
N HIS H 247 -15.53 21.09 30.56
CA HIS H 247 -16.43 20.79 29.44
C HIS H 247 -15.81 19.77 28.49
N ARG H 248 -14.63 20.07 27.98
CA ARG H 248 -14.04 19.11 27.11
C ARG H 248 -14.10 17.81 27.88
N ARG H 249 -13.78 17.89 29.16
CA ARG H 249 -13.82 16.71 30.00
C ARG H 249 -15.20 16.05 30.08
N ILE H 250 -16.26 16.84 29.88
CA ILE H 250 -17.60 16.31 29.97
C ILE H 250 -18.11 15.68 28.67
N LEU H 251 -17.82 16.31 27.55
CA LEU H 251 -18.12 15.66 26.29
C LEU H 251 -17.39 14.30 26.27
N TYR H 252 -16.08 14.31 26.51
CA TYR H 252 -15.26 13.10 26.34
C TYR H 252 -15.56 11.99 27.35
N GLY H 253 -15.98 12.37 28.56
CA GLY H 253 -16.43 11.40 29.54
C GLY H 253 -17.60 10.59 29.02
N LEU H 254 -18.49 11.25 28.28
CA LEU H 254 -19.63 10.60 27.64
C LEU H 254 -19.14 9.67 26.54
N ASN H 255 -18.53 10.25 25.52
CA ASN H 255 -18.07 9.51 24.38
C ASN H 255 -17.44 8.18 24.77
N GLU H 256 -16.63 8.21 25.82
CA GLU H 256 -15.88 7.02 26.25
C GLU H 256 -16.74 5.92 26.90
N GLN H 257 -17.89 6.32 27.44
CA GLN H 257 -18.82 5.39 28.09
C GLN H 257 -19.96 5.03 27.13
N GLY H 258 -19.71 5.21 25.85
CA GLY H 258 -20.67 4.83 24.83
C GLY H 258 -22.01 5.51 25.01
N MET H 259 -22.07 6.55 25.83
CA MET H 259 -23.33 7.23 26.12
C MET H 259 -23.77 8.14 24.98
N THR H 260 -23.46 7.73 23.75
CA THR H 260 -23.84 8.42 22.52
C THR H 260 -25.36 8.57 22.35
N PRO H 261 -25.81 9.54 21.52
CA PRO H 261 -27.24 9.96 21.45
C PRO H 261 -28.18 8.87 20.99
N ASP H 262 -27.64 7.83 20.39
CA ASP H 262 -28.48 6.70 20.01
C ASP H 262 -29.06 6.01 21.26
N LYS H 263 -28.21 5.68 22.22
CA LYS H 263 -28.60 4.88 23.38
C LYS H 263 -29.39 5.62 24.48
N SER H 264 -29.73 4.88 25.54
CA SER H 264 -30.49 5.42 26.65
C SER H 264 -29.72 6.55 27.32
N TYR H 265 -30.24 7.02 28.47
CA TYR H 265 -29.50 7.95 29.31
C TYR H 265 -28.73 7.17 30.38
N LYS H 266 -27.65 7.75 30.89
CA LYS H 266 -27.05 7.27 32.12
C LYS H 266 -27.42 8.23 33.24
N LYS H 267 -27.17 7.84 34.49
CA LYS H 267 -27.38 8.76 35.59
C LYS H 267 -26.41 9.92 35.47
N SER H 268 -26.87 11.14 35.70
CA SER H 268 -25.97 12.25 35.89
C SER H 268 -24.87 11.80 36.84
N ALA H 269 -25.29 11.39 38.03
CA ALA H 269 -24.41 10.84 39.06
C ALA H 269 -23.19 10.14 38.50
N ARG H 270 -23.45 9.00 37.85
CA ARG H 270 -22.43 8.08 37.38
C ARG H 270 -21.56 8.85 36.41
N ILE H 271 -22.21 9.42 35.39
CA ILE H 271 -21.54 10.30 34.44
C ILE H 271 -20.51 11.24 35.08
N VAL H 272 -20.92 11.90 36.17
CA VAL H 272 -20.12 12.89 36.93
C VAL H 272 -19.07 12.24 37.80
N GLY H 273 -19.53 11.34 38.68
CA GLY H 273 -18.65 10.60 39.55
C GLY H 273 -17.59 9.99 38.67
N ASP H 274 -18.00 9.70 37.44
CA ASP H 274 -17.12 9.13 36.43
C ASP H 274 -16.08 10.12 35.96
N VAL H 275 -16.55 11.28 35.50
CA VAL H 275 -15.69 12.33 35.01
C VAL H 275 -14.77 12.80 36.12
N MET H 276 -15.38 13.05 37.27
CA MET H 276 -14.62 13.45 38.43
C MET H 276 -13.55 12.42 38.77
N GLY H 277 -13.86 11.14 38.58
CA GLY H 277 -12.91 10.08 38.86
C GLY H 277 -11.74 9.97 37.87
N LYS H 278 -12.07 9.99 36.58
CA LYS H 278 -11.08 9.74 35.55
C LYS H 278 -10.14 10.90 35.22
N TYR H 279 -10.66 12.12 35.16
CA TYR H 279 -9.82 13.23 34.76
C TYR H 279 -9.86 14.49 35.60
N HIS H 280 -10.84 14.64 36.49
CA HIS H 280 -11.15 15.95 37.04
C HIS H 280 -11.20 15.87 38.55
N PRO H 281 -10.21 16.46 39.24
CA PRO H 281 -10.24 16.18 40.67
C PRO H 281 -10.98 17.29 41.35
N HIS H 282 -12.12 17.71 40.86
CA HIS H 282 -12.74 18.91 41.42
C HIS H 282 -14.15 18.66 41.94
N GLY H 283 -14.77 19.73 42.42
CA GLY H 283 -16.00 19.66 43.20
C GLY H 283 -17.21 19.08 42.51
N ASP H 284 -18.03 18.40 43.31
CA ASP H 284 -19.26 17.78 42.85
C ASP H 284 -20.16 18.70 42.00
N SER H 285 -20.22 19.98 42.39
CA SER H 285 -21.13 20.94 41.78
C SER H 285 -20.54 21.61 40.55
N SER H 286 -19.24 21.50 40.39
CA SER H 286 -18.59 22.16 39.28
C SER H 286 -18.65 21.33 38.00
N ILE H 287 -18.68 20.01 38.15
CA ILE H 287 -18.88 19.14 37.00
C ILE H 287 -20.39 19.10 36.67
N TYR H 288 -21.21 18.99 37.69
CA TYR H 288 -22.62 18.91 37.43
C TYR H 288 -23.16 20.19 36.85
N GLU H 289 -22.61 21.34 37.23
CA GLU H 289 -23.21 22.64 36.85
C GLU H 289 -22.57 23.22 35.60
N ALA H 290 -21.82 22.36 34.94
CA ALA H 290 -21.21 22.66 33.65
C ALA H 290 -21.89 21.76 32.67
N MET H 291 -21.88 20.47 32.97
CA MET H 291 -22.65 19.55 32.17
C MET H 291 -24.09 20.01 32.17
N VAL H 292 -24.49 20.75 33.20
CA VAL H 292 -25.88 21.22 33.31
C VAL H 292 -26.20 22.51 32.54
N ARG H 293 -25.19 23.11 31.89
CA ARG H 293 -25.42 24.23 30.97
C ARG H 293 -25.51 23.67 29.58
N MET H 294 -24.66 22.69 29.32
CA MET H 294 -24.49 22.15 27.99
C MET H 294 -25.75 21.42 27.54
N ALA H 295 -26.81 21.48 28.36
CA ALA H 295 -28.05 20.80 28.01
C ALA H 295 -29.23 21.75 28.00
N GLN H 296 -28.96 23.05 28.07
CA GLN H 296 -30.00 24.07 28.12
C GLN H 296 -30.06 24.89 26.84
N ASP H 297 -31.24 24.92 26.24
CA ASP H 297 -31.48 25.54 24.93
C ASP H 297 -31.53 27.06 24.90
N PHE H 298 -31.49 27.69 26.08
CA PHE H 298 -31.48 29.15 26.19
C PHE H 298 -30.16 29.65 26.77
N SER H 299 -29.21 28.74 26.89
CA SER H 299 -27.83 29.04 27.28
C SER H 299 -26.87 28.58 26.15
N TYR H 300 -26.81 27.27 25.94
CA TYR H 300 -26.01 26.70 24.85
C TYR H 300 -26.72 26.80 23.48
N ARG H 301 -26.26 27.70 22.61
CA ARG H 301 -26.85 27.91 21.26
C ARG H 301 -27.02 26.65 20.41
N TYR H 302 -26.20 25.66 20.69
CA TYR H 302 -26.31 24.36 20.06
C TYR H 302 -25.99 23.30 21.09
N PRO H 303 -27.00 22.88 21.83
CA PRO H 303 -26.87 21.84 22.85
C PRO H 303 -25.78 20.83 22.49
N LEU H 304 -24.94 20.56 23.48
CA LEU H 304 -23.89 19.57 23.37
C LEU H 304 -24.27 18.51 24.36
N VAL H 305 -25.45 18.67 24.96
CA VAL H 305 -25.95 17.63 25.86
C VAL H 305 -27.43 17.32 25.65
N ASP H 306 -27.84 16.14 26.10
CA ASP H 306 -29.22 15.69 25.95
C ASP H 306 -29.73 15.18 27.30
N GLY H 307 -30.21 16.09 28.14
CA GLY H 307 -30.70 15.71 29.44
C GLY H 307 -32.15 15.31 29.46
N GLN H 308 -32.45 14.35 30.33
CA GLN H 308 -33.82 13.97 30.65
C GLN H 308 -34.10 14.18 32.14
N GLY H 309 -34.97 15.15 32.43
CA GLY H 309 -35.43 15.45 33.78
C GLY H 309 -35.67 16.93 33.99
N ASN H 310 -35.78 17.38 35.24
CA ASN H 310 -35.69 18.81 35.51
C ASN H 310 -34.25 19.24 35.39
N PHE H 311 -33.96 19.97 34.33
CA PHE H 311 -32.63 20.51 34.18
C PHE H 311 -32.67 22.05 34.34
N GLY H 312 -33.37 22.54 35.37
CA GLY H 312 -33.48 23.98 35.63
C GLY H 312 -34.07 24.78 34.48
N SER H 313 -34.11 26.11 34.61
CA SER H 313 -34.68 26.95 33.54
C SER H 313 -34.28 28.43 33.52
N MET H 314 -35.04 29.19 32.74
CA MET H 314 -34.79 30.62 32.49
C MET H 314 -35.15 31.56 33.63
N ASP H 315 -35.88 31.06 34.62
CA ASP H 315 -36.26 31.87 35.77
C ASP H 315 -35.10 31.93 36.74
N GLY H 316 -34.34 30.85 36.79
CA GLY H 316 -33.32 30.66 37.81
C GLY H 316 -33.55 29.38 38.58
N ASP H 317 -34.52 28.60 38.12
CA ASP H 317 -34.84 27.33 38.73
C ASP H 317 -33.57 26.51 38.95
N GLY H 318 -33.48 25.85 40.09
CA GLY H 318 -32.44 24.87 40.29
C GLY H 318 -32.64 23.70 39.33
N ALA H 319 -31.54 23.15 38.80
CA ALA H 319 -31.61 21.91 38.04
C ALA H 319 -31.71 20.74 39.03
N ALA H 320 -32.72 19.87 38.85
CA ALA H 320 -32.96 18.76 39.76
C ALA H 320 -31.67 18.02 40.10
N ALA H 321 -31.52 17.61 41.36
CA ALA H 321 -30.28 16.96 41.85
C ALA H 321 -29.57 16.10 40.81
N MET H 322 -28.27 15.91 40.98
CA MET H 322 -27.47 15.25 39.94
C MET H 322 -27.72 13.76 39.87
N ARG H 323 -28.62 13.31 40.75
CA ARG H 323 -29.05 11.92 40.83
C ARG H 323 -30.43 11.78 40.15
N PHE H 324 -31.27 12.79 40.32
CA PHE H 324 -32.58 12.90 39.67
C PHE H 324 -32.51 13.35 38.22
N THR H 325 -31.37 13.07 37.60
CA THR H 325 -31.15 13.49 36.23
C THR H 325 -30.31 12.45 35.50
N GLU H 326 -30.69 12.25 34.25
CA GLU H 326 -29.93 11.43 33.36
C GLU H 326 -29.61 12.33 32.21
N ALA H 327 -28.60 11.95 31.45
CA ALA H 327 -28.13 12.80 30.40
C ALA H 327 -27.42 11.94 29.39
N ARG H 328 -27.46 12.38 28.14
CA ARG H 328 -26.68 11.81 27.05
C ARG H 328 -26.12 12.92 26.15
N MET H 329 -25.49 12.50 25.06
CA MET H 329 -24.97 13.40 24.07
C MET H 329 -26.01 13.83 23.03
N THR H 330 -25.88 15.07 22.55
CA THR H 330 -26.56 15.53 21.33
C THR H 330 -25.83 15.10 20.05
N LYS H 331 -26.60 14.87 19.00
CA LYS H 331 -26.03 14.39 17.75
C LYS H 331 -25.02 15.40 17.24
N ILE H 332 -25.24 16.66 17.60
CA ILE H 332 -24.31 17.69 17.23
C ILE H 332 -23.08 17.65 18.14
N THR H 333 -22.97 16.60 18.96
CA THR H 333 -21.77 16.43 19.79
C THR H 333 -20.81 15.49 19.08
N LEU H 334 -21.36 14.49 18.41
CA LEU H 334 -20.55 13.48 17.71
C LEU H 334 -19.50 14.14 16.82
N GLU H 335 -19.85 15.29 16.25
CA GLU H 335 -18.94 16.00 15.36
C GLU H 335 -17.73 16.49 16.14
N LEU H 336 -17.96 17.01 17.33
CA LEU H 336 -16.85 17.44 18.18
C LEU H 336 -15.86 16.29 18.38
N LEU H 337 -16.40 15.10 18.61
CA LEU H 337 -15.59 13.91 18.86
C LEU H 337 -15.21 13.14 17.59
N ARG H 338 -15.90 13.44 16.49
CA ARG H 338 -15.82 12.65 15.26
C ARG H 338 -14.39 12.59 14.72
N ASP H 339 -13.93 11.35 14.50
CA ASP H 339 -12.59 11.04 14.05
C ASP H 339 -11.57 10.89 15.21
N ILE H 340 -11.93 11.39 16.39
CA ILE H 340 -11.02 11.48 17.53
C ILE H 340 -9.99 10.34 17.66
N ASN H 341 -10.47 9.13 17.45
CA ASN H 341 -9.65 7.97 17.70
C ASN H 341 -8.50 7.85 16.73
N LYS H 342 -8.73 8.31 15.50
CA LYS H 342 -7.78 8.15 14.40
C LYS H 342 -6.64 9.19 14.36
N ASP H 343 -5.74 9.13 15.35
CA ASP H 343 -4.62 10.07 15.53
C ASP H 343 -4.85 11.48 14.98
N THR H 344 -6.07 11.99 15.10
CA THR H 344 -6.37 13.34 14.66
C THR H 344 -5.95 14.35 15.70
N ILE H 345 -6.04 13.98 16.97
CA ILE H 345 -5.64 14.91 18.03
C ILE H 345 -4.71 14.25 19.05
N ASP H 346 -4.30 15.04 20.05
CA ASP H 346 -3.26 14.66 21.01
C ASP H 346 -3.78 14.36 22.40
N PHE H 347 -3.35 13.22 22.94
CA PHE H 347 -3.78 12.73 24.24
C PHE H 347 -2.74 13.04 25.34
N ILE H 348 -3.19 13.59 26.46
CA ILE H 348 -2.26 13.91 27.50
C ILE H 348 -2.47 13.03 28.70
N ASP H 349 -1.55 13.15 29.64
CA ASP H 349 -1.66 12.55 30.96
C ASP H 349 -2.64 13.32 31.83
N ASN H 350 -3.49 12.58 32.54
CA ASN H 350 -4.46 13.18 33.47
C ASN H 350 -3.81 13.56 34.81
N TYR H 351 -4.62 13.90 35.81
CA TYR H 351 -4.06 14.44 37.04
C TYR H 351 -3.07 13.53 37.76
N ASP H 352 -3.24 12.21 37.60
CA ASP H 352 -2.41 11.23 38.31
C ASP H 352 -1.63 10.34 37.39
N GLY H 353 -2.09 10.22 36.15
CA GLY H 353 -1.39 9.46 35.14
C GLY H 353 -2.06 8.15 34.75
N ASN H 354 -3.04 7.73 35.53
CA ASN H 354 -3.70 6.45 35.32
C ASN H 354 -4.68 6.46 34.16
N GLU H 355 -4.66 7.53 33.35
CA GLU H 355 -5.53 7.66 32.17
C GLU H 355 -5.05 8.71 31.16
N ARG H 356 -5.56 8.66 29.93
CA ARG H 356 -5.34 9.75 28.95
C ARG H 356 -6.59 10.63 28.75
N GLU H 357 -6.37 11.88 28.34
CA GLU H 357 -7.46 12.76 27.95
C GLU H 357 -7.11 13.62 26.74
N PRO H 358 -8.12 13.97 25.94
CA PRO H 358 -7.87 14.68 24.70
C PRO H 358 -7.58 16.12 24.99
N SER H 359 -6.32 16.52 24.95
CA SER H 359 -5.95 17.93 25.10
C SER H 359 -6.77 18.86 24.21
N VAL H 360 -7.70 18.29 23.43
CA VAL H 360 -8.53 19.05 22.49
C VAL H 360 -9.34 18.08 21.60
N LEU H 361 -10.64 18.31 21.44
CA LEU H 361 -11.44 17.48 20.54
C LEU H 361 -11.26 17.96 19.12
N PRO H 362 -11.52 17.07 18.13
CA PRO H 362 -11.53 17.42 16.70
C PRO H 362 -12.41 18.65 16.35
N ALA H 363 -13.58 18.72 17.00
CA ALA H 363 -14.57 19.77 16.77
C ALA H 363 -14.78 20.00 15.30
N ARG H 364 -15.45 19.05 14.67
CA ARG H 364 -15.54 19.06 13.22
C ARG H 364 -16.40 20.22 12.78
N PHE H 365 -16.93 20.94 13.75
CA PHE H 365 -17.59 22.24 13.53
C PHE H 365 -17.00 23.34 14.39
N PRO H 366 -17.05 24.59 13.90
CA PRO H 366 -16.46 25.77 14.53
C PRO H 366 -17.18 26.03 15.82
N ASN H 367 -16.69 25.43 16.91
CA ASN H 367 -17.51 25.35 18.11
C ASN H 367 -17.36 26.48 19.13
N LEU H 368 -16.20 27.13 19.13
CA LEU H 368 -15.99 28.28 20.01
C LEU H 368 -16.99 29.40 19.70
N LEU H 369 -17.05 29.83 18.44
CA LEU H 369 -17.85 30.99 18.06
C LEU H 369 -19.32 30.65 18.02
N ALA H 370 -19.64 29.41 17.64
CA ALA H 370 -21.03 28.95 17.55
C ALA H 370 -21.78 29.08 18.88
N ASN H 371 -21.32 28.36 19.89
CA ASN H 371 -21.97 28.34 21.20
C ASN H 371 -21.52 29.50 22.15
N GLY H 372 -20.29 29.95 21.96
CA GLY H 372 -19.80 31.09 22.69
C GLY H 372 -18.85 30.70 23.80
N ALA H 373 -18.45 31.70 24.57
CA ALA H 373 -17.70 31.54 25.79
C ALA H 373 -17.95 32.73 26.73
N SER H 374 -17.84 32.46 28.04
CA SER H 374 -17.69 33.57 29.00
C SER H 374 -17.20 33.09 30.36
N GLY H 375 -15.96 33.45 30.70
CA GLY H 375 -15.39 33.09 31.99
C GLY H 375 -14.69 34.24 32.68
N ILE H 376 -14.43 34.09 33.99
CA ILE H 376 -13.69 35.09 34.77
C ILE H 376 -12.40 34.46 35.29
N ALA H 377 -11.27 34.95 34.81
CA ALA H 377 -10.02 34.28 35.14
C ALA H 377 -9.31 35.01 36.26
N VAL H 378 -8.15 35.55 35.89
CA VAL H 378 -7.28 36.28 36.79
C VAL H 378 -6.36 37.19 35.99
N GLY H 379 -6.65 38.49 36.01
CA GLY H 379 -5.89 39.44 35.23
C GLY H 379 -6.64 39.64 33.93
N MET H 380 -7.57 38.72 33.68
CA MET H 380 -8.40 38.78 32.50
C MET H 380 -9.70 38.02 32.66
N ALA H 381 -10.61 38.30 31.75
CA ALA H 381 -11.83 37.52 31.63
C ALA H 381 -11.90 37.24 30.16
N THR H 382 -13.03 36.72 29.71
CA THR H 382 -13.35 36.60 28.29
C THR H 382 -14.85 36.63 28.15
N ASN H 383 -15.33 37.09 27.01
CA ASN H 383 -16.75 37.02 26.74
C ASN H 383 -16.99 36.99 25.26
N ILE H 384 -17.80 36.04 24.83
CA ILE H 384 -17.98 35.84 23.40
C ILE H 384 -19.38 35.26 23.18
N PRO H 385 -20.14 35.84 22.22
CA PRO H 385 -21.55 35.53 21.96
C PRO H 385 -21.73 34.50 20.88
N PRO H 386 -22.76 33.67 21.01
CA PRO H 386 -23.04 32.66 19.99
C PRO H 386 -23.41 33.33 18.67
N HIS H 387 -22.99 32.69 17.56
CA HIS H 387 -23.39 33.06 16.19
C HIS H 387 -24.06 31.90 15.46
N ASN H 388 -24.49 32.16 14.23
CA ASN H 388 -25.20 31.14 13.47
C ASN H 388 -24.31 30.21 12.66
N LEU H 389 -24.64 28.92 12.74
CA LEU H 389 -23.82 27.89 12.16
C LEU H 389 -23.69 28.18 10.69
N THR H 390 -24.84 28.37 10.04
CA THR H 390 -24.87 28.75 8.63
C THR H 390 -23.84 29.82 8.38
N GLU H 391 -24.14 30.99 8.93
CA GLU H 391 -23.32 32.17 8.77
C GLU H 391 -21.88 31.90 9.15
N LEU H 392 -21.68 30.96 10.06
CA LEU H 392 -20.33 30.59 10.43
C LEU H 392 -19.62 29.78 9.32
N ILE H 393 -20.17 28.62 8.97
CA ILE H 393 -19.52 27.83 7.94
C ILE H 393 -19.37 28.69 6.68
N ASN H 394 -20.47 29.27 6.23
CA ASN H 394 -20.45 30.21 5.11
C ASN H 394 -19.20 31.05 5.08
N GLY H 395 -19.01 31.87 6.10
CA GLY H 395 -17.92 32.82 6.10
C GLY H 395 -16.60 32.09 6.18
N VAL H 396 -16.57 31.01 6.95
CA VAL H 396 -15.37 30.19 7.06
C VAL H 396 -14.88 29.89 5.65
N LEU H 397 -15.63 29.03 4.96
CA LEU H 397 -15.46 28.82 3.52
C LEU H 397 -14.92 30.04 2.79
N SER H 398 -15.59 31.18 2.96
CA SER H 398 -15.12 32.39 2.29
C SER H 398 -13.64 32.65 2.63
N LEU H 399 -13.29 32.53 3.90
CA LEU H 399 -11.89 32.63 4.31
C LEU H 399 -11.01 31.66 3.52
N SER H 400 -11.39 30.39 3.53
CA SER H 400 -10.61 29.32 2.87
C SER H 400 -10.45 29.51 1.34
N LYS H 401 -10.85 30.68 0.87
CA LYS H 401 -10.75 31.06 -0.54
C LYS H 401 -10.07 32.43 -0.74
N ASN H 402 -9.76 33.11 0.36
CA ASN H 402 -9.02 34.37 0.33
C ASN H 402 -8.48 34.66 1.72
N PRO H 403 -7.39 33.97 2.11
CA PRO H 403 -6.75 34.26 3.39
C PRO H 403 -6.90 35.72 3.78
N ASP H 404 -6.38 36.64 2.98
CA ASP H 404 -6.38 38.07 3.30
C ASP H 404 -7.77 38.71 3.44
N ILE H 405 -8.80 37.88 3.43
CA ILE H 405 -10.17 38.35 3.47
C ILE H 405 -10.37 39.32 4.61
N SER H 406 -10.82 40.52 4.27
CA SER H 406 -10.98 41.59 5.24
C SER H 406 -12.24 41.42 6.09
N ILE H 407 -12.11 41.73 7.38
CA ILE H 407 -13.20 41.58 8.36
C ILE H 407 -14.60 41.95 7.85
N ALA H 408 -14.65 42.89 6.89
CA ALA H 408 -15.91 43.34 6.30
C ALA H 408 -16.64 42.22 5.55
N GLU H 409 -15.98 41.68 4.53
CA GLU H 409 -16.59 40.65 3.70
C GLU H 409 -17.05 39.45 4.53
N LEU H 410 -16.27 39.12 5.55
CA LEU H 410 -16.64 38.06 6.48
C LEU H 410 -18.02 38.31 7.10
N MET H 411 -18.34 39.59 7.26
CA MET H 411 -19.57 39.98 7.93
C MET H 411 -20.84 39.81 7.09
N GLU H 412 -20.67 39.46 5.81
CA GLU H 412 -21.80 39.25 4.88
C GLU H 412 -22.48 37.93 5.14
N ASP H 413 -21.66 36.88 5.28
CA ASP H 413 -22.14 35.58 5.73
C ASP H 413 -22.51 35.66 7.22
N ILE H 414 -21.73 36.39 8.00
CA ILE H 414 -21.92 36.49 9.46
C ILE H 414 -22.36 37.89 9.90
N GLU H 415 -23.66 38.09 10.08
CA GLU H 415 -24.17 39.40 10.48
C GLU H 415 -23.77 39.80 11.90
N GLY H 416 -24.23 39.03 12.88
CA GLY H 416 -23.92 39.33 14.25
C GLY H 416 -24.18 38.10 15.06
N PRO H 417 -24.29 38.25 16.38
CA PRO H 417 -24.42 37.05 17.17
C PRO H 417 -25.85 36.57 17.07
N ASP H 418 -26.07 35.31 17.44
CA ASP H 418 -27.41 34.79 17.48
C ASP H 418 -27.62 34.05 18.78
N PHE H 419 -28.23 34.77 19.72
CA PHE H 419 -28.50 34.26 21.05
C PHE H 419 -29.75 33.38 20.97
N PRO H 420 -29.72 32.25 21.69
CA PRO H 420 -30.77 31.23 21.63
C PRO H 420 -32.08 31.70 22.28
N THR H 421 -32.02 32.75 23.09
CA THR H 421 -33.23 33.36 23.65
C THR H 421 -34.00 34.07 22.54
N ALA H 422 -33.32 34.33 21.41
CA ALA H 422 -33.86 35.16 20.36
C ALA H 422 -33.75 36.62 20.80
N GLY H 423 -34.52 37.53 20.19
CA GLY H 423 -34.48 38.93 20.56
C GLY H 423 -33.76 39.72 19.48
N LEU H 424 -33.51 41.01 19.71
CA LEU H 424 -33.09 41.95 18.64
C LEU H 424 -31.88 42.89 18.92
N ILE H 425 -31.14 43.26 17.87
CA ILE H 425 -29.93 44.10 18.01
C ILE H 425 -29.87 45.43 17.21
N LEU H 426 -29.74 46.56 17.93
CA LEU H 426 -29.96 47.92 17.40
C LEU H 426 -28.85 48.54 16.55
N GLY H 427 -28.38 47.79 15.54
CA GLY H 427 -27.41 48.31 14.61
C GLY H 427 -26.15 47.48 14.67
N LYS H 428 -25.39 47.50 13.58
CA LYS H 428 -24.10 46.83 13.56
C LYS H 428 -23.07 47.70 14.28
N SER H 429 -23.55 48.42 15.31
CA SER H 429 -22.73 49.37 16.05
C SER H 429 -21.47 48.76 16.65
N GLY H 430 -21.64 48.11 17.80
CA GLY H 430 -20.54 47.43 18.47
C GLY H 430 -20.40 45.99 18.01
N ILE H 431 -21.42 45.48 17.32
CA ILE H 431 -21.28 44.21 16.65
C ILE H 431 -20.04 44.28 15.77
N ARG H 432 -19.82 45.42 15.13
CA ARG H 432 -18.68 45.55 14.22
C ARG H 432 -17.42 45.96 14.95
N ARG H 433 -17.59 46.63 16.09
CA ARG H 433 -16.47 46.95 16.95
C ARG H 433 -16.05 45.69 17.67
N ALA H 434 -16.97 44.73 17.73
CA ALA H 434 -16.67 43.48 18.37
C ALA H 434 -15.76 42.68 17.48
N TYR H 435 -16.26 42.28 16.30
CA TYR H 435 -15.48 41.49 15.34
C TYR H 435 -14.19 42.13 14.76
N GLU H 436 -14.21 43.45 14.49
CA GLU H 436 -13.02 44.17 13.99
C GLU H 436 -11.89 44.14 15.00
N THR H 437 -12.23 44.32 16.28
CA THR H 437 -11.24 44.48 17.34
C THR H 437 -11.26 43.36 18.40
N GLY H 438 -12.28 42.51 18.36
CA GLY H 438 -12.50 41.51 19.38
C GLY H 438 -13.19 42.10 20.60
N ARG H 439 -12.99 43.41 20.79
CA ARG H 439 -13.57 44.14 21.90
C ARG H 439 -14.54 45.22 21.42
N GLY H 440 -15.82 44.91 21.43
CA GLY H 440 -16.84 45.88 21.04
C GLY H 440 -17.99 45.77 22.00
N SER H 441 -19.01 46.61 21.85
CA SER H 441 -20.17 46.44 22.71
C SER H 441 -21.49 46.29 21.96
N ILE H 442 -22.24 45.26 22.36
CA ILE H 442 -23.40 44.79 21.62
C ILE H 442 -24.74 44.84 22.35
N GLN H 443 -25.65 45.64 21.78
CA GLN H 443 -26.86 46.13 22.42
C GLN H 443 -28.13 45.27 22.24
N MET H 444 -28.23 44.18 22.98
CA MET H 444 -29.41 43.29 22.92
C MET H 444 -30.73 44.02 23.30
N ARG H 445 -31.87 43.31 23.30
CA ARG H 445 -33.20 43.93 23.50
C ARG H 445 -34.37 42.97 23.27
N SER H 446 -35.23 42.82 24.26
CA SER H 446 -36.38 41.90 24.20
C SER H 446 -37.38 42.18 23.05
N ARG H 447 -38.20 41.19 22.73
CA ARG H 447 -39.18 41.39 21.67
C ARG H 447 -40.49 41.81 22.28
N ALA H 448 -40.99 42.96 21.85
CA ALA H 448 -42.20 43.53 22.44
C ALA H 448 -43.15 44.17 21.44
N VAL H 449 -44.38 43.67 21.41
CA VAL H 449 -45.51 44.35 20.79
C VAL H 449 -46.55 44.88 21.78
N ILE H 450 -47.31 45.87 21.33
CA ILE H 450 -48.36 46.49 22.15
C ILE H 450 -49.71 46.38 21.44
N GLU H 451 -50.47 45.31 21.70
CA GLU H 451 -51.75 45.10 21.03
C GLU H 451 -52.88 45.91 21.68
N GLU H 452 -53.67 46.60 20.84
CA GLU H 452 -54.74 47.49 21.31
C GLU H 452 -55.92 46.72 21.96
N ARG H 453 -55.74 46.41 23.26
CA ARG H 453 -56.46 45.35 23.98
C ARG H 453 -57.97 45.26 23.77
N GLY H 454 -58.65 46.39 23.72
CA GLY H 454 -60.09 46.37 23.68
C GLY H 454 -60.68 47.16 24.83
N GLY H 455 -61.11 48.38 24.48
CA GLY H 455 -61.58 49.35 25.44
C GLY H 455 -60.92 50.69 25.21
N GLY H 456 -60.06 50.74 24.19
CA GLY H 456 -59.25 51.92 23.91
C GLY H 456 -57.97 51.92 24.74
N ARG H 457 -57.79 50.86 25.55
CA ARG H 457 -56.62 50.70 26.40
C ARG H 457 -55.64 49.69 25.76
N GLN H 458 -54.41 49.60 26.29
CA GLN H 458 -53.37 48.77 25.68
C GLN H 458 -52.71 47.77 26.62
N ARG H 459 -51.90 46.87 26.01
CA ARG H 459 -51.01 45.94 26.73
C ARG H 459 -49.74 45.56 25.95
N ILE H 460 -48.59 45.79 26.58
CA ILE H 460 -47.30 45.38 26.03
C ILE H 460 -47.16 43.86 26.11
N VAL H 461 -46.41 43.25 25.20
CA VAL H 461 -46.30 41.80 25.19
C VAL H 461 -44.92 41.24 24.82
N VAL H 462 -44.13 40.99 25.85
CA VAL H 462 -42.74 40.56 25.69
C VAL H 462 -42.58 39.07 25.25
N THR H 463 -42.26 38.84 23.97
CA THR H 463 -42.21 37.48 23.41
C THR H 463 -40.82 36.86 23.31
N GLU H 464 -39.80 37.70 23.41
CA GLU H 464 -38.41 37.27 23.45
C GLU H 464 -37.66 38.22 24.36
N ILE H 465 -36.64 37.70 25.02
CA ILE H 465 -35.90 38.48 25.99
C ILE H 465 -34.44 38.48 25.60
N PRO H 466 -33.62 39.22 26.36
CA PRO H 466 -32.18 39.29 26.09
C PRO H 466 -31.45 38.07 26.56
N PHE H 467 -30.36 37.77 25.85
CA PHE H 467 -29.39 36.74 26.20
C PHE H 467 -28.82 36.94 27.61
N GLN H 468 -28.47 35.83 28.26
CA GLN H 468 -27.91 35.85 29.60
C GLN H 468 -28.67 36.72 30.60
N VAL H 469 -29.96 36.91 30.35
CA VAL H 469 -30.84 37.62 31.26
C VAL H 469 -31.74 36.66 32.03
N ASN H 470 -32.31 37.14 33.12
CA ASN H 470 -33.18 36.33 33.95
C ASN H 470 -34.65 36.78 33.93
N LYS H 471 -35.53 35.87 33.51
CA LYS H 471 -36.93 36.24 33.27
C LYS H 471 -37.65 36.63 34.54
N ALA H 472 -37.64 35.76 35.54
CA ALA H 472 -38.38 36.03 36.78
C ALA H 472 -37.77 37.16 37.61
N ARG H 473 -36.53 37.54 37.31
CA ARG H 473 -35.85 38.66 37.96
C ARG H 473 -36.08 39.98 37.23
N MET H 474 -36.14 39.92 35.90
CA MET H 474 -36.44 41.11 35.12
C MET H 474 -37.79 41.56 35.56
N ILE H 475 -38.67 40.57 35.69
CA ILE H 475 -40.04 40.83 36.05
C ILE H 475 -40.08 41.42 37.44
N GLU H 476 -39.20 40.98 38.32
CA GLU H 476 -39.21 41.52 39.68
C GLU H 476 -38.66 42.96 39.77
N LYS H 477 -37.64 43.26 38.98
CA LYS H 477 -37.11 44.62 38.92
C LYS H 477 -38.12 45.59 38.28
N ILE H 478 -39.15 45.03 37.67
CA ILE H 478 -40.23 45.83 37.10
C ILE H 478 -41.19 46.18 38.21
N ALA H 479 -41.67 45.16 38.92
CA ALA H 479 -42.63 45.36 40.01
C ALA H 479 -42.09 46.37 41.01
N GLU H 480 -40.78 46.61 40.96
CA GLU H 480 -40.12 47.53 41.88
C GLU H 480 -40.22 48.98 41.37
N LEU H 481 -40.03 49.18 40.08
CA LEU H 481 -40.22 50.50 39.46
C LEU H 481 -41.65 50.95 39.67
N VAL H 482 -42.56 50.00 39.50
CA VAL H 482 -43.98 50.21 39.79
C VAL H 482 -44.20 50.46 41.28
N ARG H 483 -43.53 49.69 42.12
CA ARG H 483 -43.71 49.75 43.58
C ARG H 483 -43.02 50.97 44.21
N ASP H 484 -42.29 51.74 43.39
CA ASP H 484 -41.44 52.84 43.87
C ASP H 484 -41.83 54.25 43.35
N LYS H 485 -42.95 54.36 42.64
CA LYS H 485 -43.42 55.64 42.10
C LYS H 485 -42.57 56.23 40.96
N LYS H 486 -41.35 55.71 40.79
CA LYS H 486 -40.47 56.17 39.73
C LYS H 486 -41.04 55.95 38.33
N ILE H 487 -42.10 55.16 38.25
CA ILE H 487 -42.77 54.87 36.98
C ILE H 487 -44.30 54.92 37.16
N ASP H 488 -45.01 55.03 36.05
CA ASP H 488 -46.47 55.12 36.10
C ASP H 488 -47.08 54.69 34.77
N GLY H 489 -48.40 54.51 34.79
CA GLY H 489 -49.12 54.19 33.58
C GLY H 489 -49.44 52.72 33.49
N ILE H 490 -48.82 51.93 34.35
CA ILE H 490 -49.05 50.49 34.37
C ILE H 490 -50.25 50.18 35.25
N THR H 491 -50.68 48.92 35.27
CA THR H 491 -51.81 48.50 36.12
C THR H 491 -51.67 47.09 36.69
N ASP H 492 -51.52 46.12 35.78
CA ASP H 492 -51.33 44.71 36.13
C ASP H 492 -50.16 44.11 35.35
N LEU H 493 -49.44 43.17 35.95
CA LEU H 493 -48.36 42.48 35.22
C LEU H 493 -48.49 40.98 35.37
N ARG H 494 -47.99 40.24 34.42
CA ARG H 494 -48.29 38.87 34.40
C ARG H 494 -47.29 38.16 33.52
N ASP H 495 -46.74 37.06 34.04
CA ASP H 495 -45.85 36.20 33.21
C ASP H 495 -46.54 34.95 32.66
N GLU H 496 -46.85 34.97 31.37
CA GLU H 496 -47.69 33.94 30.83
C GLU H 496 -46.91 32.92 29.98
N THR H 497 -45.70 32.56 30.42
CA THR H 497 -44.88 31.61 29.66
C THR H 497 -45.34 30.15 29.81
N SER H 498 -45.12 29.35 28.77
CA SER H 498 -45.27 27.90 28.82
C SER H 498 -44.37 27.27 27.75
N LEU H 499 -44.72 26.09 27.25
CA LEU H 499 -43.99 25.59 26.08
C LEU H 499 -44.80 25.95 24.84
N ARG H 500 -46.12 25.81 24.94
CA ARG H 500 -47.02 26.19 23.86
C ARG H 500 -46.77 27.64 23.46
N THR H 501 -46.85 28.55 24.43
CA THR H 501 -46.60 29.98 24.20
C THR H 501 -45.11 30.34 24.17
N GLY H 502 -44.46 30.17 25.32
CA GLY H 502 -43.09 30.62 25.50
C GLY H 502 -43.07 32.02 26.10
N VAL H 503 -41.89 32.48 26.45
CA VAL H 503 -41.68 33.83 26.96
C VAL H 503 -42.82 34.77 26.61
N ARG H 504 -43.80 34.88 27.49
CA ARG H 504 -44.84 35.89 27.38
C ARG H 504 -45.03 36.58 28.70
N VAL H 505 -44.32 37.69 28.87
CA VAL H 505 -44.59 38.58 29.98
C VAL H 505 -45.64 39.59 29.54
N VAL H 506 -46.91 39.29 29.83
CA VAL H 506 -47.99 40.24 29.54
C VAL H 506 -48.02 41.39 30.54
N ILE H 507 -48.04 42.61 30.01
CA ILE H 507 -48.14 43.79 30.85
C ILE H 507 -49.34 44.64 30.45
N ASP H 508 -50.20 44.93 31.44
CA ASP H 508 -51.45 45.69 31.30
C ASP H 508 -51.32 47.17 31.68
N VAL H 509 -52.02 48.02 30.94
CA VAL H 509 -51.94 49.48 31.07
C VAL H 509 -53.29 50.15 31.39
N ARG H 510 -53.23 51.25 32.13
CA ARG H 510 -54.40 52.07 32.51
C ARG H 510 -54.87 52.88 31.31
N LYS H 511 -56.19 53.07 31.17
CA LYS H 511 -56.69 53.83 30.01
C LYS H 511 -55.98 55.18 29.84
N ASP H 512 -55.67 55.51 28.58
CA ASP H 512 -55.04 56.79 28.26
C ASP H 512 -53.70 57.06 28.97
N ALA H 513 -52.96 56.02 29.32
CA ALA H 513 -51.55 56.14 29.72
C ALA H 513 -50.65 55.88 28.50
N ASN H 514 -49.65 56.74 28.32
CA ASN H 514 -48.82 56.81 27.12
C ASN H 514 -47.82 55.64 27.06
N ALA H 515 -48.20 54.61 26.30
CA ALA H 515 -47.49 53.34 26.25
C ALA H 515 -46.09 53.41 25.64
N SER H 516 -45.92 54.28 24.65
CA SER H 516 -44.66 54.41 23.94
C SER H 516 -43.56 54.98 24.82
N VAL H 517 -43.88 55.32 26.07
CA VAL H 517 -42.90 55.82 27.03
C VAL H 517 -42.78 54.85 28.21
N ILE H 518 -43.82 54.02 28.35
CA ILE H 518 -43.94 53.02 29.41
C ILE H 518 -42.89 51.95 29.22
N LEU H 519 -42.81 51.50 27.98
CA LEU H 519 -41.79 50.59 27.52
C LEU H 519 -40.44 51.32 27.42
N ASN H 520 -40.47 52.53 26.86
CA ASN H 520 -39.26 53.34 26.68
C ASN H 520 -38.57 53.67 27.99
N ASN H 521 -39.33 53.73 29.07
CA ASN H 521 -38.71 53.84 30.37
C ASN H 521 -38.33 52.45 30.95
N LEU H 522 -38.90 51.38 30.42
CA LEU H 522 -38.52 50.06 30.86
C LEU H 522 -37.31 49.58 30.08
N TYR H 523 -37.07 50.18 28.93
CA TYR H 523 -35.93 49.76 28.15
C TYR H 523 -34.66 50.29 28.79
N LYS H 524 -34.80 51.43 29.46
CA LYS H 524 -33.67 52.08 30.11
C LYS H 524 -33.64 51.77 31.60
N GLN H 525 -34.78 51.99 32.25
CA GLN H 525 -34.85 51.80 33.69
C GLN H 525 -35.03 50.34 34.07
N THR H 526 -34.79 49.41 33.13
CA THR H 526 -34.82 47.96 33.44
C THR H 526 -34.16 47.01 32.42
N PRO H 527 -33.69 45.86 32.90
CA PRO H 527 -33.20 44.74 32.09
C PRO H 527 -34.28 44.21 31.19
N LEU H 528 -35.24 45.06 30.83
CA LEU H 528 -36.15 44.71 29.74
C LEU H 528 -35.28 44.64 28.48
N GLN H 529 -34.14 45.34 28.56
CA GLN H 529 -33.11 45.35 27.53
C GLN H 529 -31.77 45.34 28.27
N THR H 530 -30.79 44.68 27.66
CA THR H 530 -29.45 44.51 28.24
C THR H 530 -28.40 44.48 27.14
N SER H 531 -27.19 44.89 27.48
CA SER H 531 -26.10 44.94 26.53
C SER H 531 -25.23 43.73 26.71
N PHE H 532 -24.52 43.36 25.66
CA PHE H 532 -23.54 42.30 25.74
C PHE H 532 -22.15 42.93 25.55
N GLY H 533 -21.32 42.82 26.57
CA GLY H 533 -19.99 43.43 26.56
C GLY H 533 -18.89 42.52 26.05
N VAL H 534 -18.78 42.41 24.73
CA VAL H 534 -17.82 41.53 24.08
C VAL H 534 -16.35 41.71 24.52
N ASN H 535 -15.74 40.64 25.00
CA ASN H 535 -14.28 40.57 25.20
C ASN H 535 -13.79 39.24 24.62
N MET H 536 -13.25 39.28 23.40
CA MET H 536 -12.87 38.03 22.74
C MET H 536 -11.46 37.55 23.06
N ILE H 537 -11.28 37.16 24.31
CA ILE H 537 -10.03 36.66 24.87
C ILE H 537 -10.13 35.14 24.96
N ALA H 538 -9.26 34.43 24.22
CA ALA H 538 -9.22 32.95 24.23
C ALA H 538 -7.82 32.35 24.19
N LEU H 539 -7.74 31.03 24.44
CA LEU H 539 -6.48 30.34 24.58
C LEU H 539 -6.00 29.88 23.22
N VAL H 540 -5.16 30.69 22.59
CA VAL H 540 -4.51 30.30 21.34
C VAL H 540 -3.10 29.79 21.60
N ASN H 541 -2.90 28.51 21.35
CA ASN H 541 -1.58 27.93 21.52
C ASN H 541 -1.12 27.97 22.96
N GLY H 542 -2.08 27.81 23.87
CA GLY H 542 -1.80 27.70 25.29
C GLY H 542 -1.52 29.04 25.95
N ARG H 543 -1.89 30.09 25.21
CA ARG H 543 -1.66 31.49 25.61
C ARG H 543 -2.97 32.28 25.60
N PRO H 544 -3.14 33.20 26.58
CA PRO H 544 -4.17 34.21 26.37
C PRO H 544 -3.88 34.97 25.08
N LYS H 545 -4.89 35.58 24.49
CA LYS H 545 -4.71 36.43 23.32
C LYS H 545 -6.08 37.02 22.98
N LEU H 546 -6.12 38.31 22.64
CA LEU H 546 -7.35 38.88 22.11
C LEU H 546 -7.43 38.61 20.63
N ILE H 547 -8.54 38.04 20.21
CA ILE H 547 -8.68 37.66 18.81
C ILE H 547 -9.96 38.18 18.16
N ASN H 548 -9.83 38.70 16.94
CA ASN H 548 -10.98 39.18 16.17
C ASN H 548 -11.62 38.04 15.36
N LEU H 549 -12.69 38.34 14.62
CA LEU H 549 -13.42 37.27 13.92
C LEU H 549 -12.52 36.47 12.98
N LYS H 550 -11.56 37.15 12.37
CA LYS H 550 -10.59 36.52 11.50
C LYS H 550 -9.74 35.59 12.36
N GLU H 551 -8.76 36.16 13.08
CA GLU H 551 -7.85 35.35 13.90
C GLU H 551 -8.61 34.18 14.52
N ALA H 552 -9.82 34.46 15.01
CA ALA H 552 -10.66 33.43 15.63
C ALA H 552 -11.03 32.29 14.68
N LEU H 553 -11.50 32.68 13.50
CA LEU H 553 -11.90 31.73 12.48
C LEU H 553 -10.69 31.03 11.87
N VAL H 554 -9.63 31.80 11.63
CA VAL H 554 -8.48 31.27 10.93
C VAL H 554 -7.74 30.28 11.81
N HIS H 555 -7.75 30.53 13.11
CA HIS H 555 -7.18 29.60 14.05
C HIS H 555 -7.95 28.27 14.10
N TYR H 556 -9.27 28.32 13.85
CA TYR H 556 -10.13 27.12 13.86
C TYR H 556 -10.12 26.35 12.54
N LEU H 557 -9.89 27.06 11.45
CA LEU H 557 -9.73 26.37 10.18
C LEU H 557 -8.50 25.49 10.29
N GLU H 558 -7.41 26.08 10.78
CA GLU H 558 -6.17 25.36 11.03
C GLU H 558 -6.41 24.11 11.87
N HIS H 559 -7.17 24.25 12.95
CA HIS H 559 -7.47 23.07 13.73
C HIS H 559 -8.19 22.04 12.86
N GLN H 560 -9.04 22.53 11.97
CA GLN H 560 -9.83 21.68 11.09
C GLN H 560 -9.02 21.14 9.93
N LYS H 561 -7.91 21.79 9.62
CA LYS H 561 -6.99 21.33 8.60
C LYS H 561 -6.17 20.16 9.13
N THR H 562 -5.55 20.36 10.27
CA THR H 562 -4.61 19.40 10.80
C THR H 562 -5.28 18.08 11.18
N VAL H 563 -6.52 18.16 11.61
CA VAL H 563 -7.33 16.96 11.80
C VAL H 563 -7.60 16.29 10.47
N VAL H 564 -8.43 16.89 9.63
CA VAL H 564 -8.76 16.26 8.36
C VAL H 564 -7.54 15.54 7.78
N ARG H 565 -6.37 16.17 7.86
CA ARG H 565 -5.13 15.63 7.29
C ARG H 565 -4.53 14.41 8.00
N ARG H 566 -4.31 14.54 9.31
CA ARG H 566 -3.91 13.41 10.15
C ARG H 566 -4.76 12.15 9.95
N ARG H 567 -6.07 12.28 10.07
CA ARG H 567 -6.98 11.22 9.72
C ARG H 567 -6.60 10.68 8.32
N THR H 568 -6.52 11.57 7.35
CA THR H 568 -6.01 11.19 6.05
C THR H 568 -4.73 10.40 6.25
N GLN H 569 -3.73 11.00 6.91
CA GLN H 569 -2.46 10.31 7.11
C GLN H 569 -2.57 8.99 7.86
N TYR H 570 -3.65 8.82 8.62
CA TYR H 570 -3.84 7.64 9.44
C TYR H 570 -4.52 6.57 8.59
N ASN H 571 -5.79 6.79 8.27
CA ASN H 571 -6.52 5.94 7.35
C ASN H 571 -5.62 5.22 6.32
N LEU H 572 -4.74 6.01 5.68
CA LEU H 572 -3.72 5.51 4.78
C LEU H 572 -2.82 4.45 5.43
N ARG H 573 -2.09 4.87 6.48
CA ARG H 573 -1.17 4.00 7.20
C ARG H 573 -1.77 2.63 7.53
N LYS H 574 -3.02 2.61 8.01
CA LYS H 574 -3.66 1.36 8.40
C LYS H 574 -4.03 0.48 7.22
N ALA H 575 -4.12 1.09 6.05
CA ALA H 575 -4.53 0.41 4.82
C ALA H 575 -3.31 -0.15 4.11
N LYS H 576 -2.19 0.53 4.27
CA LYS H 576 -0.93 0.08 3.70
C LYS H 576 -0.44 -1.13 4.52
N ASP H 577 -0.58 -1.03 5.83
CA ASP H 577 -0.44 -2.19 6.71
C ASP H 577 -1.28 -3.34 6.14
N ARG H 578 -2.54 -3.06 5.85
CA ARG H 578 -3.49 -4.11 5.49
C ARG H 578 -3.14 -4.82 4.21
N ALA H 579 -2.95 -4.04 3.16
CA ALA H 579 -2.62 -4.61 1.86
C ALA H 579 -1.37 -5.44 2.02
N HIS H 580 -0.38 -4.86 2.68
CA HIS H 580 0.87 -5.58 2.83
C HIS H 580 0.60 -6.96 3.38
N ILE H 581 -0.32 -7.03 4.33
CA ILE H 581 -0.74 -8.30 4.91
C ILE H 581 -1.51 -9.13 3.88
N LEU H 582 -2.36 -8.47 3.11
CA LEU H 582 -3.11 -9.16 2.07
C LEU H 582 -2.15 -9.68 1.00
N GLU H 583 -1.11 -8.89 0.69
CA GLU H 583 -0.08 -9.27 -0.27
C GLU H 583 0.51 -10.63 0.10
N GLY H 584 0.73 -10.82 1.40
CA GLY H 584 1.19 -12.08 1.94
C GLY H 584 0.11 -13.15 1.97
N LEU H 585 -1.10 -12.77 2.32
CA LEU H 585 -2.23 -13.69 2.34
C LEU H 585 -2.60 -14.27 0.96
N ARG H 586 -2.30 -13.55 -0.12
CA ARG H 586 -2.58 -14.01 -1.51
C ARG H 586 -1.63 -15.15 -1.97
N ILE H 587 -0.34 -14.85 -1.94
CA ILE H 587 0.70 -15.85 -2.09
C ILE H 587 0.27 -17.19 -1.49
N ALA H 588 -0.32 -17.15 -0.30
CA ALA H 588 -0.50 -18.35 0.52
C ALA H 588 -1.77 -19.17 0.25
N LEU H 589 -2.75 -18.60 -0.44
CA LEU H 589 -3.94 -19.36 -0.76
C LEU H 589 -3.82 -19.90 -2.18
N ASP H 590 -2.82 -19.37 -2.87
CA ASP H 590 -2.56 -19.72 -4.25
C ASP H 590 -1.42 -20.72 -4.36
N HIS H 591 -0.68 -20.87 -3.27
CA HIS H 591 0.32 -21.93 -3.17
C HIS H 591 -0.04 -22.80 -1.96
N ILE H 592 -1.34 -22.93 -1.71
CA ILE H 592 -1.91 -23.44 -0.45
C ILE H 592 -1.35 -24.73 0.14
N ASP H 593 -1.18 -25.71 -0.73
CA ASP H 593 -0.75 -27.08 -0.39
C ASP H 593 0.66 -27.08 0.19
N GLU H 594 1.56 -26.42 -0.50
CA GLU H 594 2.91 -26.27 0.05
C GLU H 594 2.74 -25.68 1.42
N ILE H 595 2.28 -24.43 1.47
CA ILE H 595 2.15 -23.69 2.73
C ILE H 595 1.80 -24.57 3.90
N ILE H 596 0.86 -25.48 3.64
CA ILE H 596 0.41 -26.44 4.63
C ILE H 596 1.52 -27.42 4.92
N SER H 597 2.04 -28.06 3.88
CA SER H 597 3.12 -29.02 4.04
C SER H 597 4.35 -28.40 4.71
N THR H 598 4.53 -27.10 4.47
CA THR H 598 5.61 -26.31 5.03
C THR H 598 5.44 -26.04 6.53
N ILE H 599 4.25 -26.32 7.04
CA ILE H 599 3.90 -25.96 8.41
C ILE H 599 3.82 -27.17 9.34
N ARG H 600 2.98 -28.13 8.99
CA ARG H 600 2.82 -29.33 9.80
C ARG H 600 4.18 -29.90 10.19
N GLU H 601 5.12 -29.85 9.26
CA GLU H 601 6.44 -30.43 9.50
C GLU H 601 7.29 -29.53 10.37
N SER H 602 6.74 -28.38 10.72
CA SER H 602 7.42 -27.48 11.63
C SER H 602 6.82 -27.69 13.01
N ASP H 603 7.66 -27.93 14.01
CA ASP H 603 7.19 -28.28 15.34
C ASP H 603 6.64 -27.08 16.11
N THR H 604 7.25 -25.93 15.94
CA THR H 604 6.87 -24.74 16.71
C THR H 604 6.34 -23.63 15.83
N ASP H 605 5.77 -22.61 16.46
CA ASP H 605 5.52 -21.36 15.76
C ASP H 605 6.86 -20.83 15.29
N LYS H 606 7.80 -20.69 16.22
CA LYS H 606 9.12 -20.17 15.88
C LYS H 606 9.59 -20.73 14.54
N VAL H 607 9.40 -22.04 14.34
CA VAL H 607 9.90 -22.71 13.14
C VAL H 607 9.07 -22.42 11.90
N ALA H 608 7.83 -22.90 11.87
CA ALA H 608 6.94 -22.55 10.76
C ALA H 608 7.05 -21.05 10.43
N MET H 609 7.31 -20.23 11.44
CA MET H 609 7.61 -18.83 11.18
C MET H 609 8.83 -18.77 10.29
N GLU H 610 9.93 -19.34 10.76
CA GLU H 610 11.16 -19.36 10.00
C GLU H 610 11.02 -20.04 8.63
N SER H 611 10.62 -21.32 8.59
CA SER H 611 10.39 -21.99 7.29
C SER H 611 9.66 -21.09 6.28
N LEU H 612 8.60 -20.43 6.74
CA LEU H 612 7.70 -19.66 5.86
C LEU H 612 8.32 -18.41 5.21
N GLN H 613 9.16 -17.70 5.94
CA GLN H 613 9.76 -16.48 5.41
C GLN H 613 10.82 -16.77 4.33
N GLN H 614 11.55 -17.88 4.46
CA GLN H 614 12.50 -18.27 3.43
C GLN H 614 11.80 -18.89 2.23
N ARG H 615 11.13 -20.01 2.45
CA ARG H 615 10.50 -20.76 1.37
C ARG H 615 9.58 -19.89 0.50
N PHE H 616 9.15 -18.72 0.99
CA PHE H 616 8.16 -17.94 0.24
C PHE H 616 8.39 -16.43 0.08
N LYS H 617 9.51 -15.91 0.58
CA LYS H 617 9.76 -14.46 0.51
C LYS H 617 8.71 -13.62 1.22
N LEU H 618 8.28 -14.07 2.41
CA LEU H 618 7.28 -13.36 3.21
C LEU H 618 7.95 -12.65 4.40
N SER H 619 7.23 -11.71 5.02
CA SER H 619 7.78 -10.92 6.11
C SER H 619 7.56 -11.57 7.48
N GLU H 620 7.69 -10.78 8.55
CA GLU H 620 7.48 -11.27 9.90
C GLU H 620 5.99 -11.24 10.19
N LYS H 621 5.36 -10.20 9.64
CA LYS H 621 3.95 -9.94 9.79
C LYS H 621 3.11 -10.81 8.86
N GLN H 622 3.63 -11.01 7.67
CA GLN H 622 2.96 -11.84 6.67
C GLN H 622 3.07 -13.35 7.02
N ALA H 623 4.27 -13.79 7.37
CA ALA H 623 4.43 -15.16 7.85
C ALA H 623 3.58 -15.36 9.10
N GLN H 624 3.51 -14.32 9.93
CA GLN H 624 2.71 -14.32 11.15
C GLN H 624 1.21 -14.36 10.84
N ALA H 625 0.75 -13.36 10.10
CA ALA H 625 -0.66 -13.22 9.69
C ALA H 625 -1.22 -14.45 9.01
N ILE H 626 -0.35 -15.25 8.40
CA ILE H 626 -0.75 -16.49 7.74
C ILE H 626 -0.98 -17.60 8.75
N LEU H 627 -0.13 -17.63 9.76
CA LEU H 627 -0.24 -18.62 10.81
C LEU H 627 -1.51 -18.41 11.63
N ASP H 628 -1.88 -17.15 11.77
CA ASP H 628 -3.11 -16.76 12.46
C ASP H 628 -4.29 -16.67 11.49
N MET H 629 -4.34 -17.62 10.57
CA MET H 629 -5.36 -17.64 9.51
C MET H 629 -6.30 -18.82 9.69
N ARG H 630 -7.60 -18.54 9.69
CA ARG H 630 -8.59 -19.58 9.96
C ARG H 630 -8.97 -20.43 8.72
N LEU H 631 -9.24 -21.72 8.96
CA LEU H 631 -9.51 -22.68 7.89
C LEU H 631 -10.72 -22.35 7.02
N ARG H 632 -11.77 -21.75 7.58
CA ARG H 632 -12.92 -21.35 6.78
C ARG H 632 -12.51 -20.40 5.65
N ARG H 633 -11.29 -19.88 5.74
CA ARG H 633 -10.73 -18.93 4.77
C ARG H 633 -10.33 -19.63 3.42
N LEU H 634 -10.15 -20.95 3.46
CA LEU H 634 -9.73 -21.72 2.29
C LEU H 634 -10.89 -22.20 1.43
N THR H 635 -12.12 -21.89 1.82
CA THR H 635 -13.26 -22.15 0.96
C THR H 635 -13.03 -21.36 -0.33
N GLY H 636 -13.82 -21.65 -1.35
CA GLY H 636 -13.61 -21.01 -2.64
C GLY H 636 -13.84 -19.51 -2.63
N LEU H 637 -15.09 -19.11 -2.42
CA LEU H 637 -15.50 -17.71 -2.49
C LEU H 637 -14.55 -16.73 -1.83
N GLU H 638 -13.89 -17.18 -0.76
CA GLU H 638 -12.96 -16.34 -0.01
C GLU H 638 -11.82 -15.77 -0.86
N ARG H 639 -11.25 -16.60 -1.72
CA ARG H 639 -10.14 -16.12 -2.55
C ARG H 639 -10.46 -14.91 -3.42
N ASP H 640 -11.71 -14.74 -3.80
CA ASP H 640 -12.14 -13.58 -4.59
C ASP H 640 -12.68 -12.42 -3.75
N LYS H 641 -13.07 -12.73 -2.52
CA LYS H 641 -13.53 -11.73 -1.56
C LYS H 641 -12.33 -10.93 -1.06
N ILE H 642 -11.13 -11.49 -1.31
CA ILE H 642 -9.88 -10.94 -0.79
C ILE H 642 -9.12 -10.28 -1.90
N GLU H 643 -9.35 -10.74 -3.11
CA GLU H 643 -8.81 -10.05 -4.27
C GLU H 643 -9.64 -8.79 -4.40
N ALA H 644 -10.94 -8.94 -4.23
CA ALA H 644 -11.83 -7.79 -4.18
C ALA H 644 -11.39 -6.79 -3.10
N GLU H 645 -11.15 -7.30 -1.90
CA GLU H 645 -10.76 -6.45 -0.78
C GLU H 645 -9.45 -5.74 -1.08
N TYR H 646 -8.51 -6.47 -1.69
CA TYR H 646 -7.22 -5.93 -2.11
C TYR H 646 -7.38 -4.84 -3.18
N ASN H 647 -8.24 -5.06 -4.17
CA ASN H 647 -8.45 -4.05 -5.19
C ASN H 647 -9.09 -2.81 -4.57
N GLU H 648 -10.17 -3.03 -3.84
CA GLU H 648 -10.92 -1.98 -3.14
C GLU H 648 -9.94 -1.10 -2.40
N LEU H 649 -8.96 -1.75 -1.79
CA LEU H 649 -7.86 -1.14 -1.03
C LEU H 649 -6.84 -0.40 -1.89
N LEU H 650 -6.52 -0.98 -3.05
CA LEU H 650 -5.59 -0.37 -3.97
C LEU H 650 -6.14 0.95 -4.49
N ASN H 651 -7.43 0.99 -4.81
CA ASN H 651 -8.06 2.23 -5.24
C ASN H 651 -8.03 3.24 -4.08
N TYR H 652 -8.27 2.75 -2.87
CA TYR H 652 -8.27 3.58 -1.67
C TYR H 652 -6.95 4.29 -1.54
N ILE H 653 -5.92 3.51 -1.26
CA ILE H 653 -4.62 4.02 -0.86
C ILE H 653 -4.10 5.03 -1.86
N SER H 654 -4.50 4.89 -3.11
CA SER H 654 -4.14 5.93 -4.08
C SER H 654 -4.77 7.27 -3.70
N GLU H 655 -6.08 7.28 -3.45
CA GLU H 655 -6.81 8.51 -3.16
C GLU H 655 -6.20 9.35 -2.06
N LEU H 656 -5.97 8.69 -0.93
CA LEU H 656 -5.52 9.38 0.28
C LEU H 656 -4.16 9.97 0.00
N GLU H 657 -3.42 9.29 -0.87
CA GLU H 657 -2.12 9.76 -1.32
C GLU H 657 -2.30 11.06 -2.12
N THR H 658 -3.29 11.05 -2.99
CA THR H 658 -3.65 12.22 -3.79
C THR H 658 -4.21 13.32 -2.91
N ILE H 659 -4.89 12.95 -1.82
CA ILE H 659 -5.31 13.95 -0.83
C ILE H 659 -4.10 14.58 -0.13
N LEU H 660 -3.24 13.74 0.44
CA LEU H 660 -2.02 14.24 1.07
C LEU H 660 -1.22 15.03 0.03
N ALA H 661 -1.20 14.55 -1.20
CA ALA H 661 -0.50 15.20 -2.31
C ALA H 661 -0.98 16.63 -2.64
N ASP H 662 -2.15 16.75 -3.25
CA ASP H 662 -2.67 18.08 -3.64
C ASP H 662 -3.09 18.88 -2.41
N GLU H 663 -2.36 19.95 -2.17
CA GLU H 663 -2.57 20.74 -0.97
C GLU H 663 -3.94 21.33 -0.98
N GLU H 664 -4.49 21.46 -2.18
CA GLU H 664 -5.81 22.01 -2.33
C GLU H 664 -6.87 20.92 -2.30
N VAL H 665 -6.46 19.68 -2.50
CA VAL H 665 -7.39 18.57 -2.48
C VAL H 665 -7.87 18.35 -1.08
N LEU H 666 -6.90 18.36 -0.16
CA LEU H 666 -7.12 18.27 1.29
C LEU H 666 -7.96 19.46 1.70
N LEU H 667 -7.42 20.63 1.42
CA LEU H 667 -8.12 21.87 1.66
C LEU H 667 -9.56 21.72 1.20
N GLN H 668 -9.76 20.96 0.13
CA GLN H 668 -11.07 20.81 -0.48
C GLN H 668 -12.05 19.92 0.30
N LEU H 669 -11.59 18.73 0.69
CA LEU H 669 -12.44 17.81 1.46
C LEU H 669 -12.99 18.51 2.71
N VAL H 670 -12.13 19.31 3.37
CA VAL H 670 -12.51 20.07 4.55
C VAL H 670 -13.84 20.74 4.34
N ARG H 671 -13.96 21.48 3.23
CA ARG H 671 -15.17 22.20 2.89
C ARG H 671 -16.32 21.28 2.57
N ASP H 672 -15.99 20.11 2.02
CA ASP H 672 -17.02 19.14 1.69
C ASP H 672 -17.60 18.54 2.96
N GLU H 673 -16.74 18.34 3.93
CA GLU H 673 -17.18 17.94 5.22
C GLU H 673 -17.81 19.14 5.94
N LEU H 674 -17.15 20.30 5.91
CA LEU H 674 -17.73 21.46 6.59
C LEU H 674 -19.11 21.83 6.03
N THR H 675 -19.23 21.79 4.70
CA THR H 675 -20.43 22.21 3.95
C THR H 675 -21.56 21.21 4.08
N GLU H 676 -21.19 19.94 4.12
CA GLU H 676 -22.12 18.90 4.47
C GLU H 676 -22.78 19.23 5.82
N ILE H 677 -21.99 19.35 6.89
CA ILE H 677 -22.52 19.63 8.23
C ILE H 677 -23.62 20.68 8.18
N ARG H 678 -23.25 21.83 7.62
CA ARG H 678 -24.09 23.00 7.47
C ARG H 678 -25.40 22.73 6.74
N ASP H 679 -25.71 21.46 6.51
CA ASP H 679 -27.01 21.09 5.99
C ASP H 679 -27.73 20.31 7.08
N ARG H 680 -27.10 19.22 7.53
CA ARG H 680 -27.73 18.34 8.51
C ARG H 680 -27.94 18.98 9.86
N PHE H 681 -27.11 19.96 10.20
CA PHE H 681 -27.25 20.62 11.48
C PHE H 681 -27.60 22.09 11.36
N GLY H 682 -27.53 22.65 10.15
CA GLY H 682 -27.83 24.05 9.94
C GLY H 682 -29.22 24.43 10.41
N ASP H 683 -29.33 25.59 11.05
CA ASP H 683 -30.63 26.14 11.46
C ASP H 683 -30.71 27.65 11.14
N ASP H 684 -31.90 28.26 11.15
CA ASP H 684 -32.01 29.68 10.77
C ASP H 684 -31.54 30.60 11.90
N ARG H 685 -31.68 31.91 11.69
CA ARG H 685 -31.37 32.93 12.71
C ARG H 685 -32.57 33.16 13.62
N ARG H 686 -32.29 33.54 14.86
CA ARG H 686 -33.35 33.94 15.76
C ARG H 686 -33.17 35.41 16.16
N THR H 687 -31.93 35.82 16.41
CA THR H 687 -31.71 37.20 16.82
C THR H 687 -31.68 38.10 15.60
N GLU H 688 -32.79 38.82 15.42
CA GLU H 688 -32.92 39.82 14.37
C GLU H 688 -32.06 41.04 14.69
N ILE H 689 -31.18 41.40 13.77
CA ILE H 689 -30.32 42.56 13.96
C ILE H 689 -31.02 43.80 13.45
N GLN H 690 -31.77 44.46 14.33
CA GLN H 690 -32.41 45.74 14.00
C GLN H 690 -31.36 46.68 13.49
N LEU H 691 -31.78 47.88 13.11
CA LEU H 691 -30.84 48.89 12.65
C LEU H 691 -31.25 50.28 13.09
N GLY H 692 -30.26 51.16 13.22
CA GLY H 692 -30.49 52.55 13.59
C GLY H 692 -29.46 53.13 14.54
MN MN M . 3.54 -13.49 -38.28
MN MN N . 34.23 0.34 -36.20
MN MN O . 19.97 4.46 -36.80
O2 CPF P . 13.91 -10.52 -29.72
C3 CPF P . 12.83 -10.04 -30.58
O1 CPF P . 12.75 -10.45 -31.74
C2 CPF P . 11.87 -9.03 -30.02
C1 CPF P . 10.82 -8.52 -30.79
N1 CPF P . 9.95 -7.63 -30.26
C10 CPF P . 10.11 -7.19 -29.01
C9 CPF P . 9.20 -6.26 -28.51
C8 CPF P . 9.33 -5.81 -27.21
N2 CPF P . 8.37 -4.89 -26.77
C17 CPF P . 7.29 -4.59 -27.69
C16 CPF P . 6.03 -4.83 -26.86
N3 CPF P . 6.00 -3.91 -25.76
C15 CPF P . 7.25 -3.29 -25.38
C14 CPF P . 8.40 -4.31 -25.43
C7 CPF P . 10.35 -6.26 -26.39
F1 CPF P . 10.46 -5.82 -25.13
C6 CPF P . 11.26 -7.19 -26.88
C5 CPF P . 11.14 -7.66 -28.19
C4 CPF P . 12.03 -8.60 -28.71
O3 CPF P . 13.08 -9.09 -27.95
C11 CPF P . 8.85 -7.08 -31.06
C12 CPF P . 8.57 -7.97 -32.26
C13 CPF P . 7.69 -8.06 -31.02
MN MN Q . 14.77 -10.36 -27.82
O2 CPF R . 21.57 3.09 -36.89
C3 CPF R . 22.67 2.59 -36.05
O1 CPF R . 23.42 1.73 -36.50
C2 CPF R . 22.80 3.18 -34.64
C1 CPF R . 23.81 2.78 -33.77
N1 CPF R . 23.91 3.31 -32.53
C10 CPF R . 23.05 4.25 -32.08
C9 CPF R . 23.13 4.81 -30.80
C8 CPF R . 22.20 5.80 -30.43
N2 CPF R . 22.22 6.38 -29.14
C17 CPF R . 23.47 6.74 -28.45
C16 CPF R . 23.23 8.04 -27.67
N3 CPF R . 21.98 8.08 -26.93
C15 CPF R . 21.08 6.96 -27.05
C14 CPF R . 20.92 6.56 -28.50
C7 CPF R . 21.18 6.20 -31.32
F1 CPF R . 20.24 7.13 -31.04
C6 CPF R . 21.10 5.62 -32.58
C5 CPF R . 22.03 4.67 -32.93
C4 CPF R . 21.91 4.14 -34.19
O3 CPF R . 20.88 4.64 -34.91
C11 CPF R . 24.99 2.82 -31.69
C12 CPF R . 25.71 1.70 -32.45
C13 CPF R . 26.31 3.09 -32.40
MN MN S . -7.34 21.40 46.51
MN MN T . -38.60 7.79 46.12
MN MN U . -21.43 25.11 45.45
MN MN V . -26.80 12.83 55.21
O2 CPF W . -19.71 23.94 45.76
C3 CPF W . -18.59 23.75 46.69
O1 CPF W . -17.77 22.88 46.44
C2 CPF W . -18.50 24.63 47.92
C1 CPF W . -17.48 24.53 48.88
N1 CPF W . -17.45 25.34 49.97
C10 CPF W . -18.42 26.27 50.15
C9 CPF W . -18.42 27.12 51.26
C8 CPF W . -19.42 28.08 51.44
N2 CPF W . -19.41 28.94 52.56
C17 CPF W . -18.17 29.06 53.31
C16 CPF W . -18.18 30.38 54.08
N3 CPF W . -19.41 30.57 54.84
C15 CPF W . -20.58 29.81 54.47
C14 CPF W . -20.62 29.65 52.96
C7 CPF W . -20.45 28.18 50.50
F1 CPF W . -21.45 29.10 50.62
C6 CPF W . -20.46 27.33 49.39
C5 CPF W . -19.45 26.39 49.24
C4 CPF W . -19.48 25.58 48.12
O3 CPF W . -20.51 25.72 47.23
C11 CPF W . -16.38 25.24 50.99
C12 CPF W . -15.54 23.97 50.81
C13 CPF W . -15.01 25.30 50.31
O2 CPF X . -27.76 12.54 53.35
C3 CPF X . -28.98 12.91 52.62
O1 CPF X . -29.16 12.50 51.46
C2 CPF X . -29.99 13.78 53.34
C1 CPF X . -31.20 14.18 52.75
N1 CPF X . -32.06 14.96 53.43
C10 CPF X . -31.78 15.37 54.69
C9 CPF X . -32.68 16.18 55.38
C8 CPF X . -32.42 16.61 56.67
N2 CPF X . -33.40 17.41 57.26
C17 CPF X . -34.62 17.62 56.49
C16 CPF X . -35.79 17.42 57.46
N3 CPF X . -35.67 18.34 58.57
C15 CPF X . -34.39 19.00 58.74
C14 CPF X . -33.24 18.00 58.58
C7 CPF X . -31.23 16.22 57.31
F1 CPF X . -30.91 16.60 58.56
C6 CPF X . -30.33 15.41 56.61
C5 CPF X . -30.62 14.99 55.31
C4 CPF X . -29.73 14.21 54.63
O3 CPF X . -28.61 13.87 55.29
C11 CPF X . -33.32 15.40 52.81
C12 CPF X . -33.95 14.22 52.09
C13 CPF X . -34.53 14.70 53.41
#